data_8E59
#
_entry.id   8E59
#
_cell.length_a   1.00
_cell.length_b   1.00
_cell.length_c   1.00
_cell.angle_alpha   90.00
_cell.angle_beta   90.00
_cell.angle_gamma   90.00
#
_symmetry.space_group_name_H-M   'P 1'
#
loop_
_entity.id
_entity.type
_entity.pdbx_description
1 polymer 'Voltage-dependent L-type calcium channel subunit alpha-1D'
2 polymer 'Voltage-dependent calcium channel subunit alpha-2/delta-1'
3 polymer 'Voltage-dependent L-type calcium channel subunit beta-3'
4 branched 2-acetamido-2-deoxy-beta-D-glucopyranose-(1-4)-2-acetamido-2-deoxy-beta-D-glucopyranose-(1-4)-2-acetamido-2-deoxy-beta-D-glucopyranose
5 branched 2-acetamido-2-deoxy-beta-D-glucopyranose-(1-4)-2-acetamido-2-deoxy-beta-D-glucopyranose
6 branched 2-acetamido-2-deoxy-beta-D-glucopyranose-(1-4)-2-acetamido-2-deoxy-beta-D-glucopyranose-(1-4)-2-acetamido-2-deoxy-beta-D-glucopyranose-(1-4)-2-acetamido-2-deoxy-beta-D-glucopyranose
7 non-polymer (2-butyl-1-benzofuran-3-yl){4-[2-(diethylamino)ethoxy]-3,5-diiodophenyl}methanone
8 non-polymer 'CALCIUM ION'
9 non-polymer 1,2-Distearoyl-sn-glycerophosphoethanolamine
10 non-polymer 2-acetamido-2-deoxy-beta-D-glucopyranose
#
loop_
_entity_poly.entity_id
_entity_poly.type
_entity_poly.pdbx_seq_one_letter_code
_entity_poly.pdbx_strand_id
1 'polypeptide(L)'
;MMMMMMMKKMQHQRQQQADHANEANYARGTRLPLSGEGPTSQPNSSKQTVLSWQAAIDAARQAKAAQTMSTSAPPPVGSL
SQRKRQQYAKSKKQGNSSNSRPARALFCLSLNNPIRRACISIVEWKPFDIFILLAIFANCVALAIYIPFPEDDSNSTNHN
LEKVEYAFLIIFTVETFLKIIAYGLLLHPNAYVRNGWNLLDFVIVIVGLFSVILEQLTKETEGGNHSSGKSGGFDVKALR
AFRVLRPLRLVSGVPSLQVVLNSIIKAMVPLLHIALLVLFVIIIYAIIGLELFIGKMHKTCFFADSDIVAEEDPAPCAFS
GNGRQCTANGTECRSGWVGPNGGITNFDNFAFAMLTVFQCITMEGWTDVLYWMNDAMGFELPWVYFVSLVIFGSFFVLNL
VLGVLSGEFSKEREKAKARGDFQKLREKQQLEEDLKGYLDWITQAEDIDPENEEEGGEEGKRNTSMPTSETESVNTENVS
GEGENRGCCGSLCQAISKSKLSRRWRRWNRFNRRRCRAAVKSVTFYWLVIVLVFLNTLTISSEHYNQPDWLTQIQDIANK
VLLALFTCEMLVKMYSLGLQAYFVSLFNRFDCFVVCGGITETILVELEIMSPLGISVFRCVRLLRIFKVTRHWTSLSNLV
ASLLNSMKSIASLLLLLFLFIIIFSLLGMQLFGGKFNFDETQTKRSTFDNFPQALLTVFQILTGEDWNAVMYDGIMAYGG
PSSSGMIVCIYFIILFICGNYILLNVFLAIAVDNLADAESLNTAQKEEAEEKERKKIARKESLENKKNNKPEVNQIANSD
NKVTIDDYREEDEDKDPYPPCDVPVGEEEEEEEEDEPEVPAGPRPRRISELNMKEKIAPIPEGSAFFILSKTNPIRVGCH
KLINHHIFTNLILVFIMLSSAALAAEDPIRSHSFRNTILGYFDYAFTAIFTVEILLKMTTFGAFLHKGAFCRNYFNLLDM
LVVGVSLVSFGIQSSAISVVKILRVLRVLRPLRAINRAKGLKHVVQCVFVAIRTIGNIMIVTTLLQFMFACIGVQLFKGK
FYRCTDEAKSNPEECRGLFILYKDGDVDSPVVRERIWQNSDFNFDNVLSAMMALFTVSTFEGWPALLYKAIDSNGENIGP
IYNHRVEISIFFIIYIIIVAFFMMNIFVGFVIVTFQEQGEKEYKNCELDKNQRQCVEYALKARPLRRYIPKNPYQYKFWY
VVNSSPFEYMMFVLIMLNTLCLAMQHYEQSKMFNDAMDILNMVFTGVFTVEMVLKVIAFKPKGYFSDAWNTFDSLIVIGS
IIDVALSEADPTESENVPVPTATPGNSEESNRISITFFRLFRVMRLVKLLSRGEGIRTLLWTFIKSFQALPYVALLIAML
FFIYAVIGMQMFGKVAMRDNNQINRNNNFQTFPQAVLLLFRCATGEAWQEIMLACLPGKLCDPESDYNPGEEYTCGSNFA
IVYFISFYMLCAFLIINLFVAVIMDNFDYLTRDWSILGPHHLDEFKRIWSEYDPEAKGRIKHLDVVTLLRRIQPPLGFGK
LCPHRVACKRLVAMNMPLNSDGTVMFNATLFALVRTALKIKTEGNLEQANEELRAVIKKIWKKTSMKLLDQVVPPAGDDE
VTVGKFYATFLIQDYFRKFKKRKEQGLVGKYPAKNTTIALQAGLRTLHDIGPEIRRAISCDLQDDEPEETKREEEDDVFK
RNGALLGNHVNHVNSDRRDSLQQTNTTHRPLHVQRPSIPPASDTEKPLFPPAGNSVCHNHHNHNSIGKQVPTSTNANLNN
ANMSKAAHGKRPSIGNLEHVSENGHHSSHKHDREPQRRSSVKRTRYYETYIRSDSGDEQLPTICREDPEIHGYFRDPHCL
GEQEYFSSEECYEDDSSPTWSRQNYGYYSRYPGRNIDSERPRGYHHPQGFLEDDDSPVCYDSRRSPRRRLLPPTPASHRR
SSFNFECLRRQSSQEEVPSSPIFPHRTALPLHLMQQQIMAVAGLDSSKAQKYSPSHSTRSWATPPATPPYRDWTPCYTPL
IQVEQSEALDQVNGSLPSLHRSSWYTDEPDISYRTFTPASLTVPSSFRNKNSDKQRSADSLVEAVLISEGLGRYARDPKF
VSATKHEIADACDLTIDEMESAASTLLNGNVRPRANGDVGPLSHRQDYELQDFGPGYSDEEPDPGRDEEDLADEMICITT
L
;
A
2 'polypeptide(L)'
;MAAGCLLALTLTLFQSLLIGPSSEEPFPSAVTIKSWVDKMQEDLVTLAKTASGVNQLVDIYEKYQDLYTVEPNNARQLVE
IAARDIEKLLSNRSKALVRLALEAEKVQAAHQWREDFASNEVVYYNAKDDLDPEKNDSEPGSQRIKPVFIEDANFGRQIS
YQHAAVHIPTDIYEGSTIVLNELNWTSALDEVFKKNREEDPSLLWQVFGSATGLARYYPASPWVDNSRTPNKIDLYDVRR
RPWYIQGAASPKDMLILVDVSGSVSGLTLKLIRTSVSEMLETLSDDDFVNVASFNSNAQDVSCFQHLVQANVRNKKVLKD
AVNNITAKGITDYKKGFSFAFEQLLNYNVSRANCNKIIMLFTDGGEERAQEIFNKYNKDKKVRVFTFSVGQHNYDRGPIQ
WMACENKGYYYEIPSIGAIRINTQEYLDVLGRPMVLAGDKAKQVQWTNVYLDALELGLVITGTLPVFNITGQFENKTNLK
NQLILGVMGVDVSLEDIKRLTPRFTLCPNGYYFAIDPNGYVLLHPNLQPKPIGVGIPTINLRKRRPNIQNPKSQEPVTLD
FLDAELENDIKVEIRNKMIDGESGEKTFRTLVKSQDERYIDKGNRTYTWTPVNGTDYSLALVLPTYSFYYIKAKLEETIT
QARYSETLKPDNFEESGYTFIAPRDYCNDLKISDNNTEFLLNFNEFIDRKTPNNPSCNADLINRVLLDAGFTNELVQNYW
SKQKNIKGVKARFVVTDGGITRVYPKEAGENWQENPETYEDSFYKRSLDNDNYVFTAPYFNKSGPGAYESGIMVSKAVEI
YIQGKLLKPAVVGIKIDVNSWIENFTKTSIRDPCAGPVCDCKRNSDVMDCVILDDGGFLLMANHDDYTNQIGRFFGEIDP
SLMRHLVNISVYAFNKSYDYQSVCEPGAAPKQGAGHRSAYVPSVADILQIGWWATAAAWSILQQFLLSLTFPRLLEAVEM
EDDDFTASLSKQSCITEQTQYFFDNDSKSFSGVLDCGNCSRIFHGEKLMNTNLIFIMVESKGTCPCDTRLLIQAEQTSDG
PNPCDMVKQPRYRKGPDVCFDNNVLEDYTDCGGVSGLNPSLWYIIGIQFLLLWLVSGSTHRLL
;
D
3 'polypeptide(L)'
;MYDDSYVPGFEDSEAGSADSYTSRPSLDSDVSLEEDRESARREVESQAQQQLERAKHKPVAFAVRTNVSYCGVLDEECPV
QGSGVNFEAKDFLHIKEKYSNDWWIGRLVKEGGDIAFIPSPQRLESIRLKQEQKARRSGNPSSLSDIGNRRSPPPSLAKQ
KQKQAEHVPPYDVVPSMRPVVLVGPSLKGYEVTDMMQKALFDFLKHRFDGRISITRVTADLSLAKRSVLNNPGKRTIIER
SSARSSIAEVQSEIERIFELAKSLQLVVLDADTINHPAQLAKTSLAPIIVFVKVSSPKVLQRLIRSRGKSQMKHLTVQMM
AYDKLVQCPPESFDVILDENQLEDACEHLAEYLEVYWRATHHPAPGPGLLGPPSAIPGLQNQQLLGERGEEHSPLERDSL
MPSDEASESSRQAWTGSSQRSSRHLEEDYADAYQDLYQPHRQHTSGLPSANGHDPQDRLLAQDSEHNHSDRNWQRNRPWP
KDSY
;
C
#
# COMPACT_ATOMS: atom_id res chain seq x y z
N SER A 121 -2.91 39.66 -38.53
CA SER A 121 -4.08 39.37 -37.70
C SER A 121 -5.25 38.89 -38.54
N ILE A 122 -5.18 39.19 -39.85
CA ILE A 122 -6.26 38.76 -40.75
C ILE A 122 -6.23 37.25 -40.94
N VAL A 123 -5.03 36.68 -41.09
CA VAL A 123 -4.90 35.25 -41.37
C VAL A 123 -4.87 34.39 -40.11
N GLU A 124 -4.77 35.00 -38.93
CA GLU A 124 -4.59 34.26 -37.68
C GLU A 124 -5.90 33.74 -37.08
N TRP A 125 -7.00 33.71 -37.84
CA TRP A 125 -8.28 33.32 -37.26
C TRP A 125 -8.36 31.81 -37.04
N LYS A 126 -8.31 31.03 -38.12
CA LYS A 126 -8.41 29.58 -37.98
C LYS A 126 -7.10 28.89 -37.57
N PRO A 127 -5.94 29.19 -38.20
CA PRO A 127 -4.77 28.32 -37.98
C PRO A 127 -3.98 28.64 -36.72
N PHE A 128 -3.97 29.91 -36.30
CA PHE A 128 -3.17 30.30 -35.15
C PHE A 128 -3.66 29.64 -33.87
N ASP A 129 -4.97 29.65 -33.65
CA ASP A 129 -5.53 29.01 -32.46
C ASP A 129 -5.30 27.50 -32.49
N ILE A 130 -5.50 26.88 -33.65
CA ILE A 130 -5.26 25.44 -33.77
C ILE A 130 -3.79 25.11 -33.53
N PHE A 131 -2.90 25.92 -34.10
CA PHE A 131 -1.47 25.68 -33.90
C PHE A 131 -1.08 25.84 -32.44
N ILE A 132 -1.63 26.83 -31.75
CA ILE A 132 -1.31 27.03 -30.35
C ILE A 132 -1.85 25.88 -29.51
N LEU A 133 -3.05 25.39 -29.83
CA LEU A 133 -3.60 24.23 -29.12
C LEU A 133 -2.72 23.01 -29.33
N LEU A 134 -2.27 22.79 -30.56
CA LEU A 134 -1.38 21.65 -30.84
C LEU A 134 -0.07 21.80 -30.09
N ALA A 135 0.48 23.02 -30.04
CA ALA A 135 1.71 23.24 -29.30
C ALA A 135 1.53 22.97 -27.81
N ILE A 136 0.38 23.36 -27.25
CA ILE A 136 0.11 23.08 -25.85
C ILE A 136 0.03 21.59 -25.59
N PHE A 137 -0.66 20.86 -26.48
CA PHE A 137 -0.75 19.40 -26.32
C PHE A 137 0.62 18.75 -26.45
N ALA A 138 1.44 19.22 -27.39
CA ALA A 138 2.78 18.65 -27.55
C ALA A 138 3.64 18.93 -26.33
N ASN A 139 3.55 20.14 -25.77
CA ASN A 139 4.28 20.42 -24.54
C ASN A 139 3.82 19.52 -23.40
N CYS A 140 2.51 19.30 -23.31
CA CYS A 140 1.98 18.42 -22.26
C CYS A 140 2.52 17.00 -22.41
N VAL A 141 2.53 16.47 -23.63
CA VAL A 141 3.02 15.11 -23.81
C VAL A 141 4.53 15.04 -23.59
N ALA A 142 5.27 16.09 -23.97
CA ALA A 142 6.70 16.12 -23.70
C ALA A 142 6.97 16.12 -22.20
N LEU A 143 6.19 16.87 -21.43
CA LEU A 143 6.29 16.82 -19.98
C LEU A 143 5.92 15.45 -19.45
N ALA A 144 4.94 14.78 -20.08
CA ALA A 144 4.54 13.46 -19.64
C ALA A 144 5.66 12.43 -19.82
N ILE A 145 6.40 12.52 -20.93
CA ILE A 145 7.43 11.51 -21.20
C ILE A 145 8.74 11.77 -20.50
N TYR A 146 8.79 12.76 -19.61
CA TYR A 146 10.00 13.05 -18.86
C TYR A 146 10.09 12.17 -17.61
N ILE A 147 11.28 11.66 -17.33
CA ILE A 147 11.51 10.77 -16.21
C ILE A 147 12.37 11.50 -15.18
N PRO A 148 11.82 11.87 -14.02
CA PRO A 148 12.63 12.48 -12.96
C PRO A 148 13.46 11.44 -12.22
N PHE A 149 14.79 11.50 -12.41
CA PHE A 149 15.70 10.59 -11.76
C PHE A 149 16.15 11.13 -10.41
N PRO A 150 16.42 10.26 -9.44
CA PRO A 150 16.92 10.73 -8.14
C PRO A 150 18.37 11.19 -8.23
N GLU A 151 18.71 12.15 -7.36
CA GLU A 151 20.09 12.60 -7.16
C GLU A 151 20.74 13.07 -8.46
N ASP A 152 20.04 13.94 -9.18
CA ASP A 152 20.56 14.63 -10.36
C ASP A 152 20.94 13.69 -11.50
N ASP A 153 20.42 12.46 -11.51
CA ASP A 153 20.69 11.56 -12.61
C ASP A 153 19.83 11.93 -13.83
N SER A 154 20.22 11.40 -14.98
CA SER A 154 19.54 11.72 -16.23
C SER A 154 19.89 10.65 -17.27
N ASN A 155 19.31 10.80 -18.45
CA ASN A 155 19.60 9.94 -19.59
C ASN A 155 19.52 10.77 -20.86
N SER A 156 19.50 10.10 -22.01
CA SER A 156 19.50 10.81 -23.29
C SER A 156 18.15 11.46 -23.59
N THR A 157 17.07 10.79 -23.20
CA THR A 157 15.73 11.32 -23.47
C THR A 157 15.53 12.66 -22.78
N ASN A 158 15.99 12.78 -21.52
CA ASN A 158 15.89 14.06 -20.82
C ASN A 158 16.73 15.13 -21.51
N HIS A 159 17.90 14.75 -22.02
CA HIS A 159 18.74 15.71 -22.74
C HIS A 159 18.03 16.23 -23.98
N ASN A 160 17.37 15.34 -24.73
CA ASN A 160 16.60 15.80 -25.89
C ASN A 160 15.42 16.66 -25.48
N LEU A 161 14.74 16.28 -24.39
CA LEU A 161 13.57 17.03 -23.94
C LEU A 161 13.95 18.42 -23.45
N GLU A 162 15.19 18.60 -23.00
CA GLU A 162 15.64 19.96 -22.66
C GLU A 162 15.61 20.87 -23.88
N LYS A 163 16.12 20.40 -25.02
CA LYS A 163 16.07 21.19 -26.24
C LYS A 163 14.64 21.35 -26.74
N VAL A 164 13.82 20.32 -26.56
CA VAL A 164 12.41 20.42 -26.93
C VAL A 164 11.74 21.54 -26.13
N GLU A 165 12.01 21.60 -24.83
CA GLU A 165 11.48 22.67 -23.99
C GLU A 165 12.02 24.03 -24.42
N TYR A 166 13.30 24.08 -24.83
CA TYR A 166 13.85 25.32 -25.37
C TYR A 166 13.04 25.81 -26.55
N ALA A 167 12.78 24.92 -27.51
CA ALA A 167 12.01 25.31 -28.70
C ALA A 167 10.59 25.72 -28.34
N PHE A 168 9.96 24.99 -27.41
CA PHE A 168 8.60 25.33 -27.00
C PHE A 168 8.56 26.70 -26.33
N LEU A 169 9.55 26.99 -25.48
CA LEU A 169 9.62 28.30 -24.86
C LEU A 169 9.80 29.40 -25.89
N ILE A 170 10.65 29.16 -26.90
CA ILE A 170 10.84 30.15 -27.96
C ILE A 170 9.52 30.43 -28.67
N ILE A 171 8.79 29.37 -29.00
CA ILE A 171 7.50 29.55 -29.67
C ILE A 171 6.54 30.33 -28.78
N PHE A 172 6.51 30.01 -27.48
CA PHE A 172 5.57 30.65 -26.58
C PHE A 172 5.88 32.13 -26.40
N THR A 173 7.16 32.49 -26.26
CA THR A 173 7.48 33.91 -26.10
C THR A 173 7.25 34.67 -27.40
N VAL A 174 7.49 34.03 -28.56
CA VAL A 174 7.17 34.67 -29.83
C VAL A 174 5.67 34.96 -29.91
N GLU A 175 4.84 33.97 -29.53
CA GLU A 175 3.39 34.17 -29.56
C GLU A 175 2.97 35.26 -28.58
N THR A 176 3.56 35.27 -27.38
CA THR A 176 3.20 36.29 -26.39
C THR A 176 3.55 37.68 -26.88
N PHE A 177 4.73 37.86 -27.49
CA PHE A 177 5.10 39.16 -28.02
C PHE A 177 4.22 39.56 -29.19
N LEU A 178 3.86 38.60 -30.05
CA LEU A 178 3.05 38.92 -31.22
C LEU A 178 1.63 39.30 -30.83
N LYS A 179 1.06 38.64 -29.82
CA LYS A 179 -0.33 38.86 -29.47
C LYS A 179 -0.58 40.27 -28.95
N ILE A 180 0.44 40.90 -28.37
CA ILE A 180 0.28 42.27 -27.89
C ILE A 180 0.03 43.22 -29.07
N ILE A 181 0.80 43.08 -30.14
CA ILE A 181 0.65 43.93 -31.31
C ILE A 181 0.09 43.12 -32.48
N TYR A 192 -4.92 41.20 -23.73
CA TYR A 192 -3.48 41.34 -23.51
C TYR A 192 -3.14 41.19 -22.04
N VAL A 193 -3.73 42.03 -21.19
CA VAL A 193 -3.60 41.90 -19.74
C VAL A 193 -4.94 41.85 -19.03
N ARG A 194 -6.02 42.39 -19.61
CA ARG A 194 -7.31 42.38 -18.93
C ARG A 194 -7.81 40.96 -18.71
N ASN A 195 -7.70 40.10 -19.71
CA ASN A 195 -8.15 38.72 -19.57
C ASN A 195 -7.21 37.95 -18.66
N GLY A 196 -7.79 37.14 -17.77
CA GLY A 196 -6.99 36.38 -16.83
C GLY A 196 -6.13 35.33 -17.50
N TRP A 197 -6.66 34.69 -18.55
CA TRP A 197 -5.90 33.65 -19.24
C TRP A 197 -4.66 34.22 -19.91
N ASN A 198 -4.78 35.39 -20.53
CA ASN A 198 -3.61 36.03 -21.13
C ASN A 198 -2.60 36.42 -20.05
N LEU A 199 -3.09 36.86 -18.89
CA LEU A 199 -2.18 37.14 -17.78
C LEU A 199 -1.43 35.89 -17.33
N LEU A 200 -2.14 34.76 -17.26
CA LEU A 200 -1.49 33.51 -16.89
C LEU A 200 -0.43 33.10 -17.93
N ASP A 201 -0.76 33.26 -19.21
CA ASP A 201 0.20 32.94 -20.26
C ASP A 201 1.43 33.83 -20.17
N PHE A 202 1.23 35.13 -19.95
CA PHE A 202 2.37 36.03 -19.79
C PHE A 202 3.20 35.65 -18.59
N VAL A 203 2.56 35.31 -17.47
CA VAL A 203 3.28 34.97 -16.25
C VAL A 203 4.14 33.72 -16.48
N ILE A 204 3.56 32.68 -17.09
CA ILE A 204 4.32 31.46 -17.29
C ILE A 204 5.44 31.67 -18.31
N VAL A 205 5.21 32.52 -19.32
CA VAL A 205 6.25 32.78 -20.32
C VAL A 205 7.44 33.50 -19.68
N ILE A 206 7.16 34.56 -18.90
CA ILE A 206 8.26 35.26 -18.26
C ILE A 206 8.94 34.40 -17.20
N VAL A 207 8.20 33.50 -16.56
CA VAL A 207 8.82 32.59 -15.60
C VAL A 207 9.76 31.62 -16.31
N GLY A 208 9.34 31.11 -17.46
CA GLY A 208 10.23 30.26 -18.25
C GLY A 208 11.48 30.99 -18.70
N LEU A 209 11.32 32.24 -19.15
CA LEU A 209 12.48 33.06 -19.52
C LEU A 209 13.41 33.27 -18.33
N PHE A 210 12.83 33.55 -17.15
CA PHE A 210 13.63 33.72 -15.94
C PHE A 210 14.42 32.45 -15.65
N SER A 211 13.75 31.30 -15.69
CA SER A 211 14.43 30.04 -15.38
C SER A 211 15.54 29.75 -16.37
N VAL A 212 15.29 29.97 -17.67
CA VAL A 212 16.31 29.71 -18.68
C VAL A 212 17.51 30.64 -18.48
N ILE A 213 17.25 31.92 -18.24
CA ILE A 213 18.34 32.87 -18.04
C ILE A 213 19.16 32.49 -16.81
N LEU A 214 18.48 32.11 -15.74
CA LEU A 214 19.18 31.73 -14.52
C LEU A 214 20.03 30.49 -14.74
N GLU A 215 19.50 29.49 -15.43
CA GLU A 215 20.29 28.28 -15.71
C GLU A 215 21.49 28.60 -16.59
N GLN A 216 21.31 29.45 -17.59
CA GLN A 216 22.41 29.74 -18.51
C GLN A 216 23.50 30.58 -17.84
N LEU A 217 23.12 31.52 -16.98
CA LEU A 217 24.08 32.42 -16.35
C LEU A 217 24.51 31.98 -14.96
N THR A 218 24.05 30.82 -14.50
CA THR A 218 24.47 30.32 -13.19
C THR A 218 25.87 29.71 -13.25
N ASP A 235 16.87 24.66 -6.18
CA ASP A 235 16.88 26.09 -6.45
C ASP A 235 16.94 26.35 -7.96
N VAL A 236 17.96 25.80 -8.61
CA VAL A 236 18.10 25.98 -10.05
C VAL A 236 16.94 25.31 -10.79
N LYS A 237 16.60 24.08 -10.41
CA LYS A 237 15.50 23.34 -11.02
C LYS A 237 14.27 23.31 -10.13
N ALA A 238 14.28 24.04 -9.01
CA ALA A 238 13.08 24.13 -8.18
C ALA A 238 12.00 24.98 -8.82
N LEU A 239 12.40 25.98 -9.60
CA LEU A 239 11.46 26.83 -10.32
C LEU A 239 10.88 26.16 -11.56
N ARG A 240 11.34 24.96 -11.89
CA ARG A 240 10.86 24.23 -13.06
C ARG A 240 9.41 23.77 -12.92
N ALA A 241 8.84 23.86 -11.72
CA ALA A 241 7.47 23.38 -11.50
C ALA A 241 6.41 24.30 -12.07
N PHE A 242 6.78 25.47 -12.58
CA PHE A 242 5.80 26.41 -13.11
C PHE A 242 5.41 26.10 -14.56
N ARG A 243 6.06 25.13 -15.21
CA ARG A 243 5.65 24.72 -16.54
C ARG A 243 4.53 23.70 -16.53
N VAL A 244 4.06 23.29 -15.34
CA VAL A 244 2.89 22.42 -15.24
C VAL A 244 1.60 23.16 -15.53
N LEU A 245 1.64 24.49 -15.60
CA LEU A 245 0.46 25.29 -15.93
C LEU A 245 0.19 25.35 -17.43
N ARG A 246 1.08 24.81 -18.25
CA ARG A 246 0.82 24.76 -19.69
C ARG A 246 -0.44 23.96 -20.04
N PRO A 247 -0.69 22.77 -19.48
CA PRO A 247 -2.00 22.13 -19.74
C PRO A 247 -3.18 22.93 -19.22
N LEU A 248 -2.97 23.81 -18.24
CA LEU A 248 -4.10 24.57 -17.68
C LEU A 248 -4.68 25.53 -18.70
N ARG A 249 -3.83 26.21 -19.49
CA ARG A 249 -4.33 27.17 -20.45
C ARG A 249 -5.01 26.52 -21.64
N LEU A 250 -4.96 25.19 -21.75
CA LEU A 250 -5.69 24.51 -22.81
C LEU A 250 -7.19 24.71 -22.68
N VAL A 251 -7.69 24.92 -21.47
CA VAL A 251 -9.12 25.16 -21.27
C VAL A 251 -9.54 26.48 -21.88
N SER A 252 -8.63 27.45 -21.90
CA SER A 252 -8.94 28.73 -22.49
C SER A 252 -9.34 28.47 -23.92
N GLY A 253 -8.51 27.70 -24.62
CA GLY A 253 -8.82 27.37 -26.01
C GLY A 253 -10.03 26.47 -26.15
N VAL A 254 -10.49 25.89 -25.05
CA VAL A 254 -11.67 25.04 -25.09
C VAL A 254 -12.82 25.67 -24.33
N PRO A 255 -13.62 26.51 -25.01
CA PRO A 255 -14.73 27.19 -24.36
C PRO A 255 -15.63 26.19 -23.65
N SER A 256 -15.86 25.03 -24.25
CA SER A 256 -16.67 24.01 -23.61
C SER A 256 -16.11 23.72 -22.23
N LEU A 257 -14.88 23.24 -22.19
CA LEU A 257 -14.25 22.98 -20.90
C LEU A 257 -14.30 24.23 -20.05
N GLN A 258 -14.05 25.38 -20.66
CA GLN A 258 -14.04 26.64 -19.91
C GLN A 258 -15.38 26.92 -19.24
N VAL A 259 -16.46 26.92 -20.01
CA VAL A 259 -17.76 27.22 -19.45
C VAL A 259 -18.04 26.23 -18.31
N VAL A 260 -17.79 24.95 -18.56
CA VAL A 260 -17.94 23.96 -17.49
C VAL A 260 -17.10 24.36 -16.28
N LEU A 261 -15.87 24.80 -16.52
CA LEU A 261 -15.02 25.26 -15.43
C LEU A 261 -15.63 26.46 -14.72
N ASN A 262 -16.18 27.40 -15.50
CA ASN A 262 -16.82 28.57 -14.89
C ASN A 262 -18.02 28.17 -14.04
N SER A 263 -18.83 27.24 -14.53
CA SER A 263 -19.99 26.79 -13.76
C SER A 263 -19.54 26.11 -12.47
N ILE A 264 -18.53 25.24 -12.54
CA ILE A 264 -18.07 24.55 -11.34
C ILE A 264 -17.50 25.54 -10.34
N ILE A 265 -16.73 26.53 -10.81
CA ILE A 265 -16.16 27.53 -9.91
C ILE A 265 -17.27 28.36 -9.26
N LYS A 266 -18.26 28.77 -10.05
CA LYS A 266 -19.36 29.58 -9.51
C LYS A 266 -20.21 28.77 -8.53
N ALA A 267 -20.23 27.44 -8.68
CA ALA A 267 -20.99 26.61 -7.74
C ALA A 267 -20.36 26.58 -6.34
N MET A 268 -19.14 27.08 -6.18
CA MET A 268 -18.45 27.01 -4.89
C MET A 268 -18.87 28.12 -3.93
N VAL A 269 -19.57 29.14 -4.42
CA VAL A 269 -19.94 30.26 -3.54
C VAL A 269 -20.81 29.82 -2.36
N PRO A 270 -21.87 29.01 -2.54
CA PRO A 270 -22.66 28.60 -1.38
C PRO A 270 -21.90 27.75 -0.38
N LEU A 271 -20.80 27.11 -0.78
CA LEU A 271 -20.06 26.21 0.09
C LEU A 271 -19.02 26.92 0.96
N LEU A 272 -18.85 28.23 0.80
CA LEU A 272 -17.84 28.94 1.58
C LEU A 272 -18.22 29.01 3.04
N HIS A 273 -19.50 29.11 3.35
CA HIS A 273 -19.94 29.09 4.75
C HIS A 273 -19.66 27.75 5.39
N ILE A 274 -19.90 26.66 4.67
CA ILE A 274 -19.57 25.33 5.19
C ILE A 274 -18.06 25.20 5.39
N ALA A 275 -17.28 25.74 4.45
CA ALA A 275 -15.83 25.70 4.61
C ALA A 275 -15.37 26.47 5.85
N LEU A 276 -15.99 27.63 6.10
CA LEU A 276 -15.67 28.39 7.29
C LEU A 276 -16.03 27.63 8.56
N LEU A 277 -17.19 26.96 8.55
CA LEU A 277 -17.58 26.15 9.70
C LEU A 277 -16.60 25.00 9.94
N VAL A 278 -16.15 24.36 8.86
CA VAL A 278 -15.17 23.29 8.99
C VAL A 278 -13.87 23.83 9.56
N LEU A 279 -13.44 25.01 9.08
CA LEU A 279 -12.21 25.61 9.60
C LEU A 279 -12.32 25.92 11.08
N PHE A 280 -13.47 26.46 11.50
CA PHE A 280 -13.66 26.78 12.92
C PHE A 280 -13.67 25.52 13.78
N VAL A 281 -14.33 24.46 13.30
CA VAL A 281 -14.34 23.20 14.04
C VAL A 281 -12.93 22.63 14.14
N ILE A 282 -12.17 22.70 13.05
CA ILE A 282 -10.80 22.22 13.06
C ILE A 282 -9.96 23.00 14.06
N ILE A 283 -10.11 24.32 14.08
CA ILE A 283 -9.34 25.15 15.02
C ILE A 283 -9.70 24.80 16.46
N ILE A 284 -11.00 24.65 16.75
CA ILE A 284 -11.42 24.35 18.11
C ILE A 284 -10.89 22.99 18.55
N TYR A 285 -10.99 21.98 17.69
CA TYR A 285 -10.52 20.65 18.04
C TYR A 285 -9.00 20.61 18.17
N ALA A 286 -8.29 21.36 17.34
CA ALA A 286 -6.83 21.44 17.46
C ALA A 286 -6.44 22.08 18.78
N ILE A 287 -7.15 23.14 19.20
CA ILE A 287 -6.86 23.77 20.47
C ILE A 287 -7.13 22.80 21.62
N ILE A 288 -8.25 22.07 21.56
CA ILE A 288 -8.57 21.11 22.60
C ILE A 288 -7.50 20.02 22.67
N GLY A 289 -7.02 19.56 21.51
CA GLY A 289 -5.95 18.58 21.49
C GLY A 289 -4.65 19.13 22.06
N LEU A 290 -4.38 20.41 21.80
CA LEU A 290 -3.21 21.05 22.39
C LEU A 290 -3.30 21.07 23.91
N GLU A 291 -4.49 21.39 24.43
CA GLU A 291 -4.64 21.42 25.89
C GLU A 291 -4.59 20.02 26.51
N LEU A 292 -5.10 19.00 25.80
CA LEU A 292 -5.22 17.68 26.42
C LEU A 292 -4.01 16.78 26.13
N PHE A 293 -3.77 16.49 24.86
CA PHE A 293 -2.80 15.47 24.46
C PHE A 293 -1.46 16.09 24.05
N ILE A 294 -0.86 16.93 24.89
CA ILE A 294 0.37 17.63 24.52
C ILE A 294 1.57 16.86 25.07
N GLY A 295 2.47 16.49 24.17
CA GLY A 295 3.70 15.82 24.55
C GLY A 295 3.53 14.50 25.27
N LYS A 296 2.65 13.64 24.76
CA LYS A 296 2.38 12.35 25.38
C LYS A 296 2.75 11.15 24.51
N MET A 297 3.01 11.36 23.23
CA MET A 297 3.42 10.27 22.33
C MET A 297 4.93 10.17 22.23
N HIS A 298 5.61 10.03 23.38
CA HIS A 298 7.06 10.02 23.38
C HIS A 298 7.62 9.01 24.38
N LYS A 299 6.92 7.89 24.57
CA LYS A 299 7.35 6.85 25.52
C LYS A 299 7.03 5.49 24.91
N THR A 300 8.04 4.84 24.32
CA THR A 300 7.85 3.53 23.72
C THR A 300 8.70 2.50 24.44
N CYS A 301 8.28 1.24 24.33
CA CYS A 301 8.96 0.12 24.98
C CYS A 301 10.39 0.05 24.48
N PHE A 302 11.36 0.41 25.32
CA PHE A 302 12.77 0.35 24.95
C PHE A 302 13.39 -0.92 25.51
N PHE A 303 14.69 -1.10 25.29
CA PHE A 303 15.44 -2.22 25.83
C PHE A 303 16.18 -1.80 27.09
N ALA A 304 16.71 -2.79 27.80
CA ALA A 304 17.39 -2.55 29.08
C ALA A 304 18.71 -1.85 28.84
N ASP A 305 18.77 -0.57 29.23
CA ASP A 305 19.99 0.23 29.13
C ASP A 305 20.53 0.28 27.70
N SER A 306 19.65 0.66 26.77
CA SER A 306 20.04 0.80 25.37
C SER A 306 19.07 1.74 24.69
N ASP A 307 19.46 2.23 23.52
CA ASP A 307 18.66 3.15 22.72
C ASP A 307 17.98 2.44 21.54
N ILE A 308 17.58 1.19 21.73
CA ILE A 308 16.95 0.39 20.69
C ILE A 308 15.49 0.17 21.06
N VAL A 309 14.59 0.51 20.14
CA VAL A 309 13.17 0.28 20.37
C VAL A 309 12.89 -1.21 20.36
N ALA A 310 12.09 -1.67 21.32
CA ALA A 310 11.85 -3.09 21.52
C ALA A 310 10.73 -3.65 20.64
N GLU A 311 10.08 -2.82 19.82
CA GLU A 311 8.98 -3.26 18.99
C GLU A 311 9.26 -2.93 17.53
N GLU A 312 8.85 -3.83 16.63
CA GLU A 312 8.94 -3.54 15.21
C GLU A 312 7.94 -2.49 14.78
N ASP A 313 6.78 -2.42 15.44
CA ASP A 313 5.76 -1.41 15.20
C ASP A 313 5.44 -0.76 16.54
N PRO A 314 6.26 0.20 16.97
CA PRO A 314 6.16 0.71 18.33
C PRO A 314 4.88 1.50 18.57
N ALA A 315 4.43 1.46 19.83
CA ALA A 315 3.28 2.21 20.32
C ALA A 315 3.64 2.87 21.64
N PRO A 316 3.02 4.01 21.96
CA PRO A 316 3.37 4.71 23.19
C PRO A 316 3.03 3.93 24.45
N CYS A 317 3.82 4.17 25.50
CA CYS A 317 3.54 3.64 26.83
C CYS A 317 2.60 4.57 27.59
N ALA A 318 2.43 4.32 28.87
CA ALA A 318 1.59 5.13 29.73
C ALA A 318 2.34 6.40 30.14
N PHE A 319 1.73 7.56 29.88
CA PHE A 319 2.36 8.82 30.29
C PHE A 319 2.44 8.93 31.80
N SER A 320 1.39 8.51 32.51
CA SER A 320 1.35 8.60 33.96
C SER A 320 0.82 7.30 34.57
N GLY A 321 1.22 6.17 34.00
CA GLY A 321 0.84 4.88 34.54
C GLY A 321 -0.61 4.50 34.34
N ASN A 322 -1.30 5.10 33.37
CA ASN A 322 -2.71 4.81 33.12
C ASN A 322 -2.95 4.02 31.84
N GLY A 323 -2.06 4.13 30.85
CA GLY A 323 -2.28 3.48 29.57
C GLY A 323 -1.63 2.11 29.46
N ARG A 324 -0.70 1.96 28.53
CA ARG A 324 -0.08 0.68 28.21
C ARG A 324 1.30 0.60 28.84
N GLN A 325 1.61 -0.57 29.40
CA GLN A 325 2.90 -0.83 30.02
C GLN A 325 3.61 -1.98 29.30
N CYS A 326 4.94 -1.93 29.32
CA CYS A 326 5.74 -3.00 28.75
C CYS A 326 5.46 -4.31 29.49
N THR A 327 5.31 -5.39 28.72
CA THR A 327 5.04 -6.71 29.27
C THR A 327 6.25 -7.64 29.17
N ALA A 328 7.14 -7.41 28.21
CA ALA A 328 8.32 -8.25 28.06
C ALA A 328 9.20 -8.16 29.30
N ASN A 329 9.90 -9.26 29.58
CA ASN A 329 10.65 -9.37 30.83
C ASN A 329 11.79 -8.36 30.89
N GLY A 330 12.48 -8.14 29.77
CA GLY A 330 13.64 -7.27 29.78
C GLY A 330 13.48 -5.98 29.01
N THR A 331 12.31 -5.34 29.13
CA THR A 331 12.03 -4.10 28.43
C THR A 331 11.46 -3.07 29.39
N GLU A 332 11.91 -1.83 29.24
CA GLU A 332 11.36 -0.69 29.97
C GLU A 332 11.18 0.45 28.98
N CYS A 333 10.24 1.34 29.27
CA CYS A 333 9.98 2.48 28.39
C CYS A 333 10.18 3.80 29.11
N ARG A 334 10.87 4.71 28.42
CA ARG A 334 11.18 6.04 28.94
C ARG A 334 10.87 7.08 27.87
N SER A 335 11.22 8.34 28.14
CA SER A 335 10.96 9.41 27.18
C SER A 335 12.02 9.38 26.08
N GLY A 336 12.01 10.40 25.22
CA GLY A 336 12.98 10.52 24.16
C GLY A 336 12.56 9.95 22.82
N TRP A 337 11.38 9.34 22.73
CA TRP A 337 10.93 8.77 21.47
C TRP A 337 10.55 9.87 20.48
N VAL A 338 10.66 9.53 19.19
CA VAL A 338 10.31 10.49 18.14
C VAL A 338 8.81 10.68 18.06
N GLY A 339 8.10 9.59 17.76
CA GLY A 339 6.65 9.63 17.63
C GLY A 339 6.12 8.44 16.87
N PRO A 340 4.79 8.35 16.77
CA PRO A 340 4.17 7.18 16.13
C PRO A 340 4.46 7.09 14.64
N ASN A 341 4.24 8.19 13.91
CA ASN A 341 4.45 8.22 12.47
C ASN A 341 5.75 8.93 12.10
N GLY A 342 6.79 8.74 12.91
CA GLY A 342 8.02 9.50 12.72
C GLY A 342 7.93 10.93 13.20
N GLY A 343 6.99 11.24 14.09
CA GLY A 343 6.80 12.58 14.60
C GLY A 343 5.79 13.42 13.84
N ILE A 344 5.23 12.91 12.75
CA ILE A 344 4.28 13.69 11.96
C ILE A 344 2.97 13.85 12.73
N THR A 345 2.46 12.76 13.30
CA THR A 345 1.13 12.74 13.91
C THR A 345 1.28 12.84 15.42
N ASN A 346 0.97 14.01 15.96
CA ASN A 346 0.97 14.25 17.40
C ASN A 346 0.28 15.59 17.65
N PHE A 347 0.01 15.87 18.92
CA PHE A 347 -0.70 17.08 19.33
C PHE A 347 0.19 18.05 20.11
N ASP A 348 1.51 17.97 19.93
CA ASP A 348 2.43 18.79 20.70
C ASP A 348 2.83 20.07 19.97
N ASN A 349 1.97 20.59 19.10
CA ASN A 349 2.17 21.84 18.40
C ASN A 349 0.88 22.19 17.67
N PHE A 350 0.67 23.47 17.42
CA PHE A 350 -0.57 23.88 16.75
C PHE A 350 -0.62 23.35 15.33
N ALA A 351 0.48 23.40 14.59
CA ALA A 351 0.51 22.86 13.24
C ALA A 351 0.28 21.36 13.24
N PHE A 352 0.97 20.64 14.14
CA PHE A 352 0.78 19.19 14.22
C PHE A 352 -0.65 18.85 14.60
N ALA A 353 -1.21 19.55 15.58
CA ALA A 353 -2.58 19.28 16.01
C ALA A 353 -3.58 19.57 14.90
N MET A 354 -3.39 20.67 14.19
CA MET A 354 -4.29 21.00 13.08
C MET A 354 -4.21 19.93 11.99
N LEU A 355 -3.00 19.50 11.66
CA LEU A 355 -2.84 18.49 10.60
C LEU A 355 -3.49 17.18 11.00
N THR A 356 -3.28 16.72 12.24
CA THR A 356 -3.86 15.45 12.64
C THR A 356 -5.37 15.55 12.80
N VAL A 357 -5.89 16.70 13.22
CA VAL A 357 -7.33 16.88 13.29
C VAL A 357 -7.94 16.83 11.89
N PHE A 358 -7.30 17.48 10.92
CA PHE A 358 -7.79 17.41 9.54
C PHE A 358 -7.76 15.98 9.02
N GLN A 359 -6.67 15.26 9.29
CA GLN A 359 -6.57 13.87 8.86
C GLN A 359 -7.66 13.01 9.48
N CYS A 360 -7.94 13.21 10.77
CA CYS A 360 -9.00 12.47 11.43
C CYS A 360 -10.36 12.82 10.84
N ILE A 361 -10.57 14.09 10.50
CA ILE A 361 -11.84 14.49 9.88
C ILE A 361 -12.02 13.82 8.53
N THR A 362 -10.92 13.66 7.77
CA THR A 362 -11.07 13.04 6.46
C THR A 362 -11.30 11.51 6.52
N MET A 363 -11.61 10.91 7.68
CA MET A 363 -11.92 9.49 7.85
C MET A 363 -10.75 8.56 7.60
N GLU A 364 -9.57 9.08 7.29
CA GLU A 364 -8.42 8.26 6.95
C GLU A 364 -7.46 8.25 8.13
N GLY A 365 -7.29 7.08 8.75
CA GLY A 365 -6.31 6.92 9.80
C GLY A 365 -6.65 7.56 11.12
N TRP A 366 -7.92 7.83 11.39
CA TRP A 366 -8.30 8.39 12.69
C TRP A 366 -8.26 7.35 13.79
N THR A 367 -8.55 6.08 13.47
CA THR A 367 -8.49 5.03 14.47
C THR A 367 -7.05 4.80 14.94
N ASP A 368 -6.07 5.03 14.08
CA ASP A 368 -4.67 4.92 14.50
C ASP A 368 -4.35 5.93 15.59
N VAL A 369 -4.79 7.18 15.40
CA VAL A 369 -4.56 8.21 16.41
C VAL A 369 -5.34 7.89 17.67
N LEU A 370 -6.57 7.39 17.52
CA LEU A 370 -7.36 7.03 18.70
C LEU A 370 -6.68 5.92 19.50
N TYR A 371 -6.13 4.92 18.82
CA TYR A 371 -5.48 3.82 19.51
C TYR A 371 -4.16 4.26 20.13
N TRP A 372 -3.43 5.16 19.47
CA TRP A 372 -2.22 5.71 20.09
C TRP A 372 -2.55 6.51 21.35
N MET A 373 -3.65 7.26 21.32
CA MET A 373 -4.15 7.92 22.53
C MET A 373 -4.52 6.89 23.59
N ASN A 374 -5.14 5.77 23.18
CA ASN A 374 -5.51 4.73 24.13
C ASN A 374 -4.28 4.09 24.76
N ASP A 375 -3.17 4.02 24.03
CA ASP A 375 -1.93 3.53 24.61
C ASP A 375 -1.30 4.55 25.54
N ALA A 376 -1.33 5.84 25.16
CA ALA A 376 -0.70 6.87 25.96
C ALA A 376 -1.44 7.09 27.28
N MET A 377 -2.73 7.40 27.20
CA MET A 377 -3.59 7.62 28.35
C MET A 377 -4.58 6.48 28.47
N GLY A 378 -5.55 6.64 29.38
CA GLY A 378 -6.55 5.61 29.59
C GLY A 378 -7.50 5.43 28.42
N PHE A 379 -8.59 4.70 28.65
CA PHE A 379 -9.57 4.41 27.61
C PHE A 379 -10.79 5.31 27.64
N GLU A 380 -10.94 6.16 28.66
CA GLU A 380 -12.19 6.89 28.86
C GLU A 380 -12.18 8.29 28.26
N LEU A 381 -11.06 8.99 28.31
CA LEU A 381 -11.03 10.34 27.77
C LEU A 381 -10.87 10.39 26.25
N PRO A 382 -9.90 9.68 25.65
CA PRO A 382 -9.67 9.84 24.21
C PRO A 382 -10.87 9.51 23.33
N TRP A 383 -11.68 8.51 23.70
CA TRP A 383 -12.78 8.11 22.82
C TRP A 383 -13.81 9.22 22.66
N VAL A 384 -14.00 10.05 23.69
CA VAL A 384 -14.93 11.17 23.59
C VAL A 384 -14.43 12.16 22.54
N TYR A 385 -13.13 12.45 22.54
CA TYR A 385 -12.58 13.44 21.64
C TYR A 385 -12.71 13.03 20.18
N PHE A 386 -12.42 11.76 19.86
CA PHE A 386 -12.29 11.36 18.47
C PHE A 386 -13.61 10.89 17.86
N VAL A 387 -14.42 10.15 18.61
CA VAL A 387 -15.72 9.72 18.07
C VAL A 387 -16.61 10.93 17.80
N SER A 388 -16.63 11.89 18.72
CA SER A 388 -17.38 13.12 18.49
C SER A 388 -16.82 13.91 17.32
N LEU A 389 -15.49 13.94 17.19
CA LEU A 389 -14.87 14.63 16.07
C LEU A 389 -15.26 13.97 14.74
N VAL A 390 -15.33 12.64 14.72
CA VAL A 390 -15.71 11.94 13.50
C VAL A 390 -17.16 12.26 13.13
N ILE A 391 -18.05 12.24 14.12
CA ILE A 391 -19.47 12.47 13.86
C ILE A 391 -19.71 13.91 13.40
N PHE A 392 -19.15 14.87 14.13
CA PHE A 392 -19.36 16.27 13.79
C PHE A 392 -18.47 16.72 12.63
N GLY A 393 -17.23 16.26 12.61
CA GLY A 393 -16.26 16.78 11.65
C GLY A 393 -16.60 16.46 10.21
N SER A 394 -17.03 15.22 9.95
CA SER A 394 -17.27 14.79 8.58
C SER A 394 -18.71 14.41 8.32
N PHE A 395 -19.30 13.54 9.15
CA PHE A 395 -20.66 13.09 8.90
C PHE A 395 -21.64 14.25 8.86
N PHE A 396 -21.54 15.16 9.82
CA PHE A 396 -22.37 16.36 9.79
C PHE A 396 -21.99 17.26 8.62
N VAL A 397 -20.69 17.41 8.36
CA VAL A 397 -20.25 18.28 7.28
C VAL A 397 -20.58 17.69 5.93
N LEU A 398 -20.42 16.37 5.78
CA LEU A 398 -20.75 15.73 4.51
C LEU A 398 -22.22 15.91 4.17
N ASN A 399 -23.10 15.80 5.18
CA ASN A 399 -24.51 16.07 4.96
C ASN A 399 -24.74 17.52 4.56
N LEU A 400 -24.04 18.45 5.21
CA LEU A 400 -24.20 19.87 4.88
C LEU A 400 -23.69 20.18 3.49
N VAL A 401 -22.58 19.56 3.08
CA VAL A 401 -22.03 19.81 1.75
C VAL A 401 -22.96 19.24 0.68
N LEU A 402 -23.42 18.00 0.87
CA LEU A 402 -24.33 17.39 -0.08
C LEU A 402 -25.67 18.13 -0.13
N GLY A 403 -26.17 18.57 1.02
CA GLY A 403 -27.45 19.27 1.05
C GLY A 403 -27.43 20.55 0.24
N VAL A 404 -26.33 21.31 0.32
CA VAL A 404 -26.24 22.55 -0.43
C VAL A 404 -26.13 22.27 -1.92
N LEU A 405 -25.25 21.33 -2.30
CA LEU A 405 -25.08 21.03 -3.72
C LEU A 405 -26.33 20.39 -4.32
N SER A 406 -26.98 19.49 -3.59
CA SER A 406 -28.22 18.91 -4.08
C SER A 406 -29.29 19.97 -4.23
N GLY A 407 -29.36 20.90 -3.27
CA GLY A 407 -30.27 22.03 -3.42
C GLY A 407 -29.88 22.94 -4.56
N GLU A 408 -28.58 23.22 -4.70
CA GLU A 408 -28.11 24.06 -5.80
C GLU A 408 -28.35 23.39 -7.15
N PHE A 409 -28.08 22.09 -7.24
CA PHE A 409 -28.36 21.37 -8.49
C PHE A 409 -29.84 21.35 -8.80
N SER A 410 -30.68 21.14 -7.78
CA SER A 410 -32.12 21.23 -7.98
C SER A 410 -32.56 22.65 -8.27
N LYS A 411 -31.83 23.64 -7.77
CA LYS A 411 -32.12 25.03 -8.12
C LYS A 411 -31.82 25.31 -9.58
N GLU A 412 -30.88 24.58 -10.18
CA GLU A 412 -30.64 24.70 -11.61
C GLU A 412 -31.74 24.01 -12.41
N ARG A 413 -32.38 22.99 -11.84
CA ARG A 413 -33.47 22.32 -12.53
C ARG A 413 -34.65 23.25 -12.74
N GLU A 414 -34.97 24.06 -11.74
CA GLU A 414 -36.08 25.00 -11.88
C GLU A 414 -35.73 26.16 -12.80
N LYS A 415 -34.45 26.52 -12.89
CA LYS A 415 -34.04 27.59 -13.79
C LYS A 415 -34.05 27.12 -15.24
N ALA A 416 -33.63 25.89 -15.49
CA ALA A 416 -33.60 25.34 -16.85
C ALA A 416 -34.96 24.89 -17.34
N LYS A 417 -35.94 24.73 -16.45
CA LYS A 417 -37.26 24.29 -16.87
C LYS A 417 -38.02 25.40 -17.58
N ALA A 418 -37.73 26.67 -17.25
CA ALA A 418 -38.43 27.78 -17.89
C ALA A 418 -38.15 27.82 -19.39
N ARG A 419 -36.90 27.61 -19.78
CA ARG A 419 -36.56 27.61 -21.21
C ARG A 419 -37.22 26.43 -21.92
N GLY A 420 -37.22 25.26 -21.30
CA GLY A 420 -37.87 24.10 -21.88
C GLY A 420 -36.91 23.06 -22.42
N ASP A 421 -35.79 22.85 -21.72
CA ASP A 421 -34.84 21.84 -22.17
C ASP A 421 -35.44 20.43 -22.08
N PHE A 422 -36.23 20.17 -21.03
CA PHE A 422 -36.87 18.87 -20.90
C PHE A 422 -37.88 18.64 -22.02
N GLN A 423 -38.49 19.70 -22.54
CA GLN A 423 -39.45 19.55 -23.64
C GLN A 423 -38.76 19.01 -24.89
N LYS A 424 -37.53 19.45 -25.15
CA LYS A 424 -36.80 18.94 -26.30
C LYS A 424 -36.52 17.45 -26.17
N LEU A 425 -36.13 17.00 -24.97
CA LEU A 425 -35.93 15.58 -24.75
C LEU A 425 -37.24 14.82 -24.88
N ARG A 426 -38.33 15.36 -24.33
CA ARG A 426 -39.63 14.72 -24.47
C ARG A 426 -40.09 14.70 -25.92
N GLU A 427 -39.89 15.80 -26.64
CA GLU A 427 -40.27 15.84 -28.05
C GLU A 427 -39.49 14.83 -28.88
N LYS A 428 -38.18 14.70 -28.60
CA LYS A 428 -37.38 13.70 -29.30
C LYS A 428 -37.80 12.29 -28.90
N GLN A 429 -38.16 12.10 -27.63
CA GLN A 429 -38.54 10.77 -27.17
C GLN A 429 -39.95 10.38 -27.60
N GLN A 430 -40.87 11.34 -27.70
CA GLN A 430 -42.26 11.01 -28.03
C GLN A 430 -42.44 10.55 -29.46
N LEU A 431 -41.47 10.83 -30.34
CA LEU A 431 -41.54 10.36 -31.72
C LEU A 431 -40.85 9.01 -31.92
N GLU A 432 -40.16 8.49 -30.92
CA GLU A 432 -39.48 7.21 -31.07
C GLU A 432 -40.49 6.05 -31.07
N GLU A 433 -41.47 6.10 -30.17
CA GLU A 433 -42.49 5.06 -30.14
C GLU A 433 -43.46 5.18 -31.31
N ASP A 434 -43.59 6.36 -31.89
CA ASP A 434 -44.45 6.55 -33.06
C ASP A 434 -43.83 5.96 -34.32
N LEU A 435 -42.52 5.67 -34.29
CA LEU A 435 -41.81 5.15 -35.46
C LEU A 435 -41.82 3.63 -35.53
N LYS A 436 -41.67 2.97 -34.37
CA LYS A 436 -41.60 1.51 -34.38
C LYS A 436 -42.92 0.89 -34.85
N GLY A 437 -44.05 1.45 -34.43
CA GLY A 437 -45.33 0.93 -34.86
C GLY A 437 -45.69 1.27 -36.29
N TYR A 438 -45.10 2.34 -36.84
CA TYR A 438 -45.38 2.77 -38.20
C TYR A 438 -44.35 2.26 -39.21
N LEU A 439 -43.38 1.46 -38.77
CA LEU A 439 -42.36 0.91 -39.65
C LEU A 439 -42.57 -0.55 -39.98
N ASP A 440 -42.86 -1.38 -38.97
CA ASP A 440 -43.16 -2.79 -39.24
C ASP A 440 -44.45 -2.93 -40.04
N TRP A 441 -45.48 -2.16 -39.70
CA TRP A 441 -46.77 -2.27 -40.37
C TRP A 441 -46.71 -1.74 -41.79
N ILE A 442 -45.89 -0.71 -42.05
CA ILE A 442 -45.80 -0.14 -43.39
C ILE A 442 -45.07 -1.03 -44.37
N THR A 443 -44.37 -2.06 -43.88
CA THR A 443 -43.62 -2.96 -44.75
C THR A 443 -44.15 -4.39 -44.76
N GLN A 444 -44.67 -4.88 -43.64
CA GLN A 444 -45.10 -6.27 -43.55
C GLN A 444 -46.33 -6.58 -44.39
N ALA A 445 -47.05 -5.57 -44.85
CA ALA A 445 -48.26 -5.82 -45.64
C ALA A 445 -47.93 -6.50 -46.97
N GLU A 446 -46.85 -6.06 -47.62
CA GLU A 446 -46.42 -6.66 -48.87
C GLU A 446 -45.15 -7.49 -48.73
N ASP A 447 -44.14 -6.98 -48.02
CA ASP A 447 -42.89 -7.72 -47.84
C ASP A 447 -43.06 -8.82 -46.81
N CYS A 516 -44.15 -17.43 -41.25
CA CYS A 516 -42.86 -16.92 -41.71
C CYS A 516 -42.10 -16.23 -40.59
N ARG A 517 -42.84 -15.55 -39.71
CA ARG A 517 -42.22 -14.81 -38.62
C ARG A 517 -42.94 -14.97 -37.28
N ALA A 518 -44.07 -15.68 -37.24
CA ALA A 518 -44.80 -15.81 -35.99
C ALA A 518 -44.05 -16.66 -34.98
N ALA A 519 -43.39 -17.73 -35.44
CA ALA A 519 -42.71 -18.63 -34.52
C ALA A 519 -41.53 -17.96 -33.83
N VAL A 520 -40.76 -17.15 -34.58
CA VAL A 520 -39.56 -16.56 -34.01
C VAL A 520 -39.90 -15.55 -32.92
N LYS A 521 -41.08 -14.94 -32.99
CA LYS A 521 -41.50 -13.97 -31.98
C LYS A 521 -42.34 -14.59 -30.88
N SER A 522 -42.49 -15.91 -30.87
CA SER A 522 -43.27 -16.58 -29.85
C SER A 522 -42.54 -16.54 -28.50
N VAL A 523 -43.31 -16.71 -27.43
CA VAL A 523 -42.74 -16.73 -26.09
C VAL A 523 -41.84 -17.94 -25.91
N THR A 524 -42.11 -19.03 -26.63
CA THR A 524 -41.24 -20.20 -26.57
C THR A 524 -39.84 -19.87 -27.07
N PHE A 525 -39.74 -19.11 -28.16
CA PHE A 525 -38.44 -18.69 -28.66
C PHE A 525 -37.72 -17.79 -27.66
N TYR A 526 -38.47 -16.90 -27.00
CA TYR A 526 -37.87 -16.03 -25.99
C TYR A 526 -37.30 -16.85 -24.84
N TRP A 527 -38.06 -17.83 -24.35
CA TRP A 527 -37.57 -18.66 -23.26
C TRP A 527 -36.39 -19.53 -23.71
N LEU A 528 -36.40 -19.97 -24.97
CA LEU A 528 -35.28 -20.75 -25.48
C LEU A 528 -34.01 -19.92 -25.55
N VAL A 529 -34.11 -18.67 -26.03
CA VAL A 529 -32.91 -17.84 -26.07
C VAL A 529 -32.47 -17.46 -24.66
N ILE A 530 -33.41 -17.33 -23.72
CA ILE A 530 -33.05 -17.05 -22.34
C ILE A 530 -32.30 -18.23 -21.73
N VAL A 531 -32.76 -19.45 -21.97
CA VAL A 531 -32.06 -20.61 -21.43
C VAL A 531 -30.70 -20.76 -22.11
N LEU A 532 -30.60 -20.39 -23.39
CA LEU A 532 -29.30 -20.44 -24.07
C LEU A 532 -28.32 -19.45 -23.46
N VAL A 533 -28.76 -18.22 -23.20
CA VAL A 533 -27.86 -17.24 -22.60
C VAL A 533 -27.52 -17.62 -21.17
N PHE A 534 -28.45 -18.25 -20.44
CA PHE A 534 -28.13 -18.74 -19.10
C PHE A 534 -27.07 -19.83 -19.17
N LEU A 535 -27.18 -20.73 -20.15
CA LEU A 535 -26.16 -21.76 -20.33
C LEU A 535 -24.81 -21.16 -20.66
N ASN A 536 -24.79 -20.13 -21.51
CA ASN A 536 -23.53 -19.46 -21.84
C ASN A 536 -22.92 -18.81 -20.61
N THR A 537 -23.75 -18.14 -19.80
CA THR A 537 -23.26 -17.50 -18.58
C THR A 537 -22.72 -18.54 -17.60
N LEU A 538 -23.42 -19.68 -17.46
CA LEU A 538 -22.93 -20.73 -16.58
C LEU A 538 -21.63 -21.31 -17.08
N THR A 539 -21.49 -21.48 -18.39
CA THR A 539 -20.25 -21.99 -18.95
C THR A 539 -19.09 -21.03 -18.69
N ILE A 540 -19.33 -19.73 -18.85
CA ILE A 540 -18.26 -18.76 -18.63
C ILE A 540 -17.89 -18.68 -17.15
N SER A 541 -18.89 -18.63 -16.27
CA SER A 541 -18.68 -18.39 -14.85
C SER A 541 -18.38 -19.67 -14.07
N SER A 542 -17.97 -20.74 -14.74
CA SER A 542 -17.62 -21.97 -14.07
C SER A 542 -16.11 -22.22 -14.03
N GLU A 543 -15.32 -21.35 -14.65
CA GLU A 543 -13.88 -21.51 -14.65
C GLU A 543 -13.29 -21.09 -13.31
N HIS A 544 -12.29 -21.85 -12.84
CA HIS A 544 -11.61 -21.53 -11.60
C HIS A 544 -10.21 -22.12 -11.64
N TYR A 545 -9.38 -21.72 -10.69
CA TYR A 545 -8.01 -22.21 -10.63
C TYR A 545 -7.99 -23.70 -10.31
N ASN A 546 -7.10 -24.43 -10.99
CA ASN A 546 -6.94 -25.87 -10.81
C ASN A 546 -8.26 -26.61 -11.08
N GLN A 547 -9.00 -26.15 -12.08
CA GLN A 547 -10.24 -26.81 -12.43
C GLN A 547 -9.96 -28.16 -13.08
N PRO A 548 -10.87 -29.12 -12.93
CA PRO A 548 -10.66 -30.45 -13.51
C PRO A 548 -10.60 -30.40 -15.04
N ASP A 549 -9.84 -31.34 -15.61
CA ASP A 549 -9.69 -31.40 -17.06
C ASP A 549 -11.02 -31.71 -17.74
N TRP A 550 -11.81 -32.61 -17.16
CA TRP A 550 -13.12 -32.93 -17.74
C TRP A 550 -14.04 -31.71 -17.72
N LEU A 551 -13.93 -30.87 -16.69
CA LEU A 551 -14.70 -29.63 -16.68
C LEU A 551 -14.30 -28.74 -17.85
N THR A 552 -13.00 -28.67 -18.13
CA THR A 552 -12.54 -27.94 -19.31
C THR A 552 -13.11 -28.54 -20.60
N GLN A 553 -13.17 -29.87 -20.67
CA GLN A 553 -13.71 -30.50 -21.87
C GLN A 553 -15.17 -30.14 -22.07
N ILE A 554 -15.96 -30.18 -20.99
CA ILE A 554 -17.35 -29.75 -21.09
C ILE A 554 -17.43 -28.28 -21.48
N GLN A 555 -16.49 -27.46 -21.01
CA GLN A 555 -16.53 -26.04 -21.36
C GLN A 555 -16.31 -25.82 -22.86
N ASP A 556 -15.31 -26.46 -23.45
CA ASP A 556 -15.15 -26.34 -24.91
C ASP A 556 -16.33 -26.94 -25.67
N ILE A 557 -16.85 -28.08 -25.21
CA ILE A 557 -18.00 -28.68 -25.90
C ILE A 557 -19.19 -27.73 -25.88
N ALA A 558 -19.47 -27.14 -24.72
CA ALA A 558 -20.56 -26.18 -24.61
C ALA A 558 -20.30 -24.93 -25.44
N ASN A 559 -19.06 -24.46 -25.48
CA ASN A 559 -18.74 -23.28 -26.28
C ASN A 559 -19.03 -23.55 -27.75
N LYS A 560 -18.56 -24.69 -28.27
CA LYS A 560 -18.79 -25.01 -29.68
C LYS A 560 -20.29 -25.18 -29.96
N VAL A 561 -20.99 -25.91 -29.10
CA VAL A 561 -22.40 -26.19 -29.33
C VAL A 561 -23.21 -24.90 -29.30
N LEU A 562 -22.95 -24.04 -28.30
CA LEU A 562 -23.72 -22.80 -28.19
C LEU A 562 -23.36 -21.81 -29.29
N LEU A 563 -22.09 -21.79 -29.74
CA LEU A 563 -21.76 -20.96 -30.89
C LEU A 563 -22.51 -21.42 -32.13
N ALA A 564 -22.57 -22.73 -32.36
CA ALA A 564 -23.31 -23.24 -33.51
C ALA A 564 -24.79 -22.90 -33.40
N LEU A 565 -25.37 -23.08 -32.21
CA LEU A 565 -26.79 -22.78 -32.01
C LEU A 565 -27.08 -21.30 -32.21
N PHE A 566 -26.22 -20.42 -31.69
CA PHE A 566 -26.44 -18.99 -31.84
C PHE A 566 -26.28 -18.55 -33.29
N THR A 567 -25.29 -19.12 -34.00
CA THR A 567 -25.15 -18.83 -35.42
C THR A 567 -26.37 -19.28 -36.21
N CYS A 568 -26.89 -20.47 -35.90
CA CYS A 568 -28.10 -20.95 -36.57
C CYS A 568 -29.29 -20.06 -36.28
N GLU A 569 -29.43 -19.61 -35.02
CA GLU A 569 -30.52 -18.73 -34.67
C GLU A 569 -30.41 -17.39 -35.40
N MET A 570 -29.20 -16.84 -35.49
CA MET A 570 -29.00 -15.59 -36.20
C MET A 570 -29.33 -15.75 -37.68
N LEU A 571 -28.89 -16.86 -38.29
CA LEU A 571 -29.18 -17.08 -39.70
C LEU A 571 -30.67 -17.26 -39.94
N VAL A 572 -31.36 -17.95 -39.03
CA VAL A 572 -32.81 -18.11 -39.15
C VAL A 572 -33.50 -16.75 -39.06
N LYS A 573 -33.06 -15.92 -38.11
CA LYS A 573 -33.67 -14.60 -37.95
C LYS A 573 -33.41 -13.73 -39.18
N MET A 574 -32.21 -13.81 -39.76
CA MET A 574 -31.87 -12.98 -40.91
C MET A 574 -32.71 -13.34 -42.13
N TYR A 575 -33.20 -14.57 -42.21
CA TYR A 575 -33.99 -15.01 -43.35
C TYR A 575 -35.49 -14.87 -43.14
N SER A 576 -35.91 -14.28 -42.02
CA SER A 576 -37.33 -14.13 -41.74
C SER A 576 -37.70 -12.76 -41.17
N LEU A 577 -36.74 -11.85 -40.96
CA LEU A 577 -37.05 -10.57 -40.34
C LEU A 577 -36.60 -9.41 -41.22
N GLY A 578 -35.48 -9.58 -41.91
CA GLY A 578 -34.98 -8.53 -42.78
C GLY A 578 -33.62 -8.00 -42.37
N LEU A 579 -32.73 -7.81 -43.34
CA LEU A 579 -31.38 -7.36 -43.04
C LEU A 579 -31.35 -5.87 -42.69
N GLN A 580 -32.16 -5.06 -43.37
CA GLN A 580 -32.10 -3.62 -43.17
C GLN A 580 -32.61 -3.22 -41.79
N ALA A 581 -33.61 -3.92 -41.26
CA ALA A 581 -34.18 -3.58 -39.96
C ALA A 581 -33.22 -3.83 -38.81
N TYR A 582 -32.11 -4.54 -39.04
CA TYR A 582 -31.19 -4.86 -37.97
C TYR A 582 -30.33 -3.67 -37.58
N PHE A 583 -29.59 -3.12 -38.54
CA PHE A 583 -28.62 -2.07 -38.26
C PHE A 583 -29.27 -0.77 -37.80
N VAL A 584 -30.59 -0.61 -37.96
CA VAL A 584 -31.26 0.58 -37.45
C VAL A 584 -31.16 0.62 -35.92
N SER A 585 -31.40 -0.51 -35.27
CA SER A 585 -31.30 -0.60 -33.83
C SER A 585 -29.88 -1.00 -33.42
N LEU A 586 -29.41 -0.42 -32.32
CA LEU A 586 -28.06 -0.68 -31.83
C LEU A 586 -27.90 -2.08 -31.26
N PHE A 587 -28.99 -2.79 -30.99
CA PHE A 587 -28.88 -4.12 -30.39
C PHE A 587 -28.39 -5.14 -31.41
N ASN A 588 -28.91 -5.10 -32.63
CA ASN A 588 -28.57 -6.11 -33.62
C ASN A 588 -27.11 -6.04 -34.05
N ARG A 589 -26.60 -4.82 -34.26
CA ARG A 589 -25.21 -4.67 -34.69
C ARG A 589 -24.25 -5.18 -33.62
N PHE A 590 -24.55 -4.91 -32.35
CA PHE A 590 -23.72 -5.43 -31.27
C PHE A 590 -23.73 -6.95 -31.24
N ASP A 591 -24.89 -7.56 -31.50
CA ASP A 591 -24.96 -9.02 -31.56
C ASP A 591 -24.15 -9.57 -32.73
N CYS A 592 -24.19 -8.88 -33.87
CA CYS A 592 -23.36 -9.28 -35.01
C CYS A 592 -21.89 -9.22 -34.65
N PHE A 593 -21.47 -8.16 -33.98
CA PHE A 593 -20.08 -8.03 -33.55
C PHE A 593 -19.71 -9.16 -32.59
N VAL A 594 -20.60 -9.48 -31.65
CA VAL A 594 -20.30 -10.52 -30.66
C VAL A 594 -20.17 -11.89 -31.35
N VAL A 595 -21.08 -12.20 -32.28
CA VAL A 595 -21.03 -13.51 -32.92
C VAL A 595 -19.82 -13.62 -33.84
N CYS A 596 -19.47 -12.54 -34.54
CA CYS A 596 -18.27 -12.57 -35.37
C CYS A 596 -17.02 -12.74 -34.51
N GLY A 597 -16.96 -12.04 -33.36
CA GLY A 597 -15.85 -12.24 -32.45
C GLY A 597 -15.77 -13.67 -31.93
N GLY A 598 -16.91 -14.27 -31.63
CA GLY A 598 -16.92 -15.64 -31.13
C GLY A 598 -16.44 -16.64 -32.16
N ILE A 599 -16.93 -16.51 -33.41
CA ILE A 599 -16.49 -17.44 -34.45
C ILE A 599 -15.01 -17.22 -34.77
N THR A 600 -14.56 -15.96 -34.74
CA THR A 600 -13.14 -15.69 -34.92
C THR A 600 -12.31 -16.32 -33.80
N GLU A 601 -12.80 -16.23 -32.57
CA GLU A 601 -12.10 -16.85 -31.44
C GLU A 601 -11.99 -18.36 -31.64
N THR A 602 -13.08 -19.00 -32.03
CA THR A 602 -13.06 -20.45 -32.20
C THR A 602 -12.11 -20.87 -33.32
N ILE A 603 -12.17 -20.18 -34.47
CA ILE A 603 -11.30 -20.56 -35.58
C ILE A 603 -9.84 -20.27 -35.25
N LEU A 604 -9.56 -19.19 -34.50
CA LEU A 604 -8.19 -18.89 -34.12
C LEU A 604 -7.67 -19.91 -33.10
N VAL A 605 -8.53 -20.36 -32.19
CA VAL A 605 -8.12 -21.34 -31.20
C VAL A 605 -7.81 -22.68 -31.86
N GLU A 606 -8.69 -23.12 -32.77
CA GLU A 606 -8.51 -24.41 -33.41
C GLU A 606 -7.68 -24.34 -34.69
N LEU A 607 -7.15 -23.18 -35.04
CA LEU A 607 -6.30 -23.02 -36.21
C LEU A 607 -4.84 -23.21 -35.81
N GLU A 608 -3.93 -22.85 -36.72
CA GLU A 608 -2.49 -23.00 -36.50
C GLU A 608 -1.89 -21.88 -35.65
N ILE A 609 -2.72 -21.14 -34.89
CA ILE A 609 -2.25 -20.05 -34.05
C ILE A 609 -2.57 -20.40 -32.61
N MET A 610 -1.56 -20.30 -31.74
CA MET A 610 -1.75 -20.66 -30.34
C MET A 610 -2.60 -19.61 -29.60
N SER A 611 -2.31 -18.33 -29.81
CA SER A 611 -2.99 -17.22 -29.15
C SER A 611 -3.01 -17.41 -27.64
N PRO A 612 -1.86 -17.29 -26.95
CA PRO A 612 -1.84 -17.54 -25.51
C PRO A 612 -2.61 -16.51 -24.70
N LEU A 613 -2.33 -15.22 -24.92
CA LEU A 613 -2.99 -14.17 -24.16
C LEU A 613 -4.41 -13.92 -24.64
N GLY A 614 -4.69 -14.15 -25.92
CA GLY A 614 -5.98 -13.81 -26.49
C GLY A 614 -7.12 -14.70 -26.05
N ILE A 615 -6.83 -15.84 -25.43
CA ILE A 615 -7.89 -16.73 -24.96
C ILE A 615 -8.72 -16.04 -23.89
N SER A 616 -8.06 -15.39 -22.93
CA SER A 616 -8.78 -14.72 -21.86
C SER A 616 -9.53 -13.49 -22.37
N VAL A 617 -8.95 -12.77 -23.32
CA VAL A 617 -9.60 -11.58 -23.86
C VAL A 617 -10.89 -11.95 -24.58
N PHE A 618 -10.86 -13.02 -25.38
CA PHE A 618 -12.03 -13.40 -26.16
C PHE A 618 -13.18 -13.90 -25.30
N ARG A 619 -12.90 -14.41 -24.10
CA ARG A 619 -13.98 -14.81 -23.19
C ARG A 619 -14.80 -13.60 -22.76
N CYS A 620 -14.14 -12.47 -22.50
CA CYS A 620 -14.86 -11.26 -22.14
C CYS A 620 -15.72 -10.76 -23.30
N VAL A 621 -15.34 -11.10 -24.54
CA VAL A 621 -16.15 -10.72 -25.69
C VAL A 621 -17.48 -11.46 -25.68
N ARG A 622 -17.44 -12.76 -25.44
CA ARG A 622 -18.66 -13.57 -25.40
C ARG A 622 -19.40 -13.49 -24.08
N LEU A 623 -18.81 -12.88 -23.06
CA LEU A 623 -19.49 -12.72 -21.78
C LEU A 623 -20.67 -11.75 -21.85
N LEU A 624 -20.70 -10.88 -22.87
CA LEU A 624 -21.65 -9.79 -22.93
C LEU A 624 -23.02 -10.19 -23.48
N ARG A 625 -23.37 -11.47 -23.45
CA ARG A 625 -24.67 -11.91 -23.96
C ARG A 625 -25.82 -11.57 -23.03
N ILE A 626 -25.54 -11.16 -21.78
CA ILE A 626 -26.61 -10.83 -20.85
C ILE A 626 -27.35 -9.57 -21.28
N PHE A 627 -26.76 -8.76 -22.14
CA PHE A 627 -27.45 -7.57 -22.65
C PHE A 627 -28.66 -7.96 -23.49
N LYS A 628 -28.61 -9.13 -24.15
CA LYS A 628 -29.74 -9.58 -24.96
C LYS A 628 -30.99 -9.78 -24.13
N VAL A 629 -30.84 -10.08 -22.84
CA VAL A 629 -31.99 -10.24 -21.96
C VAL A 629 -32.21 -9.02 -21.06
N THR A 630 -31.20 -8.18 -20.87
CA THR A 630 -31.43 -6.94 -20.14
C THR A 630 -32.06 -5.85 -21.02
N ARG A 631 -32.04 -6.02 -22.34
CA ARG A 631 -32.63 -5.03 -23.23
C ARG A 631 -34.15 -4.95 -23.11
N HIS A 632 -34.81 -6.01 -22.63
CA HIS A 632 -36.25 -6.05 -22.53
C HIS A 632 -36.79 -5.40 -21.26
N TRP A 633 -35.97 -4.59 -20.58
CA TRP A 633 -36.42 -3.94 -19.34
C TRP A 633 -37.58 -2.99 -19.61
N THR A 634 -37.33 -1.95 -20.41
CA THR A 634 -38.28 -0.90 -20.81
C THR A 634 -38.67 -0.02 -19.62
N SER A 635 -38.29 -0.39 -18.40
CA SER A 635 -38.55 0.42 -17.22
C SER A 635 -37.35 1.23 -16.78
N LEU A 636 -36.15 0.67 -16.89
CA LEU A 636 -34.91 1.39 -16.60
C LEU A 636 -34.33 2.08 -17.82
N SER A 637 -34.91 1.86 -19.01
CA SER A 637 -34.34 2.40 -20.23
C SER A 637 -34.41 3.93 -20.31
N ASN A 638 -35.22 4.56 -19.47
CA ASN A 638 -35.28 6.03 -19.46
C ASN A 638 -33.93 6.62 -19.05
N LEU A 639 -33.33 6.07 -17.99
CA LEU A 639 -32.01 6.54 -17.57
C LEU A 639 -30.97 6.29 -18.64
N VAL A 640 -31.01 5.12 -19.28
CA VAL A 640 -30.03 4.80 -20.32
C VAL A 640 -30.15 5.78 -21.48
N ALA A 641 -31.38 6.07 -21.90
CA ALA A 641 -31.59 7.02 -22.98
C ALA A 641 -31.10 8.41 -22.59
N SER A 642 -31.39 8.85 -21.37
CA SER A 642 -30.97 10.18 -20.95
C SER A 642 -29.44 10.29 -20.90
N LEU A 643 -28.77 9.28 -20.34
CA LEU A 643 -27.32 9.34 -20.25
C LEU A 643 -26.66 9.16 -21.62
N LEU A 644 -27.32 8.47 -22.54
CA LEU A 644 -26.79 8.37 -23.90
C LEU A 644 -27.00 9.66 -24.68
N ASN A 645 -28.06 10.41 -24.36
CA ASN A 645 -28.29 11.70 -25.00
C ASN A 645 -27.47 12.82 -24.40
N SER A 646 -26.99 12.68 -23.16
CA SER A 646 -26.14 13.69 -22.53
C SER A 646 -24.67 13.31 -22.62
N MET A 647 -24.28 12.62 -23.70
CA MET A 647 -22.91 12.13 -23.83
C MET A 647 -21.91 13.28 -23.97
N LYS A 648 -22.31 14.36 -24.66
CA LYS A 648 -21.40 15.50 -24.80
C LYS A 648 -21.06 16.11 -23.45
N SER A 649 -22.06 16.32 -22.61
CA SER A 649 -21.81 16.86 -21.27
C SER A 649 -21.00 15.88 -20.43
N ILE A 650 -21.33 14.59 -20.50
CA ILE A 650 -20.58 13.61 -19.72
C ILE A 650 -19.11 13.62 -20.12
N ALA A 651 -18.85 13.66 -21.43
CA ALA A 651 -17.48 13.74 -21.91
C ALA A 651 -16.79 15.02 -21.46
N SER A 652 -17.53 16.13 -21.44
CA SER A 652 -16.92 17.40 -21.01
C SER A 652 -16.46 17.35 -19.57
N LEU A 653 -17.34 16.92 -18.66
CA LEU A 653 -16.93 16.81 -17.25
C LEU A 653 -15.82 15.78 -17.06
N LEU A 654 -15.91 14.63 -17.75
CA LEU A 654 -14.87 13.63 -17.61
C LEU A 654 -13.52 14.16 -18.09
N LEU A 655 -13.52 14.91 -19.20
CA LEU A 655 -12.28 15.49 -19.70
C LEU A 655 -11.71 16.53 -18.76
N LEU A 656 -12.58 17.34 -18.14
CA LEU A 656 -12.10 18.30 -17.15
C LEU A 656 -11.45 17.59 -15.96
N LEU A 657 -12.09 16.53 -15.47
CA LEU A 657 -11.51 15.76 -14.37
C LEU A 657 -10.17 15.15 -14.77
N PHE A 658 -10.10 14.61 -15.99
CA PHE A 658 -8.84 14.03 -16.47
C PHE A 658 -7.75 15.08 -16.56
N LEU A 659 -8.08 16.28 -17.03
CA LEU A 659 -7.09 17.35 -17.11
C LEU A 659 -6.60 17.75 -15.73
N PHE A 660 -7.51 17.84 -14.75
CA PHE A 660 -7.09 18.12 -13.38
C PHE A 660 -6.13 17.06 -12.86
N ILE A 661 -6.47 15.79 -13.11
CA ILE A 661 -5.62 14.69 -12.66
C ILE A 661 -4.25 14.77 -13.32
N ILE A 662 -4.22 15.07 -14.62
CA ILE A 662 -2.96 15.16 -15.35
C ILE A 662 -2.10 16.29 -14.80
N ILE A 663 -2.69 17.45 -14.55
CA ILE A 663 -1.95 18.59 -14.04
C ILE A 663 -1.35 18.25 -12.68
N PHE A 664 -2.15 17.67 -11.79
CA PHE A 664 -1.62 17.38 -10.46
C PHE A 664 -0.61 16.23 -10.50
N SER A 665 -0.75 15.29 -11.43
CA SER A 665 0.24 14.24 -11.59
C SER A 665 1.59 14.81 -12.04
N LEU A 666 1.57 15.74 -12.99
CA LEU A 666 2.81 16.38 -13.41
C LEU A 666 3.42 17.20 -12.27
N LEU A 667 2.59 17.91 -11.51
CA LEU A 667 3.13 18.67 -10.37
C LEU A 667 3.75 17.75 -9.33
N GLY A 668 3.10 16.62 -9.04
CA GLY A 668 3.68 15.66 -8.12
C GLY A 668 4.95 15.04 -8.64
N MET A 669 5.02 14.80 -9.95
CA MET A 669 6.25 14.32 -10.56
C MET A 669 7.39 15.32 -10.38
N GLN A 670 7.10 16.60 -10.56
CA GLN A 670 8.12 17.62 -10.34
C GLN A 670 8.54 17.71 -8.88
N LEU A 671 7.59 17.59 -7.96
CA LEU A 671 7.89 17.79 -6.55
C LEU A 671 8.58 16.58 -5.93
N PHE A 672 7.94 15.42 -5.98
CA PHE A 672 8.43 14.22 -5.29
C PHE A 672 9.02 13.21 -6.26
N GLY A 673 9.40 13.62 -7.46
CA GLY A 673 9.97 12.69 -8.42
C GLY A 673 11.35 12.19 -8.03
N GLY A 674 11.43 10.91 -7.67
CA GLY A 674 12.68 10.32 -7.28
C GLY A 674 13.13 10.62 -5.87
N LYS A 675 12.31 11.31 -5.07
CA LYS A 675 12.66 11.66 -3.71
C LYS A 675 12.14 10.67 -2.67
N PHE A 676 11.50 9.59 -3.11
CA PHE A 676 10.96 8.59 -2.20
C PHE A 676 11.95 7.47 -1.92
N ASN A 677 13.25 7.72 -2.09
CA ASN A 677 14.29 6.74 -1.84
C ASN A 677 15.03 7.03 -0.54
N PHE A 678 14.32 7.51 0.48
CA PHE A 678 14.93 7.87 1.74
C PHE A 678 14.91 6.74 2.77
N ASP A 679 13.94 5.83 2.66
CA ASP A 679 13.80 4.79 3.68
C ASP A 679 15.01 3.87 3.71
N GLU A 680 15.50 3.46 2.54
CA GLU A 680 16.67 2.63 2.34
C GLU A 680 16.45 1.19 2.80
N THR A 681 15.33 0.90 3.45
CA THR A 681 15.02 -0.45 3.90
C THR A 681 13.92 -1.13 3.12
N GLN A 682 13.23 -0.41 2.23
CA GLN A 682 12.12 -0.98 1.48
C GLN A 682 11.91 -0.14 0.23
N THR A 683 11.12 -0.69 -0.69
CA THR A 683 10.71 0.01 -1.91
C THR A 683 9.25 0.38 -1.80
N LYS A 684 8.92 1.61 -2.19
CA LYS A 684 7.57 2.14 -2.09
C LYS A 684 6.85 2.02 -3.43
N ARG A 685 5.58 1.65 -3.37
CA ARG A 685 4.80 1.41 -4.58
C ARG A 685 4.01 2.63 -5.03
N SER A 686 3.55 3.46 -4.10
CA SER A 686 2.78 4.66 -4.44
C SER A 686 3.75 5.84 -4.49
N THR A 687 4.44 5.95 -5.61
CA THR A 687 5.47 6.97 -5.83
C THR A 687 5.08 7.87 -7.01
N PHE A 688 5.98 8.79 -7.33
CA PHE A 688 5.85 9.68 -8.46
C PHE A 688 7.03 9.52 -9.41
N ASP A 689 7.44 8.27 -9.64
CA ASP A 689 8.65 8.01 -10.42
C ASP A 689 8.45 8.37 -11.88
N ASN A 690 7.51 7.72 -12.55
CA ASN A 690 7.18 8.02 -13.94
C ASN A 690 5.72 8.48 -14.02
N PHE A 691 5.29 8.79 -15.24
CA PHE A 691 3.93 9.31 -15.43
C PHE A 691 2.84 8.32 -15.03
N PRO A 692 2.87 7.05 -15.45
CA PRO A 692 1.81 6.13 -15.00
C PRO A 692 1.74 5.97 -13.50
N GLN A 693 2.89 5.91 -12.81
CA GLN A 693 2.88 5.73 -11.36
C GLN A 693 2.35 6.97 -10.66
N ALA A 694 2.74 8.16 -11.13
CA ALA A 694 2.21 9.40 -10.55
C ALA A 694 0.72 9.51 -10.79
N LEU A 695 0.26 9.10 -11.99
CA LEU A 695 -1.17 9.13 -12.29
C LEU A 695 -1.94 8.19 -11.37
N LEU A 696 -1.41 6.98 -11.15
CA LEU A 696 -2.05 6.05 -10.23
C LEU A 696 -2.07 6.59 -8.81
N THR A 697 -0.98 7.23 -8.38
CA THR A 697 -0.94 7.80 -7.04
C THR A 697 -1.96 8.92 -6.87
N VAL A 698 -2.07 9.79 -7.88
CA VAL A 698 -3.05 10.86 -7.82
C VAL A 698 -4.47 10.29 -7.77
N PHE A 699 -4.74 9.26 -8.58
CA PHE A 699 -6.06 8.63 -8.54
C PHE A 699 -6.33 8.02 -7.16
N GLN A 700 -5.34 7.36 -6.57
CA GLN A 700 -5.52 6.76 -5.26
C GLN A 700 -5.78 7.81 -4.19
N ILE A 701 -5.07 8.95 -4.26
CA ILE A 701 -5.34 10.04 -3.34
C ILE A 701 -6.75 10.58 -3.54
N LEU A 702 -7.19 10.68 -4.79
CA LEU A 702 -8.54 11.14 -5.06
C LEU A 702 -9.59 10.20 -4.46
N THR A 703 -9.35 8.89 -4.55
CA THR A 703 -10.24 7.95 -3.88
C THR A 703 -10.21 8.11 -2.36
N GLY A 704 -9.15 8.72 -1.82
CA GLY A 704 -9.06 9.00 -0.41
C GLY A 704 -8.46 7.92 0.45
N GLU A 705 -8.14 6.76 -0.13
CA GLU A 705 -7.61 5.63 0.63
C GLU A 705 -6.10 5.78 0.78
N ASP A 706 -5.63 5.78 2.03
CA ASP A 706 -4.21 5.83 2.36
C ASP A 706 -3.52 7.07 1.77
N TRP A 707 -4.26 8.17 1.66
CA TRP A 707 -3.63 9.43 1.22
C TRP A 707 -2.69 9.97 2.28
N ASN A 708 -2.96 9.69 3.55
CA ASN A 708 -2.08 10.17 4.61
C ASN A 708 -0.72 9.48 4.56
N ALA A 709 -0.65 8.23 4.10
CA ALA A 709 0.64 7.58 3.94
C ALA A 709 1.49 8.27 2.88
N VAL A 710 0.88 8.64 1.75
CA VAL A 710 1.60 9.36 0.71
C VAL A 710 2.00 10.74 1.22
N MET A 711 1.14 11.38 2.02
CA MET A 711 1.51 12.66 2.61
C MET A 711 2.71 12.52 3.53
N TYR A 712 2.73 11.47 4.35
CA TYR A 712 3.86 11.24 5.25
C TYR A 712 5.15 11.00 4.46
N ASP A 713 5.05 10.22 3.37
CA ASP A 713 6.23 10.00 2.53
C ASP A 713 6.73 11.30 1.91
N GLY A 714 5.80 12.13 1.43
CA GLY A 714 6.19 13.40 0.84
C GLY A 714 6.82 14.34 1.85
N ILE A 715 6.32 14.32 3.10
CA ILE A 715 6.89 15.17 4.14
C ILE A 715 8.28 14.68 4.53
N MET A 716 8.44 13.36 4.70
CA MET A 716 9.74 12.80 5.04
C MET A 716 10.74 12.95 3.90
N ALA A 717 10.26 13.12 2.66
CA ALA A 717 11.15 13.32 1.54
C ALA A 717 11.75 14.73 1.51
N TYR A 718 11.24 15.66 2.30
CA TYR A 718 11.72 17.04 2.32
C TYR A 718 12.33 17.43 3.67
N GLY A 719 12.66 16.45 4.51
CA GLY A 719 13.29 16.71 5.79
C GLY A 719 12.49 16.29 7.00
N GLY A 720 11.31 15.70 6.85
CA GLY A 720 10.54 15.21 7.98
C GLY A 720 9.86 16.32 8.75
N PRO A 721 9.44 16.02 9.98
CA PRO A 721 8.75 17.03 10.80
C PRO A 721 9.61 18.25 11.08
N SER A 722 10.91 18.08 11.24
CA SER A 722 11.81 19.22 11.42
C SER A 722 11.98 19.97 10.12
N SER A 723 12.52 21.19 10.22
CA SER A 723 12.79 22.04 9.08
C SER A 723 11.52 22.42 8.33
N SER A 724 11.67 23.10 7.20
CA SER A 724 10.54 23.57 6.41
C SER A 724 10.02 22.52 5.44
N GLY A 725 10.28 21.25 5.69
CA GLY A 725 9.79 20.20 4.81
C GLY A 725 8.31 19.89 4.95
N MET A 726 7.66 20.44 5.99
CA MET A 726 6.25 20.17 6.20
C MET A 726 5.33 21.10 5.43
N ILE A 727 5.87 22.16 4.83
CA ILE A 727 5.03 23.07 4.05
C ILE A 727 4.50 22.37 2.80
N VAL A 728 5.16 21.29 2.37
CA VAL A 728 4.72 20.54 1.20
C VAL A 728 3.46 19.74 1.46
N CYS A 729 3.02 19.64 2.71
CA CYS A 729 1.79 18.91 3.02
C CYS A 729 0.56 19.57 2.44
N ILE A 730 0.64 20.86 2.08
CA ILE A 730 -0.50 21.54 1.48
C ILE A 730 -0.75 21.07 0.06
N TYR A 731 0.21 20.38 -0.55
CA TYR A 731 -0.03 19.75 -1.84
C TYR A 731 -1.12 18.69 -1.75
N PHE A 732 -1.05 17.85 -0.71
CA PHE A 732 -2.04 16.79 -0.54
C PHE A 732 -3.36 17.33 0.00
N ILE A 733 -3.31 18.39 0.82
CA ILE A 733 -4.54 19.00 1.30
C ILE A 733 -5.33 19.60 0.14
N ILE A 734 -4.64 20.30 -0.76
CA ILE A 734 -5.30 20.87 -1.92
C ILE A 734 -5.77 19.77 -2.87
N LEU A 735 -4.92 18.76 -3.10
CA LEU A 735 -5.30 17.68 -4.00
C LEU A 735 -6.50 16.90 -3.48
N PHE A 736 -6.67 16.85 -2.15
CA PHE A 736 -7.80 16.12 -1.59
C PHE A 736 -9.06 16.98 -1.58
N ILE A 737 -8.98 18.19 -1.02
CA ILE A 737 -10.16 19.04 -0.90
C ILE A 737 -10.63 19.49 -2.27
N CYS A 738 -9.73 20.00 -3.09
CA CYS A 738 -10.10 20.48 -4.42
C CYS A 738 -10.25 19.35 -5.43
N GLY A 739 -9.85 18.14 -5.08
CA GLY A 739 -10.05 16.99 -5.96
C GLY A 739 -11.37 16.31 -5.70
N ASN A 740 -11.72 16.15 -4.42
CA ASN A 740 -13.01 15.57 -4.07
C ASN A 740 -14.15 16.52 -4.41
N TYR A 741 -13.90 17.83 -4.37
CA TYR A 741 -14.94 18.79 -4.73
C TYR A 741 -15.35 18.65 -6.19
N ILE A 742 -14.37 18.51 -7.09
CA ILE A 742 -14.69 18.31 -8.50
C ILE A 742 -15.28 16.93 -8.71
N LEU A 743 -14.73 15.91 -8.05
CA LEU A 743 -15.28 14.56 -8.16
C LEU A 743 -16.72 14.50 -7.70
N LEU A 744 -17.10 15.35 -6.75
CA LEU A 744 -18.47 15.37 -6.23
C LEU A 744 -19.38 16.27 -7.07
N ASN A 745 -18.82 17.02 -8.01
CA ASN A 745 -19.62 17.81 -8.95
C ASN A 745 -19.73 17.17 -10.33
N VAL A 746 -18.83 16.26 -10.68
CA VAL A 746 -18.89 15.63 -12.00
C VAL A 746 -19.71 14.35 -11.98
N PHE A 747 -19.59 13.55 -10.92
CA PHE A 747 -20.34 12.30 -10.84
C PHE A 747 -21.69 12.46 -10.14
N LEU A 748 -21.99 13.64 -9.60
CA LEU A 748 -23.30 13.91 -9.04
C LEU A 748 -24.20 14.71 -9.99
N ALA A 749 -23.61 15.50 -10.88
CA ALA A 749 -24.40 16.21 -11.88
C ALA A 749 -25.07 15.24 -12.84
N ILE A 750 -24.36 14.20 -13.25
CA ILE A 750 -24.94 13.19 -14.13
C ILE A 750 -26.07 12.45 -13.42
N ALA A 751 -25.93 12.23 -12.13
CA ALA A 751 -26.90 11.47 -11.35
C ALA A 751 -28.05 12.33 -10.83
N VAL A 752 -28.06 13.63 -11.12
CA VAL A 752 -29.10 14.51 -10.61
C VAL A 752 -29.82 15.18 -11.78
N ASP A 753 -29.10 15.36 -12.89
CA ASP A 753 -29.69 16.03 -14.05
C ASP A 753 -30.38 15.00 -14.95
N ASN A 754 -29.62 14.01 -15.44
CA ASN A 754 -30.19 13.01 -16.33
C ASN A 754 -31.07 12.02 -15.61
N LEU A 755 -31.05 12.01 -14.28
CA LEU A 755 -31.89 11.13 -13.48
C LEU A 755 -33.20 11.77 -13.08
N ALA A 756 -33.18 13.07 -12.76
CA ALA A 756 -34.42 13.80 -12.55
C ALA A 756 -35.24 13.89 -13.84
N ASP A 757 -34.56 14.08 -14.96
CA ASP A 757 -35.26 14.12 -16.25
C ASP A 757 -35.89 12.78 -16.59
N ALA A 758 -35.25 11.68 -16.21
CA ALA A 758 -35.81 10.36 -16.48
C ALA A 758 -37.15 10.17 -15.78
N GLU A 759 -37.23 10.58 -14.51
CA GLU A 759 -38.51 10.52 -13.80
C GLU A 759 -39.54 11.44 -14.43
N SER A 760 -39.12 12.65 -14.82
CA SER A 760 -40.02 13.55 -15.52
C SER A 760 -40.43 12.98 -16.87
N LEU A 761 -39.49 12.35 -17.58
CA LEU A 761 -39.82 11.66 -18.82
C LEU A 761 -40.77 10.49 -18.55
N ASN A 762 -40.54 9.76 -17.47
CA ASN A 762 -41.43 8.66 -17.11
C ASN A 762 -42.84 9.17 -16.81
N THR A 763 -42.94 10.27 -16.07
CA THR A 763 -44.25 10.84 -15.76
C THR A 763 -44.96 11.30 -17.03
N ALA A 764 -44.24 11.96 -17.92
CA ALA A 764 -44.83 12.38 -19.19
C ALA A 764 -45.25 11.19 -20.03
N GLN A 765 -44.43 10.14 -20.06
CA GLN A 765 -44.81 8.93 -20.79
C GLN A 765 -46.03 8.28 -20.16
N LYS A 766 -46.13 8.29 -18.83
CA LYS A 766 -47.29 7.73 -18.15
C LYS A 766 -48.55 8.51 -18.49
N GLU A 767 -48.43 9.81 -18.75
CA GLU A 767 -49.59 10.61 -19.12
C GLU A 767 -50.21 10.12 -20.42
N GLU A 768 -49.38 9.82 -21.41
CA GLU A 768 -49.89 9.28 -22.67
C GLU A 768 -50.30 7.82 -22.54
N ALA A 769 -49.65 7.07 -21.64
CA ALA A 769 -50.00 5.67 -21.46
C ALA A 769 -51.36 5.52 -20.78
N GLU A 770 -51.60 6.30 -19.73
CA GLU A 770 -52.88 6.23 -19.04
C GLU A 770 -54.01 6.82 -19.87
N GLU A 771 -53.70 7.82 -20.70
CA GLU A 771 -54.72 8.39 -21.57
C GLU A 771 -55.21 7.37 -22.60
N LYS A 772 -54.29 6.58 -23.15
CA LYS A 772 -54.64 5.56 -24.14
C LYS A 772 -55.55 4.49 -23.53
N ILE A 875 -63.30 -12.63 31.56
CA ILE A 875 -64.15 -12.32 30.42
C ILE A 875 -63.34 -11.57 29.37
N ARG A 876 -63.83 -11.57 28.13
CA ARG A 876 -63.11 -10.95 27.03
C ARG A 876 -62.96 -9.45 27.24
N VAL A 877 -64.03 -8.77 27.68
CA VAL A 877 -63.99 -7.32 27.85
C VAL A 877 -63.38 -6.89 29.18
N GLY A 878 -62.91 -7.83 29.99
CA GLY A 878 -62.34 -7.50 31.28
C GLY A 878 -60.94 -6.94 31.19
N CYS A 879 -60.04 -7.68 30.55
CA CYS A 879 -58.66 -7.23 30.40
C CYS A 879 -58.46 -6.27 29.24
N HIS A 880 -59.50 -6.02 28.45
CA HIS A 880 -59.38 -5.06 27.35
C HIS A 880 -59.10 -3.66 27.87
N LYS A 881 -59.77 -3.26 28.95
CA LYS A 881 -59.51 -1.95 29.54
C LYS A 881 -58.09 -1.85 30.08
N LEU A 882 -57.59 -2.91 30.71
CA LEU A 882 -56.22 -2.91 31.20
C LEU A 882 -55.23 -2.82 30.06
N ILE A 883 -55.48 -3.55 28.96
CA ILE A 883 -54.59 -3.53 27.82
C ILE A 883 -54.56 -2.15 27.18
N ASN A 884 -55.73 -1.53 27.00
CA ASN A 884 -55.84 -0.23 26.34
C ASN A 884 -55.58 0.93 27.28
N HIS A 885 -54.96 0.70 28.44
CA HIS A 885 -54.69 1.76 29.38
C HIS A 885 -53.57 2.66 28.86
N HIS A 886 -53.51 3.88 29.41
CA HIS A 886 -52.51 4.86 29.00
C HIS A 886 -51.14 4.59 29.61
N ILE A 887 -51.02 3.60 30.49
CA ILE A 887 -49.75 3.31 31.15
C ILE A 887 -49.27 1.88 30.95
N PHE A 888 -50.15 0.93 30.61
CA PHE A 888 -49.72 -0.45 30.42
C PHE A 888 -48.78 -0.59 29.24
N THR A 889 -49.08 0.09 28.13
CA THR A 889 -48.21 0.03 26.96
C THR A 889 -46.84 0.61 27.27
N ASN A 890 -46.79 1.74 27.98
CA ASN A 890 -45.51 2.32 28.34
C ASN A 890 -44.75 1.43 29.32
N LEU A 891 -45.47 0.75 30.22
CA LEU A 891 -44.80 -0.18 31.12
C LEU A 891 -44.17 -1.34 30.36
N ILE A 892 -44.89 -1.91 29.39
CA ILE A 892 -44.32 -3.02 28.62
C ILE A 892 -43.17 -2.52 27.75
N LEU A 893 -43.25 -1.29 27.24
CA LEU A 893 -42.16 -0.72 26.46
C LEU A 893 -40.91 -0.53 27.31
N VAL A 894 -41.09 -0.03 28.54
CA VAL A 894 -39.95 0.10 29.45
C VAL A 894 -39.37 -1.26 29.77
N PHE A 895 -40.23 -2.26 29.97
CA PHE A 895 -39.75 -3.60 30.27
C PHE A 895 -38.93 -4.17 29.13
N ILE A 896 -39.39 -4.03 27.89
CA ILE A 896 -38.64 -4.58 26.76
C ILE A 896 -37.34 -3.82 26.56
N MET A 897 -37.37 -2.49 26.72
CA MET A 897 -36.14 -1.72 26.58
C MET A 897 -35.10 -2.12 27.61
N LEU A 898 -35.53 -2.28 28.87
CA LEU A 898 -34.58 -2.63 29.92
C LEU A 898 -34.13 -4.09 29.81
N SER A 899 -34.98 -4.96 29.26
CA SER A 899 -34.56 -6.33 28.97
C SER A 899 -33.50 -6.36 27.88
N SER A 900 -33.66 -5.53 26.84
CA SER A 900 -32.61 -5.42 25.83
C SER A 900 -31.32 -4.88 26.44
N ALA A 901 -31.43 -3.89 27.34
CA ALA A 901 -30.25 -3.38 28.01
C ALA A 901 -29.56 -4.47 28.83
N ALA A 902 -30.35 -5.32 29.50
CA ALA A 902 -29.78 -6.44 30.23
C ALA A 902 -29.09 -7.43 29.27
N LEU A 903 -29.69 -7.64 28.10
CA LEU A 903 -29.06 -8.50 27.10
C LEU A 903 -27.73 -7.91 26.63
N ALA A 904 -27.60 -6.59 26.65
CA ALA A 904 -26.38 -5.91 26.22
C ALA A 904 -25.36 -5.76 27.33
N ALA A 905 -25.40 -6.61 28.36
CA ALA A 905 -24.47 -6.48 29.48
C ALA A 905 -23.85 -7.81 29.89
N GLU A 906 -23.98 -8.86 29.09
CA GLU A 906 -23.44 -10.16 29.46
C GLU A 906 -21.92 -10.20 29.20
N ASP A 907 -21.31 -11.30 29.62
CA ASP A 907 -19.88 -11.50 29.43
C ASP A 907 -19.64 -12.57 28.37
N PRO A 908 -19.22 -12.19 27.16
CA PRO A 908 -18.95 -13.20 26.12
C PRO A 908 -17.83 -14.15 26.49
N ILE A 909 -16.87 -13.72 27.30
CA ILE A 909 -15.70 -14.54 27.59
C ILE A 909 -16.07 -15.72 28.50
N ARG A 910 -16.54 -15.41 29.70
CA ARG A 910 -16.73 -16.41 30.75
C ARG A 910 -18.21 -16.77 30.84
N SER A 911 -18.53 -18.04 30.55
CA SER A 911 -19.89 -18.52 30.74
C SER A 911 -20.26 -18.59 32.22
N HIS A 912 -19.33 -19.05 33.05
CA HIS A 912 -19.54 -19.13 34.50
C HIS A 912 -19.00 -17.85 35.12
N SER A 913 -19.90 -16.95 35.49
CA SER A 913 -19.50 -15.68 36.08
C SER A 913 -20.61 -15.18 37.01
N PHE A 914 -20.22 -14.28 37.92
CA PHE A 914 -21.20 -13.69 38.82
C PHE A 914 -22.21 -12.85 38.07
N ARG A 915 -21.75 -12.03 37.12
CA ARG A 915 -22.66 -11.14 36.39
C ARG A 915 -23.65 -11.92 35.54
N ASN A 916 -23.19 -12.98 34.87
CA ASN A 916 -24.07 -13.75 34.00
C ASN A 916 -25.20 -14.41 34.79
N THR A 917 -24.88 -14.95 35.97
CA THR A 917 -25.91 -15.56 36.79
C THR A 917 -26.94 -14.53 37.25
N ILE A 918 -26.48 -13.33 37.62
CA ILE A 918 -27.41 -12.29 38.04
C ILE A 918 -28.32 -11.89 36.89
N LEU A 919 -27.76 -11.71 35.70
CA LEU A 919 -28.60 -11.45 34.52
C LEU A 919 -29.42 -12.67 34.14
N GLY A 920 -28.95 -13.88 34.49
CA GLY A 920 -29.73 -15.07 34.24
C GLY A 920 -31.01 -15.11 35.06
N TYR A 921 -30.94 -14.66 36.32
CA TYR A 921 -32.14 -14.58 37.14
C TYR A 921 -33.11 -13.55 36.57
N PHE A 922 -32.58 -12.45 36.03
CA PHE A 922 -33.44 -11.43 35.42
C PHE A 922 -34.20 -11.99 34.23
N ASP A 923 -33.52 -12.77 33.39
CA ASP A 923 -34.15 -13.29 32.17
C ASP A 923 -35.39 -14.10 32.48
N TYR A 924 -35.43 -14.77 33.64
CA TYR A 924 -36.64 -15.49 34.04
C TYR A 924 -37.79 -14.52 34.26
N ALA A 925 -37.52 -13.36 34.85
CA ALA A 925 -38.60 -12.43 35.20
C ALA A 925 -39.32 -11.92 33.98
N PHE A 926 -38.59 -11.48 32.95
CA PHE A 926 -39.23 -10.92 31.76
C PHE A 926 -40.06 -11.98 31.04
N THR A 927 -39.53 -13.20 30.93
CA THR A 927 -40.28 -14.27 30.26
C THR A 927 -41.60 -14.53 30.97
N ALA A 928 -41.60 -14.47 32.30
CA ALA A 928 -42.85 -14.60 33.05
C ALA A 928 -43.80 -13.45 32.72
N ILE A 929 -43.28 -12.22 32.67
CA ILE A 929 -44.12 -11.08 32.33
C ILE A 929 -44.60 -11.17 30.89
N PHE A 930 -43.71 -11.52 29.96
CA PHE A 930 -44.07 -11.53 28.56
C PHE A 930 -45.05 -12.65 28.24
N THR A 931 -44.88 -13.81 28.89
CA THR A 931 -45.87 -14.88 28.73
C THR A 931 -47.23 -14.44 29.27
N VAL A 932 -47.24 -13.74 30.41
CA VAL A 932 -48.48 -13.21 30.94
C VAL A 932 -49.11 -12.22 29.97
N GLU A 933 -48.28 -11.37 29.35
CA GLU A 933 -48.80 -10.41 28.38
C GLU A 933 -49.41 -11.11 27.18
N ILE A 934 -48.77 -12.18 26.69
CA ILE A 934 -49.25 -12.87 25.50
C ILE A 934 -50.62 -13.50 25.76
N LEU A 935 -50.79 -14.15 26.92
CA LEU A 935 -52.03 -14.85 27.20
C LEU A 935 -53.20 -13.88 27.31
N LEU A 936 -53.03 -12.79 28.08
CA LEU A 936 -54.13 -11.84 28.24
C LEU A 936 -54.45 -11.12 26.94
N LYS A 937 -53.41 -10.75 26.18
CA LYS A 937 -53.66 -10.13 24.88
C LYS A 937 -54.39 -11.08 23.94
N MET A 938 -54.00 -12.36 23.95
CA MET A 938 -54.70 -13.35 23.14
C MET A 938 -56.11 -13.61 23.68
N THR A 939 -56.30 -13.56 25.00
CA THR A 939 -57.60 -13.85 25.58
C THR A 939 -58.65 -12.87 25.09
N THR A 940 -58.34 -11.57 25.09
CA THR A 940 -59.30 -10.59 24.60
C THR A 940 -59.40 -10.61 23.08
N PHE A 941 -58.33 -11.01 22.39
CA PHE A 941 -58.31 -11.07 20.94
C PHE A 941 -58.65 -12.45 20.39
N GLY A 942 -58.99 -13.40 21.25
CA GLY A 942 -59.34 -14.74 20.81
C GLY A 942 -60.69 -14.81 20.13
N ASN A 953 -51.68 -9.93 13.70
CA ASN A 953 -51.13 -10.46 12.46
C ASN A 953 -49.72 -11.02 12.68
N TYR A 954 -48.86 -10.87 11.68
CA TYR A 954 -47.50 -11.41 11.77
C TYR A 954 -46.67 -10.68 12.83
N PHE A 955 -47.09 -9.49 13.26
CA PHE A 955 -46.41 -8.83 14.38
C PHE A 955 -46.57 -9.63 15.66
N ASN A 956 -47.76 -10.19 15.89
CA ASN A 956 -47.98 -11.03 17.06
C ASN A 956 -47.19 -12.33 16.98
N LEU A 957 -46.96 -12.83 15.76
CA LEU A 957 -46.11 -14.01 15.60
C LEU A 957 -44.68 -13.73 16.08
N LEU A 958 -44.15 -12.55 15.74
CA LEU A 958 -42.83 -12.16 16.23
C LEU A 958 -42.82 -12.01 17.74
N ASP A 959 -43.91 -11.48 18.31
CA ASP A 959 -44.00 -11.35 19.77
C ASP A 959 -43.91 -12.71 20.46
N MET A 960 -44.62 -13.70 19.92
CA MET A 960 -44.54 -15.05 20.48
C MET A 960 -43.23 -15.74 20.14
N LEU A 961 -42.65 -15.42 18.98
CA LEU A 961 -41.39 -16.05 18.59
C LEU A 961 -40.26 -15.71 19.55
N VAL A 962 -40.17 -14.44 19.95
CA VAL A 962 -39.11 -14.04 20.88
C VAL A 962 -39.30 -14.71 22.24
N VAL A 963 -40.53 -14.70 22.75
CA VAL A 963 -40.80 -15.37 24.02
C VAL A 963 -40.71 -16.88 23.88
N GLY A 964 -41.16 -17.40 22.73
CA GLY A 964 -41.18 -18.85 22.55
C GLY A 964 -39.81 -19.47 22.58
N VAL A 965 -38.84 -18.86 21.90
CA VAL A 965 -37.49 -19.44 21.86
C VAL A 965 -36.84 -19.39 23.23
N SER A 966 -37.18 -18.39 24.06
CA SER A 966 -36.63 -18.33 25.41
C SER A 966 -37.10 -19.52 26.25
N LEU A 967 -38.37 -19.89 26.12
CA LEU A 967 -38.90 -21.00 26.92
C LEU A 967 -38.24 -22.32 26.54
N VAL A 968 -37.80 -22.47 25.29
CA VAL A 968 -37.05 -23.67 24.90
C VAL A 968 -35.74 -23.72 25.66
N SER A 969 -35.14 -22.56 25.93
CA SER A 969 -33.96 -22.47 26.77
C SER A 969 -34.38 -22.54 28.23
N PHE A 970 -33.46 -22.19 29.13
CA PHE A 970 -33.71 -22.18 30.57
C PHE A 970 -34.03 -23.58 31.09
N VAL A 979 -28.09 -27.61 19.47
CA VAL A 979 -27.09 -26.59 19.76
C VAL A 979 -27.75 -25.40 20.46
N VAL A 980 -27.10 -24.91 21.51
CA VAL A 980 -27.63 -23.77 22.25
C VAL A 980 -27.10 -22.43 21.73
N LYS A 981 -25.97 -22.45 21.01
CA LYS A 981 -25.41 -21.21 20.50
C LYS A 981 -26.35 -20.55 19.50
N ILE A 982 -26.99 -21.35 18.63
CA ILE A 982 -27.90 -20.79 17.65
C ILE A 982 -29.09 -20.13 18.33
N LEU A 983 -29.64 -20.78 19.37
CA LEU A 983 -30.76 -20.19 20.11
C LEU A 983 -30.33 -18.91 20.83
N ARG A 984 -29.14 -18.92 21.41
CA ARG A 984 -28.65 -17.73 22.10
C ARG A 984 -28.47 -16.56 21.12
N VAL A 985 -27.97 -16.85 19.92
CA VAL A 985 -27.88 -15.81 18.90
C VAL A 985 -29.26 -15.32 18.50
N LEU A 986 -30.20 -16.26 18.33
CA LEU A 986 -31.54 -15.91 17.88
C LEU A 986 -32.31 -15.10 18.92
N ARG A 987 -31.94 -15.20 20.20
CA ARG A 987 -32.65 -14.42 21.22
C ARG A 987 -32.38 -12.93 21.12
N VAL A 988 -31.60 -12.48 20.13
CA VAL A 988 -31.36 -11.06 19.91
C VAL A 988 -32.57 -10.34 19.34
N LEU A 989 -33.63 -11.07 19.00
CA LEU A 989 -34.84 -10.50 18.42
C LEU A 989 -35.68 -9.73 19.43
N ARG A 990 -35.18 -9.51 20.65
CA ARG A 990 -35.98 -8.84 21.67
C ARG A 990 -36.41 -7.43 21.30
N PRO A 991 -35.53 -6.52 20.87
CA PRO A 991 -35.99 -5.16 20.57
C PRO A 991 -36.63 -5.00 19.20
N LEU A 992 -36.64 -6.05 18.37
CA LEU A 992 -37.29 -5.96 17.08
C LEU A 992 -38.80 -5.83 17.18
N ARG A 993 -39.39 -6.25 18.31
CA ARG A 993 -40.84 -6.15 18.51
C ARG A 993 -41.26 -4.84 19.16
N ALA A 994 -40.32 -3.92 19.40
CA ALA A 994 -40.69 -2.58 19.82
C ALA A 994 -41.14 -1.71 18.67
N ILE A 995 -40.96 -2.18 17.42
CA ILE A 995 -41.41 -1.42 16.26
C ILE A 995 -42.93 -1.30 16.26
N ASN A 996 -43.63 -2.39 16.55
CA ASN A 996 -45.09 -2.36 16.56
C ASN A 996 -45.66 -1.50 17.67
N ARG A 997 -44.89 -1.28 18.75
CA ARG A 997 -45.39 -0.52 19.89
C ARG A 997 -45.22 0.98 19.73
N ALA A 998 -44.57 1.43 18.66
CA ALA A 998 -44.37 2.86 18.40
C ALA A 998 -44.82 3.17 16.98
N LYS A 999 -45.67 4.20 16.84
CA LYS A 999 -46.15 4.57 15.51
C LYS A 999 -45.02 5.14 14.65
N GLY A 1000 -44.16 5.97 15.24
CA GLY A 1000 -43.07 6.55 14.46
C GLY A 1000 -42.06 5.53 13.99
N LEU A 1001 -41.70 4.59 14.85
CA LEU A 1001 -40.76 3.53 14.46
C LEU A 1001 -41.34 2.67 13.34
N LYS A 1002 -42.62 2.30 13.45
CA LYS A 1002 -43.25 1.53 12.40
C LYS A 1002 -43.31 2.31 11.10
N HIS A 1003 -43.63 3.61 11.18
CA HIS A 1003 -43.70 4.44 9.98
C HIS A 1003 -42.34 4.54 9.30
N VAL A 1004 -41.28 4.74 10.07
CA VAL A 1004 -39.95 4.87 9.46
C VAL A 1004 -39.49 3.52 8.92
N VAL A 1005 -39.85 2.41 9.56
CA VAL A 1005 -39.51 1.10 9.01
C VAL A 1005 -40.20 0.86 7.69
N GLN A 1006 -41.49 1.21 7.60
CA GLN A 1006 -42.21 1.05 6.34
C GLN A 1006 -41.64 1.97 5.27
N CYS A 1007 -41.23 3.18 5.65
CA CYS A 1007 -40.60 4.09 4.69
C CYS A 1007 -39.28 3.50 4.18
N VAL A 1008 -38.50 2.89 5.06
CA VAL A 1008 -37.25 2.25 4.64
C VAL A 1008 -37.54 1.11 3.68
N PHE A 1009 -38.55 0.30 3.98
CA PHE A 1009 -38.91 -0.79 3.09
C PHE A 1009 -39.36 -0.28 1.72
N VAL A 1010 -40.16 0.78 1.71
CA VAL A 1010 -40.62 1.36 0.44
C VAL A 1010 -39.44 1.88 -0.36
N ALA A 1011 -38.49 2.56 0.31
CA ALA A 1011 -37.30 3.04 -0.37
C ALA A 1011 -36.48 1.88 -0.93
N ILE A 1012 -36.42 0.77 -0.19
CA ILE A 1012 -35.71 -0.42 -0.69
C ILE A 1012 -36.38 -0.95 -1.95
N ARG A 1013 -37.71 -1.01 -1.94
CA ARG A 1013 -38.43 -1.62 -3.06
C ARG A 1013 -38.21 -0.85 -4.35
N THR A 1014 -38.27 0.49 -4.30
CA THR A 1014 -38.11 1.28 -5.52
C THR A 1014 -36.69 1.22 -6.05
N ILE A 1015 -35.72 0.92 -5.18
CA ILE A 1015 -34.31 0.99 -5.58
C ILE A 1015 -33.94 -0.16 -6.50
N GLY A 1016 -34.50 -1.34 -6.27
CA GLY A 1016 -34.03 -2.61 -6.81
C GLY A 1016 -33.59 -2.67 -8.26
N ASN A 1017 -34.13 -1.79 -9.11
CA ASN A 1017 -33.67 -1.77 -10.50
C ASN A 1017 -32.20 -1.38 -10.59
N ILE A 1018 -31.77 -0.43 -9.75
CA ILE A 1018 -30.36 -0.03 -9.74
C ILE A 1018 -29.50 -1.13 -9.14
N MET A 1019 -29.96 -1.78 -8.06
CA MET A 1019 -29.18 -2.86 -7.46
C MET A 1019 -28.94 -3.98 -8.46
N ILE A 1020 -29.95 -4.31 -9.27
CA ILE A 1020 -29.81 -5.41 -10.22
C ILE A 1020 -28.73 -5.10 -11.25
N VAL A 1021 -28.75 -3.87 -11.79
CA VAL A 1021 -27.74 -3.49 -12.78
C VAL A 1021 -26.35 -3.47 -12.17
N THR A 1022 -26.22 -2.91 -10.95
CA THR A 1022 -24.92 -2.86 -10.31
C THR A 1022 -24.39 -4.26 -10.03
N THR A 1023 -25.26 -5.16 -9.55
CA THR A 1023 -24.84 -6.53 -9.28
C THR A 1023 -24.44 -7.25 -10.56
N LEU A 1024 -25.18 -7.04 -11.64
CA LEU A 1024 -24.83 -7.68 -12.92
C LEU A 1024 -23.48 -7.18 -13.42
N LEU A 1025 -23.25 -5.87 -13.36
CA LEU A 1025 -21.97 -5.33 -13.81
C LEU A 1025 -20.83 -5.82 -12.93
N GLN A 1026 -21.04 -5.90 -11.62
CA GLN A 1026 -20.01 -6.40 -10.73
C GLN A 1026 -19.72 -7.87 -10.98
N PHE A 1027 -20.76 -8.65 -11.31
CA PHE A 1027 -20.54 -10.06 -11.66
C PHE A 1027 -19.75 -10.19 -12.95
N MET A 1028 -20.05 -9.36 -13.96
CA MET A 1028 -19.28 -9.40 -15.20
C MET A 1028 -17.83 -9.01 -14.97
N PHE A 1029 -17.60 -7.97 -14.15
CA PHE A 1029 -16.24 -7.58 -13.82
C PHE A 1029 -15.52 -8.67 -13.03
N ALA A 1030 -16.24 -9.38 -12.17
CA ALA A 1030 -15.65 -10.51 -11.45
C ALA A 1030 -15.25 -11.61 -12.41
N CYS A 1031 -16.09 -11.89 -13.42
CA CYS A 1031 -15.73 -12.90 -14.42
C CYS A 1031 -14.49 -12.48 -15.21
N ILE A 1032 -14.41 -11.21 -15.59
CA ILE A 1032 -13.23 -10.71 -16.30
C ILE A 1032 -11.99 -10.82 -15.43
N GLY A 1033 -12.11 -10.46 -14.15
CA GLY A 1033 -10.98 -10.59 -13.24
C GLY A 1033 -10.56 -12.03 -13.03
N VAL A 1034 -11.52 -12.95 -13.02
CA VAL A 1034 -11.20 -14.37 -12.95
C VAL A 1034 -10.40 -14.79 -14.18
N GLN A 1035 -10.85 -14.36 -15.37
CA GLN A 1035 -10.10 -14.68 -16.59
C GLN A 1035 -8.71 -14.08 -16.57
N LEU A 1036 -8.54 -12.92 -15.92
CA LEU A 1036 -7.26 -12.23 -15.95
C LEU A 1036 -6.28 -12.80 -14.93
N PHE A 1037 -6.64 -12.77 -13.64
CA PHE A 1037 -5.73 -13.08 -12.55
C PHE A 1037 -6.04 -14.41 -11.87
N LYS A 1038 -6.39 -15.43 -12.65
CA LYS A 1038 -6.73 -16.73 -12.10
C LYS A 1038 -5.47 -17.40 -11.58
N GLY A 1039 -5.31 -17.44 -10.26
CA GLY A 1039 -4.20 -18.13 -9.64
C GLY A 1039 -2.87 -17.43 -9.74
N LYS A 1040 -2.83 -16.19 -10.22
CA LYS A 1040 -1.58 -15.47 -10.43
C LYS A 1040 -1.14 -14.70 -9.20
N PHE A 1041 -1.90 -14.72 -8.11
CA PHE A 1041 -1.58 -13.93 -6.93
C PHE A 1041 -0.75 -14.69 -5.90
N TYR A 1042 -0.33 -15.91 -6.21
CA TYR A 1042 0.51 -16.67 -5.30
C TYR A 1042 1.89 -16.05 -5.17
N ARG A 1043 2.51 -16.25 -4.02
CA ARG A 1043 3.88 -15.79 -3.80
C ARG A 1043 4.49 -16.58 -2.64
N CYS A 1044 5.81 -16.60 -2.61
CA CYS A 1044 6.55 -17.33 -1.59
C CYS A 1044 6.87 -16.41 -0.41
N THR A 1045 7.21 -17.02 0.72
CA THR A 1045 7.46 -16.25 1.93
C THR A 1045 8.69 -15.36 1.78
N ASP A 1046 9.71 -15.85 1.07
CA ASP A 1046 10.88 -15.06 0.74
C ASP A 1046 10.84 -14.69 -0.74
N GLU A 1047 11.21 -13.45 -1.05
CA GLU A 1047 11.11 -12.95 -2.41
C GLU A 1047 12.31 -13.40 -3.24
N ALA A 1048 12.59 -14.70 -3.23
CA ALA A 1048 13.64 -15.28 -4.04
C ALA A 1048 13.23 -16.53 -4.79
N LYS A 1049 12.18 -17.23 -4.35
CA LYS A 1049 11.70 -18.43 -5.01
C LYS A 1049 10.44 -18.08 -5.79
N SER A 1050 10.44 -18.37 -7.09
CA SER A 1050 9.39 -17.93 -8.00
C SER A 1050 8.44 -19.03 -8.43
N ASN A 1051 8.49 -20.20 -7.78
CA ASN A 1051 7.55 -21.27 -8.09
C ASN A 1051 7.46 -22.19 -6.89
N PRO A 1052 6.34 -22.91 -6.72
CA PRO A 1052 6.18 -23.77 -5.54
C PRO A 1052 7.16 -24.92 -5.48
N GLU A 1053 7.79 -25.28 -6.61
CA GLU A 1053 8.72 -26.41 -6.61
C GLU A 1053 9.97 -26.13 -5.79
N GLU A 1054 10.37 -24.87 -5.69
CA GLU A 1054 11.53 -24.50 -4.89
C GLU A 1054 11.20 -23.64 -3.68
N CYS A 1055 9.91 -23.33 -3.46
CA CYS A 1055 9.49 -22.61 -2.25
C CYS A 1055 9.18 -23.63 -1.15
N ARG A 1056 10.21 -24.36 -0.75
CA ARG A 1056 10.09 -25.39 0.27
C ARG A 1056 11.30 -25.34 1.19
N GLY A 1057 11.11 -25.81 2.41
CA GLY A 1057 12.19 -25.87 3.37
C GLY A 1057 12.31 -24.61 4.21
N LEU A 1058 13.51 -24.41 4.72
CA LEU A 1058 13.83 -23.25 5.54
C LEU A 1058 14.63 -22.23 4.74
N PHE A 1059 14.61 -20.98 5.21
CA PHE A 1059 15.38 -19.92 4.60
C PHE A 1059 15.80 -18.93 5.67
N ILE A 1060 16.83 -18.16 5.36
CA ILE A 1060 17.37 -17.17 6.29
C ILE A 1060 16.71 -15.82 6.00
N LEU A 1061 16.07 -15.24 7.01
CA LEU A 1061 15.43 -13.95 6.91
C LEU A 1061 16.24 -12.91 7.66
N TYR A 1062 16.40 -11.74 7.06
CA TYR A 1062 17.16 -10.65 7.67
C TYR A 1062 16.17 -9.62 8.20
N LYS A 1063 16.14 -9.46 9.52
CA LYS A 1063 15.16 -8.59 10.15
C LYS A 1063 15.46 -7.13 9.83
N ASP A 1064 14.43 -6.42 9.37
CA ASP A 1064 14.51 -5.00 9.02
C ASP A 1064 15.55 -4.71 7.96
N GLY A 1065 15.93 -5.71 7.18
CA GLY A 1065 16.91 -5.55 6.12
C GLY A 1065 18.35 -5.51 6.57
N ASP A 1066 18.63 -5.70 7.86
CA ASP A 1066 20.00 -5.67 8.36
C ASP A 1066 20.67 -7.01 8.10
N VAL A 1067 21.89 -6.97 7.57
CA VAL A 1067 22.61 -8.20 7.25
C VAL A 1067 23.18 -8.86 8.49
N ASP A 1068 23.36 -8.13 9.58
CA ASP A 1068 23.97 -8.66 10.79
C ASP A 1068 22.96 -9.26 11.77
N SER A 1069 21.69 -9.29 11.41
CA SER A 1069 20.63 -9.85 12.26
C SER A 1069 19.81 -10.84 11.46
N PRO A 1070 20.34 -12.05 11.24
CA PRO A 1070 19.59 -13.07 10.51
C PRO A 1070 18.79 -13.97 11.44
N VAL A 1071 17.75 -14.57 10.87
CA VAL A 1071 16.87 -15.48 11.60
C VAL A 1071 16.31 -16.50 10.62
N VAL A 1072 16.18 -17.74 11.08
CA VAL A 1072 15.70 -18.82 10.24
C VAL A 1072 14.18 -18.82 10.24
N ARG A 1073 13.59 -18.88 9.04
CA ARG A 1073 12.14 -18.90 8.88
C ARG A 1073 11.77 -19.96 7.86
N GLU A 1074 10.53 -20.45 7.96
CA GLU A 1074 9.99 -21.37 6.99
C GLU A 1074 9.39 -20.61 5.81
N ARG A 1075 9.59 -21.12 4.60
CA ARG A 1075 9.01 -20.51 3.41
C ARG A 1075 7.81 -21.32 2.96
N ILE A 1076 6.69 -20.64 2.75
CA ILE A 1076 5.42 -21.26 2.40
C ILE A 1076 4.90 -20.60 1.13
N TRP A 1077 4.44 -21.42 0.19
CA TRP A 1077 3.81 -20.90 -1.02
C TRP A 1077 2.40 -20.41 -0.70
N GLN A 1078 2.29 -19.14 -0.33
CA GLN A 1078 1.03 -18.59 0.15
C GLN A 1078 0.22 -17.98 -0.99
N ASN A 1079 -1.05 -17.72 -0.70
CA ASN A 1079 -1.98 -17.10 -1.63
C ASN A 1079 -2.53 -15.83 -1.01
N SER A 1080 -2.90 -14.89 -1.87
CA SER A 1080 -3.48 -13.63 -1.41
C SER A 1080 -4.81 -13.87 -0.70
N ASP A 1081 -5.08 -13.06 0.32
CA ASP A 1081 -6.35 -13.17 1.04
C ASP A 1081 -7.53 -12.84 0.14
N PHE A 1082 -7.37 -11.84 -0.72
CA PHE A 1082 -8.42 -11.44 -1.68
C PHE A 1082 -7.87 -11.71 -3.08
N ASN A 1083 -8.20 -12.88 -3.61
CA ASN A 1083 -7.72 -13.32 -4.91
C ASN A 1083 -8.88 -13.42 -5.89
N PHE A 1084 -8.56 -13.88 -7.10
CA PHE A 1084 -9.54 -14.06 -8.18
C PHE A 1084 -9.57 -15.51 -8.64
N ASP A 1085 -9.41 -16.44 -7.69
CA ASP A 1085 -9.30 -17.85 -8.05
C ASP A 1085 -10.60 -18.37 -8.66
N ASN A 1086 -11.74 -18.03 -8.07
CA ASN A 1086 -13.04 -18.39 -8.61
C ASN A 1086 -13.93 -17.15 -8.63
N VAL A 1087 -15.18 -17.35 -9.05
CA VAL A 1087 -16.08 -16.21 -9.25
C VAL A 1087 -16.42 -15.55 -7.92
N LEU A 1088 -16.70 -16.35 -6.88
CA LEU A 1088 -17.07 -15.78 -5.59
C LEU A 1088 -15.93 -14.98 -4.99
N SER A 1089 -14.70 -15.50 -5.08
CA SER A 1089 -13.55 -14.76 -4.58
C SER A 1089 -13.36 -13.45 -5.34
N ALA A 1090 -13.57 -13.47 -6.65
CA ALA A 1090 -13.48 -12.25 -7.44
C ALA A 1090 -14.54 -11.24 -7.02
N MET A 1091 -15.76 -11.70 -6.77
CA MET A 1091 -16.82 -10.81 -6.32
C MET A 1091 -16.48 -10.18 -4.97
N MET A 1092 -15.95 -10.98 -4.05
CA MET A 1092 -15.57 -10.43 -2.75
C MET A 1092 -14.44 -9.42 -2.88
N ALA A 1093 -13.43 -9.73 -3.68
CA ALA A 1093 -12.31 -8.80 -3.87
C ALA A 1093 -12.78 -7.51 -4.52
N LEU A 1094 -13.66 -7.59 -5.51
CA LEU A 1094 -14.17 -6.40 -6.15
C LEU A 1094 -15.08 -5.60 -5.23
N PHE A 1095 -15.80 -6.26 -4.34
CA PHE A 1095 -16.58 -5.53 -3.33
C PHE A 1095 -15.66 -4.75 -2.40
N THR A 1096 -14.58 -5.41 -1.94
CA THR A 1096 -13.64 -4.71 -1.06
C THR A 1096 -12.98 -3.54 -1.79
N VAL A 1097 -12.73 -3.70 -3.10
CA VAL A 1097 -12.21 -2.59 -3.89
C VAL A 1097 -13.23 -1.46 -3.98
N SER A 1098 -14.50 -1.81 -4.22
CA SER A 1098 -15.55 -0.81 -4.37
C SER A 1098 -15.79 -0.06 -3.07
N THR A 1099 -15.47 -0.66 -1.93
CA THR A 1099 -15.52 0.06 -0.67
C THR A 1099 -14.31 0.95 -0.44
N PHE A 1100 -13.38 1.01 -1.40
CA PHE A 1100 -12.20 1.88 -1.32
C PHE A 1100 -11.32 1.53 -0.12
N GLU A 1101 -11.27 0.25 0.23
CA GLU A 1101 -10.46 -0.22 1.35
C GLU A 1101 -9.48 -1.26 0.85
N GLY A 1102 -8.18 -0.99 1.03
CA GLY A 1102 -7.16 -1.92 0.60
C GLY A 1102 -7.07 -2.12 -0.89
N TRP A 1103 -7.64 -1.22 -1.69
CA TRP A 1103 -7.62 -1.37 -3.14
C TRP A 1103 -6.25 -1.09 -3.75
N PRO A 1104 -5.43 -0.17 -3.22
CA PRO A 1104 -4.06 -0.06 -3.77
C PRO A 1104 -3.24 -1.33 -3.60
N ALA A 1105 -3.43 -2.05 -2.49
CA ALA A 1105 -2.70 -3.29 -2.30
C ALA A 1105 -3.08 -4.32 -3.36
N LEU A 1106 -4.37 -4.45 -3.65
CA LEU A 1106 -4.81 -5.35 -4.71
C LEU A 1106 -4.31 -4.88 -6.08
N LEU A 1107 -4.31 -3.56 -6.30
CA LEU A 1107 -3.84 -3.02 -7.56
C LEU A 1107 -2.37 -3.37 -7.80
N TYR A 1108 -1.53 -3.18 -6.79
CA TYR A 1108 -0.11 -3.47 -6.95
C TYR A 1108 0.19 -4.96 -6.85
N LYS A 1109 -0.73 -5.75 -6.31
CA LYS A 1109 -0.60 -7.20 -6.40
C LYS A 1109 -0.92 -7.70 -7.81
N ALA A 1110 -1.91 -7.10 -8.45
CA ALA A 1110 -2.27 -7.48 -9.82
C ALA A 1110 -1.29 -6.94 -10.84
N ILE A 1111 -0.64 -5.81 -10.54
CA ILE A 1111 0.38 -5.28 -11.45
C ILE A 1111 1.55 -6.25 -11.53
N ASP A 1112 1.92 -6.86 -10.41
CA ASP A 1112 3.02 -7.81 -10.37
C ASP A 1112 2.61 -9.22 -10.79
N SER A 1113 1.34 -9.45 -11.10
CA SER A 1113 0.88 -10.78 -11.48
C SER A 1113 1.55 -11.23 -12.76
N ASN A 1114 2.40 -12.25 -12.66
CA ASN A 1114 3.20 -12.70 -13.80
C ASN A 1114 2.54 -13.84 -14.56
N GLY A 1115 2.28 -14.96 -13.89
CA GLY A 1115 1.79 -16.14 -14.57
C GLY A 1115 0.91 -17.03 -13.72
N GLU A 1116 0.55 -18.20 -14.26
CA GLU A 1116 -0.44 -19.05 -13.60
C GLU A 1116 0.05 -19.57 -12.26
N ASN A 1117 1.30 -20.03 -12.18
CA ASN A 1117 1.82 -20.61 -10.96
C ASN A 1117 3.24 -20.15 -10.69
N ILE A 1118 3.51 -18.86 -10.87
CA ILE A 1118 4.83 -18.29 -10.61
C ILE A 1118 4.68 -17.03 -9.77
N GLY A 1119 5.79 -16.62 -9.17
CA GLY A 1119 5.80 -15.51 -8.25
C GLY A 1119 5.69 -14.17 -8.94
N PRO A 1120 5.53 -13.11 -8.15
CA PRO A 1120 5.36 -11.77 -8.72
C PRO A 1120 6.65 -11.21 -9.31
N ILE A 1121 6.48 -10.27 -10.24
CA ILE A 1121 7.58 -9.54 -10.84
C ILE A 1121 7.31 -8.04 -10.64
N TYR A 1122 8.31 -7.32 -10.16
CA TYR A 1122 8.14 -5.90 -9.84
C TYR A 1122 7.71 -5.12 -11.07
N ASN A 1123 6.51 -4.56 -11.01
CA ASN A 1123 5.96 -3.72 -12.09
C ASN A 1123 5.98 -4.43 -13.43
N HIS A 1124 5.49 -5.68 -13.42
CA HIS A 1124 5.47 -6.48 -14.65
C HIS A 1124 4.56 -5.84 -15.69
N ARG A 1125 3.27 -5.73 -15.40
CA ARG A 1125 2.29 -5.16 -16.33
C ARG A 1125 1.55 -4.03 -15.62
N VAL A 1126 2.10 -2.82 -15.71
CA VAL A 1126 1.43 -1.66 -15.14
C VAL A 1126 0.15 -1.35 -15.91
N GLU A 1127 0.09 -1.76 -17.19
CA GLU A 1127 -1.09 -1.49 -18.01
C GLU A 1127 -2.33 -2.25 -17.55
N ILE A 1128 -2.16 -3.26 -16.69
CA ILE A 1128 -3.33 -3.97 -16.15
C ILE A 1128 -4.10 -3.14 -15.14
N SER A 1129 -3.56 -2.00 -14.72
CA SER A 1129 -4.27 -1.10 -13.82
C SER A 1129 -5.51 -0.51 -14.48
N ILE A 1130 -5.62 -0.57 -15.80
CA ILE A 1130 -6.78 -0.04 -16.50
C ILE A 1130 -8.04 -0.77 -16.05
N PHE A 1131 -7.93 -2.08 -15.79
CA PHE A 1131 -9.07 -2.84 -15.30
C PHE A 1131 -9.61 -2.24 -14.01
N PHE A 1132 -8.73 -2.02 -13.03
CA PHE A 1132 -9.17 -1.48 -11.75
C PHE A 1132 -9.69 -0.06 -11.88
N ILE A 1133 -9.02 0.77 -12.69
CA ILE A 1133 -9.46 2.16 -12.85
C ILE A 1133 -10.85 2.19 -13.48
N ILE A 1134 -11.06 1.40 -14.53
CA ILE A 1134 -12.35 1.38 -15.20
C ILE A 1134 -13.43 0.84 -14.27
N TYR A 1135 -13.13 -0.22 -13.53
CA TYR A 1135 -14.13 -0.76 -12.60
C TYR A 1135 -14.51 0.26 -11.55
N ILE A 1136 -13.53 0.94 -10.96
CA ILE A 1136 -13.82 1.93 -9.93
C ILE A 1136 -14.66 3.05 -10.50
N ILE A 1137 -14.26 3.59 -11.66
CA ILE A 1137 -14.98 4.71 -12.27
C ILE A 1137 -16.41 4.30 -12.59
N ILE A 1138 -16.59 3.11 -13.16
CA ILE A 1138 -17.92 2.69 -13.58
C ILE A 1138 -18.82 2.43 -12.38
N VAL A 1139 -18.33 1.73 -11.36
CA VAL A 1139 -19.21 1.30 -10.28
C VAL A 1139 -19.25 2.36 -9.19
N ALA A 1140 -18.11 2.60 -8.52
CA ALA A 1140 -18.15 3.36 -7.28
C ALA A 1140 -18.40 4.84 -7.55
N PHE A 1141 -17.73 5.41 -8.55
CA PHE A 1141 -17.90 6.83 -8.83
C PHE A 1141 -19.23 7.09 -9.52
N PHE A 1142 -19.63 6.24 -10.47
CA PHE A 1142 -20.78 6.50 -11.32
C PHE A 1142 -22.06 5.86 -10.80
N MET A 1143 -22.10 4.54 -10.69
CA MET A 1143 -23.35 3.86 -10.38
C MET A 1143 -23.70 3.87 -8.91
N MET A 1144 -22.77 4.27 -8.04
CA MET A 1144 -23.11 4.50 -6.64
C MET A 1144 -23.58 5.91 -6.38
N ASN A 1145 -23.17 6.87 -7.21
CA ASN A 1145 -23.73 8.22 -7.12
C ASN A 1145 -25.10 8.30 -7.77
N ILE A 1146 -25.37 7.46 -8.77
CA ILE A 1146 -26.74 7.35 -9.30
C ILE A 1146 -27.66 6.81 -8.22
N PHE A 1147 -27.15 5.92 -7.37
CA PHE A 1147 -27.93 5.39 -6.25
C PHE A 1147 -28.42 6.51 -5.35
N VAL A 1148 -27.50 7.35 -4.88
CA VAL A 1148 -27.86 8.44 -3.98
C VAL A 1148 -28.69 9.49 -4.69
N GLY A 1149 -28.35 9.79 -5.95
CA GLY A 1149 -29.13 10.76 -6.69
C GLY A 1149 -30.57 10.34 -6.89
N PHE A 1150 -30.79 9.04 -7.14
CA PHE A 1150 -32.15 8.56 -7.37
C PHE A 1150 -32.90 8.49 -6.05
N VAL A 1151 -32.21 8.18 -4.94
CA VAL A 1151 -32.85 8.28 -3.64
C VAL A 1151 -33.30 9.72 -3.37
N ILE A 1152 -32.44 10.69 -3.68
CA ILE A 1152 -32.78 12.09 -3.48
C ILE A 1152 -33.97 12.49 -4.35
N VAL A 1153 -33.96 12.04 -5.61
CA VAL A 1153 -35.07 12.37 -6.52
C VAL A 1153 -36.37 11.77 -6.01
N THR A 1154 -36.34 10.52 -5.54
CA THR A 1154 -37.54 9.89 -5.01
C THR A 1154 -38.05 10.62 -3.77
N PHE A 1155 -37.14 11.05 -2.88
CA PHE A 1155 -37.56 11.79 -1.70
C PHE A 1155 -38.17 13.14 -2.09
N GLN A 1156 -37.58 13.80 -3.10
CA GLN A 1156 -38.14 15.06 -3.57
C GLN A 1156 -39.53 14.87 -4.16
N GLU A 1157 -39.73 13.80 -4.93
CA GLU A 1157 -41.05 13.50 -5.46
C GLU A 1157 -42.05 13.21 -4.35
N GLN A 1158 -41.62 12.48 -3.32
CA GLN A 1158 -42.48 12.23 -2.17
C GLN A 1158 -42.84 13.53 -1.47
N GLY A 1159 -41.92 14.49 -1.46
CA GLY A 1159 -42.19 15.79 -0.86
C GLY A 1159 -43.16 16.65 -1.65
N GLU A 1160 -43.57 16.20 -2.83
CA GLU A 1160 -44.54 16.91 -3.67
C GLU A 1160 -45.76 16.04 -3.92
N LYS A 1161 -46.22 15.33 -2.89
CA LYS A 1161 -47.38 14.46 -3.01
C LYS A 1161 -48.69 15.13 -2.62
N GLU A 1162 -48.65 16.42 -2.29
CA GLU A 1162 -49.85 17.17 -1.94
C GLU A 1162 -49.93 18.43 -2.80
N TYR A 1163 -51.15 18.80 -3.16
CA TYR A 1163 -51.42 19.96 -4.01
C TYR A 1163 -52.29 20.94 -3.23
N LYS A 1164 -51.65 21.83 -2.49
CA LYS A 1164 -52.35 22.87 -1.73
C LYS A 1164 -52.30 24.22 -2.44
N ASN A 1165 -51.82 24.27 -3.67
CA ASN A 1165 -51.68 25.53 -4.41
C ASN A 1165 -52.91 25.74 -5.30
N CYS A 1166 -54.01 26.11 -4.65
CA CYS A 1166 -55.23 26.41 -5.39
C CYS A 1166 -55.05 27.66 -6.26
N GLU A 1167 -54.51 28.72 -5.68
CA GLU A 1167 -54.17 29.93 -6.42
C GLU A 1167 -52.73 30.38 -6.20
N LEU A 1168 -52.20 30.23 -4.98
CA LEU A 1168 -50.85 30.65 -4.67
C LEU A 1168 -49.86 29.58 -5.10
N ASP A 1169 -48.60 29.71 -4.66
CA ASP A 1169 -47.56 28.75 -4.99
C ASP A 1169 -46.73 28.50 -3.74
N LYS A 1170 -45.60 27.81 -3.92
CA LYS A 1170 -44.75 27.46 -2.78
C LYS A 1170 -44.12 28.70 -2.15
N ASN A 1171 -43.75 29.69 -2.97
CA ASN A 1171 -43.10 30.89 -2.44
C ASN A 1171 -44.00 31.63 -1.47
N GLN A 1172 -45.32 31.54 -1.63
CA GLN A 1172 -46.26 32.17 -0.73
C GLN A 1172 -46.59 31.32 0.48
N ARG A 1173 -46.09 30.09 0.55
CA ARG A 1173 -46.34 29.20 1.68
C ARG A 1173 -45.25 29.25 2.74
N GLN A 1174 -44.26 30.14 2.58
CA GLN A 1174 -43.18 30.25 3.54
C GLN A 1174 -43.03 31.66 4.13
N CYS A 1175 -43.71 32.65 3.57
CA CYS A 1175 -43.66 34.02 4.08
C CYS A 1175 -45.01 34.51 4.57
N VAL A 1176 -46.10 34.22 3.85
CA VAL A 1176 -47.43 34.59 4.32
C VAL A 1176 -47.76 33.84 5.61
N GLU A 1177 -47.33 32.57 5.71
CA GLU A 1177 -47.53 31.82 6.94
C GLU A 1177 -46.79 32.46 8.10
N TYR A 1178 -45.55 32.90 7.88
CA TYR A 1178 -44.79 33.56 8.93
C TYR A 1178 -45.44 34.87 9.34
N ALA A 1179 -45.97 35.62 8.36
CA ALA A 1179 -46.65 36.88 8.68
C ALA A 1179 -47.91 36.62 9.49
N LEU A 1180 -48.66 35.57 9.14
CA LEU A 1180 -49.91 35.28 9.84
C LEU A 1180 -49.64 34.78 11.26
N LYS A 1181 -48.67 33.89 11.43
CA LYS A 1181 -48.32 33.35 12.74
C LYS A 1181 -46.93 33.84 13.12
N ALA A 1182 -46.86 34.79 14.04
CA ALA A 1182 -45.60 35.38 14.44
C ALA A 1182 -45.72 35.87 15.88
N ARG A 1183 -44.69 36.58 16.36
CA ARG A 1183 -44.63 37.10 17.71
C ARG A 1183 -43.63 38.24 17.80
N PRO A 1184 -44.00 39.39 18.36
CA PRO A 1184 -43.05 40.50 18.46
C PRO A 1184 -41.89 40.15 19.39
N LEU A 1185 -40.73 40.73 19.09
CA LEU A 1185 -39.52 40.51 19.87
C LEU A 1185 -39.42 41.52 21.02
N ARG A 1186 -38.50 41.24 21.94
CA ARG A 1186 -38.29 42.06 23.12
C ARG A 1186 -36.91 42.69 23.07
N ARG A 1187 -36.83 43.99 23.32
CA ARG A 1187 -35.56 44.70 23.35
C ARG A 1187 -35.15 45.16 24.74
N TYR A 1188 -36.12 45.41 25.62
CA TYR A 1188 -35.87 45.77 27.02
C TYR A 1188 -34.98 47.01 27.14
N ILE A 1189 -35.51 48.12 26.66
CA ILE A 1189 -34.87 49.43 26.86
C ILE A 1189 -35.06 49.83 28.31
N PRO A 1190 -33.99 50.05 29.07
CA PRO A 1190 -34.12 50.25 30.51
C PRO A 1190 -34.47 51.70 30.86
N LYS A 1191 -34.53 51.96 32.17
CA LYS A 1191 -34.82 53.28 32.71
C LYS A 1191 -33.72 53.70 33.67
N ASN A 1192 -33.95 54.75 34.46
CA ASN A 1192 -32.98 55.23 35.44
C ASN A 1192 -31.70 55.63 34.72
N PRO A 1193 -31.68 56.79 34.03
CA PRO A 1193 -30.55 57.16 33.16
C PRO A 1193 -29.16 56.88 33.71
N TYR A 1194 -29.00 56.87 35.04
CA TYR A 1194 -27.73 56.44 35.63
C TYR A 1194 -27.39 55.02 35.19
N GLN A 1195 -28.40 54.19 34.93
CA GLN A 1195 -28.20 52.87 34.36
C GLN A 1195 -28.32 52.88 32.84
N TYR A 1196 -29.11 53.80 32.28
CA TYR A 1196 -29.32 53.83 30.83
C TYR A 1196 -28.05 54.21 30.09
N LYS A 1197 -27.28 55.17 30.61
CA LYS A 1197 -26.02 55.53 29.96
C LYS A 1197 -25.03 54.37 30.02
N PHE A 1198 -24.98 53.67 31.15
CA PHE A 1198 -24.11 52.50 31.26
C PHE A 1198 -24.53 51.42 30.27
N TRP A 1199 -25.84 51.21 30.11
CA TRP A 1199 -26.32 50.24 29.14
C TRP A 1199 -25.96 50.64 27.71
N TYR A 1200 -26.06 51.93 27.40
CA TYR A 1200 -25.69 52.39 26.06
C TYR A 1200 -24.21 52.19 25.81
N VAL A 1201 -23.38 52.40 26.85
CA VAL A 1201 -21.96 52.08 26.73
C VAL A 1201 -21.76 50.59 26.47
N VAL A 1202 -22.51 49.76 27.21
CA VAL A 1202 -22.42 48.31 27.00
C VAL A 1202 -22.98 47.93 25.63
N ASN A 1203 -24.17 48.44 25.29
CA ASN A 1203 -24.85 48.08 24.06
C ASN A 1203 -24.41 49.05 22.96
N SER A 1204 -23.27 48.73 22.34
CA SER A 1204 -22.75 49.54 21.25
C SER A 1204 -21.86 48.66 20.37
N SER A 1205 -21.81 49.01 19.08
CA SER A 1205 -20.97 48.27 18.15
C SER A 1205 -19.48 48.30 18.50
N PRO A 1206 -18.87 49.45 18.88
CA PRO A 1206 -17.44 49.40 19.20
C PRO A 1206 -17.11 48.48 20.37
N PHE A 1207 -18.00 48.39 21.36
CA PHE A 1207 -17.78 47.46 22.46
C PHE A 1207 -17.78 46.01 21.97
N GLU A 1208 -18.72 45.68 21.09
CA GLU A 1208 -18.76 44.33 20.54
C GLU A 1208 -17.52 44.03 19.73
N TYR A 1209 -17.05 45.00 18.93
CA TYR A 1209 -15.83 44.81 18.17
C TYR A 1209 -14.63 44.61 19.10
N MET A 1210 -14.59 45.35 20.20
CA MET A 1210 -13.49 45.19 21.14
C MET A 1210 -13.51 43.82 21.81
N MET A 1211 -14.70 43.33 22.17
CA MET A 1211 -14.79 41.97 22.72
C MET A 1211 -14.38 40.93 21.69
N PHE A 1212 -14.77 41.12 20.43
CA PHE A 1212 -14.34 40.23 19.37
C PHE A 1212 -12.82 40.19 19.26
N VAL A 1213 -12.18 41.36 19.27
CA VAL A 1213 -10.73 41.42 19.17
C VAL A 1213 -10.09 40.77 20.39
N LEU A 1214 -10.64 41.01 21.58
CA LEU A 1214 -10.08 40.42 22.80
C LEU A 1214 -10.16 38.90 22.77
N ILE A 1215 -11.29 38.35 22.33
CA ILE A 1215 -11.41 36.90 22.26
C ILE A 1215 -10.49 36.32 21.19
N MET A 1216 -10.34 37.03 20.06
CA MET A 1216 -9.42 36.56 19.03
C MET A 1216 -7.99 36.54 19.56
N LEU A 1217 -7.59 37.57 20.30
CA LEU A 1217 -6.27 37.59 20.92
C LEU A 1217 -6.12 36.48 21.95
N ASN A 1218 -7.17 36.23 22.74
CA ASN A 1218 -7.12 35.17 23.74
C ASN A 1218 -6.89 33.81 23.10
N THR A 1219 -7.61 33.53 22.00
CA THR A 1219 -7.43 32.25 21.33
C THR A 1219 -6.08 32.18 20.63
N LEU A 1220 -5.62 33.29 20.04
CA LEU A 1220 -4.30 33.32 19.43
C LEU A 1220 -3.22 33.01 20.45
N CYS A 1221 -3.39 33.49 21.68
CA CYS A 1221 -2.45 33.14 22.74
C CYS A 1221 -2.64 31.72 23.23
N LEU A 1222 -3.87 31.20 23.18
CA LEU A 1222 -4.13 29.82 23.57
C LEU A 1222 -3.46 28.84 22.62
N ALA A 1223 -3.36 29.20 21.34
CA ALA A 1223 -2.83 28.29 20.33
C ALA A 1223 -1.30 28.25 20.29
N MET A 1224 -0.62 29.12 21.05
CA MET A 1224 0.84 29.19 20.99
C MET A 1224 1.53 28.20 21.92
N GLN A 1225 0.80 27.47 22.76
CA GLN A 1225 1.44 26.52 23.65
C GLN A 1225 2.00 25.35 22.84
N HIS A 1226 3.28 25.05 23.08
CA HIS A 1226 3.94 23.97 22.37
C HIS A 1226 4.63 23.02 23.34
N TYR A 1227 5.42 22.09 22.81
CA TYR A 1227 6.06 21.07 23.63
C TYR A 1227 7.41 21.57 24.15
N GLU A 1228 7.63 21.39 25.46
CA GLU A 1228 8.89 21.75 26.10
C GLU A 1228 9.24 23.22 25.86
N GLN A 1229 8.30 24.09 26.18
CA GLN A 1229 8.51 25.52 26.02
C GLN A 1229 9.42 26.05 27.11
N SER A 1230 9.95 27.26 26.89
CA SER A 1230 10.82 27.89 27.86
C SER A 1230 10.02 28.33 29.09
N LYS A 1231 10.74 28.49 30.20
CA LYS A 1231 10.09 28.91 31.44
C LYS A 1231 9.48 30.30 31.30
N MET A 1232 10.19 31.21 30.63
CA MET A 1232 9.67 32.56 30.44
C MET A 1232 8.41 32.55 29.59
N PHE A 1233 8.37 31.71 28.56
CA PHE A 1233 7.17 31.60 27.74
C PHE A 1233 5.98 31.11 28.55
N ASN A 1234 6.19 30.07 29.37
CA ASN A 1234 5.11 29.54 30.18
C ASN A 1234 4.62 30.58 31.19
N ASP A 1235 5.55 31.29 31.84
CA ASP A 1235 5.14 32.30 32.81
C ASP A 1235 4.39 33.44 32.15
N ALA A 1236 4.86 33.89 30.98
CA ALA A 1236 4.17 34.96 30.27
C ALA A 1236 2.77 34.52 29.82
N MET A 1237 2.65 33.28 29.35
CA MET A 1237 1.34 32.79 28.95
C MET A 1237 0.39 32.68 30.14
N ASP A 1238 0.92 32.23 31.29
CA ASP A 1238 0.08 32.19 32.49
C ASP A 1238 -0.37 33.59 32.89
N ILE A 1239 0.54 34.57 32.84
CA ILE A 1239 0.19 35.93 33.21
C ILE A 1239 -0.87 36.50 32.26
N LEU A 1240 -0.72 36.25 30.96
CA LEU A 1240 -1.73 36.70 30.01
C LEU A 1240 -3.05 35.99 30.23
N ASN A 1241 -3.02 34.73 30.66
CA ASN A 1241 -4.24 34.02 31.02
C ASN A 1241 -4.94 34.70 32.19
N MET A 1242 -4.18 35.09 33.22
CA MET A 1242 -4.78 35.84 34.33
C MET A 1242 -5.35 37.17 33.86
N VAL A 1243 -4.65 37.84 32.94
CA VAL A 1243 -5.13 39.13 32.43
C VAL A 1243 -6.47 38.96 31.72
N PHE A 1244 -6.56 37.96 30.85
CA PHE A 1244 -7.81 37.73 30.12
C PHE A 1244 -8.92 37.28 31.06
N THR A 1245 -8.59 36.45 32.06
CA THR A 1245 -9.58 36.05 33.05
C THR A 1245 -10.12 37.27 33.81
N GLY A 1246 -9.23 38.17 34.21
CA GLY A 1246 -9.68 39.39 34.87
C GLY A 1246 -10.54 40.25 33.98
N VAL A 1247 -10.17 40.37 32.70
CA VAL A 1247 -10.97 41.16 31.77
C VAL A 1247 -12.37 40.57 31.66
N PHE A 1248 -12.48 39.25 31.51
CA PHE A 1248 -13.80 38.63 31.35
C PHE A 1248 -14.62 38.70 32.64
N THR A 1249 -13.99 38.52 33.80
CA THR A 1249 -14.74 38.62 35.04
C THR A 1249 -15.15 40.05 35.35
N VAL A 1250 -14.41 41.04 34.85
CA VAL A 1250 -14.86 42.43 34.94
C VAL A 1250 -16.04 42.66 34.00
N GLU A 1251 -15.95 42.12 32.77
CA GLU A 1251 -16.99 42.40 31.78
C GLU A 1251 -18.32 41.75 32.14
N MET A 1252 -18.30 40.59 32.81
CA MET A 1252 -19.57 40.01 33.24
C MET A 1252 -20.31 40.94 34.18
N VAL A 1253 -19.61 41.45 35.21
CA VAL A 1253 -20.25 42.33 36.18
C VAL A 1253 -20.64 43.64 35.52
N LEU A 1254 -19.82 44.13 34.58
CA LEU A 1254 -20.16 45.35 33.87
C LEU A 1254 -21.44 45.19 33.05
N LYS A 1255 -21.60 44.02 32.42
CA LYS A 1255 -22.84 43.75 31.68
C LYS A 1255 -24.03 43.56 32.61
N VAL A 1256 -23.81 42.90 33.75
CA VAL A 1256 -24.90 42.64 34.69
C VAL A 1256 -25.42 43.95 35.28
N ILE A 1257 -24.52 44.87 35.62
CA ILE A 1257 -24.93 46.12 36.25
C ILE A 1257 -25.84 46.91 35.31
N ALA A 1258 -25.49 46.98 34.04
CA ALA A 1258 -26.27 47.72 33.05
C ALA A 1258 -27.37 46.87 32.39
N PHE A 1259 -27.49 45.59 32.76
CA PHE A 1259 -28.45 44.71 32.12
C PHE A 1259 -29.37 44.01 33.12
N LYS A 1260 -29.07 44.04 34.42
CA LYS A 1260 -29.83 43.41 35.50
C LYS A 1260 -29.76 41.89 35.43
N PRO A 1261 -29.56 41.22 36.57
CA PRO A 1261 -29.45 39.75 36.54
C PRO A 1261 -30.70 39.04 36.04
N LYS A 1262 -31.89 39.62 36.27
CA LYS A 1262 -33.12 38.95 35.87
C LYS A 1262 -33.18 38.74 34.37
N GLY A 1263 -32.81 39.76 33.60
CA GLY A 1263 -32.81 39.66 32.15
C GLY A 1263 -31.58 39.01 31.56
N TYR A 1264 -30.61 38.62 32.39
CA TYR A 1264 -29.39 38.01 31.88
C TYR A 1264 -29.66 36.67 31.20
N PHE A 1265 -30.56 35.87 31.77
CA PHE A 1265 -30.90 34.57 31.21
C PHE A 1265 -31.89 34.63 30.06
N SER A 1266 -32.43 35.82 29.77
CA SER A 1266 -33.40 35.94 28.68
C SER A 1266 -32.76 35.63 27.34
N ASP A 1267 -31.52 36.06 27.13
CA ASP A 1267 -30.81 35.82 25.88
C ASP A 1267 -29.98 34.55 26.00
N ALA A 1268 -30.09 33.69 24.99
CA ALA A 1268 -29.37 32.41 25.02
C ALA A 1268 -27.86 32.62 25.02
N TRP A 1269 -27.37 33.54 24.19
CA TRP A 1269 -25.93 33.77 24.11
C TRP A 1269 -25.40 34.49 25.35
N ASN A 1270 -26.23 35.31 26.00
CA ASN A 1270 -25.79 36.01 27.20
C ASN A 1270 -25.48 35.04 28.33
N THR A 1271 -26.30 33.99 28.48
CA THR A 1271 -26.06 33.01 29.53
C THR A 1271 -24.80 32.20 29.27
N PHE A 1272 -24.36 32.11 28.01
CA PHE A 1272 -23.17 31.33 27.70
C PHE A 1272 -21.94 31.92 28.38
N ASP A 1273 -21.76 33.23 28.31
CA ASP A 1273 -20.66 33.88 29.02
C ASP A 1273 -20.86 33.81 30.53
N SER A 1274 -22.10 33.64 30.99
CA SER A 1274 -22.36 33.65 32.43
C SER A 1274 -21.70 32.48 33.14
N LEU A 1275 -21.73 31.30 32.52
CA LEU A 1275 -21.29 30.08 33.18
C LEU A 1275 -19.81 29.75 32.94
N ILE A 1276 -19.08 30.61 32.22
CA ILE A 1276 -17.70 30.29 31.85
C ILE A 1276 -16.71 30.98 32.78
N VAL A 1277 -17.03 32.21 33.20
CA VAL A 1277 -16.04 33.03 33.90
C VAL A 1277 -15.71 32.46 35.27
N ILE A 1278 -16.72 31.94 35.98
CA ILE A 1278 -16.46 31.31 37.27
C ILE A 1278 -15.51 30.13 37.11
N GLY A 1279 -15.65 29.39 36.00
CA GLY A 1279 -14.66 28.39 35.68
C GLY A 1279 -13.27 28.97 35.48
N SER A 1280 -13.20 30.15 34.88
CA SER A 1280 -11.92 30.83 34.71
C SER A 1280 -11.33 31.25 36.05
N ILE A 1281 -12.17 31.75 36.96
CA ILE A 1281 -11.67 32.20 38.27
C ILE A 1281 -11.42 31.04 39.22
N ILE A 1282 -11.80 29.83 38.85
CA ILE A 1282 -11.51 28.65 39.68
C ILE A 1282 -10.16 28.05 39.34
N ASP A 1283 -9.88 27.86 38.06
CA ASP A 1283 -8.61 27.28 37.64
C ASP A 1283 -7.43 28.20 37.92
N VAL A 1284 -7.66 29.50 38.05
CA VAL A 1284 -6.57 30.40 38.41
C VAL A 1284 -6.12 30.15 39.84
N ALA A 1285 -6.99 29.56 40.67
CA ALA A 1285 -6.64 29.19 42.03
C ALA A 1285 -6.08 27.78 42.10
N LEU A 1286 -6.69 26.84 41.38
CA LEU A 1286 -6.23 25.45 41.38
C LEU A 1286 -4.92 25.26 40.61
N SER A 1287 -4.48 26.26 39.85
CA SER A 1287 -3.25 26.12 39.08
C SER A 1287 -2.03 25.96 39.99
N GLU A 1288 -1.98 26.72 41.08
CA GLU A 1288 -0.87 26.65 42.01
C GLU A 1288 -1.34 26.56 43.45
N SER A 1314 -10.31 17.06 36.83
CA SER A 1314 -10.72 18.12 37.74
C SER A 1314 -10.17 19.48 37.29
N ILE A 1315 -8.85 19.58 37.23
CA ILE A 1315 -8.22 20.84 36.84
C ILE A 1315 -8.49 21.15 35.38
N THR A 1316 -8.46 20.12 34.52
CA THR A 1316 -8.58 20.33 33.09
C THR A 1316 -10.02 20.54 32.62
N PHE A 1317 -11.01 20.37 33.50
CA PHE A 1317 -12.40 20.54 33.10
C PHE A 1317 -12.66 21.97 32.61
N PHE A 1318 -12.51 22.94 33.50
CA PHE A 1318 -12.75 24.33 33.12
C PHE A 1318 -11.62 24.88 32.25
N ARG A 1319 -10.44 24.25 32.28
CA ARG A 1319 -9.40 24.58 31.32
C ARG A 1319 -9.86 24.28 29.90
N LEU A 1320 -10.53 23.15 29.70
CA LEU A 1320 -11.05 22.81 28.39
C LEU A 1320 -12.28 23.63 28.05
N PHE A 1321 -13.16 23.85 29.03
CA PHE A 1321 -14.45 24.47 28.75
C PHE A 1321 -14.37 25.96 28.44
N ARG A 1322 -13.21 26.59 28.64
CA ARG A 1322 -13.10 28.02 28.37
C ARG A 1322 -12.87 28.32 26.89
N VAL A 1323 -12.62 27.30 26.06
CA VAL A 1323 -12.40 27.53 24.63
C VAL A 1323 -13.70 27.81 23.89
N MET A 1324 -14.85 27.48 24.49
CA MET A 1324 -16.14 27.61 23.83
C MET A 1324 -16.49 29.06 23.48
N ARG A 1325 -15.80 30.03 24.09
CA ARG A 1325 -16.09 31.43 23.82
C ARG A 1325 -15.87 31.79 22.35
N LEU A 1326 -14.89 31.15 21.71
CA LEU A 1326 -14.67 31.39 20.28
C LEU A 1326 -15.92 31.13 19.46
N VAL A 1327 -16.44 29.91 19.50
CA VAL A 1327 -17.63 29.63 18.71
C VAL A 1327 -18.81 30.46 19.21
N LYS A 1328 -18.89 30.67 20.53
CA LYS A 1328 -20.01 31.41 21.10
C LYS A 1328 -20.12 32.82 20.50
N LEU A 1329 -19.02 33.55 20.46
CA LEU A 1329 -19.03 34.93 19.98
C LEU A 1329 -18.65 35.05 18.51
N LEU A 1330 -18.33 33.94 17.84
CA LEU A 1330 -18.01 33.98 16.42
C LEU A 1330 -19.09 33.34 15.55
N SER A 1331 -20.09 32.70 16.15
CA SER A 1331 -21.23 32.21 15.38
C SER A 1331 -22.27 33.29 15.14
N ARG A 1332 -22.04 34.51 15.61
CA ARG A 1332 -23.00 35.61 15.48
C ARG A 1332 -22.96 36.17 14.04
N GLY A 1333 -23.23 35.29 13.09
CA GLY A 1333 -23.38 35.65 11.71
C GLY A 1333 -24.83 35.60 11.25
N GLU A 1334 -25.00 35.44 9.95
CA GLU A 1334 -26.35 35.33 9.38
C GLU A 1334 -26.47 34.24 8.33
N GLY A 1335 -25.41 33.50 8.02
CA GLY A 1335 -25.49 32.40 7.08
C GLY A 1335 -25.04 31.09 7.68
N ILE A 1336 -24.18 31.16 8.70
CA ILE A 1336 -23.70 29.95 9.37
C ILE A 1336 -24.56 29.61 10.57
N ARG A 1337 -24.95 30.62 11.37
CA ARG A 1337 -25.81 30.35 12.52
C ARG A 1337 -27.17 29.82 12.09
N THR A 1338 -27.75 30.42 11.05
CA THR A 1338 -29.04 29.93 10.58
C THR A 1338 -28.92 28.53 9.99
N LEU A 1339 -27.83 28.24 9.30
CA LEU A 1339 -27.61 26.90 8.76
C LEU A 1339 -27.52 25.87 9.87
N LEU A 1340 -26.71 26.16 10.89
CA LEU A 1340 -26.58 25.25 12.02
C LEU A 1340 -27.91 25.05 12.73
N TRP A 1341 -28.64 26.16 12.97
CA TRP A 1341 -29.90 26.06 13.69
C TRP A 1341 -30.94 25.25 12.91
N THR A 1342 -31.05 25.50 11.60
CA THR A 1342 -32.05 24.77 10.82
C THR A 1342 -31.68 23.30 10.67
N PHE A 1343 -30.38 22.97 10.59
CA PHE A 1343 -30.02 21.57 10.50
C PHE A 1343 -30.21 20.85 11.82
N ILE A 1344 -29.95 21.53 12.94
CA ILE A 1344 -30.24 20.93 14.25
C ILE A 1344 -31.75 20.74 14.42
N LYS A 1345 -32.55 21.70 13.96
CA LYS A 1345 -34.00 21.56 14.02
C LYS A 1345 -34.47 20.38 13.18
N SER A 1346 -33.88 20.20 11.99
CA SER A 1346 -34.22 19.05 11.16
C SER A 1346 -33.83 17.75 11.84
N PHE A 1347 -32.66 17.72 12.48
CA PHE A 1347 -32.22 16.51 13.19
C PHE A 1347 -33.18 16.18 14.33
N GLN A 1348 -33.63 17.21 15.06
CA GLN A 1348 -34.59 16.97 16.13
C GLN A 1348 -35.95 16.55 15.58
N ALA A 1349 -36.31 17.03 14.39
CA ALA A 1349 -37.59 16.68 13.79
C ALA A 1349 -37.65 15.24 13.32
N LEU A 1350 -36.49 14.60 13.12
CA LEU A 1350 -36.42 13.22 12.68
C LEU A 1350 -35.52 12.43 13.63
N PRO A 1351 -36.02 12.12 14.83
CA PRO A 1351 -35.24 11.33 15.80
C PRO A 1351 -35.44 9.83 15.70
N TYR A 1352 -36.10 9.33 14.66
CA TYR A 1352 -36.40 7.90 14.55
C TYR A 1352 -35.49 7.17 13.58
N VAL A 1353 -34.97 7.85 12.55
CA VAL A 1353 -33.95 7.23 11.71
C VAL A 1353 -32.68 6.98 12.53
N ALA A 1354 -32.34 7.91 13.41
CA ALA A 1354 -31.22 7.69 14.32
C ALA A 1354 -31.51 6.52 15.25
N LEU A 1355 -32.76 6.35 15.66
CA LEU A 1355 -33.14 5.19 16.46
C LEU A 1355 -32.97 3.90 15.68
N LEU A 1356 -33.32 3.92 14.39
CA LEU A 1356 -33.09 2.76 13.54
C LEU A 1356 -31.61 2.41 13.45
N ILE A 1357 -30.77 3.43 13.26
CA ILE A 1357 -29.33 3.19 13.19
C ILE A 1357 -28.81 2.63 14.51
N ALA A 1358 -29.28 3.18 15.63
CA ALA A 1358 -28.87 2.69 16.93
C ALA A 1358 -29.31 1.25 17.15
N MET A 1359 -30.52 0.91 16.71
CA MET A 1359 -31.00 -0.46 16.83
C MET A 1359 -30.16 -1.41 16.00
N LEU A 1360 -29.80 -1.00 14.77
CA LEU A 1360 -28.93 -1.84 13.95
C LEU A 1360 -27.57 -2.03 14.62
N PHE A 1361 -26.99 -0.96 15.15
CA PHE A 1361 -25.71 -1.07 15.85
C PHE A 1361 -25.82 -1.99 17.05
N PHE A 1362 -26.89 -1.87 17.83
CA PHE A 1362 -27.08 -2.71 19.00
C PHE A 1362 -27.19 -4.18 18.62
N ILE A 1363 -28.02 -4.48 17.62
CA ILE A 1363 -28.23 -5.86 17.20
C ILE A 1363 -26.91 -6.47 16.70
N TYR A 1364 -26.21 -5.74 15.84
CA TYR A 1364 -24.99 -6.29 15.28
C TYR A 1364 -23.89 -6.39 16.33
N ALA A 1365 -23.85 -5.47 17.30
CA ALA A 1365 -22.88 -5.57 18.38
C ALA A 1365 -23.14 -6.78 19.26
N VAL A 1366 -24.42 -7.06 19.56
CA VAL A 1366 -24.73 -8.24 20.35
C VAL A 1366 -24.37 -9.52 19.59
N ILE A 1367 -24.68 -9.55 18.29
CA ILE A 1367 -24.34 -10.72 17.48
C ILE A 1367 -22.83 -10.91 17.44
N GLY A 1368 -22.08 -9.82 17.27
CA GLY A 1368 -20.63 -9.92 17.26
C GLY A 1368 -20.06 -10.37 18.59
N MET A 1369 -20.64 -9.89 19.69
CA MET A 1369 -20.21 -10.34 21.01
C MET A 1369 -20.44 -11.83 21.18
N GLN A 1370 -21.59 -12.33 20.71
CA GLN A 1370 -21.88 -13.75 20.83
C GLN A 1370 -20.99 -14.60 19.91
N MET A 1371 -20.65 -14.09 18.72
CA MET A 1371 -19.93 -14.89 17.74
C MET A 1371 -18.41 -14.78 17.88
N PHE A 1372 -17.87 -13.57 17.74
CA PHE A 1372 -16.43 -13.36 17.73
C PHE A 1372 -15.91 -12.84 19.06
N GLY A 1373 -16.68 -13.01 20.14
CA GLY A 1373 -16.25 -12.50 21.43
C GLY A 1373 -15.10 -13.26 22.06
N LYS A 1374 -14.88 -14.50 21.66
CA LYS A 1374 -13.87 -15.35 22.29
C LYS A 1374 -12.52 -15.32 21.58
N VAL A 1375 -12.37 -14.49 20.55
CA VAL A 1375 -11.10 -14.41 19.84
C VAL A 1375 -10.10 -13.65 20.69
N ALA A 1376 -8.92 -14.24 20.88
CA ALA A 1376 -7.90 -13.64 21.73
C ALA A 1376 -7.35 -12.37 21.09
N MET A 1377 -7.02 -11.40 21.94
CA MET A 1377 -6.49 -10.12 21.49
C MET A 1377 -4.96 -10.21 21.46
N ARG A 1378 -4.38 -10.11 20.27
CA ARG A 1378 -2.94 -10.12 20.09
C ARG A 1378 -2.47 -8.77 19.56
N ASP A 1379 -1.28 -8.35 20.00
CA ASP A 1379 -0.78 -7.02 19.70
C ASP A 1379 -0.37 -6.85 18.24
N ASN A 1380 -0.28 -7.93 17.47
CA ASN A 1380 0.15 -7.88 16.08
C ASN A 1380 -0.97 -8.24 15.11
N ASN A 1381 -2.23 -8.10 15.53
CA ASN A 1381 -3.38 -8.47 14.71
C ASN A 1381 -4.38 -7.33 14.70
N GLN A 1382 -5.44 -7.51 13.92
CA GLN A 1382 -6.51 -6.51 13.87
C GLN A 1382 -7.41 -6.58 15.10
N ILE A 1383 -7.52 -7.75 15.71
CA ILE A 1383 -8.26 -7.91 16.97
C ILE A 1383 -7.22 -7.75 18.08
N ASN A 1384 -7.11 -6.53 18.59
CA ASN A 1384 -6.12 -6.17 19.59
C ASN A 1384 -6.83 -5.65 20.84
N ARG A 1385 -6.03 -5.12 21.78
CA ARG A 1385 -6.58 -4.61 23.03
C ARG A 1385 -7.53 -3.43 22.79
N ASN A 1386 -7.35 -2.69 21.69
CA ASN A 1386 -8.19 -1.55 21.37
C ASN A 1386 -9.35 -1.89 20.43
N ASN A 1387 -9.28 -3.02 19.74
CA ASN A 1387 -10.29 -3.42 18.76
C ASN A 1387 -10.66 -4.87 19.05
N ASN A 1388 -11.84 -5.09 19.66
CA ASN A 1388 -12.24 -6.43 20.03
C ASN A 1388 -13.75 -6.45 20.21
N PHE A 1389 -14.29 -7.67 20.36
CA PHE A 1389 -15.71 -7.90 20.59
C PHE A 1389 -15.99 -8.34 22.03
N GLN A 1390 -15.08 -8.05 22.95
CA GLN A 1390 -15.19 -8.60 24.30
C GLN A 1390 -16.27 -7.91 25.13
N THR A 1391 -16.50 -6.62 24.92
CA THR A 1391 -17.51 -5.88 25.66
C THR A 1391 -18.36 -5.07 24.70
N PHE A 1392 -19.57 -4.73 25.16
CA PHE A 1392 -20.51 -4.00 24.32
C PHE A 1392 -19.96 -2.65 23.84
N PRO A 1393 -19.36 -1.80 24.71
CA PRO A 1393 -18.76 -0.56 24.16
C PRO A 1393 -17.69 -0.82 23.13
N GLN A 1394 -16.87 -1.85 23.32
CA GLN A 1394 -15.84 -2.16 22.34
C GLN A 1394 -16.44 -2.68 21.05
N ALA A 1395 -17.50 -3.49 21.13
CA ALA A 1395 -18.18 -3.95 19.93
C ALA A 1395 -18.79 -2.78 19.16
N VAL A 1396 -19.40 -1.83 19.87
CA VAL A 1396 -19.98 -0.66 19.22
C VAL A 1396 -18.88 0.19 18.58
N LEU A 1397 -17.74 0.33 19.25
CA LEU A 1397 -16.63 1.07 18.67
C LEU A 1397 -16.11 0.38 17.41
N LEU A 1398 -16.01 -0.95 17.42
CA LEU A 1398 -15.58 -1.67 16.24
C LEU A 1398 -16.57 -1.49 15.10
N LEU A 1399 -17.87 -1.54 15.40
CA LEU A 1399 -18.86 -1.34 14.35
C LEU A 1399 -18.82 0.07 13.80
N PHE A 1400 -18.56 1.06 14.66
CA PHE A 1400 -18.38 2.43 14.18
C PHE A 1400 -17.17 2.54 13.28
N ARG A 1401 -16.07 1.87 13.65
CA ARG A 1401 -14.88 1.84 12.80
C ARG A 1401 -15.19 1.24 11.44
N CYS A 1402 -15.93 0.13 11.42
CA CYS A 1402 -16.32 -0.49 10.15
C CYS A 1402 -17.23 0.43 9.34
N ALA A 1403 -18.16 1.12 10.02
CA ALA A 1403 -19.04 2.05 9.33
C ALA A 1403 -18.26 3.17 8.66
N THR A 1404 -17.26 3.71 9.36
CA THR A 1404 -16.36 4.66 8.72
C THR A 1404 -15.47 4.01 7.67
N GLY A 1405 -15.40 2.68 7.65
CA GLY A 1405 -14.63 1.97 6.63
C GLY A 1405 -13.14 2.19 6.77
N GLU A 1406 -12.53 1.65 7.83
CA GLU A 1406 -11.10 1.83 8.06
C GLU A 1406 -10.30 0.61 7.63
N ALA A 1407 -10.57 -0.55 8.24
CA ALA A 1407 -9.91 -1.79 7.87
C ALA A 1407 -10.85 -2.98 7.97
N TRP A 1408 -12.15 -2.76 7.68
CA TRP A 1408 -13.15 -3.77 7.98
C TRP A 1408 -12.85 -5.12 7.31
N GLN A 1409 -12.23 -5.11 6.13
CA GLN A 1409 -11.83 -6.37 5.53
C GLN A 1409 -10.71 -7.04 6.30
N GLU A 1410 -9.80 -6.25 6.88
CA GLU A 1410 -8.77 -6.83 7.73
C GLU A 1410 -9.37 -7.42 9.00
N ILE A 1411 -10.38 -6.77 9.57
CA ILE A 1411 -11.07 -7.34 10.73
C ILE A 1411 -11.79 -8.63 10.36
N MET A 1412 -12.41 -8.65 9.17
CA MET A 1412 -13.05 -9.88 8.72
C MET A 1412 -12.04 -11.01 8.58
N LEU A 1413 -10.86 -10.72 8.03
CA LEU A 1413 -9.82 -11.72 7.93
C LEU A 1413 -9.36 -12.18 9.31
N ALA A 1414 -9.28 -11.24 10.27
CA ALA A 1414 -8.89 -11.59 11.62
C ALA A 1414 -9.97 -12.40 12.35
N CYS A 1415 -11.20 -12.36 11.88
CA CYS A 1415 -12.30 -13.11 12.49
C CYS A 1415 -12.54 -14.45 11.80
N LEU A 1416 -11.57 -14.93 11.03
CA LEU A 1416 -11.72 -16.18 10.30
C LEU A 1416 -11.65 -17.37 11.27
N PRO A 1417 -12.14 -18.54 10.84
CA PRO A 1417 -12.24 -19.67 11.79
C PRO A 1417 -10.94 -20.07 12.46
N GLY A 1418 -9.81 -20.04 11.75
CA GLY A 1418 -8.56 -20.51 12.33
C GLY A 1418 -7.87 -19.52 13.23
N LYS A 1419 -8.46 -19.20 14.38
CA LYS A 1419 -7.93 -18.18 15.27
C LYS A 1419 -7.76 -18.74 16.68
N LEU A 1420 -6.77 -18.20 17.40
CA LEU A 1420 -6.49 -18.61 18.77
C LEU A 1420 -7.57 -18.10 19.71
N CYS A 1421 -7.82 -18.86 20.76
CA CYS A 1421 -8.85 -18.55 21.76
C CYS A 1421 -8.19 -18.05 23.04
N ASP A 1422 -8.79 -17.03 23.65
CA ASP A 1422 -8.24 -16.49 24.87
C ASP A 1422 -8.36 -17.49 26.01
N PRO A 1423 -7.39 -17.53 26.92
CA PRO A 1423 -7.44 -18.54 28.00
C PRO A 1423 -8.67 -18.45 28.88
N GLU A 1424 -9.21 -17.24 29.11
CA GLU A 1424 -10.33 -17.08 30.02
C GLU A 1424 -11.62 -17.70 29.50
N SER A 1425 -11.69 -18.08 28.22
CA SER A 1425 -12.88 -18.73 27.70
C SER A 1425 -12.92 -20.19 28.14
N ASP A 1426 -14.11 -20.77 28.02
CA ASP A 1426 -14.34 -22.16 28.40
C ASP A 1426 -14.29 -23.03 27.15
N TYR A 1427 -13.22 -23.82 27.03
CA TYR A 1427 -13.06 -24.74 25.91
C TYR A 1427 -12.33 -25.99 26.38
N ASN A 1428 -12.56 -27.09 25.69
CA ASN A 1428 -11.91 -28.34 26.04
C ASN A 1428 -10.41 -28.24 25.79
N PRO A 1429 -9.59 -28.87 26.64
CA PRO A 1429 -8.13 -28.78 26.44
C PRO A 1429 -7.71 -29.48 25.16
N GLY A 1430 -6.78 -28.85 24.44
CA GLY A 1430 -6.28 -29.39 23.19
C GLY A 1430 -6.72 -28.61 21.98
N GLU A 1431 -7.97 -28.16 21.97
CA GLU A 1431 -8.52 -27.38 20.86
C GLU A 1431 -8.46 -25.89 21.17
N GLU A 1432 -7.27 -25.33 21.04
CA GLU A 1432 -7.08 -23.90 21.30
C GLU A 1432 -7.58 -23.05 20.14
N TYR A 1433 -7.44 -23.54 18.91
CA TYR A 1433 -7.77 -22.76 17.72
C TYR A 1433 -9.12 -23.24 17.18
N THR A 1434 -10.20 -22.72 17.78
CA THR A 1434 -11.55 -23.05 17.31
C THR A 1434 -12.38 -21.79 17.10
N CYS A 1435 -12.14 -20.75 17.90
CA CYS A 1435 -12.94 -19.54 17.83
C CYS A 1435 -12.74 -18.83 16.51
N GLY A 1436 -13.80 -18.17 16.04
CA GLY A 1436 -13.84 -17.63 14.70
C GLY A 1436 -14.72 -18.50 13.83
N SER A 1437 -15.49 -17.89 12.93
CA SER A 1437 -16.45 -18.64 12.13
C SER A 1437 -16.47 -18.09 10.71
N ASN A 1438 -16.95 -18.94 9.78
CA ASN A 1438 -17.14 -18.52 8.40
C ASN A 1438 -18.30 -17.54 8.25
N PHE A 1439 -19.08 -17.33 9.31
CA PHE A 1439 -20.14 -16.33 9.33
C PHE A 1439 -19.60 -14.92 9.27
N ALA A 1440 -18.29 -14.72 9.44
CA ALA A 1440 -17.72 -13.38 9.49
C ALA A 1440 -17.90 -12.64 8.18
N ILE A 1441 -17.75 -13.33 7.05
CA ILE A 1441 -17.88 -12.67 5.76
C ILE A 1441 -19.29 -12.08 5.60
N VAL A 1442 -20.30 -12.91 5.85
CA VAL A 1442 -21.68 -12.45 5.76
C VAL A 1442 -21.94 -11.34 6.76
N TYR A 1443 -21.46 -11.52 8.00
CA TYR A 1443 -21.67 -10.52 9.04
C TYR A 1443 -21.15 -9.16 8.61
N PHE A 1444 -19.89 -9.09 8.19
CA PHE A 1444 -19.27 -7.81 7.88
C PHE A 1444 -19.84 -7.20 6.60
N ILE A 1445 -20.05 -8.01 5.57
CA ILE A 1445 -20.58 -7.46 4.32
C ILE A 1445 -22.00 -6.94 4.51
N SER A 1446 -22.85 -7.72 5.19
CA SER A 1446 -24.21 -7.28 5.44
C SER A 1446 -24.24 -6.04 6.33
N PHE A 1447 -23.38 -5.99 7.36
CA PHE A 1447 -23.35 -4.81 8.21
C PHE A 1447 -22.93 -3.58 7.41
N TYR A 1448 -21.92 -3.71 6.56
CA TYR A 1448 -21.49 -2.56 5.77
C TYR A 1448 -22.61 -2.07 4.86
N MET A 1449 -23.26 -3.00 4.15
CA MET A 1449 -24.33 -2.60 3.24
C MET A 1449 -25.49 -1.94 3.98
N LEU A 1450 -25.93 -2.56 5.07
CA LEU A 1450 -27.06 -2.02 5.83
C LEU A 1450 -26.71 -0.66 6.44
N CYS A 1451 -25.51 -0.52 7.00
CA CYS A 1451 -25.12 0.73 7.60
C CYS A 1451 -25.03 1.84 6.56
N ALA A 1452 -24.44 1.54 5.39
CA ALA A 1452 -24.39 2.54 4.33
C ALA A 1452 -25.78 2.96 3.89
N PHE A 1453 -26.68 1.98 3.69
CA PHE A 1453 -28.04 2.32 3.27
C PHE A 1453 -28.74 3.20 4.30
N LEU A 1454 -28.63 2.83 5.59
CA LEU A 1454 -29.30 3.59 6.63
C LEU A 1454 -28.69 4.98 6.79
N ILE A 1455 -27.38 5.10 6.62
CA ILE A 1455 -26.73 6.40 6.75
C ILE A 1455 -27.18 7.33 5.62
N ILE A 1456 -27.19 6.84 4.39
CA ILE A 1456 -27.67 7.71 3.31
C ILE A 1456 -29.17 7.98 3.46
N ASN A 1457 -29.92 7.04 4.02
CA ASN A 1457 -31.35 7.29 4.27
C ASN A 1457 -31.53 8.44 5.26
N LEU A 1458 -30.75 8.42 6.35
CA LEU A 1458 -30.82 9.52 7.31
C LEU A 1458 -30.38 10.84 6.68
N PHE A 1459 -29.31 10.81 5.89
CA PHE A 1459 -28.84 12.03 5.25
C PHE A 1459 -29.88 12.61 4.30
N VAL A 1460 -30.52 11.76 3.49
CA VAL A 1460 -31.50 12.25 2.53
C VAL A 1460 -32.78 12.68 3.24
N ALA A 1461 -33.14 12.04 4.36
CA ALA A 1461 -34.28 12.50 5.13
C ALA A 1461 -34.03 13.89 5.70
N VAL A 1462 -32.84 14.10 6.26
CA VAL A 1462 -32.49 15.43 6.78
C VAL A 1462 -32.48 16.46 5.66
N ILE A 1463 -31.94 16.09 4.50
CA ILE A 1463 -31.88 17.01 3.37
C ILE A 1463 -33.28 17.39 2.91
N MET A 1464 -34.16 16.41 2.77
CA MET A 1464 -35.52 16.67 2.33
C MET A 1464 -36.34 17.41 3.38
N ASP A 1465 -35.93 17.35 4.65
CA ASP A 1465 -36.65 18.09 5.68
C ASP A 1465 -36.40 19.59 5.60
N ASN A 1466 -35.34 20.02 4.92
CA ASN A 1466 -35.00 21.43 4.78
C ASN A 1466 -34.94 21.86 3.32
N PHE A 1467 -35.73 21.21 2.46
CA PHE A 1467 -35.65 21.54 1.04
C PHE A 1467 -36.10 22.97 0.76
N ASP A 1468 -36.96 23.53 1.62
CA ASP A 1468 -37.36 24.93 1.45
C ASP A 1468 -36.16 25.87 1.58
N TYR A 1469 -35.30 25.62 2.56
CA TYR A 1469 -34.13 26.46 2.74
C TYR A 1469 -33.10 26.21 1.64
N LEU A 1470 -32.86 24.94 1.31
CA LEU A 1470 -31.84 24.59 0.33
C LEU A 1470 -32.16 25.14 -1.06
N THR A 1471 -33.41 25.48 -1.33
CA THR A 1471 -33.82 26.12 -2.57
C THR A 1471 -34.52 27.45 -2.28
N ARG A 1472 -33.95 28.23 -1.36
CA ARG A 1472 -34.59 29.45 -0.91
C ARG A 1472 -34.73 30.49 -2.03
N ASP A 1473 -33.69 30.63 -2.84
CA ASP A 1473 -33.64 31.64 -3.91
C ASP A 1473 -33.85 33.05 -3.33
N TRP A 1474 -32.86 33.46 -2.53
CA TRP A 1474 -32.91 34.74 -1.82
C TRP A 1474 -33.06 35.94 -2.75
N SER A 1475 -32.92 35.76 -4.06
CA SER A 1475 -32.99 36.88 -4.99
C SER A 1475 -34.39 37.48 -5.10
N ILE A 1476 -35.42 36.82 -4.56
CA ILE A 1476 -36.78 37.32 -4.63
C ILE A 1476 -37.35 37.63 -3.25
N LEU A 1477 -37.11 36.75 -2.27
CA LEU A 1477 -37.62 36.96 -0.91
C LEU A 1477 -36.88 36.03 0.04
N GLY A 1478 -37.05 36.28 1.33
CA GLY A 1478 -36.46 35.47 2.35
C GLY A 1478 -36.93 35.82 3.74
N PRO A 1479 -36.83 34.87 4.68
CA PRO A 1479 -37.26 35.15 6.06
C PRO A 1479 -36.38 36.18 6.77
N HIS A 1480 -35.19 36.47 6.24
CA HIS A 1480 -34.36 37.50 6.85
C HIS A 1480 -35.03 38.87 6.79
N HIS A 1481 -35.81 39.12 5.74
CA HIS A 1481 -36.61 40.35 5.69
C HIS A 1481 -37.60 40.40 6.84
N LEU A 1482 -38.28 39.28 7.12
CA LEU A 1482 -39.22 39.22 8.24
C LEU A 1482 -38.50 39.43 9.57
N ASP A 1483 -37.32 38.83 9.73
CA ASP A 1483 -36.56 39.02 10.95
C ASP A 1483 -36.15 40.48 11.14
N GLU A 1484 -35.72 41.14 10.06
CA GLU A 1484 -35.37 42.55 10.14
C GLU A 1484 -36.60 43.39 10.48
N PHE A 1485 -37.76 43.06 9.91
CA PHE A 1485 -38.98 43.78 10.23
C PHE A 1485 -39.33 43.62 11.71
N LYS A 1486 -39.21 42.40 12.23
CA LYS A 1486 -39.47 42.17 13.65
C LYS A 1486 -38.49 42.95 14.53
N ARG A 1487 -37.22 42.98 14.14
CA ARG A 1487 -36.23 43.73 14.91
C ARG A 1487 -36.53 45.23 14.90
N ILE A 1488 -36.95 45.76 13.76
CA ILE A 1488 -37.33 47.17 13.69
C ILE A 1488 -38.58 47.43 14.55
N TRP A 1489 -39.51 46.48 14.55
CA TRP A 1489 -40.68 46.59 15.42
C TRP A 1489 -40.28 46.64 16.89
N SER A 1490 -39.31 45.81 17.28
CA SER A 1490 -38.82 45.80 18.65
C SER A 1490 -37.88 46.95 18.96
N GLU A 1491 -37.42 47.69 17.96
CA GLU A 1491 -36.50 48.80 18.20
C GLU A 1491 -37.12 49.86 19.10
N TYR A 1492 -38.36 50.23 18.83
CA TYR A 1492 -39.10 51.19 19.65
C TYR A 1492 -39.94 50.52 20.72
N ASP A 1493 -39.95 49.18 20.77
CA ASP A 1493 -40.78 48.44 21.71
C ASP A 1493 -39.89 47.59 22.61
N PRO A 1494 -39.64 48.00 23.86
CA PRO A 1494 -38.89 47.13 24.77
C PRO A 1494 -39.55 45.78 25.00
N GLU A 1495 -40.88 45.73 24.99
CA GLU A 1495 -41.63 44.49 25.08
C GLU A 1495 -42.62 44.44 23.91
N ALA A 1496 -43.26 43.28 23.75
CA ALA A 1496 -44.20 43.11 22.65
C ALA A 1496 -45.37 44.06 22.75
N LYS A 1497 -46.18 43.92 23.81
CA LYS A 1497 -47.34 44.78 24.08
C LYS A 1497 -48.40 44.70 23.00
N GLY A 1498 -48.20 43.84 22.00
CA GLY A 1498 -49.21 43.59 20.99
C GLY A 1498 -49.42 44.71 19.99
N ARG A 1499 -49.75 45.91 20.49
CA ARG A 1499 -50.15 47.02 19.64
C ARG A 1499 -49.28 48.23 19.92
N ILE A 1500 -49.20 49.13 18.93
CA ILE A 1500 -48.43 50.36 19.01
C ILE A 1500 -49.22 51.48 18.35
N LYS A 1501 -48.63 52.67 18.30
CA LYS A 1501 -49.26 53.84 17.72
C LYS A 1501 -48.93 53.91 16.22
N HIS A 1502 -49.36 54.99 15.57
CA HIS A 1502 -49.15 55.17 14.14
C HIS A 1502 -48.16 56.27 13.79
N LEU A 1503 -47.80 57.13 14.75
CA LEU A 1503 -46.83 58.19 14.47
C LEU A 1503 -45.47 57.61 14.09
N ASP A 1504 -45.04 56.56 14.80
CA ASP A 1504 -43.76 55.92 14.51
C ASP A 1504 -43.84 54.94 13.35
N VAL A 1505 -45.03 54.69 12.82
CA VAL A 1505 -45.15 53.78 11.67
C VAL A 1505 -44.46 54.37 10.46
N VAL A 1506 -44.41 55.70 10.33
CA VAL A 1506 -43.69 56.32 9.23
C VAL A 1506 -42.21 55.94 9.27
N THR A 1507 -41.59 56.06 10.44
CA THR A 1507 -40.19 55.67 10.59
C THR A 1507 -40.02 54.17 10.43
N LEU A 1508 -40.99 53.39 10.91
CA LEU A 1508 -40.92 51.94 10.77
C LEU A 1508 -40.89 51.55 9.30
N LEU A 1509 -41.74 52.17 8.48
CA LEU A 1509 -41.74 51.90 7.04
C LEU A 1509 -40.48 52.44 6.38
N ARG A 1510 -39.97 53.58 6.86
CA ARG A 1510 -38.75 54.15 6.30
C ARG A 1510 -37.51 53.32 6.61
N ARG A 1511 -37.55 52.52 7.67
CA ARG A 1511 -36.40 51.73 8.09
C ARG A 1511 -36.43 50.30 7.56
N ILE A 1512 -36.97 50.10 6.36
CA ILE A 1512 -37.01 48.79 5.73
C ILE A 1512 -36.19 48.84 4.45
N GLN A 1513 -35.66 47.68 4.06
CA GLN A 1513 -34.91 47.57 2.83
C GLN A 1513 -35.82 47.76 1.62
N PRO A 1514 -35.29 48.27 0.51
CA PRO A 1514 -36.11 48.46 -0.71
C PRO A 1514 -36.79 47.18 -1.18
N PRO A 1515 -36.13 46.01 -1.11
CA PRO A 1515 -36.84 44.79 -1.50
C PRO A 1515 -38.08 44.50 -0.67
N LEU A 1516 -38.08 44.85 0.62
CA LEU A 1516 -39.22 44.60 1.49
C LEU A 1516 -40.08 45.84 1.72
N GLY A 1517 -39.46 47.00 1.90
CA GLY A 1517 -40.22 48.20 2.18
C GLY A 1517 -40.48 49.06 0.94
N PHE A 1518 -39.77 50.17 0.83
CA PHE A 1518 -39.95 51.09 -0.28
C PHE A 1518 -38.58 51.47 -0.84
N GLY A 1519 -38.60 51.98 -2.07
CA GLY A 1519 -37.38 52.30 -2.78
C GLY A 1519 -36.62 53.45 -2.14
N LYS A 1520 -35.42 53.70 -2.70
CA LYS A 1520 -34.54 54.74 -2.20
C LYS A 1520 -35.10 56.14 -2.39
N LEU A 1521 -36.13 56.30 -3.21
CA LEU A 1521 -36.71 57.62 -3.44
C LEU A 1521 -37.43 58.11 -2.18
N CYS A 1522 -37.73 59.40 -2.16
CA CYS A 1522 -38.40 60.00 -1.02
C CYS A 1522 -39.80 59.41 -0.87
N PRO A 1523 -40.27 59.17 0.36
CA PRO A 1523 -41.62 58.62 0.55
C PRO A 1523 -42.74 59.60 0.23
N HIS A 1524 -42.41 60.80 -0.26
CA HIS A 1524 -43.44 61.78 -0.60
C HIS A 1524 -44.26 61.38 -1.81
N ARG A 1525 -43.86 60.36 -2.56
CA ARG A 1525 -44.55 59.93 -3.76
C ARG A 1525 -45.11 58.53 -3.69
N VAL A 1526 -44.34 57.58 -3.14
CA VAL A 1526 -44.74 56.17 -3.18
C VAL A 1526 -45.36 55.78 -1.85
N ALA A 1527 -44.60 55.89 -0.76
CA ALA A 1527 -45.08 55.40 0.53
C ALA A 1527 -46.28 56.20 1.03
N CYS A 1528 -46.24 57.52 0.88
CA CYS A 1528 -47.33 58.35 1.37
C CYS A 1528 -48.64 58.03 0.68
N LYS A 1529 -48.61 57.86 -0.64
CA LYS A 1529 -49.83 57.52 -1.38
C LYS A 1529 -50.27 56.09 -1.11
N ARG A 1530 -49.31 55.16 -1.01
CA ARG A 1530 -49.66 53.76 -0.84
C ARG A 1530 -50.19 53.47 0.56
N LEU A 1531 -49.83 54.29 1.55
CA LEU A 1531 -50.34 54.09 2.90
C LEU A 1531 -51.86 54.27 2.94
N VAL A 1532 -52.37 55.29 2.23
CA VAL A 1532 -53.80 55.53 2.20
C VAL A 1532 -54.48 54.67 1.15
N ALA A 1533 -53.79 54.42 0.04
CA ALA A 1533 -54.39 53.62 -1.03
C ALA A 1533 -54.65 52.19 -0.58
N MET A 1534 -53.71 51.59 0.15
CA MET A 1534 -53.87 50.21 0.57
C MET A 1534 -54.84 50.11 1.75
N ASN A 1535 -55.60 49.03 1.76
CA ASN A 1535 -56.58 48.81 2.83
C ASN A 1535 -55.87 48.62 4.17
N MET A 1536 -56.37 49.30 5.19
CA MET A 1536 -55.85 49.21 6.55
C MET A 1536 -57.03 49.05 7.51
N PRO A 1537 -56.81 48.41 8.65
CA PRO A 1537 -57.88 48.34 9.65
C PRO A 1537 -58.30 49.74 10.09
N LEU A 1538 -59.62 49.94 10.21
CA LEU A 1538 -60.18 51.23 10.57
C LEU A 1538 -60.20 51.40 12.08
N ASN A 1539 -59.00 51.34 12.67
CA ASN A 1539 -58.83 51.47 14.11
C ASN A 1539 -58.60 52.93 14.48
N SER A 1540 -58.21 53.17 15.73
CA SER A 1540 -57.94 54.53 16.19
C SER A 1540 -56.63 55.05 15.57
N ASP A 1541 -56.36 56.32 15.82
CA ASP A 1541 -55.18 56.96 15.25
C ASP A 1541 -53.88 56.42 15.83
N GLY A 1542 -53.94 55.70 16.95
CA GLY A 1542 -52.74 55.18 17.57
C GLY A 1542 -52.86 53.76 18.09
N THR A 1543 -53.73 52.96 17.47
CA THR A 1543 -53.95 51.57 17.87
C THR A 1543 -53.81 50.68 16.64
N VAL A 1544 -52.59 50.20 16.38
CA VAL A 1544 -52.32 49.27 15.29
C VAL A 1544 -51.62 48.06 15.88
N MET A 1545 -52.08 46.86 15.49
CA MET A 1545 -51.59 45.63 16.07
C MET A 1545 -50.50 45.00 15.22
N PHE A 1546 -49.84 43.98 15.78
CA PHE A 1546 -48.69 43.35 15.16
C PHE A 1546 -49.08 42.39 14.04
N ASN A 1547 -50.30 41.88 14.03
CA ASN A 1547 -50.71 40.86 13.08
C ASN A 1547 -51.37 41.43 11.82
N ALA A 1548 -51.42 42.76 11.68
CA ALA A 1548 -52.08 43.39 10.54
C ALA A 1548 -51.14 44.12 9.61
N THR A 1549 -50.19 44.89 10.14
CA THR A 1549 -49.28 45.65 9.29
C THR A 1549 -48.38 44.73 8.49
N LEU A 1550 -47.96 43.60 9.08
CA LEU A 1550 -47.13 42.65 8.35
C LEU A 1550 -47.87 42.07 7.15
N PHE A 1551 -49.14 41.70 7.35
CA PHE A 1551 -49.94 41.18 6.24
C PHE A 1551 -50.17 42.26 5.19
N ALA A 1552 -50.43 43.49 5.63
CA ALA A 1552 -50.62 44.59 4.68
C ALA A 1552 -49.37 44.81 3.84
N LEU A 1553 -48.19 44.78 4.46
CA LEU A 1553 -46.96 45.00 3.73
C LEU A 1553 -46.65 43.84 2.78
N VAL A 1554 -46.91 42.60 3.23
CA VAL A 1554 -46.65 41.46 2.34
C VAL A 1554 -47.63 41.45 1.18
N ARG A 1555 -48.85 41.98 1.39
CA ARG A 1555 -49.80 42.13 0.28
C ARG A 1555 -49.37 43.25 -0.66
N THR A 1556 -48.78 44.31 -0.12
CA THR A 1556 -48.28 45.40 -0.95
C THR A 1556 -47.12 44.94 -1.83
N ALA A 1557 -46.17 44.20 -1.24
CA ALA A 1557 -45.00 43.77 -2.00
C ALA A 1557 -45.38 42.78 -3.10
N LEU A 1558 -46.26 41.83 -2.81
CA LEU A 1558 -46.67 40.85 -3.79
C LEU A 1558 -48.09 40.40 -3.46
N LYS A 1559 -48.73 39.74 -4.43
CA LYS A 1559 -50.11 39.27 -4.30
C LYS A 1559 -51.04 40.46 -4.02
N ILE A 1560 -51.10 41.36 -4.98
CA ILE A 1560 -51.89 42.58 -4.89
C ILE A 1560 -53.27 42.32 -5.45
N LYS A 1561 -54.30 42.70 -4.69
CA LYS A 1561 -55.69 42.54 -5.09
C LYS A 1561 -56.41 43.87 -4.99
N THR A 1562 -57.36 44.08 -5.89
CA THR A 1562 -58.08 45.34 -5.94
C THR A 1562 -59.06 45.46 -4.76
N GLU A 1563 -59.52 46.69 -4.53
CA GLU A 1563 -60.47 46.94 -3.46
C GLU A 1563 -61.82 46.28 -3.76
N GLY A 1564 -62.54 45.95 -2.70
CA GLY A 1564 -63.82 45.25 -2.82
C GLY A 1564 -63.68 43.75 -2.85
N ASN A 1565 -62.72 43.24 -3.64
CA ASN A 1565 -62.43 41.83 -3.70
C ASN A 1565 -61.39 41.39 -2.68
N LEU A 1566 -61.24 42.15 -1.59
CA LEU A 1566 -60.28 41.79 -0.57
C LEU A 1566 -60.66 40.50 0.15
N GLU A 1567 -61.96 40.20 0.23
CA GLU A 1567 -62.41 38.98 0.89
C GLU A 1567 -61.99 37.72 0.13
N GLN A 1568 -61.58 37.85 -1.14
CA GLN A 1568 -61.07 36.71 -1.87
C GLN A 1568 -59.80 36.17 -1.22
N ALA A 1569 -58.92 37.07 -0.77
CA ALA A 1569 -57.70 36.63 -0.08
C ALA A 1569 -58.05 35.90 1.22
N ASN A 1570 -59.02 36.40 1.97
CA ASN A 1570 -59.42 35.74 3.20
C ASN A 1570 -60.06 34.38 2.94
N GLU A 1571 -60.85 34.28 1.86
CA GLU A 1571 -61.41 32.98 1.49
C GLU A 1571 -60.32 31.99 1.12
N GLU A 1572 -59.31 32.45 0.37
CA GLU A 1572 -58.19 31.58 0.04
C GLU A 1572 -57.41 31.18 1.29
N LEU A 1573 -57.27 32.12 2.24
CA LEU A 1573 -56.60 31.81 3.49
C LEU A 1573 -57.36 30.73 4.27
N ARG A 1574 -58.68 30.85 4.34
CA ARG A 1574 -59.49 29.84 5.01
C ARG A 1574 -59.59 28.55 4.22
N ALA A 1575 -59.23 28.56 2.94
CA ALA A 1575 -59.27 27.36 2.11
C ALA A 1575 -57.91 26.72 1.89
N VAL A 1576 -56.82 27.48 1.96
CA VAL A 1576 -55.48 26.98 1.73
C VAL A 1576 -54.62 27.06 2.99
N ILE A 1577 -54.54 28.25 3.60
CA ILE A 1577 -53.74 28.39 4.81
C ILE A 1577 -54.39 27.61 5.97
N LYS A 1578 -53.58 27.31 6.97
CA LYS A 1578 -53.97 26.41 8.04
C LYS A 1578 -54.97 27.09 8.97
N LYS A 1579 -55.26 26.44 10.10
CA LYS A 1579 -56.30 26.91 11.02
C LYS A 1579 -56.02 28.34 11.48
N ILE A 1580 -57.05 29.17 11.44
CA ILE A 1580 -56.90 30.58 11.77
C ILE A 1580 -56.87 30.82 13.27
N TRP A 1581 -57.39 29.90 14.07
CA TRP A 1581 -57.44 30.02 15.53
C TRP A 1581 -58.17 31.29 15.96
N LYS A 1582 -59.21 31.66 15.19
CA LYS A 1582 -60.03 32.84 15.48
C LYS A 1582 -59.18 34.10 15.58
N LYS A 1583 -58.20 34.22 14.69
CA LYS A 1583 -57.30 35.38 14.67
C LYS A 1583 -57.41 36.23 13.41
N THR A 1584 -57.98 35.71 12.33
CA THR A 1584 -58.05 36.43 11.06
C THR A 1584 -59.30 37.30 10.94
N SER A 1585 -60.14 37.35 11.98
CA SER A 1585 -61.32 38.21 11.91
C SER A 1585 -60.93 39.67 11.76
N MET A 1586 -59.92 40.12 12.51
CA MET A 1586 -59.43 41.49 12.37
C MET A 1586 -58.60 41.64 11.10
N LYS A 1587 -57.85 40.60 10.73
CA LYS A 1587 -57.02 40.65 9.53
C LYS A 1587 -57.85 40.71 8.26
N LEU A 1588 -59.12 40.32 8.31
CA LEU A 1588 -59.97 40.38 7.12
C LEU A 1588 -60.15 41.82 6.66
N LEU A 1589 -60.33 42.75 7.58
CA LEU A 1589 -60.51 44.15 7.24
C LEU A 1589 -59.17 44.83 7.00
N PHE B 27 76.61 17.34 45.17
CA PHE B 27 76.49 16.07 44.46
C PHE B 27 77.80 15.28 44.54
N PRO B 28 77.69 13.98 44.80
CA PRO B 28 78.89 13.14 44.88
C PRO B 28 79.62 13.08 43.56
N SER B 29 80.94 12.94 43.62
CA SER B 29 81.76 12.87 42.43
C SER B 29 81.57 11.53 41.73
N ALA B 30 82.05 11.46 40.49
CA ALA B 30 81.95 10.22 39.72
C ALA B 30 82.73 9.09 40.37
N VAL B 31 83.93 9.40 40.89
CA VAL B 31 84.73 8.37 41.55
C VAL B 31 84.06 7.90 42.83
N THR B 32 83.35 8.80 43.53
CA THR B 32 82.66 8.40 44.75
C THR B 32 81.54 7.42 44.46
N ILE B 33 80.80 7.64 43.37
CA ILE B 33 79.70 6.74 43.01
C ILE B 33 80.22 5.35 42.71
N LYS B 34 81.36 5.26 42.02
CA LYS B 34 81.94 3.96 41.70
C LYS B 34 82.27 3.18 42.96
N SER B 35 82.67 3.87 44.04
CA SER B 35 82.88 3.19 45.31
C SER B 35 81.57 2.63 45.85
N TRP B 36 80.47 3.37 45.71
CA TRP B 36 79.17 2.87 46.13
C TRP B 36 78.76 1.65 45.31
N VAL B 37 78.96 1.72 43.98
CA VAL B 37 78.51 0.65 43.10
C VAL B 37 79.35 -0.61 43.30
N ASP B 38 80.67 -0.45 43.40
CA ASP B 38 81.54 -1.62 43.51
C ASP B 38 81.26 -2.40 44.80
N LYS B 39 81.02 -1.69 45.90
CA LYS B 39 80.71 -2.37 47.16
C LYS B 39 79.40 -3.16 47.04
N MET B 40 78.38 -2.57 46.42
CA MET B 40 77.11 -3.25 46.29
C MET B 40 77.13 -4.30 45.18
N GLN B 41 77.92 -4.09 44.12
CA GLN B 41 78.04 -5.09 43.07
C GLN B 41 78.70 -6.37 43.60
N GLU B 42 79.74 -6.21 44.42
CA GLU B 42 80.39 -7.38 45.02
C GLU B 42 79.44 -8.12 45.95
N ASP B 43 78.63 -7.38 46.72
CA ASP B 43 77.68 -8.02 47.61
C ASP B 43 76.63 -8.81 46.83
N LEU B 44 76.11 -8.22 45.75
CA LEU B 44 75.07 -8.90 44.97
C LEU B 44 75.61 -10.14 44.27
N VAL B 45 76.77 -9.99 43.61
CA VAL B 45 77.33 -11.10 42.83
C VAL B 45 77.74 -12.24 43.75
N THR B 46 78.42 -11.93 44.86
CA THR B 46 78.86 -12.98 45.78
C THR B 46 77.68 -13.73 46.37
N LEU B 47 76.63 -13.00 46.77
CA LEU B 47 75.44 -13.65 47.29
C LEU B 47 74.78 -14.52 46.23
N ALA B 48 74.69 -14.03 45.00
CA ALA B 48 74.09 -14.81 43.92
C ALA B 48 74.96 -16.00 43.56
N LYS B 49 76.29 -15.83 43.56
CA LYS B 49 77.19 -16.91 43.17
C LYS B 49 77.22 -18.01 44.22
N THR B 50 77.37 -17.64 45.50
CA THR B 50 77.56 -18.63 46.55
C THR B 50 76.26 -19.35 46.88
N ALA B 51 75.15 -18.62 46.99
CA ALA B 51 73.91 -19.23 47.43
C ALA B 51 73.34 -20.19 46.37
N SER B 52 73.30 -19.73 45.12
CA SER B 52 72.75 -20.57 44.06
C SER B 52 73.62 -21.80 43.82
N GLY B 53 74.94 -21.64 43.88
CA GLY B 53 75.84 -22.75 43.63
C GLY B 53 76.13 -22.94 42.16
N VAL B 54 76.51 -21.85 41.48
CA VAL B 54 76.80 -21.94 40.05
C VAL B 54 78.00 -22.84 39.80
N ASN B 55 79.06 -22.66 40.58
CA ASN B 55 80.28 -23.43 40.38
C ASN B 55 80.15 -24.87 40.84
N GLN B 56 79.25 -25.14 41.80
CA GLN B 56 79.09 -26.50 42.29
C GLN B 56 78.37 -27.37 41.25
N LEU B 57 77.34 -26.84 40.60
CA LEU B 57 76.65 -27.60 39.57
C LEU B 57 77.52 -27.78 38.34
N VAL B 58 78.39 -26.80 38.03
CA VAL B 58 79.31 -26.94 36.92
C VAL B 58 80.27 -28.10 37.16
N ASP B 59 80.81 -28.19 38.37
CA ASP B 59 81.69 -29.31 38.71
C ASP B 59 80.93 -30.63 38.69
N ILE B 60 79.67 -30.62 39.13
CA ILE B 60 78.88 -31.84 39.17
C ILE B 60 78.68 -32.40 37.77
N TYR B 61 78.37 -31.53 36.81
CA TYR B 61 78.23 -31.97 35.43
C TYR B 61 79.54 -32.51 34.88
N GLU B 62 80.65 -31.85 35.20
CA GLU B 62 81.96 -32.24 34.68
C GLU B 62 82.61 -33.35 35.48
N LYS B 63 82.10 -33.69 36.67
CA LYS B 63 82.74 -34.71 37.47
C LYS B 63 82.49 -36.11 36.94
N TYR B 64 81.38 -36.31 36.23
CA TYR B 64 81.05 -37.64 35.73
C TYR B 64 81.56 -37.85 34.31
N GLN B 65 81.06 -37.06 33.36
CA GLN B 65 81.48 -37.11 31.95
C GLN B 65 81.39 -38.50 31.36
N ASP B 66 80.67 -39.41 32.03
CA ASP B 66 80.52 -40.78 31.55
C ASP B 66 79.11 -41.32 31.65
N LEU B 67 78.20 -40.68 32.39
CA LEU B 67 76.80 -41.03 32.36
C LEU B 67 76.06 -40.48 31.15
N TYR B 68 76.74 -39.66 30.34
CA TYR B 68 76.11 -39.03 29.19
C TYR B 68 77.16 -38.82 28.11
N THR B 69 76.69 -38.62 26.88
CA THR B 69 77.54 -38.35 25.74
C THR B 69 77.13 -37.03 25.10
N VAL B 70 78.12 -36.34 24.53
CA VAL B 70 77.89 -35.06 23.85
C VAL B 70 77.77 -35.34 22.36
N GLU B 71 76.59 -35.03 21.81
CA GLU B 71 76.31 -35.29 20.42
C GLU B 71 76.11 -33.99 19.65
N PRO B 72 76.54 -33.93 18.39
CA PRO B 72 76.39 -32.69 17.63
C PRO B 72 74.97 -32.49 17.11
N ASN B 73 74.61 -31.23 16.95
CA ASN B 73 73.33 -30.83 16.36
C ASN B 73 73.63 -30.28 14.96
N ASN B 74 73.67 -31.18 13.98
CA ASN B 74 73.97 -30.77 12.61
C ASN B 74 72.77 -30.05 12.01
N ALA B 75 72.94 -28.76 11.72
CA ALA B 75 71.83 -27.97 11.18
C ALA B 75 71.40 -28.48 9.82
N ARG B 76 72.36 -28.78 8.94
CA ARG B 76 72.02 -29.20 7.59
C ARG B 76 71.25 -30.51 7.58
N GLN B 77 71.67 -31.48 8.41
CA GLN B 77 70.97 -32.76 8.46
C GLN B 77 69.60 -32.62 9.11
N LEU B 78 69.50 -31.78 10.15
CA LEU B 78 68.23 -31.66 10.87
C LEU B 78 67.13 -31.10 9.98
N VAL B 79 67.45 -30.08 9.18
CA VAL B 79 66.43 -29.50 8.32
C VAL B 79 66.03 -30.46 7.21
N GLU B 80 67.01 -31.11 6.58
CA GLU B 80 66.70 -32.00 5.47
C GLU B 80 65.91 -33.21 5.92
N ILE B 81 66.24 -33.77 7.09
CA ILE B 81 65.47 -34.88 7.63
C ILE B 81 64.03 -34.46 7.92
N ALA B 82 63.86 -33.29 8.54
CA ALA B 82 62.53 -32.79 8.82
C ALA B 82 61.79 -32.38 7.56
N ALA B 83 62.51 -31.85 6.56
CA ALA B 83 61.88 -31.48 5.30
C ALA B 83 61.40 -32.71 4.53
N ARG B 84 62.08 -33.84 4.69
CA ARG B 84 61.62 -35.07 4.04
C ARG B 84 60.42 -35.67 4.76
N ASP B 85 60.35 -35.51 6.09
CA ASP B 85 59.19 -35.99 6.82
C ASP B 85 57.94 -35.19 6.46
N ILE B 86 58.07 -33.88 6.34
CA ILE B 86 56.93 -33.05 5.93
C ILE B 86 56.53 -33.36 4.49
N GLU B 87 57.53 -33.54 3.62
CA GLU B 87 57.23 -33.88 2.23
C GLU B 87 56.53 -35.23 2.13
N LYS B 88 56.96 -36.20 2.93
CA LYS B 88 56.31 -37.51 2.92
C LYS B 88 54.91 -37.43 3.50
N LEU B 89 54.72 -36.60 4.54
CA LEU B 89 53.40 -36.46 5.14
C LEU B 89 52.39 -35.89 4.15
N LEU B 90 52.78 -34.88 3.38
CA LEU B 90 51.89 -34.32 2.37
C LEU B 90 51.73 -35.24 1.17
N SER B 91 52.65 -36.20 0.99
CA SER B 91 52.46 -37.22 -0.04
C SER B 91 51.43 -38.26 0.38
N ASN B 92 51.27 -38.47 1.69
CA ASN B 92 50.19 -39.33 2.17
C ASN B 92 48.83 -38.77 1.76
N ARG B 93 48.63 -37.46 1.93
CA ARG B 93 47.34 -36.85 1.67
C ARG B 93 47.08 -36.68 0.18
N SER B 94 48.13 -36.44 -0.61
CA SER B 94 47.94 -36.33 -2.05
C SER B 94 47.44 -37.65 -2.64
N LYS B 95 47.95 -38.77 -2.13
CA LYS B 95 47.47 -40.08 -2.59
C LYS B 95 46.00 -40.27 -2.25
N ALA B 96 45.58 -39.81 -1.07
CA ALA B 96 44.18 -39.93 -0.69
C ALA B 96 43.29 -39.06 -1.60
N LEU B 97 43.75 -37.85 -1.92
CA LEU B 97 42.96 -36.97 -2.79
C LEU B 97 42.84 -37.55 -4.20
N VAL B 98 43.95 -38.07 -4.75
CA VAL B 98 43.89 -38.68 -6.06
C VAL B 98 42.98 -39.90 -6.05
N ARG B 99 43.06 -40.71 -4.99
CA ARG B 99 42.17 -41.86 -4.87
C ARG B 99 40.72 -41.44 -4.76
N LEU B 100 40.44 -40.37 -4.00
CA LEU B 100 39.07 -39.91 -3.84
C LEU B 100 38.53 -39.27 -5.11
N ALA B 101 39.37 -38.51 -5.81
CA ALA B 101 38.91 -37.83 -7.03
C ALA B 101 38.66 -38.83 -8.15
N LEU B 102 39.47 -39.88 -8.23
CA LEU B 102 39.30 -40.89 -9.27
C LEU B 102 37.97 -41.62 -9.11
N GLU B 103 37.62 -41.99 -7.87
CA GLU B 103 36.38 -42.73 -7.64
C GLU B 103 35.16 -41.83 -7.81
N ALA B 104 35.25 -40.57 -7.38
CA ALA B 104 34.09 -39.68 -7.47
C ALA B 104 33.68 -39.44 -8.92
N GLU B 105 34.65 -39.26 -9.81
CA GLU B 105 34.33 -39.06 -11.22
C GLU B 105 33.76 -40.33 -11.84
N LYS B 106 34.35 -41.49 -11.53
CA LYS B 106 33.89 -42.74 -12.11
C LYS B 106 32.49 -43.10 -11.65
N VAL B 107 32.22 -42.93 -10.35
CA VAL B 107 30.91 -43.28 -9.81
C VAL B 107 29.82 -42.37 -10.36
N GLN B 108 30.09 -41.06 -10.41
CA GLN B 108 29.09 -40.13 -10.91
C GLN B 108 28.84 -40.32 -12.41
N ALA B 109 29.87 -40.71 -13.16
CA ALA B 109 29.68 -40.94 -14.59
C ALA B 109 28.67 -42.04 -14.85
N ALA B 110 28.58 -43.02 -13.96
CA ALA B 110 27.57 -44.08 -14.05
C ALA B 110 26.37 -43.75 -13.17
N HIS B 111 25.69 -42.65 -13.51
CA HIS B 111 24.50 -42.21 -12.82
C HIS B 111 23.40 -41.96 -13.83
N GLN B 112 22.16 -42.26 -13.44
CA GLN B 112 21.03 -42.26 -14.35
C GLN B 112 20.06 -41.11 -14.13
N TRP B 113 20.29 -40.25 -13.13
CA TRP B 113 19.43 -39.10 -12.83
C TRP B 113 17.98 -39.54 -12.59
N ARG B 114 17.80 -40.30 -11.51
CA ARG B 114 16.47 -40.71 -11.10
C ARG B 114 15.63 -39.51 -10.69
N GLU B 115 14.35 -39.52 -11.06
CA GLU B 115 13.44 -38.43 -10.77
C GLU B 115 12.47 -38.73 -9.63
N ASP B 116 12.39 -39.98 -9.18
CA ASP B 116 11.49 -40.37 -8.11
C ASP B 116 12.26 -41.11 -7.03
N PHE B 117 12.05 -40.70 -5.77
CA PHE B 117 12.74 -41.30 -4.64
C PHE B 117 11.75 -41.77 -3.57
N ALA B 118 10.55 -42.18 -3.99
CA ALA B 118 9.53 -42.59 -3.03
C ALA B 118 9.86 -43.95 -2.42
N SER B 119 9.95 -44.99 -3.25
CA SER B 119 10.27 -46.31 -2.75
C SER B 119 11.78 -46.51 -2.62
N ASN B 120 12.55 -45.98 -3.56
CA ASN B 120 14.00 -46.06 -3.51
C ASN B 120 14.55 -44.87 -2.71
N GLU B 121 14.22 -44.89 -1.43
CA GLU B 121 14.60 -43.80 -0.54
C GLU B 121 16.12 -43.72 -0.38
N VAL B 122 16.62 -42.51 -0.22
CA VAL B 122 18.03 -42.27 -0.01
C VAL B 122 18.29 -42.20 1.49
N VAL B 123 19.12 -43.11 1.99
CA VAL B 123 19.40 -43.22 3.41
C VAL B 123 20.76 -42.60 3.69
N TYR B 124 20.80 -41.66 4.63
CA TYR B 124 22.03 -40.95 4.95
C TYR B 124 21.88 -40.33 6.34
N TYR B 125 23.01 -40.01 6.95
CA TYR B 125 23.04 -39.32 8.24
C TYR B 125 23.22 -37.83 7.98
N ASN B 126 22.17 -37.05 8.24
CA ASN B 126 22.23 -35.61 8.13
C ASN B 126 22.72 -35.03 9.46
N ALA B 127 23.75 -34.19 9.39
CA ALA B 127 24.25 -33.53 10.58
C ALA B 127 23.22 -32.50 11.05
N LYS B 128 23.56 -31.84 12.16
CA LYS B 128 22.72 -30.83 12.82
C LYS B 128 21.24 -31.22 12.83
N ASP B 129 20.98 -32.37 13.46
CA ASP B 129 19.62 -32.83 13.69
C ASP B 129 19.51 -33.38 15.10
N ASP B 130 18.29 -33.40 15.62
CA ASP B 130 18.04 -33.88 16.97
C ASP B 130 18.28 -35.39 17.07
N GLU B 139 10.17 -35.84 5.43
CA GLU B 139 11.07 -36.72 4.70
C GLU B 139 10.39 -37.31 3.47
N PRO B 140 10.52 -36.63 2.32
CA PRO B 140 9.92 -37.14 1.09
C PRO B 140 10.51 -38.48 0.66
N GLY B 141 11.84 -38.52 0.52
CA GLY B 141 12.51 -39.73 0.10
C GLY B 141 13.82 -39.96 0.81
N SER B 142 13.95 -39.42 2.02
CA SER B 142 15.18 -39.52 2.81
C SER B 142 14.90 -40.25 4.12
N GLN B 143 15.78 -41.19 4.46
CA GLN B 143 15.70 -41.93 5.71
C GLN B 143 16.94 -41.61 6.53
N ARG B 144 16.74 -41.16 7.76
CA ARG B 144 17.84 -40.74 8.61
C ARG B 144 18.55 -41.95 9.22
N ILE B 145 19.76 -41.71 9.72
CA ILE B 145 20.59 -42.73 10.34
C ILE B 145 20.94 -42.27 11.75
N LYS B 146 20.79 -43.17 12.71
CA LYS B 146 21.14 -42.87 14.09
C LYS B 146 22.47 -43.53 14.41
N PRO B 147 23.56 -42.76 14.54
CA PRO B 147 24.87 -43.38 14.79
C PRO B 147 25.19 -43.54 16.27
N VAL B 148 26.36 -44.11 16.57
CA VAL B 148 26.73 -44.41 17.96
C VAL B 148 27.51 -43.28 18.59
N PHE B 149 28.42 -42.66 17.84
CA PHE B 149 29.18 -41.49 18.28
C PHE B 149 30.01 -41.81 19.54
N ILE B 150 30.98 -42.70 19.34
CA ILE B 150 31.95 -42.96 20.40
C ILE B 150 32.87 -41.76 20.58
N GLU B 151 33.55 -41.73 21.72
CA GLU B 151 34.51 -40.68 22.01
C GLU B 151 35.91 -41.12 21.58
N ASP B 152 36.56 -40.31 20.74
CA ASP B 152 37.83 -40.66 20.16
C ASP B 152 38.86 -39.58 20.44
N ALA B 153 40.10 -40.01 20.70
CA ALA B 153 41.20 -39.08 20.85
C ALA B 153 41.56 -38.47 19.49
N ASN B 154 42.54 -37.55 19.51
CA ASN B 154 42.94 -36.76 18.33
C ASN B 154 41.73 -36.19 17.59
N PHE B 155 40.64 -35.99 18.33
CA PHE B 155 39.40 -35.42 17.82
C PHE B 155 38.67 -34.81 19.00
N GLY B 156 38.51 -33.49 18.99
CA GLY B 156 37.97 -32.80 20.15
C GLY B 156 36.46 -32.96 20.33
N ARG B 157 35.90 -34.02 19.76
CA ARG B 157 34.46 -34.23 19.81
C ARG B 157 34.18 -35.69 19.52
N GLN B 158 32.88 -36.05 19.55
CA GLN B 158 32.45 -37.41 19.28
C GLN B 158 32.35 -37.62 17.78
N ILE B 159 32.86 -38.75 17.31
CA ILE B 159 32.89 -39.09 15.90
C ILE B 159 32.37 -40.51 15.73
N SER B 160 32.29 -40.96 14.48
CA SER B 160 31.84 -42.31 14.17
C SER B 160 32.43 -42.73 12.84
N TYR B 161 33.19 -43.83 12.85
CA TYR B 161 33.78 -44.37 11.64
C TYR B 161 32.80 -45.23 10.83
N GLN B 162 31.58 -45.40 11.31
CA GLN B 162 30.64 -46.30 10.65
C GLN B 162 30.13 -45.76 9.32
N HIS B 163 30.03 -44.44 9.19
CA HIS B 163 29.54 -43.84 7.94
C HIS B 163 30.04 -42.40 7.88
N ALA B 164 29.55 -41.66 6.89
CA ALA B 164 29.94 -40.28 6.66
C ALA B 164 28.76 -39.36 6.90
N ALA B 165 29.02 -38.19 7.45
CA ALA B 165 27.99 -37.20 7.72
C ALA B 165 27.79 -36.28 6.53
N VAL B 166 26.58 -35.75 6.40
CA VAL B 166 26.23 -34.84 5.32
C VAL B 166 25.73 -33.54 5.92
N HIS B 167 26.32 -32.43 5.51
CA HIS B 167 25.90 -31.10 5.92
C HIS B 167 25.22 -30.42 4.75
N ILE B 168 23.99 -29.96 4.98
CA ILE B 168 23.20 -29.24 3.99
C ILE B 168 22.90 -27.86 4.53
N PRO B 169 23.24 -26.79 3.81
CA PRO B 169 22.99 -25.44 4.33
C PRO B 169 21.51 -25.17 4.50
N THR B 170 21.21 -24.23 5.41
CA THR B 170 19.82 -23.94 5.75
C THR B 170 19.03 -23.46 4.54
N ASP B 171 19.63 -22.59 3.73
CA ASP B 171 18.93 -22.06 2.57
C ASP B 171 18.65 -23.12 1.50
N ILE B 172 19.33 -24.26 1.56
CA ILE B 172 19.17 -25.32 0.56
C ILE B 172 18.23 -26.37 1.11
N TYR B 173 17.17 -26.66 0.36
CA TYR B 173 16.16 -27.62 0.78
C TYR B 173 16.64 -29.03 0.50
N GLU B 174 16.69 -29.87 1.54
CA GLU B 174 17.00 -31.27 1.36
C GLU B 174 15.74 -32.03 0.94
N GLY B 175 15.91 -32.98 0.03
CA GLY B 175 14.79 -33.70 -0.54
C GLY B 175 14.34 -33.19 -1.91
N SER B 176 15.07 -32.24 -2.49
CA SER B 176 14.79 -31.80 -3.84
C SER B 176 15.44 -32.75 -4.84
N THR B 177 15.06 -32.60 -6.11
CA THR B 177 15.60 -33.48 -7.15
C THR B 177 17.10 -33.30 -7.30
N ILE B 178 17.58 -32.06 -7.23
CA ILE B 178 19.02 -31.80 -7.38
C ILE B 178 19.79 -32.40 -6.21
N VAL B 179 19.30 -32.19 -4.98
CA VAL B 179 20.02 -32.66 -3.80
C VAL B 179 19.99 -34.19 -3.72
N LEU B 180 18.81 -34.78 -3.93
CA LEU B 180 18.67 -36.22 -3.77
C LEU B 180 19.53 -36.97 -4.78
N ASN B 181 19.57 -36.49 -6.03
CA ASN B 181 20.45 -37.10 -7.01
C ASN B 181 21.91 -36.93 -6.62
N GLU B 182 22.28 -35.75 -6.11
CA GLU B 182 23.64 -35.56 -5.60
C GLU B 182 23.88 -36.38 -4.34
N LEU B 183 22.83 -36.72 -3.61
CA LEU B 183 22.94 -37.46 -2.37
C LEU B 183 22.93 -38.97 -2.57
N ASN B 184 22.72 -39.44 -3.80
CA ASN B 184 22.69 -40.87 -4.07
C ASN B 184 24.02 -41.37 -4.60
N TRP B 185 24.59 -40.70 -5.60
CA TRP B 185 25.87 -41.14 -6.14
C TRP B 185 27.03 -40.85 -5.21
N THR B 186 26.87 -39.91 -4.28
CA THR B 186 27.91 -39.62 -3.30
C THR B 186 27.99 -40.67 -2.20
N SER B 187 27.02 -41.59 -2.13
CA SER B 187 27.07 -42.64 -1.13
C SER B 187 28.22 -43.62 -1.38
N ALA B 188 28.72 -43.68 -2.62
CA ALA B 188 29.87 -44.53 -2.93
C ALA B 188 31.19 -43.92 -2.45
N LEU B 189 31.18 -42.66 -2.02
CA LEU B 189 32.38 -42.06 -1.47
C LEU B 189 32.73 -42.62 -0.10
N ASP B 190 31.77 -43.23 0.60
CA ASP B 190 32.03 -43.76 1.93
C ASP B 190 33.00 -44.93 1.89
N GLU B 191 32.97 -45.74 0.83
CA GLU B 191 33.90 -46.87 0.73
C GLU B 191 35.34 -46.38 0.66
N VAL B 192 35.60 -45.34 -0.14
CA VAL B 192 36.94 -44.78 -0.21
C VAL B 192 37.30 -44.06 1.08
N PHE B 193 36.32 -43.43 1.73
CA PHE B 193 36.58 -42.76 3.00
C PHE B 193 37.12 -43.73 4.05
N LYS B 194 36.50 -44.92 4.15
CA LYS B 194 36.99 -45.92 5.09
C LYS B 194 38.31 -46.52 4.63
N LYS B 195 38.47 -46.72 3.32
CA LYS B 195 39.72 -47.30 2.81
C LYS B 195 40.89 -46.36 3.05
N ASN B 196 40.67 -45.06 2.94
CA ASN B 196 41.73 -44.09 3.19
C ASN B 196 42.22 -44.15 4.63
N ARG B 197 41.29 -44.27 5.59
CA ARG B 197 41.68 -44.30 6.99
C ARG B 197 42.36 -45.61 7.36
N GLU B 198 42.05 -46.69 6.66
CA GLU B 198 42.68 -47.97 6.96
C GLU B 198 44.19 -47.92 6.73
N GLU B 199 44.61 -47.29 5.63
CA GLU B 199 46.04 -47.18 5.34
C GLU B 199 46.72 -46.21 6.29
N ASP B 200 46.08 -45.08 6.60
CA ASP B 200 46.64 -44.04 7.47
C ASP B 200 45.66 -43.77 8.60
N PRO B 201 45.81 -44.43 9.75
CA PRO B 201 44.90 -44.17 10.87
C PRO B 201 44.93 -42.74 11.36
N SER B 202 46.08 -42.08 11.28
CA SER B 202 46.20 -40.69 11.74
C SER B 202 45.78 -39.72 10.63
N LEU B 203 44.52 -39.85 10.24
CA LEU B 203 43.94 -39.07 9.15
C LEU B 203 42.82 -38.20 9.71
N LEU B 204 42.82 -36.93 9.32
CA LEU B 204 41.82 -35.97 9.77
C LEU B 204 40.64 -35.96 8.81
N TRP B 205 39.80 -34.93 8.89
CA TRP B 205 38.59 -34.85 8.08
C TRP B 205 38.90 -34.98 6.60
N GLN B 206 38.14 -35.83 5.91
CA GLN B 206 38.09 -35.88 4.46
C GLN B 206 36.71 -35.43 4.03
N VAL B 207 36.66 -34.41 3.19
CA VAL B 207 35.40 -33.73 2.86
C VAL B 207 35.28 -33.63 1.35
N PHE B 208 34.06 -33.87 0.84
CA PHE B 208 33.72 -33.63 -0.55
C PHE B 208 32.72 -32.48 -0.59
N GLY B 209 33.17 -31.32 -1.06
CA GLY B 209 32.30 -30.18 -1.19
C GLY B 209 31.60 -30.13 -2.53
N SER B 210 30.32 -30.47 -2.57
CA SER B 210 29.59 -30.52 -3.83
C SER B 210 29.28 -29.11 -4.32
N ALA B 211 29.23 -28.97 -5.65
CA ALA B 211 28.76 -27.73 -6.23
C ALA B 211 27.27 -27.52 -5.99
N THR B 212 26.55 -28.59 -5.64
CA THR B 212 25.15 -28.46 -5.23
C THR B 212 25.03 -27.62 -3.97
N GLY B 213 25.94 -27.82 -3.01
CA GLY B 213 25.95 -27.06 -1.78
C GLY B 213 26.22 -27.91 -0.56
N LEU B 214 25.89 -29.20 -0.64
CA LEU B 214 26.07 -30.09 0.49
C LEU B 214 27.50 -30.61 0.56
N ALA B 215 28.00 -30.77 1.77
CA ALA B 215 29.33 -31.30 2.02
C ALA B 215 29.23 -32.61 2.78
N ARG B 216 29.83 -33.66 2.25
CA ARG B 216 29.83 -34.97 2.87
C ARG B 216 31.24 -35.26 3.37
N TYR B 217 31.39 -35.35 4.70
CA TYR B 217 32.70 -35.50 5.32
C TYR B 217 32.74 -36.77 6.16
N TYR B 218 33.96 -37.26 6.38
CA TYR B 218 34.23 -38.46 7.15
C TYR B 218 35.34 -38.19 8.15
N PRO B 219 35.25 -38.73 9.37
CA PRO B 219 34.17 -39.57 9.91
C PRO B 219 32.93 -38.75 10.29
N ALA B 220 31.78 -39.40 10.44
CA ALA B 220 30.57 -38.68 10.81
C ALA B 220 30.71 -38.07 12.20
N SER B 221 30.23 -36.83 12.32
CA SER B 221 30.30 -36.11 13.59
C SER B 221 29.21 -35.05 13.59
N PRO B 222 28.50 -34.86 14.70
CA PRO B 222 27.43 -33.85 14.72
C PRO B 222 27.99 -32.45 14.46
N TRP B 223 27.22 -31.65 13.74
CA TRP B 223 27.66 -30.31 13.39
C TRP B 223 27.72 -29.41 14.62
N VAL B 224 28.49 -28.34 14.51
CA VAL B 224 28.68 -27.40 15.61
C VAL B 224 27.37 -26.68 15.93
N LYS B 232 23.86 -20.56 17.94
CA LYS B 232 22.88 -19.80 17.16
C LYS B 232 22.57 -20.51 15.85
N ILE B 233 22.31 -19.72 14.81
CA ILE B 233 21.99 -20.30 13.51
C ILE B 233 23.27 -20.59 12.74
N ASP B 234 23.14 -21.41 11.70
CA ASP B 234 24.28 -21.88 10.92
C ASP B 234 24.25 -21.21 9.55
N LEU B 235 25.33 -20.51 9.21
CA LEU B 235 25.46 -19.86 7.91
C LEU B 235 26.61 -20.46 7.11
N TYR B 236 26.94 -21.72 7.38
CA TYR B 236 28.05 -22.39 6.72
C TYR B 236 27.64 -22.84 5.33
N ASP B 237 28.41 -22.41 4.34
CA ASP B 237 28.26 -22.88 2.96
C ASP B 237 29.61 -23.37 2.48
N VAL B 238 29.66 -24.62 2.02
CA VAL B 238 30.93 -25.21 1.62
C VAL B 238 31.50 -24.54 0.38
N ARG B 239 30.67 -23.84 -0.40
CA ARG B 239 31.14 -23.21 -1.62
C ARG B 239 31.81 -21.86 -1.36
N ARG B 240 31.76 -21.35 -0.14
CA ARG B 240 32.44 -20.11 0.23
C ARG B 240 33.69 -20.35 1.05
N ARG B 241 34.03 -21.61 1.34
CA ARG B 241 35.21 -21.90 2.12
C ARG B 241 36.47 -21.61 1.31
N PRO B 242 37.56 -21.19 1.96
CA PRO B 242 38.78 -20.88 1.22
C PRO B 242 39.35 -22.06 0.44
N TRP B 243 39.21 -23.28 0.95
CA TRP B 243 39.76 -24.43 0.22
C TRP B 243 38.93 -24.78 -1.00
N TYR B 244 37.62 -24.54 -0.95
CA TYR B 244 36.77 -24.78 -2.11
C TYR B 244 37.04 -23.75 -3.20
N ILE B 245 37.18 -22.48 -2.82
CA ILE B 245 37.35 -21.42 -3.80
C ILE B 245 38.70 -21.55 -4.52
N GLN B 246 39.74 -21.94 -3.80
CA GLN B 246 41.06 -22.05 -4.41
C GLN B 246 41.13 -23.17 -5.43
N GLY B 247 40.28 -24.20 -5.29
CA GLY B 247 40.25 -25.29 -6.25
C GLY B 247 39.21 -25.17 -7.33
N ALA B 248 38.25 -24.25 -7.18
CA ALA B 248 37.24 -24.07 -8.20
C ALA B 248 37.80 -23.32 -9.41
N ALA B 249 38.82 -22.49 -9.21
CA ALA B 249 39.37 -21.69 -10.30
C ALA B 249 40.79 -21.27 -9.92
N SER B 250 41.52 -20.80 -10.94
CA SER B 250 42.86 -20.25 -10.76
C SER B 250 42.76 -18.85 -10.16
N PRO B 251 43.89 -18.30 -9.67
CA PRO B 251 43.88 -16.91 -9.17
C PRO B 251 43.32 -15.92 -10.17
N LYS B 252 42.98 -14.72 -9.71
CA LYS B 252 42.27 -13.77 -10.55
C LYS B 252 42.81 -12.36 -10.33
N ASP B 253 42.38 -11.45 -11.20
CA ASP B 253 42.75 -10.04 -11.18
C ASP B 253 41.49 -9.18 -11.15
N MET B 254 40.59 -9.51 -10.22
CA MET B 254 39.28 -8.88 -10.17
C MET B 254 39.38 -7.37 -10.01
N LEU B 255 38.54 -6.66 -10.76
CA LEU B 255 38.42 -5.21 -10.65
C LEU B 255 36.94 -4.88 -10.62
N ILE B 256 36.47 -4.36 -9.49
CA ILE B 256 35.04 -4.17 -9.26
C ILE B 256 34.65 -2.76 -9.68
N LEU B 257 33.70 -2.67 -10.61
CA LEU B 257 33.14 -1.39 -11.04
C LEU B 257 31.79 -1.21 -10.36
N VAL B 258 31.63 -0.11 -9.64
CA VAL B 258 30.44 0.16 -8.85
C VAL B 258 29.75 1.39 -9.43
N ASP B 259 28.45 1.27 -9.67
CA ASP B 259 27.64 2.38 -10.18
C ASP B 259 27.20 3.24 -9.00
N VAL B 260 27.74 4.46 -8.91
CA VAL B 260 27.38 5.38 -7.84
C VAL B 260 26.62 6.56 -8.44
N SER B 261 25.94 6.32 -9.55
CA SER B 261 25.12 7.36 -10.17
C SER B 261 23.90 7.63 -9.31
N GLY B 262 23.11 8.63 -9.72
CA GLY B 262 21.99 9.06 -8.91
C GLY B 262 20.91 8.01 -8.78
N SER B 263 20.70 7.21 -9.83
CA SER B 263 19.56 6.28 -9.86
C SER B 263 19.71 5.12 -8.88
N VAL B 264 20.88 4.92 -8.28
CA VAL B 264 21.08 3.81 -7.37
C VAL B 264 20.91 4.20 -5.91
N SER B 265 20.54 5.44 -5.63
CA SER B 265 20.36 5.88 -4.25
C SER B 265 19.17 5.17 -3.62
N GLY B 266 19.32 4.79 -2.36
CA GLY B 266 18.23 4.15 -1.63
C GLY B 266 18.50 2.70 -1.28
N LEU B 267 17.51 1.84 -1.52
CA LEU B 267 17.66 0.43 -1.20
C LEU B 267 18.72 -0.24 -2.07
N THR B 268 18.77 0.10 -3.36
CA THR B 268 19.71 -0.54 -4.27
C THR B 268 21.14 -0.05 -4.10
N LEU B 269 21.37 0.98 -3.27
CA LEU B 269 22.75 1.35 -2.96
C LEU B 269 23.32 0.47 -1.85
N LYS B 270 22.55 0.27 -0.77
CA LYS B 270 22.99 -0.62 0.29
C LYS B 270 22.99 -2.07 -0.14
N LEU B 271 22.20 -2.42 -1.17
CA LEU B 271 22.29 -3.75 -1.74
C LEU B 271 23.62 -3.95 -2.46
N ILE B 272 24.10 -2.91 -3.15
CA ILE B 272 25.39 -3.00 -3.83
C ILE B 272 26.52 -3.05 -2.80
N ARG B 273 26.43 -2.23 -1.75
CA ARG B 273 27.46 -2.22 -0.73
C ARG B 273 27.59 -3.57 -0.05
N THR B 274 26.46 -4.21 0.26
CA THR B 274 26.49 -5.55 0.82
C THR B 274 26.98 -6.56 -0.21
N SER B 275 26.57 -6.39 -1.47
CA SER B 275 26.99 -7.32 -2.52
C SER B 275 28.49 -7.27 -2.74
N VAL B 276 29.06 -6.06 -2.73
CA VAL B 276 30.51 -5.92 -2.92
C VAL B 276 31.25 -6.54 -1.73
N SER B 277 30.74 -6.32 -0.52
CA SER B 277 31.40 -6.85 0.67
C SER B 277 31.40 -8.38 0.66
N GLU B 278 30.30 -8.99 0.23
CA GLU B 278 30.26 -10.45 0.12
C GLU B 278 31.13 -10.95 -1.03
N MET B 279 31.32 -10.12 -2.07
CA MET B 279 32.18 -10.52 -3.17
C MET B 279 33.64 -10.55 -2.76
N LEU B 280 34.06 -9.61 -1.90
CA LEU B 280 35.43 -9.59 -1.42
C LEU B 280 35.74 -10.78 -0.54
N GLU B 281 34.72 -11.44 0.03
CA GLU B 281 34.93 -12.61 0.87
C GLU B 281 35.33 -13.84 0.08
N THR B 282 35.23 -13.80 -1.25
CA THR B 282 35.61 -14.92 -2.10
C THR B 282 37.02 -14.78 -2.65
N LEU B 283 37.80 -13.83 -2.16
CA LEU B 283 39.16 -13.59 -2.61
C LEU B 283 40.16 -14.05 -1.57
N SER B 284 41.35 -14.43 -2.04
CA SER B 284 42.42 -14.89 -1.16
C SER B 284 43.68 -14.08 -1.37
N ASP B 285 44.79 -14.50 -0.77
CA ASP B 285 46.04 -13.77 -0.90
C ASP B 285 46.70 -13.95 -2.25
N ASP B 286 46.24 -14.90 -3.06
CA ASP B 286 46.77 -15.10 -4.40
C ASP B 286 46.03 -14.31 -5.46
N ASP B 287 44.97 -13.59 -5.07
CA ASP B 287 44.14 -12.82 -6.00
C ASP B 287 44.34 -11.34 -5.73
N PHE B 288 44.34 -10.55 -6.80
CA PHE B 288 44.56 -9.12 -6.71
C PHE B 288 43.30 -8.37 -7.11
N VAL B 289 42.87 -7.44 -6.25
CA VAL B 289 41.58 -6.78 -6.41
C VAL B 289 41.73 -5.27 -6.21
N ASN B 290 40.83 -4.53 -6.83
CA ASN B 290 40.66 -3.10 -6.58
C ASN B 290 39.20 -2.75 -6.88
N VAL B 291 38.73 -1.68 -6.26
CA VAL B 291 37.34 -1.24 -6.39
C VAL B 291 37.33 0.18 -6.92
N ALA B 292 36.51 0.43 -7.94
CA ALA B 292 36.36 1.75 -8.53
C ALA B 292 34.88 2.06 -8.73
N SER B 293 34.56 3.35 -8.74
CA SER B 293 33.18 3.80 -8.91
C SER B 293 33.13 4.89 -9.98
N PHE B 294 32.04 4.91 -10.73
CA PHE B 294 31.88 5.85 -11.83
C PHE B 294 30.52 6.52 -11.77
N ASN B 295 30.50 7.85 -11.85
CA ASN B 295 29.28 8.63 -12.05
C ASN B 295 29.67 9.89 -12.82
N SER B 296 29.58 9.81 -14.15
CA SER B 296 30.03 10.85 -15.06
C SER B 296 31.54 11.05 -14.97
N ASN B 297 32.20 10.25 -14.13
CA ASN B 297 33.64 10.32 -13.90
C ASN B 297 34.02 9.11 -13.06
N ALA B 298 35.12 8.46 -13.43
CA ALA B 298 35.55 7.24 -12.77
C ALA B 298 36.70 7.55 -11.82
N GLN B 299 36.68 6.90 -10.65
CA GLN B 299 37.70 7.10 -9.63
C GLN B 299 37.72 5.89 -8.71
N ASP B 300 38.81 5.76 -7.96
CA ASP B 300 38.93 4.70 -6.98
C ASP B 300 38.21 5.08 -5.70
N VAL B 301 37.56 4.10 -5.08
CA VAL B 301 36.85 4.34 -3.82
C VAL B 301 37.79 4.36 -2.62
N SER B 302 39.07 4.04 -2.81
CA SER B 302 40.00 3.89 -1.70
C SER B 302 41.30 4.61 -2.06
N CYS B 303 42.33 4.34 -1.26
CA CYS B 303 43.63 4.98 -1.40
C CYS B 303 44.61 4.17 -2.25
N PHE B 304 44.17 3.05 -2.84
CA PHE B 304 45.11 2.08 -3.38
C PHE B 304 45.62 2.49 -4.76
N GLN B 305 44.75 2.98 -5.63
CA GLN B 305 45.05 3.47 -6.98
C GLN B 305 45.48 2.37 -7.95
N HIS B 306 45.60 1.12 -7.50
CA HIS B 306 45.93 0.01 -8.39
C HIS B 306 45.54 -1.29 -7.68
N LEU B 307 45.79 -2.41 -8.35
CA LEU B 307 45.47 -3.71 -7.78
C LEU B 307 46.38 -4.01 -6.59
N VAL B 308 45.79 -4.58 -5.54
CA VAL B 308 46.51 -4.91 -4.31
C VAL B 308 46.30 -6.39 -4.01
N GLN B 309 47.13 -6.91 -3.10
CA GLN B 309 47.21 -8.34 -2.86
C GLN B 309 45.93 -8.93 -2.28
N ALA B 310 45.00 -8.10 -1.80
CA ALA B 310 43.72 -8.57 -1.26
C ALA B 310 43.91 -9.54 -0.09
N ASN B 311 44.76 -9.15 0.85
CA ASN B 311 44.92 -9.91 2.08
C ASN B 311 43.96 -9.34 3.13
N VAL B 312 44.13 -9.76 4.39
CA VAL B 312 43.18 -9.37 5.43
C VAL B 312 43.22 -7.86 5.66
N ARG B 313 44.41 -7.27 5.67
CA ARG B 313 44.51 -5.83 5.90
C ARG B 313 43.93 -5.03 4.73
N ASN B 314 44.23 -5.45 3.50
CA ASN B 314 43.79 -4.68 2.34
C ASN B 314 42.29 -4.83 2.10
N LYS B 315 41.75 -6.04 2.32
CA LYS B 315 40.32 -6.24 2.15
C LYS B 315 39.51 -5.44 3.16
N LYS B 316 40.05 -5.23 4.37
CA LYS B 316 39.38 -4.39 5.35
C LYS B 316 39.30 -2.95 4.87
N VAL B 317 40.35 -2.45 4.23
CA VAL B 317 40.35 -1.09 3.73
C VAL B 317 39.31 -0.90 2.64
N LEU B 318 39.23 -1.86 1.70
CA LEU B 318 38.25 -1.75 0.64
C LEU B 318 36.83 -1.89 1.16
N LYS B 319 36.63 -2.78 2.15
CA LYS B 319 35.31 -2.92 2.75
C LYS B 319 34.87 -1.64 3.46
N ASP B 320 35.80 -1.00 4.17
CA ASP B 320 35.48 0.26 4.84
C ASP B 320 35.25 1.38 3.84
N ALA B 321 36.00 1.38 2.73
CA ALA B 321 35.85 2.44 1.74
C ALA B 321 34.57 2.27 0.93
N VAL B 322 34.18 1.04 0.64
CA VAL B 322 32.97 0.81 -0.16
C VAL B 322 31.71 1.09 0.65
N ASN B 323 31.82 1.17 1.98
CA ASN B 323 30.68 1.50 2.82
C ASN B 323 30.49 3.00 2.98
N ASN B 324 31.38 3.81 2.42
CA ASN B 324 31.32 5.26 2.54
C ASN B 324 30.88 5.93 1.24
N ILE B 325 30.52 5.14 0.23
CA ILE B 325 30.16 5.70 -1.07
C ILE B 325 28.74 6.26 -1.02
N THR B 326 28.50 7.26 -1.85
CA THR B 326 27.19 7.89 -1.96
C THR B 326 26.81 7.99 -3.44
N ALA B 327 25.50 8.05 -3.68
CA ALA B 327 24.97 8.06 -5.04
C ALA B 327 24.62 9.49 -5.45
N LYS B 328 25.23 9.95 -6.54
CA LYS B 328 24.97 11.29 -7.07
C LYS B 328 25.58 11.39 -8.46
N GLY B 329 24.88 12.05 -9.36
CA GLY B 329 25.37 12.33 -10.69
C GLY B 329 24.67 11.50 -11.75
N ILE B 330 25.24 11.54 -12.95
CA ILE B 330 24.73 10.80 -14.09
C ILE B 330 25.64 9.60 -14.35
N THR B 331 25.20 8.72 -15.24
CA THR B 331 25.91 7.49 -15.55
C THR B 331 26.75 7.67 -16.81
N ASP B 332 28.00 7.20 -16.76
CA ASP B 332 28.91 7.25 -17.92
C ASP B 332 29.63 5.90 -17.99
N TYR B 333 29.09 5.00 -18.81
CA TYR B 333 29.71 3.69 -18.95
C TYR B 333 31.00 3.75 -19.75
N LYS B 334 31.10 4.67 -20.71
CA LYS B 334 32.32 4.80 -21.49
C LYS B 334 33.50 5.23 -20.63
N LYS B 335 33.28 6.17 -19.72
CA LYS B 335 34.33 6.62 -18.83
C LYS B 335 34.61 5.64 -17.69
N GLY B 336 33.68 4.72 -17.42
CA GLY B 336 33.86 3.76 -16.35
C GLY B 336 34.64 2.53 -16.78
N PHE B 337 34.34 2.03 -17.98
CA PHE B 337 35.05 0.85 -18.48
C PHE B 337 36.45 1.20 -18.97
N SER B 338 36.67 2.43 -19.45
CA SER B 338 38.01 2.86 -19.80
C SER B 338 38.92 2.87 -18.59
N PHE B 339 38.41 3.34 -17.44
CA PHE B 339 39.17 3.31 -16.21
C PHE B 339 39.47 1.88 -15.79
N ALA B 340 38.48 0.99 -15.88
CA ALA B 340 38.69 -0.39 -15.48
C ALA B 340 39.65 -1.12 -16.41
N PHE B 341 39.51 -0.91 -17.72
CA PHE B 341 40.39 -1.59 -18.68
C PHE B 341 41.82 -1.09 -18.55
N GLU B 342 42.02 0.20 -18.26
CA GLU B 342 43.37 0.74 -18.13
C GLU B 342 44.06 0.25 -16.87
N GLN B 343 43.31 0.01 -15.79
CA GLN B 343 43.92 -0.50 -14.56
C GLN B 343 44.37 -1.94 -14.68
N LEU B 344 43.85 -2.68 -15.66
CA LEU B 344 44.27 -4.05 -15.90
C LEU B 344 45.46 -4.15 -16.84
N LEU B 345 45.96 -3.01 -17.33
CA LEU B 345 47.15 -2.98 -18.18
C LEU B 345 48.27 -2.19 -17.52
N ASN B 346 48.30 -2.15 -16.19
CA ASN B 346 49.29 -1.36 -15.48
C ASN B 346 50.68 -1.99 -15.59
N TYR B 347 50.84 -3.19 -15.03
CA TYR B 347 52.06 -3.97 -15.10
C TYR B 347 53.25 -3.28 -14.44
N ASN B 348 53.01 -2.10 -13.84
CA ASN B 348 54.03 -1.50 -12.98
C ASN B 348 54.31 -2.38 -11.78
N VAL B 349 53.26 -2.93 -11.17
CA VAL B 349 53.32 -3.53 -9.85
C VAL B 349 53.08 -5.04 -9.93
N SER B 350 53.17 -5.72 -8.80
CA SER B 350 52.91 -7.14 -8.74
C SER B 350 51.43 -7.42 -9.02
N ARG B 351 51.17 -8.48 -9.78
CA ARG B 351 49.83 -8.85 -10.17
C ARG B 351 49.68 -10.36 -10.02
N ALA B 352 48.58 -10.89 -10.52
CA ALA B 352 48.36 -12.33 -10.55
C ALA B 352 48.70 -12.96 -11.90
N ASN B 353 48.69 -12.17 -12.98
CA ASN B 353 48.97 -12.66 -14.32
C ASN B 353 48.06 -13.85 -14.68
N CYS B 354 46.80 -13.74 -14.27
CA CYS B 354 45.83 -14.80 -14.41
C CYS B 354 44.50 -14.14 -14.78
N ASN B 355 43.39 -14.86 -14.56
CA ASN B 355 42.06 -14.40 -14.92
C ASN B 355 41.87 -12.92 -14.65
N LYS B 356 41.56 -12.17 -15.70
CA LYS B 356 41.32 -10.73 -15.61
C LYS B 356 39.83 -10.50 -15.82
N ILE B 357 39.14 -10.10 -14.78
CA ILE B 357 37.69 -9.98 -14.81
C ILE B 357 37.28 -8.59 -14.33
N ILE B 358 36.16 -8.12 -14.86
CA ILE B 358 35.54 -6.87 -14.44
C ILE B 358 34.13 -7.20 -13.99
N MET B 359 33.79 -6.82 -12.76
CA MET B 359 32.48 -7.10 -12.18
C MET B 359 31.74 -5.77 -12.04
N LEU B 360 30.73 -5.57 -12.88
CA LEU B 360 30.00 -4.32 -12.91
C LEU B 360 28.76 -4.43 -12.03
N PHE B 361 28.61 -3.49 -11.10
CA PHE B 361 27.49 -3.47 -10.17
C PHE B 361 26.61 -2.28 -10.52
N THR B 362 25.64 -2.52 -11.39
CA THR B 362 24.68 -1.51 -11.81
C THR B 362 23.27 -1.99 -11.46
N ASP B 363 22.28 -1.22 -11.91
CA ASP B 363 20.89 -1.67 -11.92
C ASP B 363 20.38 -1.88 -13.34
N GLY B 364 20.49 -0.86 -14.18
CA GLY B 364 20.11 -0.96 -15.57
C GLY B 364 20.51 0.27 -16.34
N GLY B 365 20.58 0.17 -17.66
CA GLY B 365 20.98 1.31 -18.46
C GLY B 365 20.62 1.09 -19.91
N GLU B 366 20.90 2.12 -20.72
CA GLU B 366 20.62 2.09 -22.15
C GLU B 366 21.87 2.24 -23.00
N GLU B 367 23.06 2.11 -22.41
CA GLU B 367 24.32 2.31 -23.10
C GLU B 367 25.10 1.02 -23.11
N ARG B 368 25.59 0.62 -24.28
CA ARG B 368 26.32 -0.63 -24.45
C ARG B 368 27.83 -0.45 -24.52
N ALA B 369 28.29 0.73 -24.96
CA ALA B 369 29.72 1.04 -25.09
C ALA B 369 30.42 0.03 -26.00
N GLN B 370 29.91 -0.07 -27.23
CA GLN B 370 30.51 -1.00 -28.19
C GLN B 370 31.94 -0.62 -28.51
N GLU B 371 32.22 0.69 -28.62
CA GLU B 371 33.55 1.14 -28.99
C GLU B 371 34.57 0.81 -27.92
N ILE B 372 34.20 0.92 -26.65
CA ILE B 372 35.13 0.67 -25.56
C ILE B 372 35.58 -0.78 -25.56
N PHE B 373 34.63 -1.71 -25.68
CA PHE B 373 34.99 -3.13 -25.72
C PHE B 373 35.77 -3.47 -26.98
N ASN B 374 35.39 -2.88 -28.11
CA ASN B 374 36.12 -3.13 -29.36
C ASN B 374 37.54 -2.59 -29.28
N LYS B 375 37.71 -1.41 -28.66
CA LYS B 375 39.03 -0.80 -28.58
C LYS B 375 39.94 -1.55 -27.61
N TYR B 376 39.43 -1.87 -26.42
CA TYR B 376 40.29 -2.37 -25.36
C TYR B 376 40.52 -3.87 -25.46
N ASN B 377 39.44 -4.66 -25.48
CA ASN B 377 39.56 -6.11 -25.62
C ASN B 377 38.81 -6.54 -26.88
N LYS B 378 39.49 -6.44 -28.02
CA LYS B 378 38.97 -6.99 -29.26
C LYS B 378 39.15 -8.50 -29.32
N ASP B 379 40.21 -9.01 -28.72
CA ASP B 379 40.48 -10.45 -28.67
C ASP B 379 39.84 -11.12 -27.47
N LYS B 380 39.04 -10.38 -26.69
CA LYS B 380 38.29 -10.93 -25.55
C LYS B 380 39.23 -11.57 -24.55
N LYS B 381 40.25 -10.81 -24.12
CA LYS B 381 41.20 -11.27 -23.11
C LYS B 381 40.74 -10.96 -21.70
N VAL B 382 39.64 -10.24 -21.53
CA VAL B 382 39.12 -9.87 -20.22
C VAL B 382 37.64 -10.24 -20.17
N ARG B 383 37.24 -10.94 -19.11
CA ARG B 383 35.84 -11.25 -18.90
C ARG B 383 35.13 -10.09 -18.21
N VAL B 384 33.84 -9.95 -18.50
CA VAL B 384 33.01 -8.92 -17.89
C VAL B 384 31.78 -9.59 -17.28
N PHE B 385 31.65 -9.51 -15.96
CA PHE B 385 30.49 -10.01 -15.24
C PHE B 385 29.63 -8.84 -14.82
N THR B 386 28.35 -8.88 -15.16
CA THR B 386 27.43 -7.78 -14.92
C THR B 386 26.36 -8.19 -13.92
N PHE B 387 26.08 -7.32 -12.95
CA PHE B 387 25.10 -7.56 -11.91
C PHE B 387 24.03 -6.49 -11.97
N SER B 388 22.77 -6.91 -12.00
CA SER B 388 21.63 -5.99 -11.97
C SER B 388 21.02 -6.09 -10.58
N VAL B 389 21.28 -5.09 -9.75
CA VAL B 389 20.99 -5.14 -8.32
C VAL B 389 19.81 -4.22 -8.01
N GLY B 390 18.85 -4.74 -7.27
CA GLY B 390 17.73 -3.96 -6.77
C GLY B 390 16.45 -4.20 -7.53
N GLN B 391 15.36 -3.70 -6.94
CA GLN B 391 14.04 -3.73 -7.56
C GLN B 391 13.88 -2.45 -8.36
N HIS B 392 14.05 -2.54 -9.68
CA HIS B 392 14.00 -1.37 -10.54
C HIS B 392 13.25 -1.73 -11.82
N ASN B 393 12.93 -0.69 -12.59
CA ASN B 393 12.21 -0.86 -13.85
C ASN B 393 13.01 -0.27 -15.00
N TYR B 394 14.31 -0.52 -15.01
CA TYR B 394 15.20 0.01 -16.03
C TYR B 394 15.46 -1.05 -17.10
N ASP B 395 16.34 -0.74 -18.04
CA ASP B 395 16.64 -1.64 -19.15
C ASP B 395 17.83 -2.52 -18.79
N ARG B 396 17.61 -3.83 -18.81
CA ARG B 396 18.67 -4.81 -18.57
C ARG B 396 19.27 -5.35 -19.86
N GLY B 397 18.84 -4.84 -21.02
CA GLY B 397 19.33 -5.30 -22.29
C GLY B 397 20.81 -5.06 -22.48
N PRO B 398 21.25 -3.80 -22.38
CA PRO B 398 22.71 -3.53 -22.46
C PRO B 398 23.51 -4.24 -21.40
N ILE B 399 22.96 -4.40 -20.20
CA ILE B 399 23.67 -5.10 -19.13
C ILE B 399 23.83 -6.57 -19.49
N GLN B 400 22.79 -7.18 -20.05
CA GLN B 400 22.89 -8.59 -20.46
C GLN B 400 23.83 -8.76 -21.64
N TRP B 401 23.84 -7.80 -22.57
CA TRP B 401 24.68 -7.91 -23.75
C TRP B 401 26.16 -7.76 -23.41
N MET B 402 26.49 -6.92 -22.43
CA MET B 402 27.89 -6.69 -22.07
C MET B 402 28.55 -7.93 -21.48
N ALA B 403 27.77 -8.91 -21.03
CA ALA B 403 28.32 -10.13 -20.45
C ALA B 403 28.53 -11.22 -21.50
N CYS B 404 27.53 -11.44 -22.36
CA CYS B 404 27.65 -12.47 -23.38
C CYS B 404 28.77 -12.17 -24.37
N GLU B 405 28.89 -10.91 -24.79
CA GLU B 405 29.89 -10.53 -25.77
C GLU B 405 31.30 -10.49 -25.18
N ASN B 406 31.44 -10.59 -23.86
CA ASN B 406 32.74 -10.48 -23.20
C ASN B 406 33.07 -11.72 -22.37
N LYS B 407 32.56 -12.89 -22.79
CA LYS B 407 32.85 -14.16 -22.14
C LYS B 407 32.48 -14.13 -20.65
N GLY B 408 31.37 -13.47 -20.33
CA GLY B 408 30.97 -13.33 -18.94
C GLY B 408 29.61 -13.92 -18.64
N TYR B 409 29.06 -13.54 -17.48
CA TYR B 409 27.76 -14.03 -17.04
C TYR B 409 26.97 -12.86 -16.47
N TYR B 410 25.65 -13.01 -16.49
CA TYR B 410 24.74 -11.97 -16.01
C TYR B 410 24.00 -12.47 -14.77
N TYR B 411 24.02 -11.67 -13.71
CA TYR B 411 23.42 -12.04 -12.44
C TYR B 411 22.43 -10.98 -11.99
N GLU B 412 21.38 -11.42 -11.30
CA GLU B 412 20.35 -10.53 -10.78
C GLU B 412 20.32 -10.66 -9.26
N ILE B 413 20.33 -9.51 -8.58
CA ILE B 413 20.29 -9.48 -7.13
C ILE B 413 19.16 -8.55 -6.70
N PRO B 414 17.91 -9.03 -6.70
CA PRO B 414 16.78 -8.13 -6.39
C PRO B 414 16.61 -7.82 -4.91
N SER B 415 17.19 -8.60 -4.01
CA SER B 415 16.99 -8.38 -2.57
C SER B 415 18.19 -8.92 -1.81
N ILE B 416 18.13 -8.79 -0.49
CA ILE B 416 19.24 -9.22 0.36
C ILE B 416 19.41 -10.73 0.31
N GLY B 417 18.30 -11.47 0.24
CA GLY B 417 18.36 -12.92 0.25
C GLY B 417 19.08 -13.53 -0.94
N ALA B 418 19.22 -12.78 -2.03
CA ALA B 418 19.92 -13.25 -3.22
C ALA B 418 21.38 -12.82 -3.28
N ILE B 419 21.85 -12.07 -2.28
CA ILE B 419 23.21 -11.55 -2.32
C ILE B 419 24.23 -12.68 -2.15
N ARG B 420 24.00 -13.56 -1.19
CA ARG B 420 25.01 -14.55 -0.83
C ARG B 420 25.20 -15.58 -1.93
N ILE B 421 24.12 -15.95 -2.62
CA ILE B 421 24.21 -17.01 -3.62
C ILE B 421 24.74 -16.47 -4.95
N ASN B 422 24.37 -15.25 -5.32
CA ASN B 422 24.77 -14.71 -6.61
C ASN B 422 26.18 -14.15 -6.63
N THR B 423 26.80 -13.95 -5.48
CA THR B 423 28.16 -13.42 -5.42
C THR B 423 29.22 -14.52 -5.41
N GLN B 424 28.81 -15.79 -5.44
CA GLN B 424 29.74 -16.90 -5.51
C GLN B 424 29.62 -17.72 -6.79
N GLU B 425 28.61 -17.46 -7.62
CA GLU B 425 28.38 -18.26 -8.81
C GLU B 425 29.34 -17.93 -9.94
N TYR B 426 30.09 -16.84 -9.86
CA TYR B 426 31.01 -16.48 -10.93
C TYR B 426 32.20 -17.42 -11.03
N LEU B 427 32.41 -18.28 -10.04
CA LEU B 427 33.49 -19.26 -10.12
C LEU B 427 33.16 -20.40 -11.07
N ASP B 428 31.88 -20.58 -11.42
CA ASP B 428 31.53 -21.57 -12.42
C ASP B 428 32.04 -21.15 -13.80
N VAL B 429 31.94 -19.87 -14.12
CA VAL B 429 32.43 -19.38 -15.41
C VAL B 429 33.96 -19.43 -15.45
N LEU B 430 34.63 -19.06 -14.36
CA LEU B 430 36.08 -19.05 -14.33
C LEU B 430 36.67 -20.45 -14.36
N GLY B 431 35.89 -21.48 -14.01
CA GLY B 431 36.35 -22.84 -14.04
C GLY B 431 36.25 -23.53 -15.38
N ARG B 432 35.70 -22.86 -16.39
CA ARG B 432 35.59 -23.48 -17.71
C ARG B 432 36.93 -23.83 -18.32
N PRO B 433 37.93 -22.95 -18.38
CA PRO B 433 39.23 -23.36 -18.95
C PRO B 433 39.94 -24.44 -18.16
N MET B 434 39.63 -24.58 -16.87
CA MET B 434 40.32 -25.58 -16.05
C MET B 434 39.82 -26.99 -16.35
N VAL B 435 38.51 -27.15 -16.55
CA VAL B 435 37.97 -28.47 -16.84
C VAL B 435 38.38 -28.95 -18.22
N LEU B 436 38.56 -28.03 -19.18
CA LEU B 436 38.97 -28.42 -20.52
C LEU B 436 40.44 -28.81 -20.58
N ALA B 437 41.25 -28.33 -19.63
CA ALA B 437 42.64 -28.76 -19.58
C ALA B 437 42.74 -30.25 -19.29
N GLY B 438 41.92 -30.74 -18.37
CA GLY B 438 41.82 -32.17 -18.13
C GLY B 438 42.77 -32.64 -17.05
N ASP B 439 43.63 -33.60 -17.40
CA ASP B 439 44.53 -34.19 -16.41
C ASP B 439 45.56 -33.18 -15.92
N LYS B 440 46.01 -32.29 -16.81
CA LYS B 440 47.04 -31.33 -16.41
C LYS B 440 46.52 -30.34 -15.37
N ALA B 441 45.22 -30.08 -15.36
CA ALA B 441 44.63 -29.22 -14.34
C ALA B 441 44.11 -30.02 -13.16
N LYS B 442 44.95 -30.92 -12.65
CA LYS B 442 44.62 -31.71 -11.46
C LYS B 442 45.88 -31.79 -10.62
N GLN B 443 46.06 -30.82 -9.73
CA GLN B 443 47.19 -30.78 -8.82
C GLN B 443 46.69 -30.43 -7.43
N VAL B 444 47.30 -31.02 -6.42
CA VAL B 444 46.92 -30.77 -5.04
C VAL B 444 47.46 -29.41 -4.60
N GLN B 445 46.57 -28.56 -4.12
CA GLN B 445 46.94 -27.24 -3.62
C GLN B 445 46.66 -27.17 -2.13
N TRP B 446 47.56 -26.54 -1.38
CA TRP B 446 47.45 -26.44 0.07
C TRP B 446 47.13 -25.00 0.45
N THR B 447 46.13 -24.83 1.32
CA THR B 447 45.64 -23.52 1.69
C THR B 447 46.52 -22.89 2.76
N ASN B 448 46.15 -21.67 3.16
CA ASN B 448 46.79 -21.02 4.28
C ASN B 448 46.31 -21.64 5.59
N VAL B 449 47.00 -21.32 6.67
CA VAL B 449 46.61 -21.82 7.98
C VAL B 449 45.30 -21.14 8.39
N TYR B 450 44.29 -21.95 8.69
CA TYR B 450 42.99 -21.43 9.10
C TYR B 450 42.43 -22.32 10.20
N LEU B 451 41.50 -21.76 10.97
CA LEU B 451 40.86 -22.50 12.05
C LEU B 451 39.75 -23.38 11.48
N ASP B 452 39.77 -24.66 11.84
CA ASP B 452 38.78 -25.60 11.33
C ASP B 452 37.39 -25.25 11.85
N ALA B 453 36.39 -25.47 11.00
CA ALA B 453 35.01 -25.18 11.39
C ALA B 453 34.54 -26.10 12.49
N LEU B 454 35.00 -27.36 12.50
CA LEU B 454 34.57 -28.35 13.47
C LEU B 454 35.39 -28.34 14.75
N GLU B 455 36.05 -27.21 15.06
CA GLU B 455 36.81 -27.02 16.28
C GLU B 455 37.90 -28.08 16.43
N LEU B 456 38.84 -28.05 15.50
CA LEU B 456 39.99 -28.95 15.52
C LEU B 456 41.31 -28.23 15.72
N GLY B 457 41.34 -26.90 15.63
CA GLY B 457 42.57 -26.15 15.78
C GLY B 457 43.01 -25.50 14.48
N LEU B 458 44.31 -25.25 14.35
CA LEU B 458 44.87 -24.69 13.13
C LEU B 458 45.21 -25.83 12.18
N VAL B 459 44.62 -25.81 10.98
CA VAL B 459 44.80 -26.87 9.99
C VAL B 459 45.03 -26.25 8.62
N ILE B 460 45.56 -27.08 7.72
CA ILE B 460 45.64 -26.77 6.31
C ILE B 460 44.96 -27.89 5.54
N THR B 461 44.53 -27.58 4.32
CA THR B 461 43.74 -28.51 3.52
C THR B 461 44.34 -28.65 2.13
N GLY B 462 44.42 -29.90 1.66
CA GLY B 462 44.76 -30.16 0.28
C GLY B 462 43.51 -30.27 -0.58
N THR B 463 43.59 -29.71 -1.79
CA THR B 463 42.42 -29.51 -2.62
C THR B 463 42.63 -30.10 -4.00
N LEU B 464 41.61 -30.79 -4.51
CA LEU B 464 41.63 -31.38 -5.85
C LEU B 464 40.24 -31.33 -6.46
N PRO B 465 40.06 -30.63 -7.58
CA PRO B 465 38.72 -30.54 -8.18
C PRO B 465 38.28 -31.85 -8.82
N VAL B 466 36.95 -31.99 -8.92
CA VAL B 466 36.33 -33.18 -9.49
C VAL B 466 35.48 -32.75 -10.68
N PHE B 467 35.67 -33.42 -11.82
CA PHE B 467 35.03 -33.04 -13.06
C PHE B 467 33.84 -33.96 -13.38
N ASN B 468 32.93 -33.44 -14.20
CA ASN B 468 31.78 -34.20 -14.70
C ASN B 468 32.15 -34.77 -16.06
N ILE B 469 32.23 -36.09 -16.15
CA ILE B 469 32.72 -36.74 -17.36
C ILE B 469 31.68 -37.72 -17.91
N THR B 470 30.40 -37.43 -17.70
CA THR B 470 29.36 -38.26 -18.29
C THR B 470 29.34 -38.04 -19.80
N GLY B 471 29.41 -39.15 -20.55
CA GLY B 471 29.50 -39.07 -21.99
C GLY B 471 30.87 -38.69 -22.53
N GLN B 472 31.87 -38.53 -21.66
CA GLN B 472 33.20 -38.17 -22.12
C GLN B 472 33.84 -39.30 -22.90
N PHE B 473 33.42 -40.54 -22.66
CA PHE B 473 33.97 -41.68 -23.40
C PHE B 473 33.57 -41.64 -24.88
N GLU B 474 32.53 -40.88 -25.23
CA GLU B 474 32.17 -40.65 -26.61
C GLU B 474 32.24 -39.19 -27.02
N ASN B 475 32.34 -38.26 -26.07
CA ASN B 475 32.46 -36.82 -26.34
C ASN B 475 31.29 -36.32 -27.18
N LYS B 476 30.09 -36.41 -26.60
CA LYS B 476 28.88 -36.03 -27.31
C LYS B 476 28.09 -34.96 -26.58
N THR B 477 28.14 -34.95 -25.24
CA THR B 477 27.35 -33.98 -24.49
C THR B 477 28.05 -32.63 -24.43
N ASN B 478 29.19 -32.57 -23.73
CA ASN B 478 30.07 -31.40 -23.68
C ASN B 478 29.34 -30.11 -23.31
N LEU B 479 28.13 -30.19 -22.77
CA LEU B 479 27.35 -28.99 -22.45
C LEU B 479 27.37 -28.66 -20.96
N LYS B 480 27.00 -29.61 -20.11
CA LYS B 480 27.12 -29.45 -18.67
C LYS B 480 28.41 -30.06 -18.14
N ASN B 481 29.23 -30.64 -19.01
CA ASN B 481 30.51 -31.23 -18.63
C ASN B 481 31.62 -30.20 -18.56
N GLN B 482 31.29 -28.92 -18.67
CA GLN B 482 32.27 -27.85 -18.52
C GLN B 482 32.27 -27.26 -17.12
N LEU B 483 31.55 -27.86 -16.18
CA LEU B 483 31.52 -27.42 -14.80
C LEU B 483 32.02 -28.54 -13.91
N ILE B 484 32.70 -28.17 -12.82
CA ILE B 484 33.24 -29.13 -11.88
C ILE B 484 32.11 -29.72 -11.04
N LEU B 485 32.27 -30.99 -10.65
CA LEU B 485 31.35 -31.59 -9.71
C LEU B 485 31.49 -30.99 -8.32
N GLY B 486 32.73 -30.72 -7.91
CA GLY B 486 32.99 -30.20 -6.59
C GLY B 486 34.47 -30.19 -6.31
N VAL B 487 34.82 -30.13 -5.02
CA VAL B 487 36.20 -30.07 -4.57
C VAL B 487 36.39 -31.09 -3.47
N MET B 488 37.48 -31.86 -3.55
CA MET B 488 37.83 -32.85 -2.54
C MET B 488 38.94 -32.31 -1.66
N GLY B 489 38.74 -32.42 -0.35
CA GLY B 489 39.68 -31.85 0.60
C GLY B 489 40.03 -32.84 1.70
N VAL B 490 41.27 -32.72 2.19
CA VAL B 490 41.75 -33.50 3.33
C VAL B 490 42.53 -32.56 4.23
N ASP B 491 42.27 -32.63 5.54
CA ASP B 491 42.86 -31.71 6.50
C ASP B 491 44.13 -32.27 7.10
N VAL B 492 45.10 -31.39 7.32
CA VAL B 492 46.33 -31.71 8.04
C VAL B 492 46.47 -30.74 9.18
N SER B 493 46.62 -31.25 10.40
CA SER B 493 46.74 -30.39 11.57
C SER B 493 48.16 -29.87 11.70
N LEU B 494 48.28 -28.67 12.29
CA LEU B 494 49.59 -28.14 12.60
C LEU B 494 50.27 -28.92 13.72
N GLU B 495 49.50 -29.65 14.52
CA GLU B 495 50.10 -30.56 15.49
C GLU B 495 50.79 -31.73 14.80
N ASP B 496 50.23 -32.20 13.68
CA ASP B 496 50.88 -33.25 12.91
C ASP B 496 52.23 -32.78 12.37
N ILE B 497 52.30 -31.54 11.88
CA ILE B 497 53.55 -31.00 11.39
C ILE B 497 54.54 -30.79 12.53
N LYS B 498 54.04 -30.36 13.69
CA LYS B 498 54.91 -30.14 14.85
C LYS B 498 55.54 -31.43 15.35
N ARG B 499 54.93 -32.58 15.08
CA ARG B 499 55.52 -33.83 15.53
C ARG B 499 56.73 -34.23 14.69
N LEU B 500 56.80 -33.75 13.45
CA LEU B 500 57.91 -34.06 12.57
C LEU B 500 59.12 -33.16 12.78
N THR B 501 59.00 -32.15 13.65
CA THR B 501 60.09 -31.22 13.94
C THR B 501 60.30 -31.17 15.45
N PRO B 502 60.95 -32.19 16.01
CA PRO B 502 61.20 -32.18 17.46
C PRO B 502 62.16 -31.07 17.86
N ARG B 503 61.96 -30.56 19.07
CA ARG B 503 62.75 -29.44 19.57
C ARG B 503 63.45 -29.74 20.89
N PHE B 504 63.25 -30.93 21.46
CA PHE B 504 63.80 -31.24 22.78
C PHE B 504 65.24 -31.75 22.71
N THR B 505 65.81 -31.90 21.52
CA THR B 505 67.21 -32.24 21.37
C THR B 505 68.10 -31.00 21.27
N LEU B 506 67.51 -29.81 21.37
CA LEU B 506 68.23 -28.55 21.21
C LEU B 506 67.75 -27.57 22.25
N CYS B 507 68.49 -26.47 22.38
CA CYS B 507 68.27 -25.51 23.44
C CYS B 507 66.92 -24.79 23.26
N PRO B 508 66.36 -24.23 24.34
CA PRO B 508 65.07 -23.54 24.22
C PRO B 508 65.09 -22.34 23.28
N ASN B 509 66.28 -21.78 22.98
CA ASN B 509 66.36 -20.63 22.10
C ASN B 509 66.30 -21.01 20.62
N GLY B 510 66.40 -22.29 20.29
CA GLY B 510 66.31 -22.74 18.92
C GLY B 510 64.93 -23.27 18.58
N TYR B 511 64.59 -23.20 17.30
CA TYR B 511 63.26 -23.60 16.85
C TYR B 511 63.26 -23.77 15.34
N TYR B 512 62.26 -24.50 14.86
CA TYR B 512 61.96 -24.60 13.44
C TYR B 512 60.90 -23.57 13.06
N PHE B 513 60.88 -23.22 11.77
CA PHE B 513 59.78 -22.43 11.23
C PHE B 513 59.72 -22.64 9.72
N ALA B 514 58.52 -22.80 9.20
CA ALA B 514 58.29 -23.01 7.78
C ALA B 514 57.62 -21.79 7.18
N ILE B 515 57.85 -21.59 5.89
CA ILE B 515 57.38 -20.41 5.18
C ILE B 515 56.59 -20.85 3.96
N ASP B 516 55.76 -19.95 3.47
CA ASP B 516 54.89 -20.12 2.32
C ASP B 516 55.26 -19.10 1.25
N PRO B 517 55.07 -19.43 -0.03
CA PRO B 517 55.51 -18.51 -1.10
C PRO B 517 54.93 -17.10 -0.99
N ASN B 518 53.85 -16.89 -0.25
CA ASN B 518 53.39 -15.53 0.03
C ASN B 518 54.13 -14.90 1.20
N GLY B 519 54.98 -15.64 1.89
CA GLY B 519 55.71 -15.13 3.03
C GLY B 519 55.14 -15.53 4.38
N TYR B 520 53.91 -16.01 4.41
CA TYR B 520 53.28 -16.38 5.67
C TYR B 520 53.93 -17.62 6.26
N VAL B 521 53.83 -17.76 7.57
CA VAL B 521 54.46 -18.86 8.30
C VAL B 521 53.44 -19.99 8.44
N LEU B 522 53.79 -21.16 7.92
CA LEU B 522 53.01 -22.37 8.18
C LEU B 522 53.29 -22.90 9.58
N LEU B 523 54.51 -22.70 10.08
CA LEU B 523 54.93 -23.20 11.38
C LEU B 523 55.83 -22.15 12.04
N HIS B 524 55.55 -21.85 13.30
CA HIS B 524 56.33 -20.89 14.07
C HIS B 524 55.95 -20.94 15.54
N PRO B 525 56.90 -20.73 16.45
CA PRO B 525 56.55 -20.62 17.87
C PRO B 525 55.59 -19.48 18.17
N ASN B 526 55.66 -18.39 17.42
CA ASN B 526 54.85 -17.20 17.68
C ASN B 526 53.48 -17.26 17.04
N LEU B 527 53.16 -18.31 16.29
CA LEU B 527 51.83 -18.46 15.71
C LEU B 527 50.87 -19.01 16.74
N GLN B 528 49.71 -18.37 16.87
CA GLN B 528 48.75 -18.72 17.91
C GLN B 528 47.40 -19.05 17.29
N PRO B 529 46.62 -19.93 17.92
CA PRO B 529 45.32 -20.31 17.37
C PRO B 529 44.26 -19.23 17.54
N LYS B 530 44.57 -18.01 17.10
CA LYS B 530 43.64 -16.90 17.18
C LYS B 530 43.63 -16.14 15.86
N PRO B 531 42.49 -15.56 15.49
CA PRO B 531 42.45 -14.77 14.26
C PRO B 531 43.30 -13.52 14.37
N ILE B 532 43.85 -13.10 13.24
CA ILE B 532 44.65 -11.89 13.20
C ILE B 532 43.71 -10.68 13.13
N GLY B 533 43.93 -9.71 14.01
CA GLY B 533 43.05 -8.58 14.11
C GLY B 533 43.40 -7.47 13.15
N VAL B 534 42.44 -6.55 12.98
CA VAL B 534 42.61 -5.37 12.15
C VAL B 534 42.02 -4.17 12.87
N GLY B 535 42.81 -3.10 13.00
CA GLY B 535 42.35 -1.86 13.62
C GLY B 535 41.90 -2.03 15.07
N ILE B 536 41.34 -0.93 15.59
CA ILE B 536 40.77 -0.90 16.93
C ILE B 536 39.30 -1.26 16.84
N PRO B 537 38.81 -2.25 17.61
CA PRO B 537 37.38 -2.58 17.58
C PRO B 537 36.56 -1.50 18.29
N THR B 538 35.60 -0.93 17.56
CA THR B 538 34.71 0.10 18.09
C THR B 538 33.28 -0.31 17.81
N ILE B 539 32.58 -0.78 18.83
CA ILE B 539 31.21 -1.28 18.70
C ILE B 539 30.32 -0.51 19.68
N ASN B 540 29.18 -0.05 19.19
CA ASN B 540 28.23 0.68 20.01
C ASN B 540 27.60 -0.22 21.07
N SER B 553 35.74 -16.31 13.00
CA SER B 553 37.01 -16.89 12.55
C SER B 553 36.86 -17.52 11.17
N GLN B 554 36.26 -16.78 10.24
CA GLN B 554 36.09 -17.25 8.88
C GLN B 554 37.25 -16.88 7.96
N GLU B 555 38.22 -16.07 8.45
CA GLU B 555 39.38 -15.71 7.66
C GLU B 555 40.58 -16.55 8.07
N PRO B 556 41.48 -16.83 7.14
CA PRO B 556 42.67 -17.63 7.49
C PRO B 556 43.62 -16.85 8.40
N VAL B 557 44.41 -17.61 9.15
CA VAL B 557 45.42 -17.01 10.04
C VAL B 557 46.67 -16.84 9.21
N THR B 558 46.72 -15.73 8.48
CA THR B 558 47.84 -15.41 7.59
C THR B 558 48.75 -14.43 8.31
N LEU B 559 49.78 -14.96 8.96
CA LEU B 559 50.76 -14.17 9.68
C LEU B 559 52.08 -14.21 8.91
N ASP B 560 52.59 -13.04 8.57
CA ASP B 560 53.83 -12.98 7.81
C ASP B 560 55.02 -13.37 8.67
N PHE B 561 56.09 -13.82 8.00
CA PHE B 561 57.31 -14.18 8.73
C PHE B 561 57.92 -12.97 9.42
N LEU B 562 57.94 -11.82 8.74
CA LEU B 562 58.50 -10.61 9.33
C LEU B 562 57.66 -10.08 10.48
N ASP B 563 56.38 -10.45 10.54
CA ASP B 563 55.52 -10.07 11.66
C ASP B 563 55.49 -11.12 12.77
N ALA B 564 56.10 -12.28 12.55
CA ALA B 564 56.13 -13.30 13.59
C ALA B 564 57.17 -12.96 14.66
N GLU B 565 58.31 -12.42 14.25
CA GLU B 565 59.37 -12.02 15.17
C GLU B 565 59.89 -10.64 14.75
N LEU B 566 60.89 -10.16 15.48
CA LEU B 566 61.44 -8.84 15.21
C LEU B 566 62.08 -8.79 13.83
N GLU B 567 61.76 -7.75 13.08
CA GLU B 567 62.28 -7.61 11.72
C GLU B 567 63.72 -7.11 11.75
N ASN B 568 64.44 -7.41 10.67
CA ASN B 568 65.83 -7.00 10.53
C ASN B 568 66.16 -6.96 9.04
N ASP B 569 67.24 -6.24 8.72
CA ASP B 569 67.66 -6.15 7.32
C ASP B 569 68.07 -7.52 6.78
N ILE B 570 68.78 -8.32 7.58
CA ILE B 570 69.20 -9.63 7.13
C ILE B 570 68.01 -10.57 6.98
N LYS B 571 67.01 -10.44 7.86
CA LYS B 571 65.86 -11.33 7.80
C LYS B 571 65.11 -11.20 6.48
N VAL B 572 65.03 -9.97 5.95
CA VAL B 572 64.37 -9.77 4.66
C VAL B 572 65.12 -10.53 3.56
N GLU B 573 66.45 -10.49 3.59
CA GLU B 573 67.21 -11.24 2.61
C GLU B 573 67.01 -12.74 2.76
N ILE B 574 66.95 -13.22 4.00
CA ILE B 574 66.70 -14.65 4.23
C ILE B 574 65.30 -15.02 3.75
N ARG B 575 64.31 -14.17 4.06
CA ARG B 575 62.94 -14.46 3.65
C ARG B 575 62.81 -14.51 2.13
N ASN B 576 63.46 -13.57 1.43
CA ASN B 576 63.40 -13.56 -0.02
C ASN B 576 64.04 -14.81 -0.61
N LYS B 577 65.19 -15.22 -0.07
CA LYS B 577 65.82 -16.46 -0.53
C LYS B 577 64.96 -17.67 -0.21
N MET B 578 64.31 -17.67 0.95
CA MET B 578 63.46 -18.79 1.35
C MET B 578 62.23 -18.90 0.45
N ILE B 579 61.70 -17.78 -0.02
CA ILE B 579 60.45 -17.79 -0.79
C ILE B 579 60.65 -18.46 -2.14
N ASP B 580 61.71 -18.07 -2.87
CA ASP B 580 61.92 -18.63 -4.20
C ASP B 580 62.34 -20.09 -4.13
N GLY B 581 63.03 -20.49 -3.07
CA GLY B 581 63.39 -21.87 -2.87
C GLY B 581 64.83 -22.17 -3.23
N GLU B 582 65.69 -22.22 -2.22
CA GLU B 582 67.09 -22.55 -2.39
C GLU B 582 67.71 -22.75 -1.01
N SER B 583 68.53 -23.80 -0.89
CA SER B 583 69.19 -24.07 0.37
C SER B 583 70.23 -22.99 0.68
N GLY B 584 70.51 -22.81 1.97
CA GLY B 584 71.48 -21.81 2.37
C GLY B 584 71.77 -21.92 3.85
N GLU B 585 72.63 -21.02 4.31
CA GLU B 585 73.02 -20.97 5.72
C GLU B 585 73.63 -19.61 5.99
N LYS B 586 73.28 -19.01 7.14
CA LYS B 586 73.81 -17.71 7.50
C LYS B 586 73.91 -17.60 9.01
N THR B 587 75.05 -17.09 9.49
CA THR B 587 75.26 -16.80 10.90
C THR B 587 75.45 -15.31 11.07
N PHE B 588 74.64 -14.71 11.95
CA PHE B 588 74.68 -13.26 12.13
C PHE B 588 74.15 -12.91 13.51
N ARG B 589 74.46 -11.70 13.95
CA ARG B 589 74.02 -11.21 15.26
C ARG B 589 72.62 -10.62 15.16
N THR B 590 71.73 -11.09 16.02
CA THR B 590 70.33 -10.66 16.00
C THR B 590 69.89 -10.29 17.41
N LEU B 591 68.97 -9.35 17.50
CA LEU B 591 68.33 -9.02 18.77
C LEU B 591 67.03 -9.81 18.87
N VAL B 592 66.86 -10.49 20.00
CA VAL B 592 65.79 -11.47 20.17
C VAL B 592 64.88 -11.02 21.31
N LYS B 593 63.57 -11.01 21.04
CA LYS B 593 62.59 -10.72 22.08
C LYS B 593 62.44 -11.92 23.01
N SER B 594 62.03 -11.64 24.24
CA SER B 594 61.85 -12.67 25.24
C SER B 594 60.42 -13.23 25.20
N GLN B 595 60.20 -14.30 25.95
CA GLN B 595 58.87 -14.91 26.00
C GLN B 595 57.83 -13.94 26.53
N ASP B 596 58.16 -13.22 27.60
CA ASP B 596 57.35 -12.10 28.05
C ASP B 596 57.83 -10.86 27.29
N GLU B 597 56.90 -10.19 26.62
CA GLU B 597 57.29 -9.10 25.73
C GLU B 597 57.72 -7.88 26.53
N ARG B 598 58.84 -8.02 27.26
CA ARG B 598 59.38 -6.95 28.07
C ARG B 598 60.87 -6.72 27.89
N TYR B 599 61.62 -7.70 27.39
CA TYR B 599 63.07 -7.61 27.28
C TYR B 599 63.52 -7.90 25.86
N ILE B 600 64.63 -7.29 25.47
CA ILE B 600 65.29 -7.54 24.20
C ILE B 600 66.76 -7.77 24.48
N ASP B 601 67.32 -8.86 23.95
CA ASP B 601 68.73 -9.16 24.10
C ASP B 601 69.31 -9.59 22.76
N LYS B 602 70.57 -9.24 22.55
CA LYS B 602 71.26 -9.54 21.30
C LYS B 602 72.08 -10.81 21.45
N GLY B 603 72.00 -11.69 20.45
CA GLY B 603 72.74 -12.93 20.48
C GLY B 603 72.95 -13.46 19.08
N ASN B 604 74.06 -14.15 18.89
CA ASN B 604 74.36 -14.74 17.59
C ASN B 604 73.39 -15.87 17.27
N ARG B 605 72.95 -15.90 16.02
CA ARG B 605 72.01 -16.91 15.55
C ARG B 605 72.47 -17.47 14.22
N THR B 606 72.08 -18.71 13.95
CA THR B 606 72.40 -19.38 12.68
C THR B 606 71.10 -19.85 12.05
N TYR B 607 70.86 -19.42 10.81
CA TYR B 607 69.68 -19.81 10.06
C TYR B 607 70.09 -20.79 8.96
N THR B 608 69.42 -21.94 8.92
CA THR B 608 69.66 -22.97 7.92
C THR B 608 68.33 -23.36 7.32
N TRP B 609 68.12 -23.06 6.04
CA TRP B 609 66.85 -23.28 5.38
C TRP B 609 67.04 -24.12 4.12
N THR B 610 66.03 -24.91 3.82
CA THR B 610 65.98 -25.73 2.61
C THR B 610 64.55 -25.79 2.13
N PRO B 611 64.33 -25.98 0.83
CA PRO B 611 62.96 -26.12 0.32
C PRO B 611 62.45 -27.55 0.38
N VAL B 612 61.15 -27.66 0.67
CA VAL B 612 60.48 -28.94 0.65
C VAL B 612 60.21 -29.34 -0.81
N ASN B 613 60.49 -30.62 -1.12
CA ASN B 613 60.49 -31.05 -2.52
C ASN B 613 59.09 -31.00 -3.13
N GLY B 614 58.16 -31.77 -2.56
CA GLY B 614 56.87 -31.94 -3.20
C GLY B 614 56.06 -30.66 -3.28
N THR B 615 56.02 -29.90 -2.19
CA THR B 615 55.22 -28.70 -2.12
C THR B 615 56.10 -27.47 -2.32
N ASP B 616 55.51 -26.29 -2.16
CA ASP B 616 56.22 -25.02 -2.35
C ASP B 616 56.68 -24.41 -1.03
N TYR B 617 56.58 -25.15 0.07
CA TYR B 617 57.01 -24.64 1.36
C TYR B 617 58.52 -24.74 1.51
N SER B 618 59.05 -23.90 2.39
CA SER B 618 60.47 -23.90 2.72
C SER B 618 60.63 -24.00 4.23
N LEU B 619 61.47 -24.93 4.69
CA LEU B 619 61.66 -25.18 6.11
C LEU B 619 63.01 -24.62 6.55
N ALA B 620 63.02 -23.93 7.69
CA ALA B 620 64.24 -23.36 8.24
C ALA B 620 64.34 -23.71 9.71
N LEU B 621 65.59 -23.81 10.19
CA LEU B 621 65.86 -24.10 11.58
C LEU B 621 66.76 -23.00 12.14
N VAL B 622 66.27 -22.32 13.18
CA VAL B 622 67.05 -21.30 13.87
C VAL B 622 67.79 -21.96 15.02
N LEU B 623 69.11 -21.83 15.02
CA LEU B 623 69.92 -22.52 16.03
C LEU B 623 71.08 -21.63 16.44
N PRO B 624 71.10 -21.14 17.68
CA PRO B 624 72.18 -20.26 18.13
C PRO B 624 73.46 -21.06 18.37
N THR B 625 74.46 -20.37 18.88
CA THR B 625 75.68 -21.03 19.34
C THR B 625 75.36 -21.75 20.65
N TYR B 626 76.39 -22.32 21.28
CA TYR B 626 76.28 -23.03 22.56
C TYR B 626 75.19 -24.10 22.53
N SER B 627 74.71 -24.45 21.34
CA SER B 627 73.64 -25.43 21.20
C SER B 627 73.89 -26.38 20.03
N PHE B 628 75.03 -26.25 19.33
CA PHE B 628 75.39 -27.23 18.33
C PHE B 628 75.71 -28.60 18.93
N TYR B 629 75.88 -28.66 20.24
CA TYR B 629 76.10 -29.92 20.95
C TYR B 629 75.11 -30.02 22.11
N TYR B 630 74.55 -31.21 22.31
CA TYR B 630 73.60 -31.45 23.37
C TYR B 630 74.03 -32.66 24.18
N ILE B 631 73.34 -32.88 25.30
CA ILE B 631 73.63 -33.99 26.20
C ILE B 631 72.64 -35.11 25.92
N LYS B 632 73.17 -36.27 25.52
CA LYS B 632 72.36 -37.46 25.31
C LYS B 632 72.69 -38.44 26.44
N ALA B 633 71.70 -38.70 27.29
CA ALA B 633 71.92 -39.57 28.45
C ALA B 633 72.24 -40.99 28.00
N LYS B 634 73.24 -41.60 28.65
CA LYS B 634 73.70 -42.94 28.33
C LYS B 634 73.71 -43.76 29.62
N LEU B 635 72.57 -44.37 29.95
CA LEU B 635 72.47 -45.23 31.12
C LEU B 635 71.31 -46.18 30.93
N GLU B 636 71.59 -47.49 31.08
CA GLU B 636 70.57 -48.51 30.95
C GLU B 636 70.46 -49.41 32.17
N GLU B 637 71.40 -49.33 33.12
CA GLU B 637 71.35 -50.17 34.30
C GLU B 637 70.19 -49.76 35.20
N THR B 638 69.68 -50.72 35.98
CA THR B 638 68.47 -50.49 36.76
C THR B 638 68.75 -49.72 38.06
N ILE B 639 69.66 -50.24 38.89
CA ILE B 639 69.84 -49.66 40.22
C ILE B 639 70.37 -48.23 40.15
N THR B 640 71.22 -47.93 39.16
CA THR B 640 71.63 -46.54 38.97
C THR B 640 70.46 -45.68 38.49
N GLN B 641 69.66 -46.19 37.56
CA GLN B 641 68.48 -45.45 37.10
C GLN B 641 67.43 -45.37 38.19
N ALA B 642 67.24 -46.45 38.95
CA ALA B 642 66.17 -46.49 39.94
C ALA B 642 66.38 -45.44 41.03
N ARG B 643 67.61 -45.30 41.52
CA ARG B 643 67.87 -44.36 42.61
C ARG B 643 67.55 -42.92 42.21
N TYR B 644 67.62 -42.62 40.91
CA TYR B 644 67.20 -41.30 40.43
C TYR B 644 65.68 -41.17 40.39
N SER B 645 64.96 -42.30 40.32
CA SER B 645 63.50 -42.24 40.23
C SER B 645 62.87 -41.95 41.59
N GLU B 646 63.54 -42.33 42.66
CA GLU B 646 63.04 -42.03 43.99
C GLU B 646 63.14 -40.55 44.28
N THR B 647 64.12 -39.88 43.69
CA THR B 647 64.31 -38.46 43.93
C THR B 647 63.08 -37.68 43.53
N LEU B 648 62.30 -38.22 42.60
CA LEU B 648 61.12 -37.51 42.12
C LEU B 648 59.91 -37.72 43.01
N LYS B 649 60.03 -38.63 43.97
CA LYS B 649 58.89 -38.93 44.83
C LYS B 649 58.41 -37.70 45.56
N PRO B 650 57.16 -37.28 45.31
CA PRO B 650 56.63 -36.07 45.93
C PRO B 650 56.95 -35.97 47.41
N ASP B 651 56.86 -37.08 48.13
CA ASP B 651 57.15 -37.09 49.55
C ASP B 651 58.42 -36.33 49.89
N ASN B 652 59.52 -36.66 49.23
CA ASN B 652 60.80 -36.03 49.57
C ASN B 652 60.95 -34.61 49.05
N PHE B 653 59.84 -33.91 48.84
CA PHE B 653 59.91 -32.53 48.36
C PHE B 653 60.52 -31.63 49.41
N GLU B 654 60.86 -32.19 50.55
CA GLU B 654 61.48 -31.41 51.61
C GLU B 654 62.98 -31.57 51.51
N GLU B 655 63.44 -32.80 51.47
CA GLU B 655 64.86 -33.07 51.37
C GLU B 655 65.37 -32.77 49.98
N SER B 656 64.55 -33.03 48.97
CA SER B 656 64.94 -32.79 47.59
C SER B 656 64.45 -31.44 47.09
N GLY B 657 63.59 -30.79 47.86
CA GLY B 657 63.04 -29.51 47.45
C GLY B 657 61.89 -29.71 46.49
N TYR B 658 60.86 -28.88 46.60
CA TYR B 658 59.70 -29.04 45.74
C TYR B 658 60.14 -29.24 44.30
N THR B 659 59.59 -30.26 43.64
CA THR B 659 60.04 -30.69 42.32
C THR B 659 58.91 -30.56 41.32
N PHE B 660 59.22 -30.02 40.15
CA PHE B 660 58.30 -29.94 39.03
C PHE B 660 58.80 -30.83 37.90
N ILE B 661 57.89 -31.21 37.01
CA ILE B 661 58.20 -32.09 35.89
C ILE B 661 57.61 -31.50 34.62
N ALA B 662 58.40 -31.48 33.55
CA ALA B 662 57.94 -30.92 32.29
C ALA B 662 56.85 -31.82 31.69
N PRO B 663 55.70 -31.26 31.31
CA PRO B 663 54.61 -32.08 30.75
C PRO B 663 54.86 -32.48 29.29
N ARG B 664 55.98 -33.17 29.07
CA ARG B 664 56.31 -33.62 27.73
C ARG B 664 55.64 -34.96 27.45
N ASP B 665 55.60 -35.32 26.15
CA ASP B 665 55.00 -36.58 25.71
C ASP B 665 56.02 -37.70 25.83
N TYR B 666 56.26 -38.12 27.07
CA TYR B 666 57.23 -39.17 27.34
C TYR B 666 56.78 -40.50 26.74
N CYS B 667 55.53 -40.89 27.00
CA CYS B 667 54.96 -42.10 26.44
C CYS B 667 53.52 -41.81 26.00
N ASN B 668 53.02 -42.66 25.10
CA ASN B 668 51.72 -42.41 24.48
C ASN B 668 50.59 -42.46 25.51
N ASP B 669 50.56 -43.52 26.32
CA ASP B 669 49.48 -43.68 27.30
C ASP B 669 49.53 -42.58 28.35
N LEU B 670 50.72 -42.23 28.83
CA LEU B 670 50.86 -41.16 29.81
C LEU B 670 50.48 -39.82 29.18
N LYS B 671 49.33 -39.28 29.58
CA LYS B 671 48.80 -38.06 28.99
C LYS B 671 49.12 -36.86 29.87
N ILE B 672 49.29 -35.71 29.22
CA ILE B 672 49.60 -34.48 29.93
C ILE B 672 48.36 -33.96 30.64
N SER B 673 48.57 -33.20 31.72
CA SER B 673 47.47 -32.69 32.53
C SER B 673 47.51 -31.19 32.75
N ASP B 674 48.63 -30.52 32.49
CA ASP B 674 48.74 -29.07 32.59
C ASP B 674 48.49 -28.57 34.01
N ASN B 675 48.86 -29.36 35.02
CA ASN B 675 48.78 -28.92 36.41
C ASN B 675 50.02 -29.25 37.23
N ASN B 676 50.82 -30.24 36.83
CA ASN B 676 52.05 -30.63 37.52
C ASN B 676 51.78 -31.08 38.96
N THR B 677 50.56 -31.52 39.24
CA THR B 677 50.26 -32.18 40.50
C THR B 677 49.89 -33.64 40.30
N GLU B 678 48.91 -33.92 39.44
CA GLU B 678 48.62 -35.30 39.07
C GLU B 678 49.63 -35.83 38.06
N PHE B 679 50.15 -34.97 37.18
CA PHE B 679 51.10 -35.42 36.17
C PHE B 679 52.38 -35.96 36.82
N LEU B 680 52.86 -35.28 37.87
CA LEU B 680 53.99 -35.84 38.62
C LEU B 680 53.62 -37.17 39.24
N LEU B 681 52.41 -37.27 39.80
CA LEU B 681 51.95 -38.54 40.36
C LEU B 681 51.80 -39.60 39.27
N ASN B 682 51.29 -39.22 38.10
CA ASN B 682 51.17 -40.15 36.99
C ASN B 682 52.51 -40.52 36.38
N PHE B 683 53.59 -39.84 36.75
CA PHE B 683 54.90 -40.12 36.18
C PHE B 683 55.66 -41.16 36.99
N ASN B 684 55.85 -40.92 38.28
CA ASN B 684 56.59 -41.88 39.11
C ASN B 684 55.83 -43.20 39.21
N GLU B 685 54.50 -43.15 39.27
CA GLU B 685 53.71 -44.37 39.23
C GLU B 685 53.94 -45.13 37.93
N PHE B 686 53.98 -44.41 36.82
CA PHE B 686 54.28 -45.05 35.54
C PHE B 686 55.68 -45.63 35.53
N ILE B 687 56.67 -44.87 36.00
CA ILE B 687 58.05 -45.34 35.98
C ILE B 687 58.27 -46.50 36.94
N ASP B 688 57.40 -46.66 37.94
CA ASP B 688 57.49 -47.77 38.88
C ASP B 688 56.55 -48.92 38.52
N ARG B 689 55.83 -48.82 37.41
CA ARG B 689 54.90 -49.86 36.99
C ARG B 689 55.19 -50.42 35.61
N LYS B 690 55.82 -49.65 34.72
CA LYS B 690 56.09 -50.09 33.36
C LYS B 690 57.49 -50.67 33.27
N THR B 691 57.64 -51.72 32.47
CA THR B 691 58.94 -52.35 32.27
C THR B 691 59.89 -51.38 31.57
N PRO B 692 61.19 -51.48 31.84
CA PRO B 692 62.15 -50.55 31.23
C PRO B 692 62.27 -50.68 29.72
N ASN B 693 61.73 -51.76 29.12
CA ASN B 693 61.83 -51.92 27.67
C ASN B 693 61.12 -50.80 26.94
N ASN B 694 59.93 -50.41 27.42
CA ASN B 694 59.12 -49.35 26.84
C ASN B 694 58.89 -49.61 25.35
N PRO B 695 58.07 -50.60 24.99
CA PRO B 695 57.89 -50.91 23.56
C PRO B 695 57.35 -49.76 22.74
N SER B 696 56.49 -48.93 23.32
CA SER B 696 55.91 -47.79 22.62
C SER B 696 56.32 -46.44 23.19
N CYS B 697 57.06 -46.42 24.30
CA CYS B 697 57.49 -45.19 24.93
C CYS B 697 58.95 -44.91 24.60
N ASN B 698 59.24 -43.69 24.15
CA ASN B 698 60.59 -43.34 23.75
C ASN B 698 61.45 -43.11 24.98
N ALA B 699 62.66 -43.66 24.96
CA ALA B 699 63.55 -43.60 26.11
C ALA B 699 64.51 -42.43 26.08
N ASP B 700 64.60 -41.71 24.97
CA ASP B 700 65.49 -40.55 24.90
C ASP B 700 65.05 -39.45 25.87
N LEU B 701 63.74 -39.19 25.93
CA LEU B 701 63.23 -38.21 26.88
C LEU B 701 63.27 -38.75 28.31
N ILE B 702 62.99 -40.05 28.48
CA ILE B 702 62.95 -40.62 29.82
C ILE B 702 64.35 -40.67 30.42
N ASN B 703 65.37 -40.90 29.59
CA ASN B 703 66.74 -40.91 30.09
C ASN B 703 67.24 -39.51 30.38
N ARG B 704 66.78 -38.52 29.59
CA ARG B 704 67.22 -37.14 29.79
C ARG B 704 66.76 -36.61 31.14
N VAL B 705 65.48 -36.80 31.47
CA VAL B 705 64.94 -36.26 32.72
C VAL B 705 65.48 -37.02 33.92
N LEU B 706 65.60 -38.35 33.81
CA LEU B 706 66.07 -39.15 34.93
C LEU B 706 67.53 -38.85 35.25
N LEU B 707 68.34 -38.60 34.22
CA LEU B 707 69.74 -38.25 34.45
C LEU B 707 69.85 -36.94 35.22
N ASP B 708 69.05 -35.95 34.87
CA ASP B 708 69.10 -34.67 35.56
C ASP B 708 68.58 -34.76 36.98
N ALA B 709 67.74 -35.75 37.27
CA ALA B 709 67.24 -35.92 38.63
C ALA B 709 68.38 -36.19 39.60
N GLY B 710 69.32 -37.06 39.22
CA GLY B 710 70.50 -37.26 40.04
C GLY B 710 71.41 -36.06 40.06
N PHE B 711 71.59 -35.41 38.91
CA PHE B 711 72.46 -34.25 38.84
C PHE B 711 71.90 -33.10 39.67
N THR B 712 70.59 -32.89 39.63
CA THR B 712 69.99 -31.77 40.35
C THR B 712 69.95 -32.02 41.84
N ASN B 713 69.59 -33.23 42.26
CA ASN B 713 69.51 -33.53 43.69
C ASN B 713 70.88 -33.47 44.36
N GLU B 714 71.94 -33.79 43.62
CA GLU B 714 73.28 -33.70 44.20
C GLU B 714 73.61 -32.29 44.65
N LEU B 715 73.20 -31.30 43.86
CA LEU B 715 73.35 -29.90 44.28
C LEU B 715 72.51 -29.60 45.52
N VAL B 716 71.28 -30.12 45.56
CA VAL B 716 70.38 -29.83 46.67
C VAL B 716 70.88 -30.46 47.96
N GLN B 717 71.32 -31.71 47.89
CA GLN B 717 71.71 -32.42 49.12
C GLN B 717 73.12 -32.07 49.55
N ASN B 718 74.08 -32.11 48.63
CA ASN B 718 75.47 -31.92 49.02
C ASN B 718 75.79 -30.46 49.31
N TYR B 719 75.07 -29.52 48.71
CA TYR B 719 75.41 -28.11 48.87
C TYR B 719 74.31 -27.29 49.51
N TRP B 720 73.06 -27.41 49.03
CA TRP B 720 72.00 -26.56 49.56
C TRP B 720 71.62 -26.95 50.98
N SER B 721 71.74 -28.24 51.33
CA SER B 721 71.39 -28.67 52.67
C SER B 721 72.38 -28.14 53.71
N LYS B 722 73.63 -27.86 53.30
CA LYS B 722 74.60 -27.31 54.23
C LYS B 722 74.18 -25.93 54.72
N GLN B 723 73.71 -25.08 53.80
CA GLN B 723 73.23 -23.74 54.13
C GLN B 723 71.72 -23.78 54.16
N LYS B 724 71.17 -24.16 55.33
CA LYS B 724 69.72 -24.30 55.46
C LYS B 724 69.03 -22.96 55.27
N ASN B 725 69.57 -21.89 55.85
CA ASN B 725 68.96 -20.57 55.76
C ASN B 725 70.03 -19.51 55.56
N ILE B 726 69.77 -18.58 54.65
CA ILE B 726 70.64 -17.46 54.37
C ILE B 726 69.83 -16.18 54.53
N LYS B 727 70.46 -15.13 55.06
CA LYS B 727 69.73 -13.93 55.44
C LYS B 727 69.02 -13.28 54.25
N GLY B 728 69.71 -13.17 53.12
CA GLY B 728 69.17 -12.48 51.97
C GLY B 728 68.51 -13.35 50.92
N VAL B 729 68.43 -14.66 51.14
CA VAL B 729 67.89 -15.59 50.16
C VAL B 729 66.52 -16.06 50.64
N LYS B 730 65.50 -15.81 49.83
CA LYS B 730 64.16 -16.30 50.13
C LYS B 730 63.89 -17.67 49.54
N ALA B 731 64.50 -17.99 48.40
CA ALA B 731 64.32 -19.29 47.76
C ALA B 731 65.52 -19.56 46.86
N ARG B 732 65.72 -20.84 46.57
CA ARG B 732 66.76 -21.29 45.65
C ARG B 732 66.13 -22.22 44.63
N PHE B 733 66.45 -22.01 43.36
CA PHE B 733 65.85 -22.78 42.28
C PHE B 733 66.90 -23.19 41.26
N VAL B 734 66.56 -24.19 40.48
CA VAL B 734 67.41 -24.68 39.39
C VAL B 734 66.53 -25.31 38.33
N VAL B 735 66.74 -24.93 37.07
CA VAL B 735 65.94 -25.40 35.95
C VAL B 735 66.88 -26.04 34.93
N THR B 736 66.49 -27.20 34.42
CA THR B 736 67.35 -28.00 33.55
C THR B 736 66.63 -28.32 32.26
N ASP B 737 67.42 -28.59 31.21
CA ASP B 737 66.86 -28.94 29.91
C ASP B 737 66.01 -30.20 29.98
N GLY B 738 66.32 -31.10 30.91
CA GLY B 738 65.53 -32.31 31.04
C GLY B 738 64.08 -32.05 31.38
N GLY B 739 63.83 -31.01 32.17
CA GLY B 739 62.47 -30.60 32.47
C GLY B 739 62.06 -30.75 33.92
N ILE B 740 63.00 -30.57 34.85
CA ILE B 740 62.72 -30.65 36.27
C ILE B 740 63.18 -29.36 36.93
N THR B 741 62.31 -28.78 37.75
CA THR B 741 62.61 -27.57 38.52
C THR B 741 62.51 -27.91 40.00
N ARG B 742 63.54 -27.57 40.76
CA ARG B 742 63.58 -27.83 42.19
C ARG B 742 63.70 -26.51 42.95
N VAL B 743 62.81 -26.30 43.91
CA VAL B 743 62.85 -25.16 44.82
C VAL B 743 63.01 -25.70 46.23
N TYR B 744 64.11 -25.30 46.87
CA TYR B 744 64.46 -25.85 48.19
C TYR B 744 63.43 -25.56 49.27
N PRO B 745 63.14 -24.28 49.51
CA PRO B 745 62.10 -24.08 50.52
C PRO B 745 60.84 -24.77 50.02
N LYS B 746 60.53 -25.93 50.58
CA LYS B 746 59.31 -26.62 50.20
C LYS B 746 58.23 -25.58 50.03
N GLU B 747 58.11 -24.69 51.00
CA GLU B 747 57.13 -23.63 50.90
C GLU B 747 57.25 -22.92 49.57
N ALA B 748 58.40 -22.30 49.33
CA ALA B 748 58.60 -21.56 48.08
C ALA B 748 57.96 -22.25 46.89
N GLY B 749 57.99 -23.58 46.86
CA GLY B 749 57.35 -24.31 45.80
C GLY B 749 56.08 -23.66 45.28
N GLU B 750 55.22 -23.22 46.19
CA GLU B 750 53.95 -22.62 45.77
C GLU B 750 54.17 -21.24 45.14
N ASN B 751 54.97 -20.40 45.78
CA ASN B 751 55.26 -19.09 45.21
C ASN B 751 55.86 -19.19 43.81
N TRP B 752 56.09 -20.40 43.30
CA TRP B 752 56.70 -20.58 41.98
C TRP B 752 55.65 -20.34 40.91
N GLN B 753 55.58 -19.10 40.44
CA GLN B 753 54.64 -18.73 39.37
C GLN B 753 55.34 -18.81 38.01
N GLU B 754 55.85 -20.00 37.71
CA GLU B 754 56.58 -20.24 36.46
C GLU B 754 56.02 -21.47 35.77
N ASN B 755 56.18 -21.50 34.45
CA ASN B 755 55.68 -22.62 33.67
C ASN B 755 56.49 -23.88 33.99
N PRO B 756 55.84 -25.00 34.30
CA PRO B 756 56.59 -26.24 34.55
C PRO B 756 57.43 -26.69 33.37
N GLU B 757 57.02 -26.34 32.14
CA GLU B 757 57.81 -26.66 30.97
C GLU B 757 59.03 -25.74 30.90
N THR B 758 60.22 -26.34 30.82
CA THR B 758 61.45 -25.56 30.79
C THR B 758 61.54 -24.72 29.52
N TYR B 759 61.10 -25.27 28.39
CA TYR B 759 61.26 -24.61 27.10
C TYR B 759 60.31 -23.44 26.90
N GLU B 760 59.54 -23.05 27.91
CA GLU B 760 58.68 -21.87 27.83
C GLU B 760 58.95 -20.87 28.95
N ASP B 761 60.06 -21.01 29.68
CA ASP B 761 60.39 -20.11 30.77
C ASP B 761 61.16 -18.91 30.22
N SER B 762 60.63 -17.72 30.43
CA SER B 762 61.25 -16.51 29.90
C SER B 762 62.62 -16.27 30.51
N PHE B 763 62.74 -16.47 31.82
CA PHE B 763 64.02 -16.23 32.49
C PHE B 763 65.06 -17.26 32.09
N TYR B 764 64.64 -18.46 31.68
CA TYR B 764 65.59 -19.49 31.28
C TYR B 764 66.29 -19.10 29.98
N LYS B 765 65.52 -18.69 28.98
CA LYS B 765 66.11 -18.29 27.70
C LYS B 765 66.89 -16.98 27.83
N ARG B 766 66.42 -16.08 28.70
CA ARG B 766 67.13 -14.82 28.92
C ARG B 766 68.50 -15.08 29.51
N SER B 767 68.61 -16.06 30.41
CA SER B 767 69.89 -16.37 31.03
C SER B 767 70.82 -17.13 30.11
N LEU B 768 70.29 -17.78 29.07
CA LEU B 768 71.15 -18.52 28.15
C LEU B 768 71.92 -17.56 27.24
N ASP B 769 71.25 -16.54 26.73
CA ASP B 769 71.92 -15.58 25.84
C ASP B 769 72.94 -14.75 26.62
N ASN B 770 72.54 -14.20 27.75
CA ASN B 770 73.43 -13.38 28.55
C ASN B 770 74.50 -14.25 29.21
N ASP B 771 75.72 -13.71 29.30
CA ASP B 771 76.84 -14.38 29.93
C ASP B 771 77.14 -13.85 31.32
N ASN B 772 76.10 -13.43 32.04
CA ASN B 772 76.26 -12.89 33.39
C ASN B 772 74.97 -13.14 34.16
N TYR B 773 74.85 -12.53 35.33
CA TYR B 773 73.66 -12.68 36.16
C TYR B 773 72.54 -11.81 35.61
N VAL B 774 71.35 -12.39 35.48
CA VAL B 774 70.20 -11.70 34.91
C VAL B 774 69.16 -11.51 36.01
N PHE B 775 68.73 -10.27 36.20
CA PHE B 775 67.71 -9.93 37.18
C PHE B 775 66.37 -9.74 36.47
N THR B 776 65.35 -10.47 36.92
CA THR B 776 64.02 -10.40 36.35
C THR B 776 63.12 -9.63 37.29
N ALA B 777 62.54 -8.54 36.79
CA ALA B 777 61.67 -7.71 37.62
C ALA B 777 60.33 -8.39 37.82
N PRO B 778 59.78 -8.40 39.03
CA PRO B 778 58.46 -9.00 39.23
C PRO B 778 57.37 -8.19 38.56
N TYR B 779 56.29 -8.87 38.21
CA TYR B 779 55.15 -8.21 37.59
C TYR B 779 54.47 -7.28 38.58
N PHE B 780 53.91 -6.19 38.05
CA PHE B 780 53.25 -5.18 38.86
C PHE B 780 51.74 -5.44 38.94
N ASN B 781 51.09 -4.70 39.84
CA ASN B 781 49.64 -4.73 40.01
C ASN B 781 49.15 -6.12 40.42
N LYS B 782 49.65 -6.57 41.57
CA LYS B 782 49.20 -7.78 42.27
C LYS B 782 48.90 -8.93 41.31
N SER B 783 49.85 -9.18 40.39
CA SER B 783 49.76 -10.32 39.48
C SER B 783 50.24 -11.58 40.22
N GLY B 784 49.43 -11.99 41.18
CA GLY B 784 49.80 -13.05 42.09
C GLY B 784 50.70 -12.51 43.18
N PRO B 785 51.11 -13.38 44.11
CA PRO B 785 52.01 -12.92 45.18
C PRO B 785 53.45 -12.79 44.70
N GLY B 786 53.88 -11.56 44.41
CA GLY B 786 55.23 -11.33 43.95
C GLY B 786 55.86 -10.06 44.48
N ALA B 787 55.12 -9.33 45.33
CA ALA B 787 55.60 -8.03 45.80
C ALA B 787 56.69 -8.18 46.84
N TYR B 788 56.35 -8.78 47.99
CA TYR B 788 57.28 -8.94 49.09
C TYR B 788 57.48 -10.37 49.53
N GLU B 789 56.56 -11.27 49.21
CA GLU B 789 56.65 -12.68 49.59
C GLU B 789 57.38 -13.53 48.56
N SER B 790 57.83 -12.94 47.45
CA SER B 790 58.58 -13.67 46.44
C SER B 790 59.99 -13.13 46.26
N GLY B 791 60.13 -11.81 46.12
CA GLY B 791 61.45 -11.20 46.01
C GLY B 791 61.94 -11.08 44.58
N ILE B 792 63.14 -10.52 44.47
CA ILE B 792 63.77 -10.30 43.17
C ILE B 792 64.40 -11.62 42.72
N MET B 793 64.08 -12.04 41.49
CA MET B 793 64.60 -13.29 40.96
C MET B 793 65.91 -13.03 40.22
N VAL B 794 66.93 -13.82 40.55
CA VAL B 794 68.23 -13.77 39.88
C VAL B 794 68.51 -15.15 39.30
N SER B 795 69.05 -15.18 38.09
CA SER B 795 69.36 -16.43 37.42
C SER B 795 70.72 -16.34 36.75
N LYS B 796 71.35 -17.50 36.57
CA LYS B 796 72.66 -17.59 35.94
C LYS B 796 72.80 -18.96 35.31
N ALA B 797 73.03 -19.00 34.00
CA ALA B 797 73.18 -20.27 33.30
C ALA B 797 74.56 -20.86 33.52
N VAL B 798 74.60 -22.16 33.76
CA VAL B 798 75.88 -22.85 33.94
C VAL B 798 76.50 -23.12 32.58
N GLU B 799 77.82 -23.06 32.52
CA GLU B 799 78.57 -23.29 31.30
C GLU B 799 79.52 -24.46 31.51
N ILE B 800 79.48 -25.41 30.58
CA ILE B 800 80.21 -26.68 30.72
C ILE B 800 81.12 -26.85 29.51
N TYR B 801 82.37 -27.21 29.77
CA TYR B 801 83.35 -27.51 28.72
C TYR B 801 83.78 -28.97 28.89
N ILE B 802 83.15 -29.86 28.13
CA ILE B 802 83.46 -31.28 28.24
C ILE B 802 84.73 -31.63 27.49
N GLN B 803 84.72 -31.43 26.17
CA GLN B 803 85.88 -31.64 25.31
C GLN B 803 86.14 -30.41 24.48
N GLY B 804 86.12 -29.25 25.12
CA GLY B 804 86.23 -27.99 24.41
C GLY B 804 84.93 -27.47 23.85
N LYS B 805 83.81 -28.13 24.12
CA LYS B 805 82.51 -27.76 23.60
C LYS B 805 81.74 -27.01 24.67
N LEU B 806 81.29 -25.80 24.35
CA LEU B 806 80.51 -25.00 25.29
C LEU B 806 79.10 -25.54 25.40
N LEU B 807 78.68 -25.88 26.62
CA LEU B 807 77.36 -26.43 26.89
C LEU B 807 76.70 -25.64 28.00
N LYS B 808 75.40 -25.38 27.84
CA LYS B 808 74.59 -24.67 28.84
C LYS B 808 73.37 -25.51 29.15
N PRO B 809 73.52 -26.56 29.97
CA PRO B 809 72.41 -27.48 30.21
C PRO B 809 71.35 -26.94 31.15
N ALA B 810 71.77 -26.19 32.17
CA ALA B 810 70.85 -25.77 33.23
C ALA B 810 71.18 -24.34 33.65
N VAL B 811 70.22 -23.72 34.35
CA VAL B 811 70.41 -22.41 34.94
C VAL B 811 70.09 -22.51 36.43
N VAL B 812 70.74 -21.65 37.21
CA VAL B 812 70.57 -21.62 38.66
C VAL B 812 70.40 -20.18 39.11
N GLY B 813 69.84 -20.02 40.30
CA GLY B 813 69.67 -18.68 40.85
C GLY B 813 68.93 -18.73 42.16
N ILE B 814 68.74 -17.54 42.74
CA ILE B 814 68.05 -17.38 44.02
C ILE B 814 67.04 -16.25 43.88
N LYS B 815 66.14 -16.18 44.85
CA LYS B 815 65.19 -15.07 44.95
C LYS B 815 65.63 -14.18 46.10
N ILE B 816 66.05 -12.96 45.77
CA ILE B 816 66.59 -12.05 46.77
C ILE B 816 65.46 -11.50 47.63
N ASP B 817 65.66 -11.54 48.95
CA ASP B 817 64.70 -10.93 49.86
C ASP B 817 64.76 -9.41 49.71
N VAL B 818 63.64 -8.82 49.28
CA VAL B 818 63.64 -7.38 49.00
C VAL B 818 63.83 -6.57 50.28
N ASN B 819 63.31 -7.05 51.41
CA ASN B 819 63.49 -6.33 52.67
C ASN B 819 64.96 -6.30 53.08
N SER B 820 65.66 -7.43 52.96
CA SER B 820 67.07 -7.47 53.30
C SER B 820 67.90 -6.60 52.35
N TRP B 821 67.55 -6.61 51.07
CA TRP B 821 68.25 -5.77 50.10
C TRP B 821 68.06 -4.29 50.40
N ILE B 822 66.91 -3.92 50.95
CA ILE B 822 66.65 -2.52 51.29
C ILE B 822 67.64 -2.04 52.34
N GLU B 823 67.87 -2.84 53.37
CA GLU B 823 68.80 -2.45 54.44
C GLU B 823 70.22 -2.29 53.91
N ASN B 824 70.66 -3.21 53.05
CA ASN B 824 72.00 -3.12 52.49
C ASN B 824 72.12 -1.95 51.52
N PHE B 825 71.05 -1.62 50.81
CA PHE B 825 71.09 -0.51 49.87
C PHE B 825 71.35 0.81 50.58
N THR B 826 70.69 1.03 51.72
CA THR B 826 70.84 2.30 52.44
C THR B 826 72.25 2.44 53.03
N LYS B 827 72.76 1.37 53.62
CA LYS B 827 74.07 1.42 54.28
C LYS B 827 75.19 1.66 53.27
N ARG B 843 68.15 7.18 52.94
CA ARG B 843 66.84 6.56 53.18
C ARG B 843 65.76 7.62 53.29
N ASN B 844 64.78 7.55 52.39
CA ASN B 844 63.69 8.52 52.32
C ASN B 844 64.21 9.94 52.21
N SER B 845 65.36 10.11 51.55
CA SER B 845 65.97 11.43 51.45
C SER B 845 65.17 12.31 50.51
N ASP B 846 64.89 13.54 50.96
CA ASP B 846 64.22 14.52 50.14
C ASP B 846 65.18 15.33 49.28
N VAL B 847 66.48 15.03 49.35
CA VAL B 847 67.47 15.74 48.56
C VAL B 847 67.81 15.00 47.28
N MET B 848 68.04 13.69 47.37
CA MET B 848 68.44 12.90 46.21
C MET B 848 67.68 11.59 46.17
N ASP B 849 67.50 11.06 44.96
CA ASP B 849 66.86 9.78 44.73
C ASP B 849 67.90 8.77 44.28
N CYS B 850 67.83 7.56 44.83
CA CYS B 850 68.72 6.47 44.45
C CYS B 850 67.87 5.29 44.04
N VAL B 851 67.94 4.91 42.76
CA VAL B 851 67.17 3.81 42.22
C VAL B 851 68.09 2.89 41.43
N ILE B 852 67.69 1.62 41.35
CA ILE B 852 68.39 0.60 40.58
C ILE B 852 67.43 0.06 39.53
N LEU B 853 67.86 0.12 38.27
CA LEU B 853 67.06 -0.37 37.15
C LEU B 853 67.79 -1.51 36.46
N ASP B 854 67.02 -2.35 35.78
CA ASP B 854 67.56 -3.49 35.07
C ASP B 854 67.58 -3.20 33.56
N ASP B 855 67.95 -4.21 32.78
CA ASP B 855 67.95 -4.09 31.33
C ASP B 855 66.53 -4.10 30.81
N GLY B 856 65.93 -2.92 30.66
CA GLY B 856 64.54 -2.82 30.28
C GLY B 856 63.81 -1.70 31.00
N GLY B 857 64.53 -1.01 31.89
CA GLY B 857 63.97 0.12 32.61
C GLY B 857 62.88 -0.24 33.60
N PHE B 858 63.03 -1.34 34.31
CA PHE B 858 62.09 -1.75 35.34
C PHE B 858 62.72 -1.50 36.71
N LEU B 859 61.96 -0.85 37.60
CA LEU B 859 62.48 -0.53 38.92
C LEU B 859 62.69 -1.80 39.74
N LEU B 860 63.82 -1.86 40.44
CA LEU B 860 64.16 -3.00 41.27
C LEU B 860 64.50 -2.64 42.72
N MET B 861 65.02 -1.44 42.98
CA MET B 861 65.37 -1.04 44.34
C MET B 861 65.47 0.47 44.38
N ALA B 862 64.87 1.08 45.41
CA ALA B 862 64.87 2.52 45.58
C ALA B 862 65.04 2.83 47.06
N ASN B 863 64.92 4.12 47.40
CA ASN B 863 65.04 4.55 48.79
C ASN B 863 64.00 5.61 49.14
N HIS B 864 62.83 5.56 48.50
CA HIS B 864 61.79 6.57 48.72
C HIS B 864 60.47 5.95 49.15
N ASP B 865 60.48 4.71 49.64
CA ASP B 865 59.30 4.05 50.18
C ASP B 865 58.20 3.91 49.14
N ASP B 866 57.64 5.04 48.68
CA ASP B 866 56.59 4.98 47.67
C ASP B 866 57.12 4.40 46.36
N TYR B 867 58.37 4.71 46.01
CA TYR B 867 59.00 4.07 44.87
C TYR B 867 59.17 2.58 45.10
N THR B 868 59.60 2.20 46.31
CA THR B 868 59.86 0.79 46.62
C THR B 868 58.57 -0.03 46.58
N ASN B 869 57.45 0.55 47.02
CA ASN B 869 56.19 -0.18 47.03
C ASN B 869 55.80 -0.63 45.63
N GLN B 870 55.99 0.23 44.63
CA GLN B 870 55.72 -0.13 43.23
C GLN B 870 56.99 -0.74 42.63
N ILE B 871 57.32 -1.92 43.12
CA ILE B 871 58.50 -2.64 42.66
C ILE B 871 58.17 -3.35 41.35
N GLY B 872 59.20 -3.58 40.53
CA GLY B 872 59.01 -4.24 39.26
C GLY B 872 58.13 -3.47 38.29
N ARG B 873 58.20 -2.14 38.33
CA ARG B 873 57.41 -1.28 37.46
C ARG B 873 58.33 -0.49 36.55
N PHE B 874 57.83 -0.19 35.35
CA PHE B 874 58.61 0.57 34.38
C PHE B 874 58.94 1.94 34.93
N PHE B 875 60.21 2.34 34.81
CA PHE B 875 60.65 3.62 35.37
C PHE B 875 60.05 4.81 34.64
N GLY B 876 59.63 4.64 33.39
CA GLY B 876 59.01 5.73 32.66
C GLY B 876 57.63 6.10 33.17
N GLU B 877 56.96 5.17 33.86
CA GLU B 877 55.65 5.43 34.43
C GLU B 877 55.72 6.09 35.80
N ILE B 878 56.90 6.14 36.42
CA ILE B 878 57.04 6.77 37.72
C ILE B 878 58.00 7.96 37.70
N ASP B 879 58.80 8.13 36.65
CA ASP B 879 59.66 9.31 36.50
C ASP B 879 59.90 9.55 35.03
N PRO B 880 58.86 9.99 34.30
CA PRO B 880 59.00 10.12 32.84
C PRO B 880 60.06 11.11 32.40
N SER B 881 60.29 12.18 33.18
CA SER B 881 61.26 13.19 32.78
C SER B 881 62.67 12.60 32.69
N LEU B 882 63.05 11.78 33.67
CA LEU B 882 64.39 11.22 33.67
C LEU B 882 64.53 10.10 32.63
N MET B 883 63.51 9.25 32.51
CA MET B 883 63.60 8.12 31.58
C MET B 883 63.66 8.59 30.13
N ARG B 884 62.89 9.62 29.78
CA ARG B 884 62.89 10.13 28.41
C ARG B 884 64.26 10.67 28.02
N HIS B 885 64.93 11.35 28.95
CA HIS B 885 66.27 11.87 28.65
C HIS B 885 67.28 10.75 28.49
N LEU B 886 67.12 9.64 29.23
CA LEU B 886 68.05 8.53 29.12
C LEU B 886 68.03 7.93 27.72
N VAL B 887 66.84 7.78 27.14
CA VAL B 887 66.74 7.27 25.77
C VAL B 887 67.45 8.21 24.80
N ASN B 888 67.36 9.52 25.05
CA ASN B 888 67.97 10.50 24.15
C ASN B 888 69.49 10.48 24.23
N ILE B 889 70.05 10.24 25.42
CA ILE B 889 71.50 10.26 25.59
C ILE B 889 72.09 8.91 25.22
N SER B 890 71.26 8.02 24.68
CA SER B 890 71.70 6.75 24.08
C SER B 890 72.30 5.81 25.13
N VAL B 891 71.62 5.68 26.27
CA VAL B 891 71.88 4.59 27.19
C VAL B 891 70.81 3.51 27.10
N TYR B 892 69.55 3.88 26.86
CA TYR B 892 68.47 2.93 26.65
C TYR B 892 68.01 3.03 25.21
N ALA B 893 68.05 1.90 24.50
CA ALA B 893 67.48 1.81 23.16
C ALA B 893 66.10 1.18 23.24
N PHE B 894 65.41 1.15 22.10
CA PHE B 894 64.08 0.55 22.05
C PHE B 894 63.70 0.29 20.60
N ASN B 895 63.02 -0.84 20.38
CA ASN B 895 62.45 -1.19 19.10
C ASN B 895 61.00 -1.58 19.29
N LYS B 896 60.12 -1.10 18.42
CA LYS B 896 58.69 -1.31 18.53
C LYS B 896 58.22 -2.31 17.47
N SER B 897 57.29 -3.17 17.86
CA SER B 897 56.76 -4.20 16.98
C SER B 897 55.23 -4.16 17.04
N TYR B 898 54.59 -5.05 16.28
CA TYR B 898 53.15 -5.16 16.23
C TYR B 898 52.75 -6.60 16.54
N ASP B 899 51.77 -6.75 17.43
CA ASP B 899 51.24 -8.06 17.82
C ASP B 899 49.85 -8.20 17.21
N TYR B 900 49.75 -8.92 16.10
CA TYR B 900 48.49 -9.03 15.37
C TYR B 900 47.50 -9.98 16.04
N GLN B 901 48.00 -11.01 16.71
CA GLN B 901 47.13 -11.96 17.40
C GLN B 901 47.01 -11.58 18.87
N SER B 902 46.30 -10.48 19.10
CA SER B 902 46.04 -9.98 20.45
C SER B 902 44.58 -9.61 20.57
N VAL B 903 44.06 -9.68 21.79
CA VAL B 903 42.67 -9.37 22.10
C VAL B 903 42.65 -8.21 23.09
N CYS B 904 41.74 -7.28 22.87
CA CYS B 904 41.68 -6.06 23.67
C CYS B 904 40.24 -5.66 23.91
N GLU B 905 40.03 -4.86 24.95
CA GLU B 905 38.69 -4.38 25.28
C GLU B 905 38.24 -3.34 24.26
N PRO B 906 37.09 -3.52 23.63
CA PRO B 906 36.63 -2.55 22.65
C PRO B 906 36.30 -1.20 23.29
N GLY B 907 36.47 -0.13 22.50
CA GLY B 907 36.18 1.21 22.92
C GLY B 907 34.97 1.80 22.21
N ALA B 908 34.65 3.03 22.61
CA ALA B 908 33.53 3.74 22.02
C ALA B 908 33.81 4.10 20.56
N ALA B 909 32.74 4.13 19.77
CA ALA B 909 32.85 4.46 18.35
C ALA B 909 32.94 5.97 18.15
N SER B 970 32.07 -8.29 25.54
CA SER B 970 33.26 -9.13 25.69
C SER B 970 34.50 -8.42 25.14
N LYS B 971 35.37 -9.18 24.49
CA LYS B 971 36.60 -8.65 23.91
C LYS B 971 36.75 -9.16 22.49
N GLN B 972 37.37 -8.33 21.64
CA GLN B 972 37.56 -8.65 20.24
C GLN B 972 39.04 -8.61 19.88
N SER B 973 39.39 -9.36 18.85
CA SER B 973 40.78 -9.38 18.37
C SER B 973 41.15 -8.03 17.77
N CYS B 974 42.40 -7.63 17.99
CA CYS B 974 42.88 -6.34 17.52
C CYS B 974 44.39 -6.41 17.36
N ILE B 975 44.97 -5.30 16.92
CA ILE B 975 46.42 -5.16 16.77
C ILE B 975 46.94 -4.32 17.93
N THR B 976 48.01 -4.78 18.56
CA THR B 976 48.64 -4.06 19.66
C THR B 976 50.10 -3.80 19.33
N GLU B 977 50.60 -2.65 19.77
CA GLU B 977 51.99 -2.26 19.55
C GLU B 977 52.78 -2.49 20.82
N GLN B 978 53.87 -3.26 20.71
CA GLN B 978 54.72 -3.59 21.84
C GLN B 978 56.06 -2.87 21.70
N THR B 979 56.52 -2.28 22.79
CA THR B 979 57.83 -1.64 22.84
C THR B 979 58.67 -2.28 23.93
N GLN B 980 59.94 -2.53 23.63
CA GLN B 980 60.86 -3.15 24.56
C GLN B 980 62.15 -2.34 24.58
N TYR B 981 62.72 -2.16 25.76
CA TYR B 981 63.90 -1.34 25.95
C TYR B 981 65.10 -2.22 26.32
N PHE B 982 66.28 -1.80 25.89
CA PHE B 982 67.50 -2.54 26.15
C PHE B 982 68.69 -1.58 26.11
N PHE B 983 69.80 -2.03 26.69
CA PHE B 983 71.00 -1.21 26.72
C PHE B 983 71.57 -1.04 25.33
N ASP B 984 71.88 0.20 24.95
CA ASP B 984 72.42 0.52 23.64
C ASP B 984 73.93 0.59 23.65
N ASN B 985 74.50 1.47 24.46
CA ASN B 985 75.94 1.66 24.51
C ASN B 985 76.59 0.68 25.48
N ASP B 986 77.84 0.32 25.19
CA ASP B 986 78.61 -0.56 26.05
C ASP B 986 79.33 0.19 27.16
N SER B 987 79.33 1.53 27.14
CA SER B 987 80.00 2.30 28.18
C SER B 987 79.25 2.16 29.50
N LYS B 988 80.03 2.18 30.60
CA LYS B 988 79.48 1.92 31.92
C LYS B 988 79.21 3.17 32.73
N SER B 989 79.79 4.32 32.36
CA SER B 989 79.63 5.55 33.11
C SER B 989 78.79 6.53 32.32
N PHE B 990 77.76 7.08 32.96
CA PHE B 990 76.88 8.05 32.33
C PHE B 990 76.62 9.20 33.29
N SER B 991 76.91 10.42 32.85
CA SER B 991 76.64 11.62 33.64
C SER B 991 76.12 12.70 32.71
N GLY B 992 75.30 13.58 33.26
CA GLY B 992 74.72 14.65 32.46
C GLY B 992 73.81 15.51 33.30
N VAL B 993 73.23 16.51 32.64
CA VAL B 993 72.33 17.47 33.27
C VAL B 993 71.00 17.47 32.52
N LEU B 994 69.90 17.36 33.26
CA LEU B 994 68.57 17.36 32.69
C LEU B 994 67.99 18.76 32.77
N ASP B 995 67.48 19.26 31.64
CA ASP B 995 66.88 20.58 31.55
C ASP B 995 65.38 20.41 31.32
N CYS B 996 64.60 20.56 32.39
CA CYS B 996 63.15 20.43 32.33
C CYS B 996 62.46 21.78 32.17
N GLY B 997 63.21 22.88 32.06
CA GLY B 997 62.63 24.20 31.93
C GLY B 997 62.60 24.94 33.25
N ASN B 998 63.07 26.19 33.24
CA ASN B 998 63.15 27.06 34.41
C ASN B 998 63.77 26.36 35.63
N CYS B 999 64.58 25.34 35.38
CA CYS B 999 65.22 24.57 36.45
C CYS B 999 66.38 23.80 35.84
N SER B 1000 67.02 22.95 36.64
CA SER B 1000 68.12 22.13 36.18
C SER B 1000 68.25 20.91 37.08
N ARG B 1001 68.41 19.74 36.47
CA ARG B 1001 68.55 18.49 37.19
C ARG B 1001 69.82 17.79 36.73
N ILE B 1002 70.64 17.35 37.68
CA ILE B 1002 71.90 16.69 37.40
C ILE B 1002 71.83 15.25 37.88
N PHE B 1003 72.31 14.33 37.05
CA PHE B 1003 72.25 12.91 37.35
C PHE B 1003 73.60 12.25 37.06
N HIS B 1004 73.81 11.09 37.67
CA HIS B 1004 74.95 10.24 37.38
C HIS B 1004 74.49 8.78 37.37
N GLY B 1005 74.93 8.04 36.36
CA GLY B 1005 74.52 6.66 36.23
C GLY B 1005 75.67 5.70 36.00
N GLU B 1006 75.73 4.63 36.79
CA GLU B 1006 76.76 3.61 36.66
C GLU B 1006 76.09 2.25 36.51
N LYS B 1007 76.71 1.39 35.71
CA LYS B 1007 76.20 0.05 35.45
C LYS B 1007 77.03 -0.97 36.20
N LEU B 1008 76.37 -1.85 36.94
CA LEU B 1008 77.07 -2.85 37.74
C LEU B 1008 77.67 -3.92 36.82
N MET B 1009 78.83 -4.42 37.23
CA MET B 1009 79.55 -5.41 36.44
C MET B 1009 78.96 -6.80 36.59
N ASN B 1010 79.06 -7.59 35.52
CA ASN B 1010 78.61 -8.98 35.51
C ASN B 1010 77.13 -9.11 35.86
N THR B 1011 76.34 -8.15 35.41
CA THR B 1011 74.88 -8.19 35.60
C THR B 1011 74.27 -7.17 34.65
N ASN B 1012 72.94 -7.20 34.57
CA ASN B 1012 72.17 -6.30 33.72
C ASN B 1012 71.54 -5.15 34.49
N LEU B 1013 72.21 -4.66 35.52
CA LEU B 1013 71.68 -3.63 36.40
C LEU B 1013 72.43 -2.32 36.19
N ILE B 1014 71.71 -1.21 36.32
CA ILE B 1014 72.28 0.12 36.24
C ILE B 1014 71.81 0.92 37.46
N PHE B 1015 72.76 1.56 38.15
CA PHE B 1015 72.47 2.39 39.31
C PHE B 1015 72.62 3.85 38.87
N ILE B 1016 71.57 4.64 39.11
CA ILE B 1016 71.57 6.05 38.74
C ILE B 1016 71.24 6.87 39.99
N MET B 1017 71.80 8.07 40.06
CA MET B 1017 71.60 8.99 41.17
C MET B 1017 71.10 10.32 40.63
N VAL B 1018 70.01 10.82 41.22
CA VAL B 1018 69.44 12.09 40.80
C VAL B 1018 68.68 12.69 41.98
N GLU B 1019 68.57 14.01 41.98
CA GLU B 1019 67.88 14.72 43.05
C GLU B 1019 66.37 14.52 42.94
N SER B 1020 65.65 15.09 43.90
CA SER B 1020 64.23 14.82 44.07
C SER B 1020 63.41 15.44 42.95
N LYS B 1021 62.26 14.82 42.68
CA LYS B 1021 61.30 15.35 41.73
C LYS B 1021 60.70 16.66 42.18
N GLY B 1022 60.67 16.92 43.50
CA GLY B 1022 60.11 18.15 44.01
C GLY B 1022 60.99 19.37 43.86
N THR B 1023 62.30 19.17 43.61
CA THR B 1023 63.19 20.29 43.38
C THR B 1023 62.79 21.06 42.13
N CYS B 1024 62.44 20.37 41.06
CA CYS B 1024 61.93 20.98 39.84
C CYS B 1024 60.48 20.56 39.64
N PRO B 1025 59.51 21.44 39.90
CA PRO B 1025 58.10 21.05 39.79
C PRO B 1025 57.61 20.92 38.35
N CYS B 1026 58.19 19.96 37.63
CA CYS B 1026 57.78 19.65 36.26
C CYS B 1026 57.39 18.19 36.17
N ASP B 1027 56.34 17.91 35.40
CA ASP B 1027 55.83 16.55 35.27
C ASP B 1027 55.27 16.40 33.85
N THR B 1028 56.09 15.85 32.95
CA THR B 1028 55.65 15.60 31.60
C THR B 1028 54.69 14.40 31.58
N ARG B 1029 54.16 14.10 30.41
CA ARG B 1029 53.29 12.93 30.27
C ARG B 1029 54.10 11.66 30.49
N LEU B 1030 53.52 10.71 31.22
CA LEU B 1030 54.25 9.52 31.63
C LEU B 1030 54.55 8.62 30.42
N LEU B 1031 55.76 8.08 30.40
CA LEU B 1031 56.17 7.17 29.34
C LEU B 1031 55.62 5.79 29.63
N ILE B 1032 54.96 5.19 28.63
CA ILE B 1032 54.24 3.94 28.78
C ILE B 1032 54.99 2.84 28.03
N GLN B 1033 55.26 1.74 28.72
CA GLN B 1033 55.76 0.51 28.11
C GLN B 1033 54.75 -0.58 28.45
N ALA B 1034 53.74 -0.72 27.60
CA ALA B 1034 52.67 -1.68 27.82
C ALA B 1034 51.98 -1.97 26.50
N GLU B 1035 51.10 -2.96 26.52
CA GLU B 1035 50.34 -3.35 25.34
C GLU B 1035 49.39 -2.21 24.96
N GLN B 1036 49.71 -1.51 23.89
CA GLN B 1036 48.91 -0.38 23.41
C GLN B 1036 48.12 -0.79 22.18
N THR B 1037 46.80 -0.62 22.25
CA THR B 1037 45.91 -1.04 21.17
C THR B 1037 46.02 -0.05 20.02
N SER B 1038 46.89 -0.36 19.06
CA SER B 1038 47.11 0.49 17.91
C SER B 1038 46.38 -0.08 16.69
N ASP B 1039 46.61 0.53 15.52
CA ASP B 1039 46.01 0.05 14.29
C ASP B 1039 47.00 -0.04 13.14
N GLY B 1040 48.26 0.31 13.36
CA GLY B 1040 49.23 0.32 12.29
C GLY B 1040 49.67 -1.07 11.89
N PRO B 1041 50.48 -1.16 10.83
CA PRO B 1041 51.00 -0.07 10.00
C PRO B 1041 49.97 0.41 8.97
N ASN B 1042 50.17 1.60 8.41
CA ASN B 1042 49.25 2.10 7.40
C ASN B 1042 49.35 1.25 6.14
N PRO B 1043 48.23 0.77 5.60
CA PRO B 1043 48.29 -0.05 4.39
C PRO B 1043 48.30 0.77 3.12
N CYS B 1044 47.92 2.05 3.21
CA CYS B 1044 47.91 2.92 2.04
C CYS B 1044 49.31 3.15 1.48
N ASP B 1045 50.35 3.08 2.32
CA ASP B 1045 51.72 3.29 1.87
C ASP B 1045 52.56 2.02 1.93
N MET B 1046 51.97 0.87 2.24
CA MET B 1046 52.68 -0.39 2.11
C MET B 1046 52.49 -1.03 0.75
N VAL B 1047 51.39 -0.73 0.06
CA VAL B 1047 51.17 -1.26 -1.28
C VAL B 1047 52.10 -0.61 -2.29
N LYS B 1048 52.70 0.54 -1.96
CA LYS B 1048 53.66 1.17 -2.86
C LYS B 1048 54.94 0.35 -2.95
N GLN B 1049 55.39 -0.22 -1.83
CA GLN B 1049 56.57 -1.07 -1.78
C GLN B 1049 56.23 -2.36 -1.03
N PRO B 1050 55.46 -3.24 -1.66
CA PRO B 1050 55.04 -4.46 -0.97
C PRO B 1050 56.18 -5.45 -0.82
N ARG B 1051 56.02 -6.36 0.14
CA ARG B 1051 57.01 -7.40 0.37
C ARG B 1051 57.07 -8.34 -0.83
N TYR B 1052 58.26 -8.88 -1.09
CA TYR B 1052 58.45 -9.77 -2.22
C TYR B 1052 57.66 -11.06 -2.02
N ARG B 1053 57.04 -11.54 -3.10
CA ARG B 1053 56.27 -12.76 -3.06
C ARG B 1053 56.29 -13.41 -4.43
N LYS B 1054 56.00 -14.71 -4.46
CA LYS B 1054 56.01 -15.49 -5.68
C LYS B 1054 54.65 -16.16 -5.85
N GLY B 1055 54.02 -15.92 -6.99
CA GLY B 1055 52.70 -16.48 -7.27
C GLY B 1055 52.78 -17.78 -8.03
N PRO B 1056 51.65 -18.49 -8.11
CA PRO B 1056 51.63 -19.74 -8.87
C PRO B 1056 51.95 -19.51 -10.34
N ASP B 1057 52.66 -20.47 -10.93
CA ASP B 1057 53.05 -20.39 -12.34
C ASP B 1057 52.06 -21.08 -13.27
N VAL B 1058 50.96 -21.61 -12.74
CA VAL B 1058 49.93 -22.26 -13.54
C VAL B 1058 48.75 -21.33 -13.69
N CYS B 1059 48.22 -21.24 -14.90
CA CYS B 1059 47.06 -20.41 -15.20
C CYS B 1059 46.18 -21.12 -16.21
N PHE B 1060 44.87 -21.02 -16.03
CA PHE B 1060 43.89 -21.68 -16.89
C PHE B 1060 42.83 -20.66 -17.28
N ASP B 1061 43.06 -19.98 -18.40
CA ASP B 1061 42.12 -19.00 -18.91
C ASP B 1061 42.23 -18.96 -20.43
N ASN B 1062 41.16 -18.48 -21.06
CA ASN B 1062 41.12 -18.25 -22.51
C ASN B 1062 41.41 -19.54 -23.27
N ASN B 1063 40.53 -20.52 -23.10
CA ASN B 1063 40.61 -21.77 -23.84
C ASN B 1063 39.76 -21.69 -25.09
N VAL B 1064 40.27 -22.27 -26.18
CA VAL B 1064 39.57 -22.19 -27.46
C VAL B 1064 38.26 -22.95 -27.42
N LEU B 1065 38.25 -24.11 -26.79
CA LEU B 1065 37.07 -24.98 -26.79
C LEU B 1065 35.97 -24.51 -25.83
N GLU B 1066 36.16 -23.39 -25.16
CA GLU B 1066 35.15 -22.90 -24.23
C GLU B 1066 33.89 -22.50 -24.98
N ASP B 1067 32.73 -22.84 -24.41
CA ASP B 1067 31.46 -22.54 -25.06
C ASP B 1067 31.09 -21.07 -24.95
N TYR B 1068 30.93 -20.59 -23.71
CA TYR B 1068 30.52 -19.22 -23.40
C TYR B 1068 29.33 -18.76 -24.24
N THR B 1069 28.49 -19.70 -24.65
CA THR B 1069 27.27 -19.38 -25.39
C THR B 1069 26.07 -19.14 -24.50
N ASP B 1070 26.23 -19.27 -23.18
CA ASP B 1070 25.14 -19.09 -22.23
C ASP B 1070 25.52 -18.06 -21.18
N CYS B 1071 24.62 -17.12 -20.95
CA CYS B 1071 24.75 -16.14 -19.87
C CYS B 1071 23.47 -16.18 -19.03
N GLY B 1072 23.34 -15.21 -18.13
CA GLY B 1072 22.11 -15.09 -17.39
C GLY B 1072 20.98 -14.40 -18.11
N GLY B 1073 21.24 -13.91 -19.32
CA GLY B 1073 20.22 -13.19 -20.06
C GLY B 1073 19.38 -14.09 -20.96
N VAL B 1074 20.03 -14.96 -21.72
CA VAL B 1074 19.30 -15.88 -22.60
C VAL B 1074 18.44 -16.82 -21.76
N SER B 1075 19.01 -17.38 -20.69
CA SER B 1075 18.24 -18.24 -19.80
C SER B 1075 17.26 -17.43 -18.98
N GLY B 1076 17.62 -16.20 -18.61
CA GLY B 1076 16.75 -15.34 -17.83
C GLY B 1076 15.84 -14.48 -18.70
N GLU C 38 -114.25 11.05 -35.19
CA GLU C 38 -114.25 10.61 -36.57
C GLU C 38 -113.86 9.12 -36.66
N SER C 39 -114.74 8.31 -37.22
CA SER C 39 -114.47 6.89 -37.35
C SER C 39 -113.47 6.59 -38.48
N ALA C 40 -113.27 7.53 -39.41
CA ALA C 40 -112.34 7.30 -40.50
C ALA C 40 -110.89 7.38 -40.04
N ARG C 41 -110.57 8.35 -39.17
CA ARG C 41 -109.20 8.52 -38.74
C ARG C 41 -108.77 7.40 -37.80
N ARG C 42 -109.67 6.92 -36.95
CA ARG C 42 -109.32 5.83 -36.06
C ARG C 42 -109.17 4.51 -36.80
N GLU C 43 -109.98 4.29 -37.84
CA GLU C 43 -109.87 3.04 -38.60
C GLU C 43 -108.61 3.02 -39.45
N VAL C 44 -108.27 4.13 -40.11
CA VAL C 44 -107.05 4.19 -40.88
C VAL C 44 -105.83 4.12 -39.96
N GLU C 45 -105.97 4.59 -38.71
CA GLU C 45 -104.88 4.47 -37.75
C GLU C 45 -104.59 3.01 -37.43
N SER C 46 -105.64 2.20 -37.24
CA SER C 46 -105.44 0.79 -36.95
C SER C 46 -104.79 0.07 -38.12
N GLN C 47 -105.24 0.36 -39.34
CA GLN C 47 -104.66 -0.28 -40.53
C GLN C 47 -103.19 0.11 -40.70
N ALA C 48 -102.87 1.39 -40.47
CA ALA C 48 -101.49 1.83 -40.60
C ALA C 48 -100.59 1.17 -39.56
N GLN C 49 -101.06 1.07 -38.32
CA GLN C 49 -100.29 0.40 -37.29
C GLN C 49 -100.11 -1.08 -37.59
N GLN C 50 -101.17 -1.73 -38.10
CA GLN C 50 -101.06 -3.12 -38.49
C GLN C 50 -100.06 -3.31 -39.63
N GLN C 51 -100.06 -2.39 -40.59
CA GLN C 51 -99.11 -2.47 -41.70
C GLN C 51 -97.68 -2.35 -41.21
N LEU C 52 -97.43 -1.44 -40.27
CA LEU C 52 -96.08 -1.28 -39.74
C LEU C 52 -95.59 -2.55 -39.03
N GLU C 53 -96.47 -3.19 -38.25
CA GLU C 53 -96.11 -4.43 -37.59
C GLU C 53 -95.84 -5.54 -38.60
N ARG C 54 -96.67 -5.63 -39.66
CA ARG C 54 -96.49 -6.67 -40.65
C ARG C 54 -95.25 -6.43 -41.50
N ALA C 55 -94.92 -5.17 -41.77
CA ALA C 55 -93.78 -4.83 -42.62
C ALA C 55 -92.49 -4.64 -41.84
N LYS C 56 -92.50 -4.88 -40.53
CA LYS C 56 -91.28 -4.75 -39.74
C LYS C 56 -90.24 -5.81 -40.08
N HIS C 57 -90.65 -6.88 -40.76
CA HIS C 57 -89.77 -7.99 -41.12
C HIS C 57 -89.66 -8.13 -42.64
N LYS C 58 -89.49 -7.00 -43.33
CA LYS C 58 -89.36 -7.00 -44.77
C LYS C 58 -88.03 -6.38 -45.19
N PRO C 59 -87.49 -6.76 -46.36
CA PRO C 59 -86.21 -6.20 -46.79
C PRO C 59 -86.31 -4.71 -47.06
N VAL C 60 -85.19 -4.01 -46.86
CA VAL C 60 -85.12 -2.58 -47.12
C VAL C 60 -84.99 -2.35 -48.62
N ALA C 61 -85.79 -1.41 -49.14
CA ALA C 61 -85.80 -1.17 -50.58
C ALA C 61 -84.68 -0.22 -51.00
N PHE C 62 -84.68 1.00 -50.45
CA PHE C 62 -83.69 2.01 -50.81
C PHE C 62 -83.58 3.00 -49.66
N ALA C 63 -82.82 4.07 -49.87
CA ALA C 63 -82.59 5.06 -48.82
C ALA C 63 -82.38 6.43 -49.45
N VAL C 64 -82.62 7.46 -48.64
CA VAL C 64 -82.43 8.85 -49.05
C VAL C 64 -81.68 9.57 -47.93
N ARG C 65 -81.24 10.79 -48.22
CA ARG C 65 -80.53 11.63 -47.25
C ARG C 65 -81.21 12.98 -47.17
N THR C 66 -81.37 13.48 -45.94
CA THR C 66 -82.00 14.76 -45.70
C THR C 66 -80.97 15.87 -45.59
N ASN C 67 -81.44 17.11 -45.76
CA ASN C 67 -80.57 18.27 -45.64
C ASN C 67 -81.22 19.42 -44.89
N VAL C 68 -82.41 19.22 -44.31
CA VAL C 68 -83.13 20.28 -43.61
C VAL C 68 -83.53 19.77 -42.23
N SER C 69 -83.73 20.72 -41.32
CA SER C 69 -84.11 20.41 -39.94
C SER C 69 -85.64 20.41 -39.86
N TYR C 70 -86.22 19.24 -39.60
CA TYR C 70 -87.67 19.11 -39.48
C TYR C 70 -87.98 17.94 -38.56
N CYS C 71 -89.18 17.96 -38.00
CA CYS C 71 -89.64 16.92 -37.09
C CYS C 71 -90.89 16.25 -37.66
N GLY C 72 -90.91 14.92 -37.62
CA GLY C 72 -92.03 14.15 -38.12
C GLY C 72 -93.15 13.91 -37.14
N VAL C 73 -93.08 14.49 -35.94
CA VAL C 73 -94.10 14.33 -34.93
C VAL C 73 -94.94 15.60 -34.75
N LEU C 74 -94.31 16.77 -34.89
CA LEU C 74 -95.05 18.02 -34.72
C LEU C 74 -96.05 18.27 -35.83
N ASP C 75 -95.86 17.66 -37.00
CA ASP C 75 -96.80 17.85 -38.10
C ASP C 75 -98.14 17.18 -37.79
N GLU C 76 -99.23 17.86 -38.14
CA GLU C 76 -100.57 17.36 -37.91
C GLU C 76 -101.11 16.55 -39.09
N GLU C 77 -100.37 16.48 -40.20
CA GLU C 77 -100.81 15.74 -41.37
C GLU C 77 -100.31 14.30 -41.39
N CYS C 78 -99.56 13.88 -40.39
CA CYS C 78 -99.06 12.51 -40.35
C CYS C 78 -100.23 11.54 -40.16
N PRO C 79 -100.30 10.46 -40.94
CA PRO C 79 -101.39 9.48 -40.72
C PRO C 79 -101.37 8.86 -39.34
N VAL C 80 -100.20 8.69 -38.74
CA VAL C 80 -100.07 8.17 -37.39
C VAL C 80 -99.36 9.21 -36.54
N GLN C 81 -99.97 9.57 -35.41
CA GLN C 81 -99.41 10.58 -34.51
C GLN C 81 -98.65 9.90 -33.38
N GLY C 82 -97.54 10.51 -32.97
CA GLY C 82 -96.71 9.98 -31.92
C GLY C 82 -95.66 8.98 -32.36
N SER C 83 -95.62 8.63 -33.65
CA SER C 83 -94.65 7.68 -34.18
C SER C 83 -93.75 8.33 -35.21
N GLY C 84 -93.59 9.65 -35.16
CA GLY C 84 -92.76 10.37 -36.11
C GLY C 84 -91.28 10.24 -35.81
N VAL C 85 -90.49 10.93 -36.61
CA VAL C 85 -89.03 10.92 -36.51
C VAL C 85 -88.56 12.32 -36.14
N ASN C 86 -87.71 12.41 -35.12
CA ASN C 86 -87.10 13.66 -34.70
C ASN C 86 -85.69 13.72 -35.28
N PHE C 87 -85.62 13.99 -36.58
CA PHE C 87 -84.36 14.05 -37.30
C PHE C 87 -83.89 15.48 -37.46
N GLU C 88 -82.63 15.63 -37.86
CA GLU C 88 -82.04 16.94 -38.08
C GLU C 88 -81.45 17.05 -39.47
N ALA C 89 -80.74 18.13 -39.75
CA ALA C 89 -80.09 18.29 -41.05
C ALA C 89 -78.97 17.27 -41.21
N LYS C 90 -78.79 16.78 -42.44
CA LYS C 90 -77.78 15.79 -42.78
C LYS C 90 -77.97 14.51 -41.95
N ASP C 91 -79.13 13.88 -42.15
CA ASP C 91 -79.48 12.64 -41.49
C ASP C 91 -79.77 11.57 -42.54
N PHE C 92 -79.67 10.30 -42.12
CA PHE C 92 -79.82 9.16 -43.00
C PHE C 92 -81.05 8.35 -42.59
N LEU C 93 -81.91 8.07 -43.56
CA LEU C 93 -83.13 7.30 -43.34
C LEU C 93 -83.20 6.14 -44.32
N HIS C 94 -83.85 5.06 -43.90
CA HIS C 94 -84.07 3.88 -44.73
C HIS C 94 -85.54 3.72 -45.04
N ILE C 95 -85.86 3.42 -46.30
CA ILE C 95 -87.23 3.26 -46.76
C ILE C 95 -87.41 1.82 -47.22
N LYS C 96 -88.53 1.20 -46.82
CA LYS C 96 -88.80 -0.20 -47.12
C LYS C 96 -89.97 -0.37 -48.08
N GLU C 97 -91.14 0.15 -47.75
CA GLU C 97 -92.35 -0.07 -48.55
C GLU C 97 -92.95 1.27 -48.99
N LYS C 98 -94.05 1.18 -49.73
CA LYS C 98 -94.71 2.33 -50.33
C LYS C 98 -96.02 2.60 -49.61
N TYR C 99 -96.30 3.89 -49.34
CA TYR C 99 -97.55 4.30 -48.72
C TYR C 99 -98.42 5.13 -49.65
N SER C 100 -97.89 6.24 -50.16
CA SER C 100 -98.62 7.14 -51.03
C SER C 100 -97.63 8.15 -51.60
N ASN C 101 -98.15 9.11 -52.36
CA ASN C 101 -97.32 10.16 -52.94
C ASN C 101 -97.00 11.28 -51.95
N ASP C 102 -97.58 11.25 -50.75
CA ASP C 102 -97.37 12.29 -49.76
C ASP C 102 -96.61 11.84 -48.52
N TRP C 103 -96.55 10.54 -48.26
CA TRP C 103 -95.87 10.03 -47.07
C TRP C 103 -95.25 8.68 -47.39
N TRP C 104 -94.30 8.28 -46.55
CA TRP C 104 -93.58 7.02 -46.72
C TRP C 104 -93.29 6.42 -45.36
N ILE C 105 -93.03 5.12 -45.34
CA ILE C 105 -92.65 4.39 -44.13
C ILE C 105 -91.14 4.27 -44.11
N GLY C 106 -90.54 4.58 -42.95
CA GLY C 106 -89.10 4.49 -42.83
C GLY C 106 -88.66 4.27 -41.40
N ARG C 107 -87.37 3.98 -41.26
CA ARG C 107 -86.77 3.76 -39.95
C ARG C 107 -85.41 4.45 -39.90
N LEU C 108 -84.99 4.79 -38.68
CA LEU C 108 -83.70 5.43 -38.48
C LEU C 108 -82.57 4.42 -38.58
N VAL C 109 -81.34 4.95 -38.69
CA VAL C 109 -80.14 4.12 -38.69
C VAL C 109 -79.51 4.04 -37.31
N LYS C 110 -80.17 4.57 -36.29
CA LYS C 110 -79.66 4.47 -34.93
C LYS C 110 -79.90 3.07 -34.36
N GLU C 111 -79.20 2.78 -33.27
CA GLU C 111 -79.34 1.49 -32.62
C GLU C 111 -80.74 1.37 -32.00
N GLY C 112 -81.46 0.33 -32.37
CA GLY C 112 -82.81 0.14 -31.87
C GLY C 112 -83.86 1.05 -32.49
N GLY C 113 -83.57 1.65 -33.64
CA GLY C 113 -84.50 2.53 -34.30
C GLY C 113 -85.81 1.88 -34.69
N ASP C 114 -86.92 2.55 -34.38
CA ASP C 114 -88.25 2.04 -34.70
C ASP C 114 -88.66 2.54 -36.08
N ILE C 115 -89.93 2.31 -36.44
CA ILE C 115 -90.47 2.70 -37.73
C ILE C 115 -91.16 4.05 -37.58
N ALA C 116 -90.80 5.00 -38.45
CA ALA C 116 -91.38 6.34 -38.44
C ALA C 116 -91.90 6.66 -39.83
N PHE C 117 -92.49 7.86 -39.97
CA PHE C 117 -93.03 8.33 -41.23
C PHE C 117 -92.24 9.54 -41.70
N ILE C 118 -91.83 9.53 -42.95
CA ILE C 118 -91.03 10.59 -43.55
C ILE C 118 -91.89 11.28 -44.60
N PRO C 119 -92.01 12.61 -44.57
CA PRO C 119 -92.81 13.30 -45.60
C PRO C 119 -92.17 13.15 -46.97
N SER C 120 -93.03 13.19 -48.00
CA SER C 120 -92.58 13.09 -49.37
C SER C 120 -91.84 14.36 -49.77
N PRO C 121 -90.99 14.29 -50.81
CA PRO C 121 -90.31 15.51 -51.28
C PRO C 121 -91.29 16.61 -51.68
N GLN C 122 -92.41 16.25 -52.29
CA GLN C 122 -93.45 17.25 -52.56
C GLN C 122 -94.06 17.76 -51.26
N ARG C 123 -94.30 16.86 -50.30
CA ARG C 123 -94.80 17.29 -48.99
C ARG C 123 -93.76 18.14 -48.28
N LEU C 124 -92.48 17.76 -48.37
CA LEU C 124 -91.42 18.58 -47.80
C LEU C 124 -91.34 19.93 -48.51
N GLU C 125 -91.55 19.94 -49.82
CA GLU C 125 -91.63 21.21 -50.54
C GLU C 125 -92.83 22.03 -50.07
N SER C 126 -93.97 21.36 -49.85
CA SER C 126 -95.14 22.06 -49.33
C SER C 126 -94.90 22.60 -47.93
N ILE C 127 -94.26 21.79 -47.07
CA ILE C 127 -93.97 22.25 -45.72
C ILE C 127 -92.85 23.28 -45.71
N ARG C 128 -92.01 23.31 -46.76
CA ARG C 128 -91.01 24.36 -46.87
C ARG C 128 -91.68 25.70 -47.19
N LEU C 129 -92.71 25.69 -48.03
CA LEU C 129 -93.47 26.91 -48.29
C LEU C 129 -94.20 27.39 -47.05
N LYS C 130 -94.62 26.46 -46.17
CA LYS C 130 -95.24 26.83 -44.92
C LYS C 130 -94.27 27.51 -43.96
N GLN C 131 -92.97 27.24 -44.12
CA GLN C 131 -91.97 27.86 -43.24
C GLN C 131 -91.73 29.33 -43.60
N GLU C 132 -91.88 29.69 -44.88
CA GLU C 132 -91.62 31.05 -45.33
C GLU C 132 -92.89 31.88 -45.49
N GLN C 133 -94.05 31.33 -45.13
CA GLN C 133 -95.30 32.08 -45.21
C GLN C 133 -95.75 32.65 -43.88
N LYS C 134 -95.24 32.15 -42.76
CA LYS C 134 -95.59 32.71 -41.46
C LYS C 134 -95.01 34.10 -41.25
N ALA C 135 -94.04 34.50 -42.07
CA ALA C 135 -93.47 35.83 -41.96
C ALA C 135 -94.46 36.88 -42.45
N ARG C 136 -94.13 38.15 -42.19
CA ARG C 136 -95.02 39.25 -42.58
C ARG C 136 -95.16 39.34 -44.09
N ARG C 137 -94.05 39.16 -44.82
CA ARG C 137 -94.07 39.25 -46.27
C ARG C 137 -93.13 38.20 -46.86
N SER C 138 -93.40 37.85 -48.11
CA SER C 138 -92.57 36.88 -48.84
C SER C 138 -92.13 37.36 -50.22
N GLY C 139 -92.84 38.30 -50.84
CA GLY C 139 -92.50 38.82 -52.15
C GLY C 139 -91.71 40.12 -52.06
N ASN C 140 -91.97 41.01 -53.02
CA ASN C 140 -91.31 42.30 -53.07
C ASN C 140 -91.82 43.36 -52.08
N PRO C 141 -93.13 43.42 -51.70
CA PRO C 141 -93.60 44.62 -51.00
C PRO C 141 -93.18 44.61 -49.53
N SER C 142 -92.29 45.53 -49.18
CA SER C 142 -91.83 45.65 -47.81
C SER C 142 -92.96 46.15 -46.91
N SER C 143 -92.98 45.65 -45.68
CA SER C 143 -93.99 46.03 -44.69
C SER C 143 -93.42 47.00 -43.66
N LEU C 144 -92.55 47.92 -44.09
CA LEU C 144 -91.94 48.90 -43.19
C LEU C 144 -92.91 50.06 -42.99
N SER C 145 -93.98 49.78 -42.27
CA SER C 145 -95.03 50.75 -41.98
C SER C 145 -95.61 51.36 -43.26
N ASP C 146 -95.81 50.51 -44.26
CA ASP C 146 -96.36 50.92 -45.56
C ASP C 146 -97.52 49.99 -45.89
N ILE C 147 -98.72 50.38 -45.45
CA ILE C 147 -99.93 49.59 -45.65
C ILE C 147 -101.01 50.48 -46.24
N GLY C 148 -101.71 49.97 -47.26
CA GLY C 148 -102.84 50.64 -47.84
C GLY C 148 -102.60 51.33 -49.17
N ASN C 149 -101.35 51.48 -49.58
CA ASN C 149 -101.01 52.14 -50.84
C ASN C 149 -100.55 51.18 -51.92
N ARG C 150 -99.62 50.29 -51.61
CA ARG C 150 -99.08 49.33 -52.57
C ARG C 150 -99.53 47.93 -52.17
N ARG C 151 -100.58 47.44 -52.82
CA ARG C 151 -101.05 46.08 -52.54
C ARG C 151 -100.01 45.05 -52.99
N SER C 152 -99.53 45.16 -54.23
CA SER C 152 -98.47 44.32 -54.78
C SER C 152 -98.77 42.84 -54.60
N PRO C 153 -99.70 42.28 -55.38
CA PRO C 153 -100.01 40.85 -55.25
C PRO C 153 -98.79 40.00 -55.51
N PRO C 154 -98.64 38.89 -54.79
CA PRO C 154 -97.42 38.07 -54.91
C PRO C 154 -97.27 37.50 -56.31
N PRO C 155 -96.21 37.88 -57.02
CA PRO C 155 -95.99 37.33 -58.36
C PRO C 155 -95.34 35.95 -58.33
N SER C 156 -94.97 35.44 -59.50
CA SER C 156 -94.30 34.14 -59.57
C SER C 156 -92.95 34.16 -58.87
N LEU C 157 -92.34 35.33 -58.69
CA LEU C 157 -91.06 35.42 -57.99
C LEU C 157 -91.19 35.09 -56.51
N ALA C 158 -92.39 35.17 -55.95
CA ALA C 158 -92.62 34.87 -54.54
C ALA C 158 -93.00 33.41 -54.30
N LYS C 159 -93.06 32.60 -55.34
CA LYS C 159 -93.42 31.19 -55.24
C LYS C 159 -92.19 30.32 -55.51
N GLN C 160 -92.41 29.01 -55.55
CA GLN C 160 -91.33 28.06 -55.79
C GLN C 160 -91.00 27.90 -57.27
N LYS C 161 -91.79 28.52 -58.16
CA LYS C 161 -91.49 28.43 -59.59
C LYS C 161 -90.16 29.08 -59.91
N GLN C 162 -89.88 30.24 -59.32
CA GLN C 162 -88.62 30.93 -59.52
C GLN C 162 -87.54 30.32 -58.64
N LYS C 163 -86.40 30.99 -58.53
CA LYS C 163 -85.24 30.51 -57.76
C LYS C 163 -84.80 29.13 -58.24
N GLN C 164 -84.80 28.94 -59.56
CA GLN C 164 -84.43 27.67 -60.17
C GLN C 164 -83.03 27.69 -60.76
N ALA C 165 -82.20 28.67 -60.41
CA ALA C 165 -80.83 28.71 -60.91
C ALA C 165 -80.05 27.50 -60.43
N GLU C 166 -80.20 27.13 -59.16
CA GLU C 166 -79.58 25.94 -58.60
C GLU C 166 -80.61 24.90 -58.19
N HIS C 167 -81.58 25.28 -57.36
CA HIS C 167 -82.69 24.40 -56.95
C HIS C 167 -82.16 23.11 -56.31
N VAL C 168 -81.51 23.27 -55.17
CA VAL C 168 -80.95 22.14 -54.43
C VAL C 168 -82.09 21.24 -53.97
N PRO C 169 -82.08 19.96 -54.34
CA PRO C 169 -83.17 19.06 -53.94
C PRO C 169 -83.11 18.74 -52.46
N PRO C 170 -84.21 18.91 -51.74
CA PRO C 170 -84.22 18.54 -50.31
C PRO C 170 -83.92 17.07 -50.07
N TYR C 171 -84.35 16.18 -50.97
CA TYR C 171 -84.11 14.76 -50.85
C TYR C 171 -83.30 14.26 -52.03
N ASP C 172 -82.28 13.46 -51.75
CA ASP C 172 -81.40 12.91 -52.78
C ASP C 172 -81.40 11.39 -52.69
N VAL C 173 -81.26 10.74 -53.85
CA VAL C 173 -81.23 9.28 -53.90
C VAL C 173 -79.79 8.87 -53.67
N VAL C 174 -79.41 8.79 -52.40
CA VAL C 174 -78.07 8.37 -52.00
C VAL C 174 -78.02 6.85 -51.92
N PRO C 175 -76.84 6.24 -51.94
CA PRO C 175 -76.77 4.78 -51.80
C PRO C 175 -77.35 4.30 -50.48
N SER C 176 -77.64 3.00 -50.42
CA SER C 176 -78.30 2.43 -49.25
C SER C 176 -77.47 2.54 -47.98
N MET C 177 -76.14 2.47 -48.09
CA MET C 177 -75.25 2.77 -46.97
C MET C 177 -74.09 3.62 -47.46
N ARG C 178 -73.51 4.37 -46.55
CA ARG C 178 -72.34 5.18 -46.87
C ARG C 178 -71.11 4.28 -47.02
N PRO C 179 -70.39 4.35 -48.12
CA PRO C 179 -69.21 3.49 -48.31
C PRO C 179 -68.05 3.94 -47.42
N VAL C 180 -67.10 3.03 -47.25
CA VAL C 180 -65.92 3.26 -46.43
C VAL C 180 -64.72 3.47 -47.34
N VAL C 181 -64.00 4.56 -47.14
CA VAL C 181 -62.83 4.91 -47.93
C VAL C 181 -61.71 5.34 -47.00
N LEU C 182 -60.48 4.94 -47.34
CA LEU C 182 -59.29 5.34 -46.61
C LEU C 182 -58.52 6.34 -47.46
N VAL C 183 -58.19 7.49 -46.87
CA VAL C 183 -57.54 8.58 -47.58
C VAL C 183 -56.34 9.06 -46.74
N GLY C 184 -55.24 9.39 -47.43
CA GLY C 184 -54.08 9.91 -46.78
C GLY C 184 -53.10 8.84 -46.34
N PRO C 185 -51.99 9.24 -45.72
CA PRO C 185 -51.58 10.63 -45.43
C PRO C 185 -51.05 11.36 -46.67
N SER C 186 -50.90 10.66 -47.80
CA SER C 186 -50.40 11.26 -49.02
C SER C 186 -51.11 10.60 -50.20
N LEU C 187 -50.60 10.85 -51.40
CA LEU C 187 -51.20 10.28 -52.61
C LEU C 187 -50.97 8.78 -52.67
N LYS C 188 -51.91 8.08 -53.30
CA LYS C 188 -51.79 6.65 -53.51
C LYS C 188 -50.91 6.36 -54.72
N GLY C 189 -50.64 5.08 -54.93
CA GLY C 189 -49.77 4.64 -56.02
C GLY C 189 -48.30 4.66 -55.69
N TYR C 190 -47.91 5.12 -54.51
CA TYR C 190 -46.53 5.12 -54.07
C TYR C 190 -46.31 4.03 -53.03
N GLU C 191 -45.03 3.74 -52.77
CA GLU C 191 -44.71 2.65 -51.85
C GLU C 191 -45.10 2.98 -50.43
N VAL C 192 -44.90 4.23 -50.00
CA VAL C 192 -45.14 4.59 -48.60
C VAL C 192 -46.60 4.43 -48.23
N THR C 193 -47.50 4.64 -49.19
CA THR C 193 -48.94 4.67 -48.92
C THR C 193 -49.62 3.31 -49.08
N ASP C 194 -49.26 2.54 -50.11
CA ASP C 194 -50.14 1.46 -50.57
C ASP C 194 -50.27 0.32 -49.56
N MET C 195 -49.17 -0.05 -48.86
CA MET C 195 -49.27 -1.16 -47.91
C MET C 195 -50.16 -0.81 -46.71
N MET C 196 -50.14 0.44 -46.26
CA MET C 196 -50.93 0.79 -45.07
C MET C 196 -52.42 0.55 -45.29
N GLN C 197 -52.95 0.94 -46.43
CA GLN C 197 -54.35 0.66 -46.73
C GLN C 197 -54.56 -0.81 -47.07
N LYS C 198 -53.60 -1.42 -47.78
CA LYS C 198 -53.74 -2.82 -48.16
C LYS C 198 -53.78 -3.73 -46.93
N ALA C 199 -52.92 -3.48 -45.95
CA ALA C 199 -52.97 -4.23 -44.70
C ALA C 199 -54.27 -3.95 -43.96
N LEU C 200 -54.70 -2.69 -43.92
CA LEU C 200 -55.97 -2.36 -43.29
C LEU C 200 -57.13 -3.02 -44.02
N PHE C 201 -57.07 -3.07 -45.36
CA PHE C 201 -58.08 -3.80 -46.12
C PHE C 201 -58.03 -5.29 -45.78
N ASP C 202 -56.82 -5.84 -45.61
CA ASP C 202 -56.67 -7.25 -45.27
C ASP C 202 -57.30 -7.54 -43.91
N PHE C 203 -57.08 -6.68 -42.92
CA PHE C 203 -57.68 -6.89 -41.61
C PHE C 203 -59.19 -6.80 -41.68
N LEU C 204 -59.72 -5.83 -42.45
CA LEU C 204 -61.16 -5.72 -42.62
C LEU C 204 -61.73 -6.93 -43.34
N LYS C 205 -61.01 -7.42 -44.36
CA LYS C 205 -61.49 -8.57 -45.13
C LYS C 205 -61.54 -9.83 -44.26
N HIS C 206 -60.52 -10.06 -43.45
CA HIS C 206 -60.47 -11.29 -42.64
C HIS C 206 -61.49 -11.24 -41.50
N ARG C 207 -61.57 -10.11 -40.81
CA ARG C 207 -62.48 -10.01 -39.66
C ARG C 207 -63.95 -10.05 -40.12
N PHE C 208 -64.23 -9.46 -41.27
CA PHE C 208 -65.59 -9.43 -41.83
C PHE C 208 -65.78 -10.48 -42.92
N ASP C 209 -65.16 -11.64 -42.76
CA ASP C 209 -65.30 -12.71 -43.75
C ASP C 209 -66.76 -13.14 -43.89
N GLY C 210 -67.22 -13.25 -45.13
CA GLY C 210 -68.60 -13.58 -45.42
C GLY C 210 -69.54 -12.40 -45.48
N ARG C 211 -69.07 -11.19 -45.16
CA ARG C 211 -69.91 -10.00 -45.21
C ARG C 211 -69.19 -8.80 -45.83
N ILE C 212 -68.07 -9.02 -46.51
CA ILE C 212 -67.26 -7.95 -47.09
C ILE C 212 -67.16 -8.16 -48.59
N SER C 213 -67.23 -7.07 -49.34
CA SER C 213 -67.09 -7.10 -50.80
C SER C 213 -66.25 -5.88 -51.18
N ILE C 214 -64.95 -6.12 -51.41
CA ILE C 214 -64.00 -5.07 -51.71
C ILE C 214 -63.57 -5.21 -53.17
N THR C 215 -63.68 -4.10 -53.91
CA THR C 215 -63.28 -4.08 -55.32
C THR C 215 -62.47 -2.81 -55.57
N ARG C 216 -61.61 -2.88 -56.58
CA ARG C 216 -60.77 -1.75 -56.97
C ARG C 216 -61.40 -1.06 -58.16
N VAL C 217 -61.67 0.24 -58.02
CA VAL C 217 -62.30 1.04 -59.05
C VAL C 217 -61.22 1.91 -59.67
N THR C 218 -60.78 1.55 -60.87
CA THR C 218 -59.77 2.35 -61.58
C THR C 218 -60.36 3.62 -62.17
N ALA C 219 -61.68 3.70 -62.31
CA ALA C 219 -62.31 4.89 -62.86
C ALA C 219 -62.31 6.02 -61.84
N ASP C 220 -62.57 7.23 -62.34
CA ASP C 220 -62.62 8.39 -61.47
C ASP C 220 -63.88 8.36 -60.61
N LEU C 221 -63.78 8.97 -59.42
CA LEU C 221 -64.89 9.06 -58.50
C LEU C 221 -65.26 10.49 -58.10
N SER C 222 -64.43 11.48 -58.47
CA SER C 222 -64.69 12.86 -58.11
C SER C 222 -65.68 13.54 -59.04
N LEU C 223 -66.07 12.91 -60.14
CA LEU C 223 -66.96 13.50 -61.13
C LEU C 223 -68.38 12.94 -61.03
N ALA C 224 -68.83 12.63 -59.81
CA ALA C 224 -70.18 12.11 -59.59
C ALA C 224 -71.14 13.29 -59.44
N LYS C 225 -71.56 13.82 -60.58
CA LYS C 225 -72.46 14.96 -60.62
C LYS C 225 -73.90 14.51 -60.87
N ARG C 226 -74.84 15.40 -60.57
CA ARG C 226 -76.26 15.11 -60.72
C ARG C 226 -77.05 16.20 -61.44
N SER C 227 -76.51 17.40 -61.59
CA SER C 227 -77.22 18.53 -62.20
C SER C 227 -76.39 19.13 -63.33
N VAL C 228 -75.87 18.27 -64.19
CA VAL C 228 -75.08 18.71 -65.35
C VAL C 228 -75.92 18.70 -66.62
N LEU C 229 -76.56 17.58 -66.93
CA LEU C 229 -77.38 17.47 -68.13
C LEU C 229 -78.36 16.32 -67.94
N ASN C 230 -79.39 16.29 -68.79
CA ASN C 230 -80.37 15.22 -68.73
C ASN C 230 -79.73 13.87 -69.04
N ASN C 231 -78.86 13.82 -70.04
CA ASN C 231 -78.18 12.58 -70.41
C ASN C 231 -76.86 12.91 -71.11
N PRO C 232 -75.78 13.14 -70.36
CA PRO C 232 -74.48 13.47 -70.98
C PRO C 232 -73.87 12.24 -71.63
N GLY C 233 -73.71 12.29 -72.95
CA GLY C 233 -73.09 11.20 -73.68
C GLY C 233 -73.89 9.91 -73.63
N LYS C 234 -75.11 9.93 -74.16
CA LYS C 234 -75.95 8.74 -74.14
C LYS C 234 -75.37 7.63 -75.01
N ARG C 235 -74.81 7.99 -76.16
CA ARG C 235 -74.27 7.01 -77.11
C ARG C 235 -72.79 7.30 -77.35
N THR C 236 -72.03 6.22 -77.55
CA THR C 236 -70.61 6.34 -77.82
C THR C 236 -70.29 6.59 -79.29
N ILE C 237 -71.30 6.49 -80.18
CA ILE C 237 -71.08 6.72 -81.60
C ILE C 237 -71.25 8.18 -82.00
N ILE C 238 -71.55 9.06 -81.05
CA ILE C 238 -71.75 10.47 -81.36
C ILE C 238 -70.46 11.10 -81.85
N GLU C 239 -69.30 10.58 -81.41
CA GLU C 239 -67.99 11.14 -81.73
C GLU C 239 -67.88 12.59 -81.28
N ARG C 240 -68.44 12.88 -80.12
CA ARG C 240 -68.38 14.21 -79.51
C ARG C 240 -67.24 14.25 -78.48
N SER C 241 -67.14 15.38 -77.78
CA SER C 241 -66.13 15.52 -76.75
C SER C 241 -66.38 14.55 -75.59
N SER C 242 -67.63 14.39 -75.18
CA SER C 242 -67.97 13.50 -74.09
C SER C 242 -68.18 12.06 -74.53
N ALA C 243 -68.59 11.85 -75.78
CA ALA C 243 -68.79 10.49 -76.27
C ALA C 243 -67.48 9.71 -76.33
N ARG C 244 -66.40 10.36 -76.79
CA ARG C 244 -65.12 9.71 -76.93
C ARG C 244 -64.28 9.74 -75.65
N SER C 245 -64.72 10.45 -74.62
CA SER C 245 -63.97 10.56 -73.38
C SER C 245 -64.29 9.39 -72.46
N SER C 246 -63.70 9.41 -71.26
CA SER C 246 -63.94 8.40 -70.24
C SER C 246 -64.98 8.83 -69.22
N ILE C 247 -65.70 9.93 -69.49
CA ILE C 247 -66.70 10.42 -68.55
C ILE C 247 -67.83 9.40 -68.38
N ALA C 248 -68.25 8.79 -69.49
CA ALA C 248 -69.31 7.78 -69.43
C ALA C 248 -68.93 6.62 -68.52
N GLU C 249 -67.64 6.29 -68.44
CA GLU C 249 -67.20 5.26 -67.51
C GLU C 249 -67.37 5.69 -66.07
N VAL C 250 -67.18 6.98 -65.78
CA VAL C 250 -67.29 7.46 -64.41
C VAL C 250 -68.72 7.33 -63.90
N GLN C 251 -69.70 7.75 -64.72
CA GLN C 251 -71.10 7.65 -64.30
C GLN C 251 -71.58 6.21 -64.28
N SER C 252 -71.04 5.36 -65.16
CA SER C 252 -71.45 3.95 -65.17
C SER C 252 -71.08 3.26 -63.87
N GLU C 253 -69.95 3.63 -63.26
CA GLU C 253 -69.54 3.05 -61.99
C GLU C 253 -70.36 3.56 -60.82
N ILE C 254 -71.03 4.70 -60.97
CA ILE C 254 -71.84 5.25 -59.89
C ILE C 254 -73.01 4.33 -59.57
N GLU C 255 -73.69 3.84 -60.60
CA GLU C 255 -74.82 2.93 -60.37
C GLU C 255 -74.37 1.58 -59.85
N ARG C 256 -73.14 1.17 -60.18
CA ARG C 256 -72.61 -0.09 -59.67
C ARG C 256 -72.48 -0.05 -58.15
N ILE C 257 -72.05 1.10 -57.61
CA ILE C 257 -71.97 1.26 -56.16
C ILE C 257 -73.34 1.16 -55.52
N PHE C 258 -74.34 1.79 -56.14
CA PHE C 258 -75.70 1.75 -55.59
C PHE C 258 -76.25 0.33 -55.57
N GLU C 259 -76.03 -0.43 -56.66
CA GLU C 259 -76.47 -1.83 -56.67
C GLU C 259 -75.67 -2.67 -55.69
N LEU C 260 -74.36 -2.41 -55.59
CA LEU C 260 -73.55 -3.12 -54.61
C LEU C 260 -73.98 -2.81 -53.19
N ALA C 261 -74.29 -1.53 -52.92
CA ALA C 261 -74.80 -1.15 -51.60
C ALA C 261 -76.22 -1.67 -51.36
N LYS C 262 -76.97 -1.96 -52.44
CA LYS C 262 -78.30 -2.54 -52.28
C LYS C 262 -78.24 -3.95 -51.70
N SER C 263 -77.11 -4.64 -51.85
CA SER C 263 -76.97 -6.01 -51.36
C SER C 263 -76.90 -6.08 -49.83
N LEU C 264 -76.78 -4.95 -49.15
CA LEU C 264 -76.72 -4.78 -47.69
C LEU C 264 -75.36 -5.19 -47.14
N GLN C 265 -74.47 -5.77 -47.95
CA GLN C 265 -73.15 -6.15 -47.48
C GLN C 265 -72.23 -4.93 -47.41
N LEU C 266 -71.27 -4.98 -46.50
CA LEU C 266 -70.31 -3.90 -46.35
C LEU C 266 -69.38 -3.83 -47.56
N VAL C 267 -69.14 -2.62 -48.04
CA VAL C 267 -68.30 -2.38 -49.21
C VAL C 267 -67.29 -1.29 -48.88
N VAL C 268 -66.03 -1.53 -49.27
CA VAL C 268 -64.95 -0.58 -49.09
C VAL C 268 -64.33 -0.30 -50.45
N LEU C 269 -64.23 0.98 -50.80
CA LEU C 269 -63.71 1.37 -52.11
C LEU C 269 -62.19 1.47 -52.08
N ASP C 270 -61.55 0.90 -53.11
CA ASP C 270 -60.10 0.87 -53.23
C ASP C 270 -59.59 1.81 -54.31
N ALA C 271 -60.34 2.87 -54.60
CA ALA C 271 -59.95 3.80 -55.65
C ALA C 271 -58.72 4.61 -55.24
N ASP C 272 -57.90 4.94 -56.22
CA ASP C 272 -56.68 5.72 -56.00
C ASP C 272 -56.78 7.12 -56.61
N THR C 273 -58.00 7.62 -56.80
CA THR C 273 -58.22 8.96 -57.37
C THR C 273 -58.73 9.94 -56.33
N ILE C 274 -58.55 9.64 -55.04
CA ILE C 274 -59.03 10.48 -53.95
C ILE C 274 -57.84 10.92 -53.11
N ASN C 275 -57.72 12.22 -52.90
CA ASN C 275 -56.65 12.77 -52.07
C ASN C 275 -57.15 13.77 -51.03
N HIS C 276 -58.42 14.18 -51.09
CA HIS C 276 -58.97 15.16 -50.15
C HIS C 276 -60.45 14.91 -50.02
N PRO C 277 -61.02 14.96 -48.81
CA PRO C 277 -62.47 14.75 -48.67
C PRO C 277 -63.31 15.80 -49.38
N ALA C 278 -62.76 16.99 -49.64
CA ALA C 278 -63.52 18.04 -50.31
C ALA C 278 -63.85 17.66 -51.75
N GLN C 279 -63.01 16.85 -52.39
CA GLN C 279 -63.29 16.45 -53.77
C GLN C 279 -64.52 15.55 -53.86
N LEU C 280 -64.78 14.76 -52.82
CA LEU C 280 -65.96 13.88 -52.78
C LEU C 280 -67.03 14.41 -51.83
N ALA C 281 -66.87 15.63 -51.31
CA ALA C 281 -67.85 16.17 -50.36
C ALA C 281 -69.15 16.57 -51.05
N LYS C 282 -69.05 17.12 -52.26
CA LYS C 282 -70.22 17.59 -52.99
C LYS C 282 -70.89 16.49 -53.79
N THR C 283 -70.35 15.28 -53.79
CA THR C 283 -70.96 14.17 -54.51
C THR C 283 -72.08 13.55 -53.68
N SER C 284 -72.91 12.75 -54.35
CA SER C 284 -74.04 12.10 -53.70
C SER C 284 -73.65 10.83 -52.96
N LEU C 285 -72.43 10.35 -53.14
CA LEU C 285 -72.00 9.13 -52.46
C LEU C 285 -71.92 9.33 -50.95
N ALA C 286 -71.29 10.43 -50.52
CA ALA C 286 -71.05 10.75 -49.11
C ALA C 286 -70.40 9.56 -48.40
N PRO C 287 -69.16 9.21 -48.74
CA PRO C 287 -68.52 8.05 -48.11
C PRO C 287 -68.00 8.38 -46.72
N ILE C 288 -67.70 7.31 -45.97
CA ILE C 288 -67.13 7.46 -44.63
C ILE C 288 -65.68 7.91 -44.78
N ILE C 289 -65.42 9.17 -44.50
CA ILE C 289 -64.08 9.74 -44.66
C ILE C 289 -63.25 9.31 -43.46
N VAL C 290 -62.43 8.28 -43.63
CA VAL C 290 -61.54 7.80 -42.59
C VAL C 290 -60.15 8.35 -42.87
N PHE C 291 -59.60 9.08 -41.91
CA PHE C 291 -58.30 9.74 -42.05
C PHE C 291 -57.30 9.07 -41.11
N VAL C 292 -56.21 8.56 -41.67
CA VAL C 292 -55.08 8.06 -40.92
C VAL C 292 -53.90 9.00 -41.16
N LYS C 293 -53.30 9.48 -40.08
CA LYS C 293 -52.27 10.51 -40.17
C LYS C 293 -51.08 10.13 -39.32
N VAL C 294 -49.92 10.63 -39.72
CA VAL C 294 -48.69 10.44 -38.95
C VAL C 294 -48.66 11.45 -37.82
N SER C 295 -48.06 11.06 -36.69
CA SER C 295 -48.04 11.93 -35.52
C SER C 295 -47.27 13.23 -35.81
N SER C 296 -46.12 13.12 -36.47
CA SER C 296 -45.30 14.28 -36.79
C SER C 296 -44.79 14.17 -38.21
N PRO C 297 -44.59 15.30 -38.89
CA PRO C 297 -43.95 15.25 -40.22
C PRO C 297 -42.55 14.66 -40.18
N LYS C 298 -41.86 14.78 -39.05
CA LYS C 298 -40.52 14.20 -38.95
C LYS C 298 -40.58 12.68 -39.01
N VAL C 299 -41.60 12.08 -38.43
CA VAL C 299 -41.75 10.63 -38.48
C VAL C 299 -41.97 10.17 -39.93
N LEU C 300 -42.83 10.88 -40.66
CA LEU C 300 -43.10 10.52 -42.05
C LEU C 300 -41.87 10.73 -42.93
N GLN C 301 -41.15 11.85 -42.72
CA GLN C 301 -40.00 12.13 -43.57
C GLN C 301 -38.84 11.19 -43.27
N ARG C 302 -38.90 10.46 -42.16
CA ARG C 302 -37.88 9.45 -41.88
C ARG C 302 -38.31 8.07 -42.40
N LEU C 303 -39.61 7.86 -42.61
CA LEU C 303 -40.07 6.61 -43.21
C LEU C 303 -39.80 6.59 -44.71
N ILE C 304 -39.97 7.73 -45.38
CA ILE C 304 -39.70 7.81 -46.81
C ILE C 304 -38.23 7.56 -47.13
N ARG C 305 -37.34 8.02 -46.24
CA ARG C 305 -35.90 7.88 -46.48
C ARG C 305 -35.48 6.41 -46.53
N SER C 306 -36.06 5.60 -45.65
CA SER C 306 -35.68 4.19 -45.54
C SER C 306 -36.33 3.30 -46.60
N ARG C 307 -37.25 3.84 -47.40
CA ARG C 307 -37.98 3.01 -48.36
C ARG C 307 -37.10 2.61 -49.53
N GLY C 308 -36.61 3.59 -50.28
CA GLY C 308 -35.76 3.31 -51.42
C GLY C 308 -35.62 4.53 -52.30
N LYS C 309 -34.55 4.50 -53.11
CA LYS C 309 -34.21 5.65 -53.94
C LYS C 309 -35.29 6.03 -54.93
N SER C 310 -36.21 5.11 -55.25
CA SER C 310 -37.30 5.42 -56.15
C SER C 310 -38.38 6.26 -55.48
N GLN C 311 -38.29 6.49 -54.17
CA GLN C 311 -39.34 7.17 -53.43
C GLN C 311 -38.97 8.57 -52.95
N MET C 312 -37.68 8.85 -52.73
CA MET C 312 -37.31 10.22 -52.38
C MET C 312 -37.49 11.19 -53.54
N LYS C 313 -37.60 10.67 -54.76
CA LYS C 313 -37.92 11.54 -55.90
C LYS C 313 -39.31 12.14 -55.77
N HIS C 314 -40.23 11.43 -55.10
CA HIS C 314 -41.58 11.91 -54.88
C HIS C 314 -41.77 12.47 -53.48
N LEU C 315 -40.69 12.68 -52.73
CA LEU C 315 -40.83 13.20 -51.36
C LEU C 315 -41.38 14.62 -51.36
N THR C 316 -40.95 15.45 -52.32
CA THR C 316 -41.38 16.84 -52.35
C THR C 316 -42.89 16.95 -52.57
N VAL C 317 -43.42 16.19 -53.53
CA VAL C 317 -44.86 16.23 -53.79
C VAL C 317 -45.63 15.54 -52.67
N GLN C 318 -45.07 14.48 -52.09
CA GLN C 318 -45.77 13.77 -51.02
C GLN C 318 -45.95 14.65 -49.79
N MET C 319 -44.92 15.43 -49.44
CA MET C 319 -45.03 16.32 -48.29
C MET C 319 -46.04 17.43 -48.53
N MET C 320 -46.25 17.81 -49.79
CA MET C 320 -47.26 18.83 -50.10
C MET C 320 -48.66 18.35 -49.71
N ALA C 321 -48.96 17.09 -50.00
CA ALA C 321 -50.28 16.56 -49.64
C ALA C 321 -50.43 16.38 -48.15
N TYR C 322 -49.33 16.09 -47.44
CA TYR C 322 -49.41 15.87 -46.00
C TYR C 322 -49.84 17.13 -45.26
N ASP C 323 -49.29 18.28 -45.65
CA ASP C 323 -49.63 19.52 -44.96
C ASP C 323 -51.02 20.02 -45.34
N LYS C 324 -51.41 19.85 -46.61
CA LYS C 324 -52.72 20.35 -47.04
C LYS C 324 -53.85 19.48 -46.53
N LEU C 325 -53.61 18.19 -46.32
CA LEU C 325 -54.67 17.30 -45.84
C LEU C 325 -54.94 17.50 -44.35
N VAL C 326 -53.89 17.73 -43.56
CA VAL C 326 -54.09 17.98 -42.14
C VAL C 326 -54.66 19.37 -41.89
N GLN C 327 -54.52 20.29 -42.84
CA GLN C 327 -55.13 21.61 -42.70
C GLN C 327 -56.64 21.55 -42.75
N CYS C 328 -57.22 20.48 -43.29
CA CYS C 328 -58.66 20.30 -43.27
C CYS C 328 -59.12 20.09 -41.82
N PRO C 329 -60.22 20.73 -41.42
CA PRO C 329 -60.68 20.57 -40.04
C PRO C 329 -61.12 19.14 -39.77
N PRO C 330 -60.96 18.66 -38.54
CA PRO C 330 -61.35 17.27 -38.23
C PRO C 330 -62.82 16.97 -38.46
N GLU C 331 -63.71 17.96 -38.29
CA GLU C 331 -65.13 17.72 -38.45
C GLU C 331 -65.49 17.36 -39.89
N SER C 332 -64.64 17.71 -40.86
CA SER C 332 -64.87 17.27 -42.24
C SER C 332 -64.77 15.75 -42.35
N PHE C 333 -63.81 15.15 -41.64
CA PHE C 333 -63.66 13.70 -41.63
C PHE C 333 -64.68 13.06 -40.70
N ASP C 334 -64.86 11.76 -40.85
CA ASP C 334 -65.80 11.02 -40.03
C ASP C 334 -65.13 10.41 -38.80
N VAL C 335 -64.07 9.63 -39.01
CA VAL C 335 -63.32 9.02 -37.92
C VAL C 335 -61.83 9.17 -38.20
N ILE C 336 -61.06 9.41 -37.14
CA ILE C 336 -59.63 9.67 -37.24
C ILE C 336 -58.87 8.44 -36.76
N LEU C 337 -57.70 8.22 -37.35
CA LEU C 337 -56.80 7.13 -36.97
C LEU C 337 -55.41 7.74 -36.75
N ASP C 338 -55.16 8.21 -35.53
CA ASP C 338 -53.90 8.81 -35.17
C ASP C 338 -53.06 7.95 -34.23
N GLU C 339 -53.52 6.75 -33.91
CA GLU C 339 -52.78 5.87 -33.02
C GLU C 339 -51.50 5.38 -33.68
N ASN C 340 -50.45 5.23 -32.88
CA ASN C 340 -49.14 4.82 -33.38
C ASN C 340 -48.97 3.31 -33.46
N GLN C 341 -49.94 2.54 -32.97
CA GLN C 341 -49.87 1.08 -32.98
C GLN C 341 -50.94 0.53 -33.91
N LEU C 342 -50.60 -0.57 -34.60
CA LEU C 342 -51.56 -1.20 -35.50
C LEU C 342 -52.77 -1.73 -34.75
N GLU C 343 -52.54 -2.37 -33.60
CA GLU C 343 -53.65 -2.93 -32.83
C GLU C 343 -54.59 -1.86 -32.32
N ASP C 344 -54.05 -0.71 -31.91
CA ASP C 344 -54.90 0.35 -31.37
C ASP C 344 -55.87 0.88 -32.42
N ALA C 345 -55.39 1.09 -33.65
CA ALA C 345 -56.22 1.67 -34.70
C ALA C 345 -57.21 0.66 -35.27
N CYS C 346 -56.81 -0.61 -35.38
CA CYS C 346 -57.65 -1.60 -36.04
C CYS C 346 -58.96 -1.79 -35.31
N GLU C 347 -58.90 -2.06 -34.00
CA GLU C 347 -60.12 -2.22 -33.22
C GLU C 347 -60.85 -0.90 -32.98
N HIS C 348 -60.13 0.23 -33.04
CA HIS C 348 -60.80 1.52 -32.98
C HIS C 348 -61.70 1.72 -34.20
N LEU C 349 -61.23 1.31 -35.38
CA LEU C 349 -62.05 1.38 -36.58
C LEU C 349 -63.08 0.25 -36.62
N ALA C 350 -62.74 -0.92 -36.06
CA ALA C 350 -63.66 -2.05 -36.10
C ALA C 350 -64.93 -1.76 -35.30
N GLU C 351 -64.78 -1.17 -34.10
CA GLU C 351 -65.95 -0.88 -33.28
C GLU C 351 -66.86 0.16 -33.93
N TYR C 352 -66.29 1.10 -34.67
CA TYR C 352 -67.10 2.04 -35.43
C TYR C 352 -67.88 1.34 -36.52
N LEU C 353 -67.26 0.36 -37.19
CA LEU C 353 -67.95 -0.40 -38.22
C LEU C 353 -68.93 -1.41 -37.62
N GLU C 354 -68.56 -2.03 -36.49
CA GLU C 354 -69.45 -3.01 -35.87
C GLU C 354 -70.73 -2.36 -35.37
N VAL C 355 -70.62 -1.18 -34.76
CA VAL C 355 -71.82 -0.51 -34.24
C VAL C 355 -72.74 -0.09 -35.37
N TYR C 356 -72.19 0.26 -36.53
CA TYR C 356 -73.02 0.59 -37.69
C TYR C 356 -73.80 -0.63 -38.15
N TRP C 357 -73.16 -1.80 -38.16
CA TRP C 357 -73.85 -3.02 -38.55
C TRP C 357 -75.00 -3.34 -37.60
N ARG C 358 -74.78 -3.16 -36.29
CA ARG C 358 -75.83 -3.44 -35.32
C ARG C 358 -76.93 -2.39 -35.36
N ALA C 359 -76.55 -1.12 -35.52
CA ALA C 359 -77.54 -0.04 -35.49
C ALA C 359 -78.46 -0.10 -36.70
N THR C 360 -77.93 -0.46 -37.87
CA THR C 360 -78.72 -0.54 -39.09
C THR C 360 -79.53 -1.82 -39.19
N HIS C 361 -79.64 -2.59 -38.11
CA HIS C 361 -80.39 -3.83 -38.12
C HIS C 361 -81.39 -3.89 -36.97
#